data_7FI3
#
_entry.id   7FI3
#
_cell.length_a   122.661
_cell.length_b   118.635
_cell.length_c   112.718
_cell.angle_alpha   90.000
_cell.angle_beta   105.320
_cell.angle_gamma   90.000
#
_symmetry.space_group_name_H-M   'P 1 21 1'
#
loop_
_entity.id
_entity.type
_entity.pdbx_description
1 polymer 'ABC-type dipeptide/oligopeptide transport system'
2 polymer 'endogenous pentapeptide'
3 non-polymer 'SODIUM ION'
4 non-polymer 'HEXAETHYLENE GLYCOL'
5 non-polymer GLYCEROL
6 water water
#
loop_
_entity_poly.entity_id
_entity_poly.type
_entity_poly.pdbx_seq_one_letter_code
_entity_poly.pdbx_strand_id
1 'polypeptide(L)'
;ADSDSVLKTVIYSSSGALF(MSE)GVWNPSSSGYSDTYSRRIADLVFDSGIPYGIDGVPHPYHCHVVDYKSDVTVPEDAV
IFNSTTDTWVAAHAGETAKTYARIECDRPYFHDGHKLSAADV(MSE)YSLAWSWEWTTQDGDDDPYYDASEADWSGEY
(MSE)NTILGIKLVEQTDDR(MSE)VFDVYHNHYFPASEI(MSE)TAAYVVPFTGTPWQLWYA(MSE)SELVAHNPKYSW
SESSEDVEQLDQINPSHAQAIKEKLLELKQSKPIPEFLKPYIEDENAATAAYDSIAKF(MSE)DEHNHAVIGQGPYYVDE
YQPENLFVRIKKFDKWTIPAFAEPEYQVDPYYKTIEVYGIQNEDTAILEVANGHYDILWYPFAAYRFTGLSDEQRANIKL
YRSTSAFGDIVWNPVHDQDNPYVITVGDKKYFNPFAVRKVRFAIQY(MSE)VNRAYITQNIFQGSAGP(MSE)FTPWTST
ETGFEYVRPVVDAFGLTEQSDEDLA(MSE)KLFEEG(MSE)QEAAQELAK(MSE)GYELKKGDDGKWYFNGEPVKVVGLG
RVEDERKDVATYIVEEV(MSE)KKLGFDAEAKIVDRRTASGTVYTSDPSSYQWNFYTEGWVSSSNVKFSTTRIIQYYSSY
WYAPGLVGWKWTPENTQRVT(MSE)EEVLKFLGNGDIQAGLDSLGLSYYNTVDKIQPLLNWTADDFALVIYSGEANGVK
(MSE)DSEDKYWDFNRLGTAIGIYEGYRTFLYENWEFYAASKDIEIKLVDPVAGLASDWAIRSARPVVEHHHHHH
;
A,B,C,D
2 'polypeptide(L)' (UNK)(UNK)(UNK)(UNK)(UNK) E,F,G,H
#
loop_
_chem_comp.id
_chem_comp.type
_chem_comp.name
_chem_comp.formula
GOL non-polymer GLYCEROL 'C3 H8 O3'
NA non-polymer 'SODIUM ION' 'Na 1'
P6G non-polymer 'HEXAETHYLENE GLYCOL' 'C12 H26 O7'
#
# COMPACT_ATOMS: atom_id res chain seq x y z
N SER A 5 -33.94 16.11 -18.98
CA SER A 5 -32.54 15.65 -18.55
C SER A 5 -32.30 15.95 -17.06
N VAL A 6 -31.82 14.95 -16.33
CA VAL A 6 -31.73 14.97 -14.86
C VAL A 6 -30.31 14.63 -14.45
N LEU A 7 -29.68 15.47 -13.63
CA LEU A 7 -28.36 15.18 -13.05
C LEU A 7 -28.58 14.93 -11.57
N LYS A 8 -28.18 13.75 -11.11
CA LYS A 8 -28.27 13.41 -9.68
C LYS A 8 -26.91 13.52 -9.01
N THR A 9 -26.82 14.37 -8.00
CA THR A 9 -25.57 14.69 -7.30
C THR A 9 -25.72 14.38 -5.82
N VAL A 10 -24.58 14.05 -5.21
CA VAL A 10 -24.45 13.78 -3.77
C VAL A 10 -23.53 14.81 -3.16
N ILE A 11 -23.99 15.47 -2.10
CA ILE A 11 -23.11 16.24 -1.19
C ILE A 11 -23.04 15.50 0.14
N TYR A 12 -21.85 15.30 0.66
CA TYR A 12 -21.63 14.62 1.95
C TYR A 12 -22.25 15.50 3.04
N SER A 13 -23.15 14.97 3.85
CA SER A 13 -23.88 15.73 4.88
C SER A 13 -23.61 15.16 6.26
N SER A 14 -23.96 15.92 7.28
CA SER A 14 -24.16 15.32 8.63
C SER A 14 -25.56 14.68 8.67
N SER A 15 -25.84 14.01 9.74
CA SER A 15 -27.15 13.38 10.03
C SER A 15 -28.27 14.42 9.95
N GLY A 16 -28.08 15.63 10.47
CA GLY A 16 -29.12 16.68 10.58
C GLY A 16 -28.92 17.88 9.64
N ALA A 17 -27.80 18.00 8.93
CA ALA A 17 -27.46 19.29 8.25
C ALA A 17 -26.69 19.01 6.96
N LEU A 18 -27.23 19.48 5.85
CA LEU A 18 -26.50 19.62 4.59
C LEU A 18 -25.57 20.85 4.64
N PHE A 19 -26.04 21.98 5.15
CA PHE A 19 -25.30 23.26 5.03
C PHE A 19 -24.57 23.53 6.36
N MSE A 20 -23.47 24.25 6.27
CA MSE A 20 -22.75 24.74 7.45
C MSE A 20 -22.82 26.28 7.49
O MSE A 20 -22.12 26.90 8.23
CB MSE A 20 -21.30 24.25 7.41
CG MSE A 20 -20.45 24.64 8.61
SE MSE A 20 -18.67 23.79 8.43
CE MSE A 20 -17.90 24.51 10.06
N GLY A 21 -23.55 26.91 6.61
CA GLY A 21 -23.71 28.37 6.63
C GLY A 21 -25.07 28.71 6.10
N VAL A 22 -25.27 29.96 5.72
CA VAL A 22 -26.60 30.48 5.31
C VAL A 22 -26.50 31.15 3.95
N TRP A 23 -27.65 31.24 3.28
CA TRP A 23 -27.82 31.93 1.96
C TRP A 23 -28.24 33.38 2.26
N ASN A 24 -27.28 34.31 2.22
CA ASN A 24 -27.59 35.76 2.31
C ASN A 24 -26.48 36.52 1.58
N PRO A 25 -26.79 37.71 1.03
CA PRO A 25 -25.86 38.45 0.20
C PRO A 25 -24.82 39.27 0.98
N SER A 26 -24.79 39.16 2.31
CA SER A 26 -23.77 39.89 3.10
C SER A 26 -22.45 39.15 2.93
N SER A 27 -21.38 39.68 3.50
CA SER A 27 -20.08 38.98 3.54
C SER A 27 -20.14 37.77 4.48
N SER A 28 -21.12 37.69 5.39
CA SER A 28 -21.34 36.52 6.29
C SER A 28 -22.14 35.40 5.59
N GLY A 29 -22.64 35.62 4.38
CA GLY A 29 -23.34 34.57 3.61
C GLY A 29 -22.41 33.61 2.88
N TYR A 30 -22.82 32.34 2.73
CA TYR A 30 -22.10 31.33 1.93
C TYR A 30 -20.70 31.15 2.52
N SER A 31 -20.55 31.14 3.85
CA SER A 31 -19.24 30.91 4.51
C SER A 31 -18.69 29.51 4.25
N ASP A 32 -19.57 28.56 4.01
CA ASP A 32 -19.24 27.12 3.92
C ASP A 32 -19.24 26.64 2.46
N THR A 33 -18.49 25.56 2.22
CA THR A 33 -18.34 24.92 0.90
C THR A 33 -19.66 24.24 0.47
N TYR A 34 -20.50 23.80 1.42
CA TYR A 34 -21.74 23.02 1.09
C TYR A 34 -22.76 23.92 0.39
N SER A 35 -23.10 25.04 1.03
CA SER A 35 -23.99 26.04 0.41
C SER A 35 -23.29 26.62 -0.84
N ARG A 36 -22.00 26.90 -0.80
CA ARG A 36 -21.33 27.63 -1.92
C ARG A 36 -21.35 26.79 -3.21
N ARG A 37 -21.16 25.49 -3.11
CA ARG A 37 -21.17 24.57 -4.27
C ARG A 37 -22.46 24.77 -5.08
N ILE A 38 -23.60 24.78 -4.39
CA ILE A 38 -24.94 24.93 -5.03
C ILE A 38 -25.12 26.38 -5.48
N ALA A 39 -24.82 27.33 -4.61
CA ALA A 39 -25.01 28.78 -4.85
C ALA A 39 -24.22 29.21 -6.09
N ASP A 40 -23.07 28.61 -6.35
CA ASP A 40 -22.20 29.03 -7.49
C ASP A 40 -22.85 28.63 -8.84
N LEU A 41 -23.93 27.84 -8.85
CA LEU A 41 -24.74 27.56 -10.06
C LEU A 41 -26.00 28.44 -10.10
N VAL A 42 -26.36 29.08 -8.99
CA VAL A 42 -27.60 29.92 -8.86
C VAL A 42 -27.28 31.39 -9.09
N PHE A 43 -26.03 31.75 -8.86
CA PHE A 43 -25.50 33.12 -8.97
C PHE A 43 -24.33 33.12 -9.92
N ASP A 44 -24.29 34.13 -10.77
CA ASP A 44 -23.19 34.45 -11.69
C ASP A 44 -22.40 35.63 -11.16
N SER A 45 -21.10 35.55 -11.21
CA SER A 45 -20.17 36.68 -10.95
C SER A 45 -20.00 37.45 -12.25
N GLY A 46 -19.62 38.71 -12.14
CA GLY A 46 -19.33 39.51 -13.34
C GLY A 46 -18.03 39.10 -14.00
N ILE A 47 -16.99 38.88 -13.20
CA ILE A 47 -15.63 38.52 -13.69
C ILE A 47 -15.10 37.40 -12.83
N PRO A 48 -15.66 36.17 -13.00
CA PRO A 48 -15.31 35.02 -12.16
C PRO A 48 -13.87 34.52 -12.42
N TYR A 49 -13.29 33.92 -11.40
CA TYR A 49 -12.03 33.17 -11.52
C TYR A 49 -12.30 31.98 -12.44
N GLY A 50 -11.33 31.66 -13.26
CA GLY A 50 -11.33 30.46 -14.09
C GLY A 50 -10.48 29.36 -13.53
N ILE A 51 -10.44 28.23 -14.22
CA ILE A 51 -9.73 27.01 -13.75
C ILE A 51 -8.23 27.24 -13.88
N ASP A 52 -7.80 28.29 -14.57
CA ASP A 52 -6.38 28.68 -14.65
C ASP A 52 -5.97 29.60 -13.49
N GLY A 53 -6.87 29.98 -12.59
CA GLY A 53 -6.48 30.70 -11.37
C GLY A 53 -6.52 32.22 -11.48
N VAL A 54 -7.02 32.76 -12.61
CA VAL A 54 -7.12 34.24 -12.77
C VAL A 54 -8.57 34.60 -13.10
N PRO A 55 -8.98 35.88 -12.93
CA PRO A 55 -10.30 36.31 -13.36
C PRO A 55 -10.42 36.32 -14.90
N HIS A 56 -11.65 36.06 -15.36
CA HIS A 56 -12.05 36.01 -16.79
C HIS A 56 -13.32 36.83 -16.93
N PRO A 57 -13.46 37.54 -18.07
CA PRO A 57 -14.68 38.27 -18.37
C PRO A 57 -15.84 37.28 -18.48
N TYR A 58 -17.02 37.73 -18.08
CA TYR A 58 -18.24 36.90 -18.15
C TYR A 58 -19.44 37.81 -18.40
N HIS A 59 -20.14 38.24 -17.35
CA HIS A 59 -21.21 39.27 -17.43
C HIS A 59 -20.54 40.64 -17.64
N CYS A 60 -19.29 40.79 -17.25
CA CYS A 60 -18.54 42.07 -17.22
C CYS A 60 -17.22 41.91 -17.98
N HIS A 61 -16.72 43.02 -18.54
CA HIS A 61 -15.36 43.08 -19.10
C HIS A 61 -14.83 44.50 -18.97
N VAL A 62 -13.52 44.60 -18.90
CA VAL A 62 -12.77 45.86 -18.77
C VAL A 62 -12.65 46.45 -20.18
N VAL A 63 -13.25 47.60 -20.41
CA VAL A 63 -13.21 48.35 -21.70
C VAL A 63 -11.99 49.26 -21.70
N ASP A 64 -11.63 49.84 -20.55
CA ASP A 64 -10.50 50.79 -20.42
C ASP A 64 -9.93 50.69 -19.01
N TYR A 65 -8.63 50.89 -18.94
CA TYR A 65 -7.82 50.89 -17.70
C TYR A 65 -6.70 51.94 -17.81
N LYS A 66 -6.65 52.86 -16.85
CA LYS A 66 -5.55 53.84 -16.69
C LYS A 66 -5.18 53.91 -15.22
N SER A 67 -3.95 54.27 -14.94
CA SER A 67 -3.48 54.55 -13.57
C SER A 67 -3.27 56.07 -13.32
N ASP A 68 -3.48 56.45 -12.07
CA ASP A 68 -3.15 57.80 -11.56
C ASP A 68 -4.01 58.78 -12.32
N VAL A 69 -5.32 58.70 -12.11
CA VAL A 69 -6.33 59.55 -12.79
C VAL A 69 -7.08 60.35 -11.74
N THR A 70 -7.35 61.62 -12.06
CA THR A 70 -8.15 62.53 -11.23
C THR A 70 -9.57 61.98 -11.14
N VAL A 71 -10.11 61.94 -9.94
CA VAL A 71 -11.51 61.54 -9.72
C VAL A 71 -12.38 62.71 -10.13
N PRO A 72 -13.33 62.51 -11.07
CA PRO A 72 -14.18 63.60 -11.54
C PRO A 72 -15.29 63.87 -10.54
N GLU A 73 -16.07 64.93 -10.79
CA GLU A 73 -17.09 65.48 -9.87
C GLU A 73 -18.40 64.68 -9.96
N ASP A 74 -18.51 63.79 -10.95
CA ASP A 74 -19.72 62.98 -11.18
C ASP A 74 -19.41 61.52 -10.82
N ALA A 75 -18.28 61.23 -10.16
CA ALA A 75 -18.01 59.88 -9.59
C ALA A 75 -18.34 59.90 -8.09
N VAL A 76 -19.27 59.06 -7.66
CA VAL A 76 -19.86 59.14 -6.29
C VAL A 76 -19.58 57.90 -5.44
N ILE A 77 -19.65 58.10 -4.14
CA ILE A 77 -19.73 57.06 -3.11
C ILE A 77 -21.01 57.31 -2.34
N PHE A 78 -21.44 56.31 -1.59
CA PHE A 78 -22.64 56.44 -0.75
C PHE A 78 -22.24 56.92 0.65
N ASN A 79 -22.82 58.04 1.10
CA ASN A 79 -22.61 58.60 2.46
C ASN A 79 -23.70 58.05 3.37
N SER A 80 -23.31 57.25 4.35
CA SER A 80 -24.28 56.44 5.16
C SER A 80 -24.96 57.29 6.25
N THR A 81 -24.41 58.45 6.58
CA THR A 81 -24.99 59.39 7.59
C THR A 81 -26.24 60.07 6.98
N THR A 82 -26.16 60.61 5.76
CA THR A 82 -27.25 61.33 5.04
C THR A 82 -28.03 60.40 4.10
N ASP A 83 -27.59 59.16 3.89
CA ASP A 83 -28.17 58.24 2.88
C ASP A 83 -28.25 58.94 1.50
N THR A 84 -27.17 59.58 1.06
CA THR A 84 -27.09 60.27 -0.26
C THR A 84 -25.78 59.94 -1.00
N TRP A 85 -25.80 59.99 -2.33
CA TRP A 85 -24.62 59.88 -3.21
C TRP A 85 -23.88 61.20 -3.17
N VAL A 86 -22.58 61.17 -2.88
CA VAL A 86 -21.74 62.40 -2.80
C VAL A 86 -20.41 62.09 -3.51
N ALA A 87 -19.92 63.07 -4.27
CA ALA A 87 -18.62 62.99 -4.94
C ALA A 87 -17.53 63.36 -3.91
N ALA A 88 -17.47 62.61 -2.81
CA ALA A 88 -16.61 62.91 -1.63
C ALA A 88 -15.11 62.93 -2.00
N HIS A 89 -14.70 62.32 -3.09
CA HIS A 89 -13.26 62.19 -3.41
C HIS A 89 -12.91 62.91 -4.72
N ALA A 90 -13.79 63.73 -5.28
CA ALA A 90 -13.51 64.51 -6.50
C ALA A 90 -12.20 65.28 -6.30
N GLY A 91 -11.33 65.23 -7.31
CA GLY A 91 -10.05 65.97 -7.33
C GLY A 91 -8.89 65.14 -6.79
N GLU A 92 -9.15 64.07 -6.03
CA GLU A 92 -8.08 63.15 -5.59
C GLU A 92 -7.55 62.41 -6.81
N THR A 93 -6.32 61.90 -6.68
CA THR A 93 -5.76 60.92 -7.63
C THR A 93 -6.18 59.49 -7.24
N ALA A 94 -6.82 58.79 -8.17
CA ALA A 94 -7.11 57.34 -8.07
C ALA A 94 -5.95 56.58 -8.67
N LYS A 95 -5.40 55.62 -7.93
CA LYS A 95 -4.36 54.72 -8.46
C LYS A 95 -4.93 54.03 -9.71
N THR A 96 -6.23 53.68 -9.68
CA THR A 96 -6.86 52.90 -10.76
C THR A 96 -8.17 53.55 -11.22
N TYR A 97 -8.28 53.69 -12.52
CA TYR A 97 -9.54 53.98 -13.26
C TYR A 97 -9.81 52.79 -14.13
N ALA A 98 -11.07 52.34 -14.16
CA ALA A 98 -11.52 51.25 -15.04
C ALA A 98 -12.90 51.58 -15.55
N ARG A 99 -13.07 51.45 -16.86
CA ARG A 99 -14.43 51.44 -17.45
C ARG A 99 -14.80 49.98 -17.61
N ILE A 100 -15.95 49.60 -17.07
CA ILE A 100 -16.42 48.22 -17.14
C ILE A 100 -17.81 48.22 -17.74
N GLU A 101 -17.99 47.37 -18.74
CA GLU A 101 -19.28 47.12 -19.42
C GLU A 101 -19.87 45.80 -18.91
N CYS A 102 -21.17 45.79 -18.67
CA CYS A 102 -21.92 44.65 -18.12
C CYS A 102 -23.07 44.31 -19.06
N ASP A 103 -23.51 43.05 -19.06
CA ASP A 103 -24.81 42.67 -19.70
C ASP A 103 -25.87 42.74 -18.60
N ARG A 104 -27.12 42.42 -18.95
CA ARG A 104 -28.24 42.52 -18.00
C ARG A 104 -28.99 41.20 -18.03
N PRO A 105 -28.60 40.22 -17.20
CA PRO A 105 -29.35 38.97 -17.14
C PRO A 105 -30.70 39.19 -16.47
N TYR A 106 -31.60 38.22 -16.62
CA TYR A 106 -32.87 38.14 -15.86
C TYR A 106 -32.62 37.48 -14.50
N PHE A 107 -33.21 38.04 -13.47
CA PHE A 107 -33.38 37.37 -12.17
C PHE A 107 -34.39 36.23 -12.31
N HIS A 108 -34.35 35.26 -11.41
CA HIS A 108 -35.15 34.02 -11.44
C HIS A 108 -36.65 34.31 -11.33
N ASP A 109 -37.07 35.44 -10.74
CA ASP A 109 -38.52 35.79 -10.67
C ASP A 109 -39.03 36.28 -12.04
N GLY A 110 -38.13 36.68 -12.93
CA GLY A 110 -38.46 37.04 -14.32
C GLY A 110 -38.05 38.46 -14.69
N HIS A 111 -37.70 39.36 -13.78
CA HIS A 111 -37.44 40.77 -14.19
C HIS A 111 -35.94 40.93 -14.46
N LYS A 112 -35.60 41.90 -15.27
CA LYS A 112 -34.21 42.11 -15.75
C LYS A 112 -33.37 42.90 -14.71
N LEU A 113 -32.14 42.46 -14.50
CA LEU A 113 -31.16 43.16 -13.62
C LEU A 113 -30.91 44.55 -14.19
N SER A 114 -30.70 45.55 -13.33
CA SER A 114 -30.46 46.95 -13.77
C SER A 114 -29.38 47.62 -12.91
N ALA A 115 -28.98 48.82 -13.30
CA ALA A 115 -27.95 49.59 -12.59
C ALA A 115 -28.42 49.87 -11.16
N ALA A 116 -29.73 49.90 -10.89
CA ALA A 116 -30.28 50.09 -9.53
C ALA A 116 -29.81 48.93 -8.61
N ASP A 117 -29.78 47.70 -9.14
CA ASP A 117 -29.35 46.51 -8.37
C ASP A 117 -27.86 46.69 -7.98
N VAL A 118 -27.05 47.15 -8.91
CA VAL A 118 -25.60 47.36 -8.66
C VAL A 118 -25.43 48.47 -7.60
N MSE A 119 -26.10 49.62 -7.78
CA MSE A 119 -25.89 50.79 -6.89
C MSE A 119 -26.46 50.44 -5.50
O MSE A 119 -25.89 50.87 -4.49
CB MSE A 119 -26.49 52.06 -7.50
CG MSE A 119 -25.94 52.40 -8.86
SE MSE A 119 -24.03 52.72 -8.84
CE MSE A 119 -23.87 54.36 -7.77
N TYR A 120 -27.52 49.67 -5.41
CA TYR A 120 -28.07 49.22 -4.11
C TYR A 120 -26.98 48.41 -3.39
N SER A 121 -26.43 47.45 -4.12
CA SER A 121 -25.38 46.55 -3.60
C SER A 121 -24.25 47.36 -2.95
N LEU A 122 -23.77 48.41 -3.62
CA LEU A 122 -22.62 49.21 -3.15
C LEU A 122 -23.11 50.09 -1.97
N ALA A 123 -24.26 50.73 -2.09
CA ALA A 123 -24.82 51.53 -0.99
C ALA A 123 -24.96 50.62 0.24
N TRP A 124 -25.45 49.39 0.05
CA TRP A 124 -25.66 48.46 1.19
C TRP A 124 -24.31 48.27 1.89
N SER A 125 -23.25 48.03 1.12
CA SER A 125 -21.89 47.81 1.69
C SER A 125 -21.39 49.06 2.41
N TRP A 126 -21.56 50.24 1.81
CA TRP A 126 -21.11 51.50 2.45
C TRP A 126 -21.91 51.74 3.74
N GLU A 127 -23.18 51.37 3.74
CA GLU A 127 -24.12 51.61 4.88
C GLU A 127 -23.79 50.66 6.03
N TRP A 128 -23.75 49.36 5.77
CA TRP A 128 -23.70 48.37 6.85
C TRP A 128 -22.26 48.19 7.40
N THR A 129 -21.23 48.78 6.74
CA THR A 129 -19.84 48.72 7.26
C THR A 129 -19.59 49.84 8.25
N THR A 130 -20.47 50.85 8.35
CA THR A 130 -20.22 52.04 9.20
C THR A 130 -21.35 52.15 10.24
N GLN A 131 -20.97 52.37 11.49
CA GLN A 131 -21.91 52.59 12.60
C GLN A 131 -22.17 54.10 12.67
N ASP A 132 -23.28 54.56 12.09
CA ASP A 132 -23.61 56.00 11.89
C ASP A 132 -24.40 56.46 13.12
N GLY A 133 -23.68 56.74 14.21
CA GLY A 133 -24.25 57.00 15.53
C GLY A 133 -24.29 55.72 16.35
N ASP A 134 -24.23 55.85 17.67
CA ASP A 134 -24.02 54.73 18.61
C ASP A 134 -25.18 53.72 18.49
N ASP A 135 -26.37 54.12 18.05
CA ASP A 135 -27.54 53.20 18.00
C ASP A 135 -27.97 52.94 16.54
N ASP A 136 -27.07 53.03 15.58
CA ASP A 136 -27.35 52.78 14.14
C ASP A 136 -27.83 51.35 14.00
N PRO A 137 -29.08 51.14 13.60
CA PRO A 137 -29.58 49.78 13.36
C PRO A 137 -29.08 49.19 12.02
N TYR A 138 -28.65 50.04 11.08
CA TYR A 138 -28.09 49.63 9.77
C TYR A 138 -26.56 49.46 9.87
N TYR A 139 -26.12 48.59 10.76
CA TYR A 139 -24.69 48.30 11.02
C TYR A 139 -24.51 46.84 11.42
N ASP A 140 -23.47 46.19 10.92
CA ASP A 140 -23.12 44.81 11.35
C ASP A 140 -21.62 44.79 11.57
N ALA A 141 -21.19 44.51 12.79
CA ALA A 141 -19.76 44.55 13.19
C ALA A 141 -18.97 43.57 12.31
N SER A 142 -19.53 42.39 12.00
CA SER A 142 -18.84 41.43 11.10
C SER A 142 -18.63 42.02 9.69
N GLU A 143 -19.67 42.66 9.16
CA GLU A 143 -19.60 43.22 7.80
C GLU A 143 -18.49 44.28 7.76
N ALA A 144 -18.40 45.12 8.80
CA ALA A 144 -17.36 46.17 8.91
C ALA A 144 -15.97 45.51 8.87
N ASP A 145 -15.79 44.43 9.62
CA ASP A 145 -14.51 43.70 9.65
C ASP A 145 -14.23 43.05 8.26
N TRP A 146 -15.23 42.40 7.66
CA TRP A 146 -15.07 41.75 6.34
C TRP A 146 -14.64 42.80 5.28
N SER A 147 -15.41 43.88 5.13
CA SER A 147 -15.54 44.72 3.92
C SER A 147 -15.11 46.18 4.12
N GLY A 148 -15.05 46.65 5.37
CA GLY A 148 -14.76 48.07 5.64
C GLY A 148 -13.56 48.59 4.86
N GLU A 149 -12.43 47.88 4.96
CA GLU A 149 -11.12 48.30 4.37
C GLU A 149 -11.21 48.23 2.83
N TYR A 150 -11.93 47.24 2.32
CA TYR A 150 -12.21 47.12 0.87
C TYR A 150 -12.98 48.38 0.39
N MSE A 151 -14.09 48.69 1.05
CA MSE A 151 -14.93 49.85 0.68
C MSE A 151 -14.09 51.15 0.78
O MSE A 151 -14.23 52.01 -0.10
CB MSE A 151 -16.20 49.85 1.53
CG MSE A 151 -17.10 48.63 1.32
SE MSE A 151 -17.63 48.28 -0.53
CE MSE A 151 -18.65 49.94 -0.93
N ASN A 152 -13.17 51.27 1.74
CA ASN A 152 -12.31 52.48 1.87
C ASN A 152 -11.42 52.67 0.64
N THR A 153 -11.12 51.64 -0.13
CA THR A 153 -10.25 51.81 -1.31
C THR A 153 -11.06 52.36 -2.49
N ILE A 154 -12.39 52.36 -2.40
CA ILE A 154 -13.25 52.79 -3.54
C ILE A 154 -13.42 54.32 -3.52
N LEU A 155 -12.87 55.02 -4.50
CA LEU A 155 -12.93 56.50 -4.50
C LEU A 155 -14.21 57.01 -5.19
N GLY A 156 -14.78 56.26 -6.12
CA GLY A 156 -16.03 56.73 -6.76
C GLY A 156 -16.50 55.86 -7.90
N ILE A 157 -17.80 55.89 -8.15
CA ILE A 157 -18.39 55.14 -9.28
C ILE A 157 -19.37 56.05 -10.02
N LYS A 158 -19.49 55.85 -11.31
CA LYS A 158 -20.40 56.64 -12.16
C LYS A 158 -21.10 55.69 -13.13
N LEU A 159 -22.42 55.75 -13.18
CA LEU A 159 -23.14 55.05 -14.26
C LEU A 159 -22.98 55.89 -15.53
N VAL A 160 -22.22 55.38 -16.50
CA VAL A 160 -21.96 56.11 -17.76
C VAL A 160 -23.16 55.98 -18.68
N GLU A 161 -23.87 54.86 -18.65
CA GLU A 161 -24.86 54.51 -19.68
C GLU A 161 -25.51 53.18 -19.29
N GLN A 162 -26.79 53.08 -19.52
CA GLN A 162 -27.58 51.83 -19.40
C GLN A 162 -28.51 51.78 -20.63
N THR A 163 -28.41 50.69 -21.41
CA THR A 163 -29.30 50.36 -22.53
C THR A 163 -30.10 49.13 -22.13
N ASP A 164 -30.90 48.59 -23.02
CA ASP A 164 -31.77 47.42 -22.69
C ASP A 164 -30.91 46.20 -22.35
N ASP A 165 -29.71 46.06 -22.91
CA ASP A 165 -28.90 44.84 -22.65
C ASP A 165 -27.48 45.17 -22.16
N ARG A 166 -27.16 46.43 -21.87
CA ARG A 166 -25.80 46.81 -21.44
C ARG A 166 -25.85 47.83 -20.30
N MSE A 167 -24.85 47.80 -19.43
CA MSE A 167 -24.55 48.84 -18.43
C MSE A 167 -23.08 49.19 -18.54
O MSE A 167 -22.30 48.30 -18.82
CB MSE A 167 -24.90 48.37 -17.03
CG MSE A 167 -26.33 47.91 -16.85
SE MSE A 167 -26.60 47.29 -15.01
CE MSE A 167 -25.23 45.84 -14.90
N VAL A 168 -22.75 50.47 -18.48
CA VAL A 168 -21.32 50.92 -18.48
C VAL A 168 -21.07 51.72 -17.21
N PHE A 169 -20.01 51.39 -16.49
CA PHE A 169 -19.61 52.06 -15.24
C PHE A 169 -18.17 52.50 -15.33
N ASP A 170 -17.92 53.69 -14.81
CA ASP A 170 -16.55 54.18 -14.56
C ASP A 170 -16.31 53.98 -13.07
N VAL A 171 -15.18 53.37 -12.73
CA VAL A 171 -14.80 53.07 -11.32
C VAL A 171 -13.43 53.67 -11.05
N TYR A 172 -13.28 54.30 -9.88
CA TYR A 172 -12.04 54.91 -9.38
C TYR A 172 -11.74 54.27 -8.04
N HIS A 173 -10.57 53.69 -7.88
CA HIS A 173 -10.16 53.05 -6.61
C HIS A 173 -8.65 53.06 -6.47
N ASN A 174 -8.16 52.71 -5.27
CA ASN A 174 -6.74 52.85 -4.89
C ASN A 174 -6.05 51.49 -4.84
N HIS A 175 -6.62 50.44 -5.45
CA HIS A 175 -5.96 49.12 -5.52
C HIS A 175 -5.10 49.02 -6.78
N TYR A 176 -3.86 48.64 -6.57
CA TYR A 176 -2.94 48.25 -7.66
C TYR A 176 -2.39 46.87 -7.28
N PHE A 177 -2.69 45.86 -8.07
CA PHE A 177 -2.09 44.51 -7.89
C PHE A 177 -1.01 44.32 -8.93
N PRO A 178 0.27 44.30 -8.53
CA PRO A 178 1.38 44.46 -9.45
C PRO A 178 1.61 43.31 -10.44
N ALA A 179 1.09 42.11 -10.21
CA ALA A 179 1.37 40.96 -11.11
C ALA A 179 0.19 40.66 -12.06
N SER A 180 -0.88 41.47 -12.06
CA SER A 180 -2.06 41.19 -12.90
C SER A 180 -2.84 42.46 -13.16
N GLU A 181 -2.99 42.80 -14.43
CA GLU A 181 -3.78 43.98 -14.83
C GLU A 181 -5.25 43.71 -14.52
N ILE A 182 -5.78 42.54 -14.85
CA ILE A 182 -7.25 42.32 -14.69
C ILE A 182 -7.59 42.34 -13.19
N MSE A 183 -6.73 41.82 -12.33
CA MSE A 183 -6.98 41.89 -10.86
C MSE A 183 -6.96 43.34 -10.38
O MSE A 183 -7.58 43.63 -9.37
CB MSE A 183 -5.95 41.07 -10.09
CG MSE A 183 -6.18 39.56 -10.24
SE MSE A 183 -4.77 38.51 -9.37
CE MSE A 183 -5.13 39.03 -7.50
N THR A 184 -6.20 44.21 -11.06
CA THR A 184 -6.18 45.65 -10.76
C THR A 184 -7.49 46.30 -11.28
N ALA A 185 -7.78 46.12 -12.57
CA ALA A 185 -8.88 46.82 -13.26
C ALA A 185 -10.25 46.34 -12.76
N ALA A 186 -10.35 45.10 -12.30
CA ALA A 186 -11.62 44.44 -11.87
C ALA A 186 -11.65 44.26 -10.35
N TYR A 187 -10.86 45.03 -9.60
CA TYR A 187 -10.86 44.94 -8.13
C TYR A 187 -12.27 45.25 -7.61
N VAL A 188 -12.95 46.18 -8.24
CA VAL A 188 -14.38 46.50 -7.92
C VAL A 188 -15.18 46.12 -9.14
N VAL A 189 -16.07 45.15 -9.01
CA VAL A 189 -16.91 44.64 -10.12
C VAL A 189 -18.31 45.18 -9.96
N PRO A 190 -18.77 46.06 -10.88
CA PRO A 190 -20.09 46.68 -10.78
C PRO A 190 -21.17 45.70 -11.26
N PHE A 191 -21.48 44.73 -10.39
CA PHE A 191 -22.44 43.65 -10.69
C PHE A 191 -22.93 43.08 -9.39
N THR A 192 -24.01 42.32 -9.41
CA THR A 192 -24.56 41.72 -8.17
C THR A 192 -25.42 40.53 -8.57
N GLY A 193 -25.79 39.70 -7.59
CA GLY A 193 -26.61 38.49 -7.82
C GLY A 193 -28.02 38.59 -7.23
N THR A 194 -28.32 39.66 -6.50
CA THR A 194 -29.55 39.80 -5.73
C THR A 194 -30.33 41.02 -6.17
N PRO A 195 -31.64 40.88 -6.43
CA PRO A 195 -32.48 42.03 -6.76
C PRO A 195 -32.62 42.98 -5.55
N TRP A 196 -32.51 44.29 -5.80
CA TRP A 196 -32.39 45.30 -4.72
C TRP A 196 -33.66 45.24 -3.84
N GLN A 197 -34.83 44.95 -4.43
CA GLN A 197 -36.10 45.01 -3.66
C GLN A 197 -36.04 43.93 -2.57
N LEU A 198 -35.49 42.77 -2.89
CA LEU A 198 -35.40 41.63 -1.95
C LEU A 198 -34.35 42.00 -0.87
N TRP A 199 -33.22 42.56 -1.30
CA TRP A 199 -32.13 42.92 -0.39
C TRP A 199 -32.59 44.03 0.56
N TYR A 200 -33.34 44.99 0.01
CA TYR A 200 -33.99 46.09 0.78
C TYR A 200 -34.86 45.48 1.87
N ALA A 201 -35.72 44.52 1.52
CA ALA A 201 -36.59 43.83 2.49
C ALA A 201 -35.73 43.12 3.56
N MSE A 202 -34.67 42.42 3.15
CA MSE A 202 -33.80 41.74 4.14
C MSE A 202 -33.15 42.79 5.06
O MSE A 202 -33.11 42.54 6.28
CB MSE A 202 -32.75 40.86 3.44
CG MSE A 202 -33.40 39.74 2.65
SE MSE A 202 -32.10 38.50 1.97
CE MSE A 202 -31.55 39.40 0.38
N SER A 203 -32.63 43.89 4.52
CA SER A 203 -31.98 44.96 5.31
C SER A 203 -32.94 45.51 6.36
N GLU A 204 -34.17 45.78 5.93
CA GLU A 204 -35.21 46.37 6.82
C GLU A 204 -35.58 45.34 7.87
N LEU A 205 -35.65 44.08 7.49
CA LEU A 205 -35.99 43.01 8.47
C LEU A 205 -34.86 42.92 9.51
N VAL A 206 -33.59 42.90 9.08
CA VAL A 206 -32.47 42.73 10.05
C VAL A 206 -32.35 43.97 10.92
N ALA A 207 -32.52 45.15 10.35
CA ALA A 207 -32.29 46.43 11.06
C ALA A 207 -33.30 46.54 12.21
N HIS A 208 -34.56 46.16 11.99
CA HIS A 208 -35.68 46.51 12.90
C HIS A 208 -36.20 45.29 13.65
N ASN A 209 -35.74 44.07 13.36
CA ASN A 209 -36.21 42.85 14.07
C ASN A 209 -35.01 42.22 14.76
N PRO A 210 -34.94 42.25 16.11
CA PRO A 210 -33.76 41.78 16.83
C PRO A 210 -33.57 40.28 16.71
N LYS A 211 -34.58 39.57 16.23
CA LYS A 211 -34.54 38.09 16.04
C LYS A 211 -33.62 37.73 14.86
N TYR A 212 -33.29 38.67 13.97
CA TYR A 212 -32.53 38.40 12.73
C TYR A 212 -31.24 39.22 12.64
N SER A 213 -30.19 38.58 12.13
CA SER A 213 -28.82 39.13 12.03
C SER A 213 -28.22 38.70 10.69
N TRP A 214 -27.42 39.57 10.08
CA TRP A 214 -26.65 39.13 8.91
C TRP A 214 -25.64 38.05 9.32
N SER A 215 -25.09 38.13 10.53
CA SER A 215 -23.79 37.49 10.86
C SER A 215 -23.89 36.51 12.07
N GLU A 216 -24.80 36.77 13.00
CA GLU A 216 -24.79 36.21 14.36
C GLU A 216 -25.88 35.17 14.54
N SER A 217 -25.61 34.11 15.29
CA SER A 217 -26.64 33.14 15.75
C SER A 217 -26.46 32.92 17.26
N SER A 218 -27.55 32.89 17.98
CA SER A 218 -27.58 32.66 19.43
C SER A 218 -28.97 32.15 19.80
N GLU A 219 -29.33 32.21 21.07
CA GLU A 219 -30.56 31.58 21.60
C GLU A 219 -31.78 32.30 21.03
N ASP A 220 -31.76 33.63 20.90
CA ASP A 220 -32.96 34.36 20.41
C ASP A 220 -32.58 35.07 19.11
N VAL A 221 -31.42 34.76 18.50
CA VAL A 221 -31.00 35.44 17.23
C VAL A 221 -30.71 34.39 16.15
N GLU A 222 -31.33 34.51 14.99
CA GLU A 222 -31.09 33.60 13.83
C GLU A 222 -30.37 34.39 12.74
N GLN A 223 -29.29 33.85 12.22
CA GLN A 223 -28.60 34.44 11.07
C GLN A 223 -29.51 34.30 9.83
N LEU A 224 -29.80 35.42 9.17
CA LEU A 224 -30.76 35.42 8.04
C LEU A 224 -30.31 34.43 6.96
N ASP A 225 -31.25 33.61 6.53
CA ASP A 225 -31.03 32.48 5.60
C ASP A 225 -32.16 32.41 4.58
N GLN A 226 -31.88 32.80 3.35
CA GLN A 226 -32.88 32.87 2.26
C GLN A 226 -33.45 31.49 1.94
N ILE A 227 -32.75 30.38 2.27
CA ILE A 227 -33.28 29.04 1.91
C ILE A 227 -34.18 28.52 3.03
N ASN A 228 -34.12 29.16 4.20
CA ASN A 228 -34.97 28.82 5.36
C ASN A 228 -36.41 29.27 5.07
N PRO A 229 -37.40 28.35 5.04
CA PRO A 229 -38.74 28.72 4.63
C PRO A 229 -39.35 29.76 5.57
N SER A 230 -39.02 29.65 6.85
CA SER A 230 -39.55 30.53 7.91
C SER A 230 -38.95 31.92 7.70
N HIS A 231 -37.64 32.00 7.45
CA HIS A 231 -36.96 33.27 7.14
C HIS A 231 -37.60 33.91 5.91
N ALA A 232 -37.90 33.09 4.89
CA ALA A 232 -38.47 33.57 3.62
C ALA A 232 -39.84 34.22 3.89
N GLN A 233 -40.68 33.63 4.76
CA GLN A 233 -42.00 34.18 5.14
C GLN A 233 -41.82 35.58 5.75
N ALA A 234 -40.87 35.74 6.67
CA ALA A 234 -40.60 37.02 7.35
C ALA A 234 -40.10 38.03 6.33
N ILE A 235 -39.25 37.60 5.38
CA ILE A 235 -38.73 38.49 4.31
C ILE A 235 -39.88 38.96 3.41
N LYS A 236 -40.77 38.05 3.04
CA LYS A 236 -41.90 38.33 2.13
C LYS A 236 -42.84 39.34 2.80
N GLU A 237 -43.15 39.16 4.09
CA GLU A 237 -43.98 40.11 4.86
C GLU A 237 -43.32 41.51 4.78
N LYS A 238 -42.02 41.61 5.00
CA LYS A 238 -41.32 42.91 4.97
C LYS A 238 -41.38 43.47 3.55
N LEU A 239 -41.16 42.62 2.56
CA LEU A 239 -41.17 43.04 1.15
C LEU A 239 -42.54 43.68 0.81
N LEU A 240 -43.66 43.02 1.14
CA LEU A 240 -45.03 43.50 0.81
C LEU A 240 -45.37 44.75 1.65
N GLU A 241 -44.83 44.88 2.85
CA GLU A 241 -44.99 46.10 3.70
C GLU A 241 -44.31 47.29 2.98
N LEU A 242 -43.03 47.15 2.59
CA LEU A 242 -42.24 48.20 1.89
C LEU A 242 -42.91 48.56 0.56
N LYS A 243 -43.51 47.62 -0.16
CA LYS A 243 -44.10 47.94 -1.47
C LYS A 243 -45.15 49.05 -1.27
N GLN A 244 -45.93 48.98 -0.17
CA GLN A 244 -47.00 49.94 0.22
C GLN A 244 -46.38 51.18 0.85
N SER A 245 -45.50 51.07 1.83
CA SER A 245 -45.06 52.25 2.64
C SER A 245 -43.93 53.02 1.94
N LYS A 246 -42.98 52.36 1.27
CA LYS A 246 -41.79 53.04 0.68
C LYS A 246 -41.14 52.12 -0.34
N PRO A 247 -41.78 51.95 -1.53
CA PRO A 247 -41.31 50.98 -2.53
C PRO A 247 -39.94 51.36 -3.10
N ILE A 248 -39.68 52.66 -3.23
CA ILE A 248 -38.44 53.17 -3.85
C ILE A 248 -37.71 54.04 -2.83
N PRO A 249 -36.57 53.56 -2.31
CA PRO A 249 -35.71 54.37 -1.45
C PRO A 249 -35.20 55.60 -2.23
N GLU A 250 -35.11 56.72 -1.54
CA GLU A 250 -34.81 58.05 -2.15
C GLU A 250 -33.52 57.94 -2.93
N PHE A 251 -32.52 57.32 -2.31
CA PHE A 251 -31.13 57.34 -2.84
C PHE A 251 -31.08 56.55 -4.15
N LEU A 252 -32.09 55.72 -4.43
CA LEU A 252 -32.04 54.85 -5.61
C LEU A 252 -32.82 55.48 -6.78
N LYS A 253 -33.64 56.49 -6.53
CA LYS A 253 -34.51 57.13 -7.56
C LYS A 253 -33.69 57.58 -8.78
N PRO A 254 -32.51 58.22 -8.63
CA PRO A 254 -31.71 58.55 -9.81
C PRO A 254 -31.29 57.35 -10.70
N TYR A 255 -31.35 56.11 -10.19
CA TYR A 255 -30.82 54.91 -10.88
C TYR A 255 -31.97 54.02 -11.37
N ILE A 256 -33.22 54.43 -11.22
CA ILE A 256 -34.36 53.61 -11.69
C ILE A 256 -34.88 54.19 -13.03
N GLU A 257 -34.78 53.41 -14.12
CA GLU A 257 -35.40 53.70 -15.44
C GLU A 257 -36.89 54.02 -15.25
N ASP A 258 -37.64 53.14 -14.57
CA ASP A 258 -39.12 53.07 -14.57
C ASP A 258 -39.61 52.66 -13.18
N GLU A 259 -40.22 53.60 -12.44
CA GLU A 259 -40.66 53.42 -11.04
C GLU A 259 -41.83 52.42 -10.97
N ASN A 260 -42.68 52.38 -12.00
CA ASN A 260 -43.79 51.40 -12.11
C ASN A 260 -43.21 49.98 -12.25
N ALA A 261 -42.26 49.76 -13.15
CA ALA A 261 -41.61 48.44 -13.36
C ALA A 261 -40.89 47.99 -12.07
N ALA A 262 -40.18 48.91 -11.42
CA ALA A 262 -39.49 48.68 -10.14
C ALA A 262 -40.50 48.26 -9.08
N THR A 263 -41.69 48.87 -9.06
CA THR A 263 -42.75 48.58 -8.06
C THR A 263 -43.37 47.20 -8.39
N ALA A 264 -43.57 46.89 -9.67
CA ALA A 264 -44.15 45.61 -10.17
C ALA A 264 -43.23 44.45 -9.81
N ALA A 265 -41.91 44.67 -9.84
CA ALA A 265 -40.92 43.62 -9.48
C ALA A 265 -41.17 43.10 -8.05
N TYR A 266 -41.75 43.89 -7.14
CA TYR A 266 -42.12 43.41 -5.78
C TYR A 266 -43.03 42.20 -5.92
N ASP A 267 -43.98 42.27 -6.86
CA ASP A 267 -45.01 41.19 -7.06
C ASP A 267 -44.37 39.96 -7.73
N SER A 268 -43.54 40.20 -8.70
CA SER A 268 -42.75 39.16 -9.39
C SER A 268 -41.96 38.35 -8.35
N ILE A 269 -41.21 39.04 -7.49
CA ILE A 269 -40.38 38.47 -6.40
C ILE A 269 -41.27 37.66 -5.46
N ALA A 270 -42.36 38.25 -4.96
CA ALA A 270 -43.29 37.60 -4.01
C ALA A 270 -43.90 36.33 -4.64
N LYS A 271 -44.27 36.38 -5.91
CA LYS A 271 -44.90 35.23 -6.60
C LYS A 271 -43.89 34.07 -6.68
N PHE A 272 -42.62 34.35 -6.99
CA PHE A 272 -41.55 33.33 -7.00
C PHE A 272 -41.42 32.69 -5.60
N MSE A 273 -41.36 33.51 -4.56
CA MSE A 273 -41.21 33.07 -3.16
C MSE A 273 -42.40 32.17 -2.79
O MSE A 273 -42.20 31.14 -2.10
CB MSE A 273 -41.04 34.27 -2.23
CG MSE A 273 -39.86 35.17 -2.60
SE MSE A 273 -39.67 36.67 -1.34
CE MSE A 273 -39.54 35.67 0.33
N ASP A 274 -43.60 32.53 -3.25
CA ASP A 274 -44.85 31.77 -2.96
C ASP A 274 -44.74 30.41 -3.63
N GLU A 275 -44.30 30.36 -4.89
CA GLU A 275 -44.22 29.10 -5.66
C GLU A 275 -43.15 28.20 -5.05
N HIS A 276 -42.08 28.71 -4.45
CA HIS A 276 -40.89 27.87 -4.17
C HIS A 276 -40.61 27.74 -2.67
N ASN A 277 -41.32 28.47 -1.82
CA ASN A 277 -41.23 28.35 -0.34
C ASN A 277 -39.81 28.75 0.15
N HIS A 278 -39.17 29.73 -0.50
CA HIS A 278 -37.83 30.24 -0.09
C HIS A 278 -37.65 31.63 -0.68
N ALA A 279 -36.53 32.28 -0.35
CA ALA A 279 -36.23 33.66 -0.77
C ALA A 279 -34.98 33.71 -1.67
N VAL A 280 -34.54 32.58 -2.20
CA VAL A 280 -33.29 32.54 -3.00
C VAL A 280 -33.64 32.89 -4.44
N ILE A 281 -33.28 34.10 -4.82
CA ILE A 281 -33.38 34.62 -6.20
C ILE A 281 -32.01 35.10 -6.65
N GLY A 282 -31.54 34.50 -7.73
CA GLY A 282 -30.27 34.78 -8.38
C GLY A 282 -30.50 35.13 -9.84
N GLN A 283 -29.41 35.19 -10.59
CA GLN A 283 -29.39 35.50 -12.03
C GLN A 283 -28.48 34.49 -12.73
N GLY A 284 -28.16 33.40 -12.04
CA GLY A 284 -27.38 32.30 -12.62
C GLY A 284 -28.23 31.33 -13.46
N PRO A 285 -27.57 30.29 -14.04
CA PRO A 285 -28.23 29.36 -14.94
C PRO A 285 -29.28 28.47 -14.24
N TYR A 286 -29.20 28.28 -12.93
CA TYR A 286 -30.14 27.42 -12.17
C TYR A 286 -30.86 28.25 -11.10
N TYR A 287 -32.16 28.06 -10.98
CA TYR A 287 -32.97 28.56 -9.85
C TYR A 287 -33.19 27.41 -8.86
N VAL A 288 -33.32 27.76 -7.59
CA VAL A 288 -33.63 26.80 -6.51
C VAL A 288 -35.13 26.52 -6.62
N ASP A 289 -35.44 25.30 -7.02
CA ASP A 289 -36.84 24.90 -7.23
C ASP A 289 -37.47 24.53 -5.89
N GLU A 290 -36.76 23.75 -5.05
CA GLU A 290 -37.33 23.25 -3.79
C GLU A 290 -36.19 22.88 -2.85
N TYR A 291 -36.37 23.12 -1.56
CA TYR A 291 -35.51 22.61 -0.48
C TYR A 291 -36.37 21.79 0.48
N GLN A 292 -35.94 20.57 0.74
CA GLN A 292 -36.53 19.64 1.71
C GLN A 292 -35.48 19.36 2.78
N PRO A 293 -35.41 20.19 3.82
CA PRO A 293 -34.42 20.05 4.89
C PRO A 293 -34.58 18.68 5.58
N GLU A 294 -35.80 18.19 5.76
CA GLU A 294 -36.06 16.92 6.48
C GLU A 294 -35.47 15.78 5.63
N ASN A 295 -35.24 15.95 4.34
CA ASN A 295 -34.66 14.86 3.49
C ASN A 295 -33.24 15.19 3.06
N LEU A 296 -32.65 16.29 3.52
CA LEU A 296 -31.30 16.76 3.09
C LEU A 296 -31.27 16.80 1.56
N PHE A 297 -32.31 17.39 0.96
CA PHE A 297 -32.52 17.37 -0.48
C PHE A 297 -32.71 18.77 -1.03
N VAL A 298 -32.07 19.06 -2.17
CA VAL A 298 -32.31 20.30 -2.95
C VAL A 298 -32.56 19.94 -4.40
N ARG A 299 -33.50 20.64 -5.03
CA ARG A 299 -33.70 20.57 -6.49
C ARG A 299 -33.43 21.96 -7.07
N ILE A 300 -32.56 22.02 -8.08
CA ILE A 300 -32.37 23.27 -8.85
C ILE A 300 -32.67 22.93 -10.32
N LYS A 301 -33.17 23.92 -11.04
CA LYS A 301 -33.66 23.73 -12.44
C LYS A 301 -33.07 24.83 -13.32
N LYS A 302 -32.81 24.48 -14.57
CA LYS A 302 -32.24 25.43 -15.55
C LYS A 302 -33.25 26.56 -15.74
N PHE A 303 -32.82 27.81 -15.61
CA PHE A 303 -33.64 28.99 -15.88
C PHE A 303 -33.71 29.25 -17.39
N ASP A 304 -34.90 29.20 -17.97
CA ASP A 304 -35.08 29.22 -19.44
C ASP A 304 -34.71 30.62 -19.98
N LYS A 305 -34.57 31.66 -19.16
CA LYS A 305 -34.13 33.00 -19.67
C LYS A 305 -32.61 33.21 -19.55
N TRP A 306 -31.88 32.31 -18.90
CA TRP A 306 -30.42 32.49 -18.80
C TRP A 306 -29.81 32.26 -20.18
N THR A 307 -28.84 33.08 -20.55
CA THR A 307 -28.04 32.93 -21.79
C THR A 307 -26.54 32.99 -21.44
N ILE A 308 -25.71 32.46 -22.32
CA ILE A 308 -24.25 32.57 -22.14
C ILE A 308 -23.91 34.04 -21.99
N PRO A 309 -23.29 34.46 -20.89
CA PRO A 309 -22.97 35.87 -20.72
C PRO A 309 -22.17 36.45 -21.91
N ALA A 310 -22.42 37.73 -22.18
CA ALA A 310 -22.04 38.39 -23.46
C ALA A 310 -20.51 38.37 -23.61
N PHE A 311 -19.72 38.37 -22.52
CA PHE A 311 -18.26 38.58 -22.64
C PHE A 311 -17.48 37.33 -22.29
N ALA A 312 -18.14 36.19 -22.17
CA ALA A 312 -17.47 34.90 -21.97
C ALA A 312 -16.51 34.65 -23.14
N GLU A 313 -15.28 34.30 -22.83
CA GLU A 313 -14.28 33.77 -23.79
C GLU A 313 -14.69 32.34 -24.16
N PRO A 314 -14.16 31.83 -25.29
CA PRO A 314 -14.52 30.49 -25.76
C PRO A 314 -14.54 29.39 -24.68
N GLU A 315 -13.48 29.23 -23.86
CA GLU A 315 -13.44 28.13 -22.85
C GLU A 315 -14.67 28.20 -21.92
N TYR A 316 -15.23 29.39 -21.68
CA TYR A 316 -16.28 29.64 -20.66
C TYR A 316 -17.64 29.89 -21.32
N GLN A 317 -17.76 29.64 -22.61
CA GLN A 317 -19.03 29.71 -23.37
C GLN A 317 -19.80 28.42 -23.21
N VAL A 318 -19.84 27.84 -22.03
CA VAL A 318 -20.57 26.57 -21.84
C VAL A 318 -22.03 26.91 -21.49
N ASP A 319 -22.95 26.17 -22.10
CA ASP A 319 -24.40 26.30 -21.85
C ASP A 319 -24.84 25.08 -21.06
N PRO A 320 -25.07 25.21 -19.73
CA PRO A 320 -25.28 24.05 -18.87
C PRO A 320 -26.38 23.15 -19.44
N TYR A 321 -26.02 21.90 -19.66
CA TYR A 321 -26.86 20.93 -20.38
C TYR A 321 -28.05 20.51 -19.51
N TYR A 322 -27.82 20.12 -18.25
CA TYR A 322 -28.83 19.45 -17.43
C TYR A 322 -29.98 20.40 -17.04
N LYS A 323 -31.22 19.97 -17.32
CA LYS A 323 -32.42 20.78 -17.09
C LYS A 323 -32.73 20.77 -15.59
N THR A 324 -32.52 19.63 -14.94
CA THR A 324 -32.74 19.48 -13.50
C THR A 324 -31.47 18.90 -12.84
N ILE A 325 -31.10 19.47 -11.70
CA ILE A 325 -30.02 18.94 -10.84
C ILE A 325 -30.64 18.68 -9.47
N GLU A 326 -30.63 17.41 -9.11
CA GLU A 326 -30.99 16.93 -7.77
C GLU A 326 -29.71 16.82 -6.94
N VAL A 327 -29.83 17.26 -5.68
CA VAL A 327 -28.76 17.23 -4.67
C VAL A 327 -29.27 16.42 -3.48
N TYR A 328 -28.64 15.28 -3.23
CA TYR A 328 -28.91 14.37 -2.10
C TYR A 328 -27.75 14.50 -1.10
N GLY A 329 -28.12 14.86 0.11
CA GLY A 329 -27.29 14.78 1.31
C GLY A 329 -27.16 13.32 1.69
N ILE A 330 -25.95 12.79 1.77
CA ILE A 330 -25.73 11.40 2.25
C ILE A 330 -24.68 11.48 3.34
N GLN A 331 -24.93 10.81 4.47
CA GLN A 331 -24.14 11.02 5.71
C GLN A 331 -23.07 9.97 5.90
N ASN A 332 -22.97 8.98 5.05
CA ASN A 332 -21.91 7.93 5.11
C ASN A 332 -21.07 7.95 3.83
N GLU A 333 -19.75 8.06 3.95
CA GLU A 333 -18.83 8.20 2.79
C GLU A 333 -18.90 6.97 1.91
N ASP A 334 -18.83 5.78 2.51
CA ASP A 334 -18.80 4.52 1.73
C ASP A 334 -20.08 4.37 0.91
N THR A 335 -21.20 4.69 1.51
CA THR A 335 -22.53 4.60 0.89
C THR A 335 -22.55 5.56 -0.29
N ALA A 336 -22.13 6.81 -0.07
CA ALA A 336 -22.06 7.84 -1.14
C ALA A 336 -21.28 7.28 -2.34
N ILE A 337 -20.12 6.70 -2.08
CA ILE A 337 -19.21 6.19 -3.13
C ILE A 337 -19.92 5.05 -3.86
N LEU A 338 -20.47 4.10 -3.11
CA LEU A 338 -21.11 2.94 -3.77
C LEU A 338 -22.34 3.36 -4.59
N GLU A 339 -23.07 4.37 -4.16
CA GLU A 339 -24.30 4.81 -4.84
C GLU A 339 -23.88 5.38 -6.22
N VAL A 340 -22.76 6.08 -6.30
CA VAL A 340 -22.27 6.59 -7.60
C VAL A 340 -21.67 5.44 -8.42
N ALA A 341 -20.86 4.58 -7.79
CA ALA A 341 -20.19 3.46 -8.48
C ALA A 341 -21.22 2.49 -9.07
N ASN A 342 -22.35 2.29 -8.40
CA ASN A 342 -23.39 1.36 -8.84
C ASN A 342 -24.36 2.09 -9.76
N GLY A 343 -24.15 3.37 -10.06
CA GLY A 343 -24.95 4.08 -11.10
C GLY A 343 -26.28 4.65 -10.57
N HIS A 344 -26.54 4.73 -9.27
CA HIS A 344 -27.81 5.27 -8.71
C HIS A 344 -27.77 6.78 -8.71
N TYR A 345 -26.61 7.41 -8.59
CA TYR A 345 -26.40 8.87 -8.68
C TYR A 345 -25.23 9.11 -9.65
N ASP A 346 -25.18 10.29 -10.23
CA ASP A 346 -24.29 10.64 -11.37
C ASP A 346 -22.96 11.24 -10.87
N ILE A 347 -23.03 12.14 -9.89
CA ILE A 347 -21.84 12.88 -9.42
C ILE A 347 -21.75 12.85 -7.90
N LEU A 348 -20.61 12.39 -7.42
CA LEU A 348 -20.23 12.51 -6.01
C LEU A 348 -19.56 13.85 -5.91
N TRP A 349 -20.30 14.83 -5.41
CA TRP A 349 -19.98 16.26 -5.47
C TRP A 349 -19.30 16.68 -4.17
N TYR A 350 -18.59 15.75 -3.52
CA TYR A 350 -17.76 16.04 -2.34
C TYR A 350 -16.68 15.00 -2.38
N PRO A 351 -15.39 15.34 -2.21
CA PRO A 351 -14.30 14.43 -2.49
C PRO A 351 -13.90 13.66 -1.24
N PHE A 352 -13.39 12.44 -1.42
CA PHE A 352 -12.92 11.60 -0.30
C PHE A 352 -11.51 11.13 -0.58
N ALA A 353 -10.81 10.75 0.48
CA ALA A 353 -9.45 10.25 0.42
C ALA A 353 -9.39 8.97 -0.42
N ALA A 354 -8.21 8.71 -1.02
CA ALA A 354 -7.98 7.52 -1.89
C ALA A 354 -8.42 6.24 -1.18
N TYR A 355 -8.16 6.09 0.13
CA TYR A 355 -8.37 4.79 0.81
C TYR A 355 -9.88 4.47 0.87
N ARG A 356 -10.78 5.44 0.62
CA ARG A 356 -12.24 5.22 0.66
C ARG A 356 -12.69 4.63 -0.67
N PHE A 357 -11.85 4.72 -1.70
CA PHE A 357 -12.19 4.21 -3.07
C PHE A 357 -11.68 2.76 -3.23
N THR A 358 -11.40 2.06 -2.14
CA THR A 358 -10.90 0.67 -2.18
C THR A 358 -12.10 -0.29 -2.24
N GLY A 359 -11.85 -1.49 -2.75
CA GLY A 359 -12.75 -2.65 -2.64
C GLY A 359 -13.79 -2.70 -3.73
N LEU A 360 -13.70 -1.75 -4.67
CA LEU A 360 -14.65 -1.67 -5.82
C LEU A 360 -14.26 -2.73 -6.86
N SER A 361 -15.24 -3.35 -7.49
CA SER A 361 -15.01 -4.35 -8.57
C SER A 361 -14.46 -3.64 -9.81
N ASP A 362 -13.82 -4.38 -10.72
CA ASP A 362 -13.35 -3.84 -12.04
C ASP A 362 -14.51 -3.10 -12.71
N GLU A 363 -15.73 -3.61 -12.58
CA GLU A 363 -16.94 -3.06 -13.24
C GLU A 363 -17.32 -1.71 -12.57
N GLN A 364 -17.44 -1.69 -11.24
CA GLN A 364 -17.64 -0.46 -10.42
C GLN A 364 -16.54 0.57 -10.75
N ARG A 365 -15.29 0.17 -10.89
CA ARG A 365 -14.21 1.16 -11.18
C ARG A 365 -14.37 1.67 -12.61
N ALA A 366 -14.74 0.80 -13.54
CA ALA A 366 -14.92 1.16 -14.95
C ALA A 366 -16.13 2.09 -15.05
N ASN A 367 -17.08 2.02 -14.11
CA ASN A 367 -18.32 2.85 -14.17
C ASN A 367 -18.05 4.30 -13.72
N ILE A 368 -16.91 4.58 -13.11
CA ILE A 368 -16.66 5.96 -12.62
C ILE A 368 -15.36 6.50 -13.18
N LYS A 369 -15.27 7.81 -13.12
CA LYS A 369 -14.05 8.61 -13.34
C LYS A 369 -13.83 9.46 -12.09
N LEU A 370 -12.58 9.59 -11.73
CA LEU A 370 -12.06 10.32 -10.55
C LEU A 370 -11.50 11.65 -11.00
N TYR A 371 -11.72 12.70 -10.20
CA TYR A 371 -11.15 14.03 -10.39
C TYR A 371 -10.51 14.44 -9.09
N ARG A 372 -9.25 14.85 -9.16
CA ARG A 372 -8.43 15.23 -7.98
C ARG A 372 -8.99 16.46 -7.28
N SER A 373 -8.85 16.50 -5.97
CA SER A 373 -9.00 17.70 -5.09
C SER A 373 -7.72 17.82 -4.25
N THR A 374 -7.01 18.91 -4.36
CA THR A 374 -5.78 19.20 -3.58
C THR A 374 -5.88 20.63 -3.01
N SER A 375 -7.09 21.18 -2.84
CA SER A 375 -7.31 22.58 -2.43
C SER A 375 -7.88 22.62 -1.01
N ALA A 376 -8.14 21.47 -0.37
CA ALA A 376 -8.60 21.40 1.03
C ALA A 376 -7.40 21.21 1.99
N PHE A 377 -7.51 21.77 3.19
CA PHE A 377 -6.45 21.64 4.22
C PHE A 377 -7.08 21.81 5.59
N GLY A 378 -6.29 21.46 6.60
CA GLY A 378 -6.77 21.45 7.99
C GLY A 378 -5.80 22.10 8.93
N ASP A 379 -6.35 22.68 9.98
CA ASP A 379 -5.52 23.34 11.01
C ASP A 379 -6.29 23.30 12.32
N ILE A 380 -5.58 23.51 13.40
CA ILE A 380 -6.20 23.83 14.71
C ILE A 380 -6.27 25.35 14.88
N VAL A 381 -7.45 25.87 15.22
CA VAL A 381 -7.60 27.27 15.71
C VAL A 381 -7.77 27.20 17.22
N TRP A 382 -7.04 28.05 17.91
CA TRP A 382 -7.07 28.19 19.38
C TRP A 382 -7.96 29.38 19.77
N ASN A 383 -8.64 29.29 20.91
CA ASN A 383 -9.43 30.41 21.49
C ASN A 383 -8.54 31.17 22.47
N PRO A 384 -7.98 32.33 22.05
CA PRO A 384 -7.01 33.04 22.88
C PRO A 384 -7.67 34.12 23.74
N VAL A 385 -8.99 34.01 23.92
CA VAL A 385 -9.81 35.08 24.55
C VAL A 385 -9.33 35.32 25.98
N HIS A 386 -9.36 36.59 26.39
CA HIS A 386 -9.09 37.01 27.79
C HIS A 386 -9.73 38.38 28.08
N ASP A 387 -9.82 38.71 29.37
CA ASP A 387 -10.38 40.00 29.87
C ASP A 387 -9.47 41.14 29.36
N GLN A 388 -10.06 42.32 29.16
CA GLN A 388 -9.34 43.57 28.87
C GLN A 388 -8.20 43.76 29.90
N ASP A 389 -8.41 43.51 31.19
CA ASP A 389 -7.45 43.97 32.23
C ASP A 389 -6.52 42.82 32.63
N ASN A 390 -6.52 41.71 31.91
CA ASN A 390 -5.77 40.50 32.33
C ASN A 390 -5.43 39.65 31.11
N PRO A 391 -4.16 39.59 30.72
CA PRO A 391 -3.76 38.91 29.49
C PRO A 391 -4.01 37.39 29.45
N TYR A 392 -4.09 36.76 30.62
CA TYR A 392 -4.10 35.29 30.76
C TYR A 392 -5.42 34.76 31.34
N VAL A 393 -6.33 35.66 31.76
CA VAL A 393 -7.55 35.21 32.46
C VAL A 393 -8.79 35.60 31.68
N ILE A 394 -9.77 34.69 31.66
CA ILE A 394 -11.12 35.01 31.12
C ILE A 394 -12.14 34.87 32.25
N THR A 395 -12.97 35.92 32.43
CA THR A 395 -14.09 35.92 33.39
C THR A 395 -15.36 35.49 32.68
N VAL A 396 -15.99 34.40 33.14
CA VAL A 396 -17.32 33.93 32.67
C VAL A 396 -18.26 33.86 33.91
N GLY A 397 -19.18 34.80 34.04
CA GLY A 397 -20.00 35.05 35.24
C GLY A 397 -19.18 35.19 36.50
N ASP A 398 -19.30 34.26 37.45
CA ASP A 398 -18.64 34.36 38.77
C ASP A 398 -17.32 33.60 38.73
N LYS A 399 -16.95 33.02 37.60
CA LYS A 399 -15.74 32.17 37.51
C LYS A 399 -14.65 32.83 36.63
N LYS A 400 -13.40 32.65 37.05
CA LYS A 400 -12.17 33.13 36.35
C LYS A 400 -11.39 31.90 35.90
N TYR A 401 -11.01 31.84 34.64
CA TYR A 401 -10.23 30.70 34.10
C TYR A 401 -8.92 31.24 33.54
N PHE A 402 -7.89 30.45 33.74
CA PHE A 402 -6.59 30.59 33.08
C PHE A 402 -6.76 30.02 31.69
N ASN A 403 -6.50 30.83 30.66
CA ASN A 403 -6.50 30.42 29.24
C ASN A 403 -5.06 30.22 28.82
N PRO A 404 -4.55 28.97 28.75
CA PRO A 404 -3.19 28.72 28.31
C PRO A 404 -2.93 29.24 26.90
N PHE A 405 -3.95 29.25 26.05
CA PHE A 405 -3.81 29.65 24.63
C PHE A 405 -3.93 31.16 24.46
N ALA A 406 -4.04 31.91 25.54
CA ALA A 406 -3.88 33.37 25.55
C ALA A 406 -2.39 33.68 25.71
N VAL A 407 -1.56 32.68 26.02
CA VAL A 407 -0.08 32.86 26.13
C VAL A 407 0.56 32.50 24.78
N ARG A 408 1.18 33.49 24.16
CA ARG A 408 1.76 33.40 22.81
C ARG A 408 2.72 32.22 22.78
N LYS A 409 3.61 32.13 23.75
CA LYS A 409 4.64 31.07 23.71
C LYS A 409 4.03 29.66 23.84
N VAL A 410 2.90 29.51 24.53
CA VAL A 410 2.19 28.21 24.59
C VAL A 410 1.68 27.83 23.17
N ARG A 411 0.98 28.73 22.52
CA ARG A 411 0.48 28.51 21.13
C ARG A 411 1.67 28.16 20.21
N PHE A 412 2.79 28.91 20.33
CA PHE A 412 3.97 28.74 19.48
C PHE A 412 4.57 27.34 19.73
N ALA A 413 4.63 26.92 20.99
CA ALA A 413 5.22 25.61 21.37
C ALA A 413 4.49 24.49 20.63
N ILE A 414 3.18 24.65 20.47
CA ILE A 414 2.34 23.60 19.87
C ILE A 414 2.74 23.38 18.41
N GLN A 415 3.30 24.42 17.74
CA GLN A 415 3.82 24.26 16.36
C GLN A 415 4.82 23.09 16.34
N TYR A 416 5.59 22.91 17.42
CA TYR A 416 6.66 21.89 17.50
C TYR A 416 6.17 20.63 18.20
N MSE A 417 5.09 20.68 18.99
CA MSE A 417 4.60 19.51 19.74
C MSE A 417 3.89 18.54 18.80
O MSE A 417 4.06 17.33 18.95
CB MSE A 417 3.63 19.97 20.82
CG MSE A 417 3.31 18.90 21.83
SE MSE A 417 4.82 18.56 22.98
CE MSE A 417 4.53 20.27 23.80
N VAL A 418 3.09 19.05 17.87
CA VAL A 418 2.26 18.20 16.97
C VAL A 418 3.20 17.43 16.04
N ASN A 419 2.87 16.17 15.78
CA ASN A 419 3.60 15.31 14.84
C ASN A 419 2.76 15.20 13.57
N ARG A 420 3.02 16.02 12.58
CA ARG A 420 2.16 16.09 11.36
C ARG A 420 2.32 14.78 10.54
N ALA A 421 3.47 14.11 10.59
CA ALA A 421 3.70 12.83 9.91
C ALA A 421 2.73 11.79 10.48
N TYR A 422 2.59 11.78 11.80
CA TYR A 422 1.68 10.83 12.49
C TYR A 422 0.26 11.10 12.01
N ILE A 423 -0.13 12.37 12.03
CA ILE A 423 -1.51 12.75 11.62
C ILE A 423 -1.76 12.30 10.16
N THR A 424 -0.86 12.59 9.25
CA THR A 424 -1.05 12.32 7.81
C THR A 424 -0.94 10.81 7.52
N GLN A 425 0.03 10.11 8.11
CA GLN A 425 0.29 8.68 7.78
C GLN A 425 -0.75 7.80 8.50
N ASN A 426 -1.16 8.14 9.73
CA ASN A 426 -2.08 7.28 10.53
C ASN A 426 -3.53 7.72 10.34
N ILE A 427 -3.87 8.95 10.73
CA ILE A 427 -5.27 9.41 10.75
C ILE A 427 -5.79 9.56 9.32
N PHE A 428 -4.99 10.08 8.37
CA PHE A 428 -5.43 10.19 6.96
C PHE A 428 -4.86 9.05 6.12
N GLN A 429 -4.22 8.04 6.73
CA GLN A 429 -3.75 6.82 6.01
C GLN A 429 -2.98 7.24 4.75
N GLY A 430 -2.11 8.25 4.81
CA GLY A 430 -1.26 8.57 3.64
C GLY A 430 -1.95 9.42 2.55
N SER A 431 -3.19 9.78 2.72
CA SER A 431 -3.95 10.57 1.72
C SER A 431 -3.94 12.07 2.10
N ALA A 432 -2.92 12.51 2.84
CA ALA A 432 -2.74 13.94 3.16
C ALA A 432 -1.24 14.17 3.31
N GLY A 433 -0.80 15.44 3.19
CA GLY A 433 0.63 15.81 3.36
C GLY A 433 0.76 16.83 4.47
N PRO A 434 1.85 16.79 5.26
CA PRO A 434 2.09 17.80 6.28
C PRO A 434 2.08 19.21 5.69
N MSE A 435 1.46 20.14 6.40
CA MSE A 435 1.36 21.56 5.95
C MSE A 435 1.58 22.46 7.16
O MSE A 435 1.12 22.12 8.29
CB MSE A 435 0.01 21.84 5.29
CG MSE A 435 0.02 23.09 4.34
SE MSE A 435 -1.90 23.52 3.96
CE MSE A 435 -2.68 23.52 5.69
N PHE A 436 2.25 23.59 6.91
CA PHE A 436 2.72 24.49 7.99
C PHE A 436 2.18 25.92 7.87
N THR A 437 1.69 26.29 6.70
CA THR A 437 1.20 27.66 6.37
C THR A 437 -0.06 27.48 5.54
N PRO A 438 -0.83 28.55 5.25
CA PRO A 438 -2.02 28.37 4.41
C PRO A 438 -1.84 28.21 2.89
N TRP A 439 -0.68 27.80 2.41
CA TRP A 439 -0.49 27.47 0.98
C TRP A 439 -0.22 25.97 0.90
N THR A 440 -1.03 25.27 0.11
CA THR A 440 -0.82 23.86 -0.23
C THR A 440 0.31 23.72 -1.27
N SER A 441 0.80 22.50 -1.43
CA SER A 441 1.91 22.17 -2.36
C SER A 441 1.47 22.17 -3.79
N THR A 442 0.20 22.45 -4.09
CA THR A 442 -0.27 22.53 -5.50
C THR A 442 -0.62 23.96 -5.84
N GLU A 443 -0.22 24.93 -5.00
CA GLU A 443 -0.43 26.37 -5.28
C GLU A 443 0.89 27.02 -5.69
N THR A 444 0.79 27.98 -6.58
CA THR A 444 1.88 28.87 -7.08
C THR A 444 2.78 29.36 -5.94
N GLY A 445 2.19 29.82 -4.83
CA GLY A 445 2.94 30.47 -3.76
C GLY A 445 3.76 29.55 -2.88
N PHE A 446 3.58 28.24 -3.01
CA PHE A 446 4.13 27.27 -2.05
C PHE A 446 5.63 27.50 -1.82
N GLU A 447 6.41 27.59 -2.88
CA GLU A 447 7.88 27.72 -2.73
C GLU A 447 8.25 29.15 -2.33
N TYR A 448 7.38 30.14 -2.52
CA TYR A 448 7.64 31.54 -2.12
C TYR A 448 7.58 31.63 -0.59
N VAL A 449 6.69 30.90 0.10
CA VAL A 449 6.57 31.01 1.59
C VAL A 449 7.32 29.87 2.29
N ARG A 450 7.82 28.90 1.54
CA ARG A 450 8.58 27.78 2.16
C ARG A 450 9.77 28.24 2.99
N PRO A 451 10.58 29.24 2.56
CA PRO A 451 11.72 29.65 3.40
C PRO A 451 11.31 30.03 4.82
N VAL A 452 10.10 30.57 4.99
CA VAL A 452 9.57 30.91 6.36
C VAL A 452 9.52 29.61 7.19
N VAL A 453 9.05 28.54 6.59
CA VAL A 453 8.91 27.24 7.31
C VAL A 453 10.29 26.78 7.76
N ASP A 454 11.26 26.87 6.87
CA ASP A 454 12.66 26.45 7.16
C ASP A 454 13.31 27.42 8.17
N ALA A 455 12.97 28.72 8.17
CA ALA A 455 13.52 29.68 9.14
C ALA A 455 13.13 29.22 10.57
N PHE A 456 11.94 28.61 10.72
CA PHE A 456 11.43 28.15 12.03
C PHE A 456 11.83 26.69 12.30
N GLY A 457 12.53 26.04 11.37
CA GLY A 457 13.00 24.66 11.54
C GLY A 457 11.84 23.67 11.69
N LEU A 458 10.67 23.98 11.12
CA LEU A 458 9.47 23.14 11.29
C LEU A 458 9.59 21.93 10.38
N THR A 459 9.29 20.73 10.87
CA THR A 459 9.36 19.49 10.07
C THR A 459 8.11 18.66 10.29
N GLU A 460 7.95 17.60 9.52
CA GLU A 460 6.80 16.69 9.65
C GLU A 460 6.86 15.92 10.98
N GLN A 461 8.02 15.66 11.54
CA GLN A 461 8.19 15.06 12.89
C GLN A 461 8.11 16.19 13.94
N SER A 462 7.58 15.89 15.11
CA SER A 462 7.57 16.81 16.27
C SER A 462 8.98 17.01 16.78
N ASP A 463 9.22 18.15 17.41
CA ASP A 463 10.36 18.37 18.32
C ASP A 463 9.82 18.68 19.74
N GLU A 464 9.55 17.64 20.52
CA GLU A 464 8.96 17.77 21.86
C GLU A 464 9.96 18.42 22.83
N ASP A 465 11.28 18.24 22.69
CA ASP A 465 12.23 18.94 23.59
C ASP A 465 12.08 20.45 23.40
N LEU A 466 12.15 20.95 22.17
CA LEU A 466 11.97 22.41 21.92
C LEU A 466 10.56 22.83 22.38
N ALA A 467 9.52 22.09 22.04
CA ALA A 467 8.13 22.47 22.38
C ALA A 467 7.97 22.57 23.91
N MSE A 468 8.48 21.59 24.66
CA MSE A 468 8.45 21.56 26.16
C MSE A 468 9.22 22.75 26.72
O MSE A 468 8.78 23.36 27.68
CB MSE A 468 9.00 20.23 26.71
CG MSE A 468 8.07 19.02 26.62
SE MSE A 468 6.16 19.46 26.99
CE MSE A 468 5.62 17.51 26.88
N LYS A 469 10.37 23.09 26.14
CA LYS A 469 11.22 24.20 26.62
C LYS A 469 10.42 25.50 26.43
N LEU A 470 9.81 25.72 25.26
CA LEU A 470 8.99 26.93 24.97
C LEU A 470 7.73 26.94 25.85
N PHE A 471 7.07 25.81 26.01
CA PHE A 471 5.85 25.68 26.84
C PHE A 471 6.19 26.11 28.26
N GLU A 472 7.21 25.48 28.85
CA GLU A 472 7.63 25.75 30.27
C GLU A 472 8.01 27.24 30.43
N GLU A 473 8.71 27.85 29.48
CA GLU A 473 9.00 29.32 29.57
C GLU A 473 7.67 30.10 29.57
N GLY A 474 6.75 29.75 28.67
CA GLY A 474 5.50 30.51 28.57
C GLY A 474 4.72 30.45 29.87
N MSE A 475 4.61 29.26 30.43
CA MSE A 475 3.82 29.02 31.68
C MSE A 475 4.53 29.71 32.87
O MSE A 475 3.82 30.29 33.72
CB MSE A 475 3.62 27.52 31.88
CG MSE A 475 2.78 26.88 30.76
SE MSE A 475 0.93 27.44 30.83
CE MSE A 475 0.26 26.43 32.34
N GLN A 476 5.86 29.68 32.94
CA GLN A 476 6.62 30.32 34.05
C GLN A 476 6.33 31.81 33.97
N GLU A 477 6.43 32.43 32.78
CA GLU A 477 6.18 33.88 32.61
C GLU A 477 4.74 34.17 33.03
N ALA A 478 3.80 33.33 32.63
CA ALA A 478 2.38 33.52 32.96
C ALA A 478 2.19 33.46 34.48
N ALA A 479 2.75 32.43 35.13
CA ALA A 479 2.62 32.21 36.59
C ALA A 479 3.13 33.45 37.34
N GLN A 480 4.26 34.02 36.90
CA GLN A 480 4.89 35.21 37.56
C GLN A 480 4.01 36.45 37.40
N GLU A 481 3.49 36.69 36.21
CA GLU A 481 2.59 37.86 35.97
C GLU A 481 1.30 37.67 36.78
N LEU A 482 0.79 36.44 36.86
CA LEU A 482 -0.49 36.19 37.56
C LEU A 482 -0.26 36.39 39.06
N ALA A 483 0.91 35.99 39.58
CA ALA A 483 1.29 36.12 41.01
C ALA A 483 1.20 37.60 41.41
N LYS A 484 1.80 38.51 40.63
CA LYS A 484 1.75 39.96 40.88
C LYS A 484 0.28 40.43 40.94
N MSE A 485 -0.66 39.76 40.27
CA MSE A 485 -2.08 40.20 40.30
C MSE A 485 -2.89 39.43 41.38
O MSE A 485 -4.09 39.65 41.46
CB MSE A 485 -2.68 40.03 38.90
CG MSE A 485 -1.80 40.56 37.81
SE MSE A 485 -2.61 40.48 36.01
CE MSE A 485 -4.12 41.72 36.33
N GLY A 486 -2.22 38.61 42.19
CA GLY A 486 -2.89 37.88 43.30
C GLY A 486 -3.47 36.53 42.86
N TYR A 487 -3.10 35.98 41.71
CA TYR A 487 -3.60 34.65 41.26
C TYR A 487 -2.45 33.65 41.30
N GLU A 488 -2.74 32.41 41.66
CA GLU A 488 -1.71 31.34 41.71
C GLU A 488 -1.90 30.37 40.53
N LEU A 489 -0.83 30.23 39.74
CA LEU A 489 -0.77 29.19 38.67
C LEU A 489 0.44 28.31 38.99
N LYS A 490 0.23 27.02 39.29
CA LYS A 490 1.28 26.13 39.81
C LYS A 490 1.12 24.73 39.22
N LYS A 491 2.24 24.09 38.90
CA LYS A 491 2.30 22.65 38.59
C LYS A 491 2.23 21.88 39.92
N GLY A 492 1.18 21.08 40.15
CA GLY A 492 1.05 20.17 41.29
C GLY A 492 2.10 19.06 41.26
N ASP A 493 2.19 18.27 42.35
CA ASP A 493 3.15 17.12 42.42
C ASP A 493 2.68 16.04 41.46
N ASP A 494 1.38 16.05 41.12
CA ASP A 494 0.72 15.11 40.18
C ASP A 494 1.06 15.45 38.71
N GLY A 495 1.90 16.46 38.45
CA GLY A 495 2.27 16.91 37.08
C GLY A 495 1.18 17.73 36.35
N LYS A 496 0.07 18.06 37.01
CA LYS A 496 -1.08 18.82 36.39
C LYS A 496 -1.01 20.30 36.79
N TRP A 497 -1.53 21.20 35.95
CA TRP A 497 -1.58 22.66 36.22
C TRP A 497 -2.83 23.02 37.01
N TYR A 498 -2.66 23.81 38.06
CA TYR A 498 -3.77 24.33 38.90
C TYR A 498 -3.77 25.85 38.81
N PHE A 499 -4.97 26.41 38.71
CA PHE A 499 -5.17 27.86 38.73
C PHE A 499 -6.18 28.12 39.83
N ASN A 500 -5.78 28.90 40.85
CA ASN A 500 -6.60 29.14 42.08
C ASN A 500 -7.08 27.83 42.66
N GLY A 501 -6.18 26.85 42.79
CA GLY A 501 -6.46 25.57 43.46
C GLY A 501 -7.32 24.61 42.64
N GLU A 502 -7.68 24.93 41.40
CA GLU A 502 -8.51 24.04 40.53
C GLU A 502 -7.76 23.69 39.26
N PRO A 503 -7.94 22.46 38.73
CA PRO A 503 -7.29 22.02 37.50
C PRO A 503 -7.64 22.93 36.32
N VAL A 504 -6.64 23.27 35.52
CA VAL A 504 -6.84 23.97 34.23
C VAL A 504 -7.48 23.00 33.23
N LYS A 505 -8.68 23.33 32.76
CA LYS A 505 -9.49 22.48 31.87
C LYS A 505 -9.51 23.13 30.48
N VAL A 506 -9.36 22.31 29.44
CA VAL A 506 -9.56 22.72 28.01
C VAL A 506 -10.44 21.73 27.30
N VAL A 507 -11.25 22.27 26.40
CA VAL A 507 -12.21 21.52 25.54
C VAL A 507 -11.82 21.72 24.09
N GLY A 508 -11.57 20.63 23.38
CA GLY A 508 -11.32 20.58 21.93
C GLY A 508 -12.56 20.15 21.18
N LEU A 509 -12.95 20.89 20.15
CA LEU A 509 -14.05 20.47 19.25
C LEU A 509 -13.44 19.77 18.03
N GLY A 510 -13.85 18.53 17.80
CA GLY A 510 -13.63 17.84 16.52
C GLY A 510 -14.95 17.61 15.80
N ARG A 511 -14.89 16.95 14.65
CA ARG A 511 -16.06 16.86 13.74
C ARG A 511 -16.48 15.41 13.58
N VAL A 512 -17.76 15.12 13.82
CA VAL A 512 -18.31 13.75 13.74
C VAL A 512 -18.24 13.23 12.30
N GLU A 513 -18.22 14.10 11.28
CA GLU A 513 -18.36 13.63 9.88
C GLU A 513 -17.09 12.98 9.34
N ASP A 514 -15.92 13.20 9.92
CA ASP A 514 -14.64 12.81 9.26
C ASP A 514 -13.50 12.61 10.26
N GLU A 515 -12.29 12.48 9.73
CA GLU A 515 -11.06 12.18 10.48
C GLU A 515 -10.72 13.31 11.47
N ARG A 516 -11.39 14.44 11.42
CA ARG A 516 -11.14 15.50 12.42
C ARG A 516 -11.55 15.06 13.82
N LYS A 517 -12.45 14.10 13.99
CA LYS A 517 -12.70 13.53 15.34
C LYS A 517 -11.41 12.91 15.89
N ASP A 518 -10.66 12.20 15.04
CA ASP A 518 -9.39 11.54 15.42
C ASP A 518 -8.31 12.60 15.58
N VAL A 519 -8.39 13.71 14.83
CA VAL A 519 -7.42 14.84 15.02
C VAL A 519 -7.60 15.38 16.42
N ALA A 520 -8.84 15.61 16.82
CA ALA A 520 -9.18 16.23 18.11
C ALA A 520 -8.69 15.25 19.18
N THR A 521 -8.94 13.94 18.99
CA THR A 521 -8.49 12.96 20.00
C THR A 521 -6.98 13.04 20.15
N TYR A 522 -6.27 13.13 19.03
CA TYR A 522 -4.79 13.19 19.00
C TYR A 522 -4.34 14.42 19.83
N ILE A 523 -4.96 15.57 19.56
CA ILE A 523 -4.51 16.82 20.21
C ILE A 523 -4.80 16.70 21.71
N VAL A 524 -5.98 16.18 22.08
CA VAL A 524 -6.35 16.04 23.51
C VAL A 524 -5.36 15.09 24.19
N GLU A 525 -5.15 13.88 23.65
CA GLU A 525 -4.40 12.81 24.38
C GLU A 525 -2.88 13.03 24.29
N GLU A 526 -2.35 13.45 23.14
CA GLU A 526 -0.88 13.45 22.89
C GLU A 526 -0.32 14.86 23.05
N VAL A 527 -1.14 15.91 23.17
CA VAL A 527 -0.60 17.28 23.36
C VAL A 527 -1.15 17.84 24.69
N MSE A 528 -2.46 18.12 24.76
CA MSE A 528 -3.10 18.81 25.91
C MSE A 528 -2.75 18.06 27.20
O MSE A 528 -2.27 18.70 28.17
CB MSE A 528 -4.61 18.86 25.76
CG MSE A 528 -5.17 19.59 24.53
SE MSE A 528 -4.60 21.51 24.52
CE MSE A 528 -2.83 21.53 23.75
N LYS A 529 -3.00 16.75 27.22
CA LYS A 529 -2.81 15.97 28.48
C LYS A 529 -1.31 15.94 28.81
N LYS A 530 -0.44 15.91 27.81
CA LYS A 530 1.02 15.82 28.00
C LYS A 530 1.55 17.14 28.58
N LEU A 531 0.88 18.27 28.30
CA LEU A 531 1.25 19.63 28.81
C LEU A 531 0.71 19.81 30.22
N GLY A 532 0.00 18.84 30.78
CA GLY A 532 -0.49 18.90 32.17
C GLY A 532 -1.87 19.50 32.29
N PHE A 533 -2.67 19.52 31.23
CA PHE A 533 -4.04 20.04 31.31
C PHE A 533 -4.99 18.86 31.40
N ASP A 534 -6.08 19.10 32.12
CA ASP A 534 -7.34 18.32 32.06
C ASP A 534 -7.97 18.65 30.71
N ALA A 535 -8.16 17.66 29.84
CA ALA A 535 -8.58 17.97 28.47
C ALA A 535 -9.61 16.95 28.03
N GLU A 536 -10.50 17.38 27.16
CA GLU A 536 -11.63 16.59 26.67
C GLU A 536 -11.88 16.95 25.19
N ALA A 537 -12.14 15.94 24.35
CA ALA A 537 -12.58 16.14 22.96
C ALA A 537 -14.10 16.03 22.88
N LYS A 538 -14.79 17.09 22.48
CA LYS A 538 -16.25 17.04 22.15
C LYS A 538 -16.37 16.97 20.62
N ILE A 539 -17.08 15.96 20.15
CA ILE A 539 -17.27 15.67 18.72
C ILE A 539 -18.63 16.22 18.29
N VAL A 540 -18.63 17.12 17.31
CA VAL A 540 -19.88 17.81 16.89
C VAL A 540 -19.96 17.81 15.38
N ASP A 541 -21.13 18.14 14.87
CA ASP A 541 -21.35 18.26 13.41
C ASP A 541 -21.11 19.70 12.93
N ARG A 542 -21.15 19.86 11.61
CA ARG A 542 -21.10 21.15 10.88
C ARG A 542 -21.84 22.30 11.60
N ARG A 543 -23.13 22.09 11.86
CA ARG A 543 -24.04 23.15 12.33
C ARG A 543 -23.59 23.60 13.72
N THR A 544 -23.34 22.64 14.62
CA THR A 544 -22.89 22.94 15.99
C THR A 544 -21.54 23.65 15.93
N ALA A 545 -20.58 23.17 15.13
CA ALA A 545 -19.22 23.73 15.09
C ALA A 545 -19.29 25.17 14.58
N SER A 546 -20.03 25.39 13.52
CA SER A 546 -20.29 26.73 12.96
C SER A 546 -20.86 27.66 14.05
N GLY A 547 -21.89 27.22 14.77
CA GLY A 547 -22.62 28.04 15.76
C GLY A 547 -21.76 28.31 16.98
N THR A 548 -20.91 27.36 17.38
CA THR A 548 -20.08 27.51 18.61
C THR A 548 -18.85 28.38 18.28
N VAL A 549 -18.18 28.16 17.14
CA VAL A 549 -16.88 28.81 16.85
C VAL A 549 -17.05 30.08 16.00
N TYR A 550 -17.87 30.08 14.97
CA TYR A 550 -17.82 31.13 13.92
C TYR A 550 -18.87 32.23 14.13
N THR A 551 -20.08 31.89 14.54
CA THR A 551 -21.25 32.82 14.57
C THR A 551 -21.66 33.13 16.03
N SER A 552 -20.80 32.80 17.00
CA SER A 552 -20.94 33.31 18.38
C SER A 552 -19.60 33.67 19.02
N ASP A 553 -19.69 34.56 19.99
CA ASP A 553 -18.59 35.28 20.66
C ASP A 553 -17.78 34.25 21.42
N PRO A 554 -16.46 34.15 21.20
CA PRO A 554 -15.63 33.20 21.94
C PRO A 554 -15.45 33.55 23.44
N SER A 555 -15.90 34.75 23.87
CA SER A 555 -15.89 35.18 25.31
C SER A 555 -16.64 34.19 26.24
N SER A 556 -17.62 33.45 25.73
CA SER A 556 -18.35 32.38 26.47
C SER A 556 -17.40 31.30 26.94
N TYR A 557 -16.30 31.15 26.24
CA TYR A 557 -15.24 30.18 26.59
C TYR A 557 -15.80 28.75 26.58
N GLN A 558 -16.66 28.41 25.62
CA GLN A 558 -17.23 27.05 25.53
C GLN A 558 -16.42 26.15 24.61
N TRP A 559 -15.35 26.66 24.01
CA TRP A 559 -14.36 25.82 23.27
C TRP A 559 -12.97 26.44 23.43
N ASN A 560 -11.93 25.62 23.47
CA ASN A 560 -10.51 26.06 23.61
C ASN A 560 -9.76 25.86 22.30
N PHE A 561 -10.07 24.80 21.55
CA PHE A 561 -9.56 24.62 20.17
C PHE A 561 -10.65 23.98 19.31
N TYR A 562 -10.53 24.15 18.01
CA TYR A 562 -11.41 23.51 17.01
C TYR A 562 -10.58 23.02 15.81
N THR A 563 -10.95 21.84 15.30
CA THR A 563 -10.37 21.20 14.08
C THR A 563 -10.97 21.84 12.84
N GLU A 564 -10.33 22.88 12.33
CA GLU A 564 -10.79 23.62 11.12
C GLU A 564 -10.45 22.82 9.87
N GLY A 565 -11.39 22.83 8.93
CA GLY A 565 -11.15 22.45 7.52
C GLY A 565 -11.52 23.61 6.62
N TRP A 566 -10.70 23.85 5.61
CA TRP A 566 -10.89 24.93 4.63
C TRP A 566 -10.77 24.29 3.24
N VAL A 567 -11.56 24.76 2.28
CA VAL A 567 -11.44 24.34 0.87
C VAL A 567 -11.67 25.55 -0.05
N SER A 568 -10.82 25.70 -1.07
CA SER A 568 -11.01 26.66 -2.19
C SER A 568 -11.96 26.03 -3.21
N SER A 569 -12.93 26.77 -3.70
CA SER A 569 -13.75 26.27 -4.82
C SER A 569 -13.07 26.59 -6.17
N SER A 570 -11.89 27.20 -6.18
CA SER A 570 -11.22 27.62 -7.42
C SER A 570 -9.70 27.64 -7.23
N ASN A 571 -8.99 27.22 -8.26
CA ASN A 571 -7.57 27.57 -8.50
C ASN A 571 -7.42 29.10 -8.38
N VAL A 572 -6.38 29.56 -7.71
CA VAL A 572 -6.03 30.98 -7.50
C VAL A 572 -4.52 31.12 -7.70
N LYS A 573 -4.10 31.84 -8.73
CA LYS A 573 -2.66 32.05 -9.02
C LYS A 573 -2.04 32.94 -7.92
N PHE A 574 -2.67 34.08 -7.61
CA PHE A 574 -2.12 35.06 -6.64
C PHE A 574 -3.18 35.34 -5.57
N SER A 575 -3.12 34.67 -4.42
CA SER A 575 -4.05 34.95 -3.31
C SER A 575 -3.70 36.28 -2.66
N THR A 576 -4.71 37.10 -2.40
CA THR A 576 -4.55 38.36 -1.65
C THR A 576 -5.17 38.22 -0.25
N THR A 577 -5.60 37.02 0.13
CA THR A 577 -6.49 36.79 1.31
C THR A 577 -5.89 35.86 2.36
N ARG A 578 -4.76 35.22 2.11
CA ARG A 578 -4.19 34.22 3.04
C ARG A 578 -3.87 34.92 4.38
N ILE A 579 -3.18 36.04 4.37
CA ILE A 579 -2.80 36.70 5.65
C ILE A 579 -4.06 37.28 6.33
N ILE A 580 -4.93 37.96 5.62
CA ILE A 580 -6.13 38.55 6.27
C ILE A 580 -7.01 37.43 6.81
N GLN A 581 -7.21 36.34 6.05
CA GLN A 581 -8.15 35.29 6.51
C GLN A 581 -7.64 34.58 7.75
N TYR A 582 -6.37 34.15 7.76
CA TYR A 582 -5.88 33.14 8.73
C TYR A 582 -5.13 33.79 9.88
N TYR A 583 -4.46 34.92 9.66
CA TYR A 583 -3.54 35.45 10.70
C TYR A 583 -4.02 36.77 11.28
N SER A 584 -4.73 37.59 10.52
CA SER A 584 -5.16 38.94 10.96
C SER A 584 -6.36 38.79 11.90
N SER A 585 -6.71 39.90 12.53
CA SER A 585 -7.86 40.07 13.45
C SER A 585 -9.10 40.48 12.66
N TYR A 586 -9.04 40.61 11.34
CA TYR A 586 -10.21 41.17 10.59
C TYR A 586 -11.30 40.14 10.36
N TRP A 587 -10.96 38.91 10.00
CA TRP A 587 -11.95 37.92 9.49
C TRP A 587 -12.23 36.88 10.58
N TYR A 588 -11.57 35.73 10.54
CA TYR A 588 -11.80 34.60 11.46
C TYR A 588 -10.76 34.70 12.57
N ALA A 589 -11.11 35.33 13.69
CA ALA A 589 -10.04 35.71 14.65
C ALA A 589 -10.50 35.61 16.10
N PRO A 590 -10.91 34.41 16.56
CA PRO A 590 -10.90 33.18 15.76
C PRO A 590 -12.14 32.93 14.87
N GLY A 591 -13.28 33.50 15.27
CA GLY A 591 -14.56 33.44 14.54
C GLY A 591 -14.92 34.81 13.96
N LEU A 592 -16.14 34.94 13.46
CA LEU A 592 -16.58 36.12 12.70
C LEU A 592 -17.25 37.13 13.61
N VAL A 593 -17.56 36.76 14.85
CA VAL A 593 -18.52 37.50 15.70
C VAL A 593 -17.94 37.74 17.11
N GLY A 594 -18.15 38.96 17.61
CA GLY A 594 -17.81 39.34 18.98
C GLY A 594 -16.33 39.57 19.10
N TRP A 595 -15.75 39.07 20.19
CA TRP A 595 -14.33 39.34 20.52
C TRP A 595 -13.43 38.69 19.47
N LYS A 596 -12.50 39.49 18.98
CA LYS A 596 -11.44 39.03 18.07
C LYS A 596 -10.09 39.49 18.63
N TRP A 597 -9.02 38.89 18.12
CA TRP A 597 -7.65 39.21 18.59
C TRP A 597 -7.11 40.49 17.94
N THR A 598 -7.86 41.58 18.04
CA THR A 598 -7.43 42.94 17.64
C THR A 598 -6.34 43.47 18.56
N PRO A 599 -5.47 44.38 18.08
CA PRO A 599 -4.50 45.05 18.95
C PRO A 599 -5.15 45.80 20.13
N GLU A 600 -6.39 46.24 20.02
CA GLU A 600 -7.12 46.91 21.15
C GLU A 600 -7.43 45.87 22.24
N ASN A 601 -7.69 44.61 21.88
CA ASN A 601 -8.13 43.53 22.80
C ASN A 601 -6.95 42.73 23.35
N THR A 602 -5.79 42.72 22.71
CA THR A 602 -4.73 41.75 23.07
C THR A 602 -3.39 42.26 22.56
N GLN A 603 -2.31 41.84 23.17
CA GLN A 603 -0.98 42.16 22.65
C GLN A 603 -0.69 41.35 21.37
N ARG A 604 -0.16 42.00 20.34
CA ARG A 604 0.06 41.36 19.03
C ARG A 604 1.55 41.36 18.70
N VAL A 605 2.00 40.24 18.15
CA VAL A 605 3.39 40.08 17.67
C VAL A 605 3.71 41.10 16.58
N THR A 606 4.90 41.70 16.65
CA THR A 606 5.40 42.66 15.63
C THR A 606 6.51 42.01 14.82
N MSE A 607 6.77 42.55 13.62
CA MSE A 607 7.82 42.05 12.67
C MSE A 607 9.17 42.01 13.42
O MSE A 607 9.87 41.01 13.32
CB MSE A 607 7.87 42.93 11.42
CG MSE A 607 8.63 42.32 10.19
SE MSE A 607 7.69 40.64 9.78
CE MSE A 607 9.03 39.32 10.32
N GLU A 608 9.52 43.05 14.18
CA GLU A 608 10.82 43.15 14.86
C GLU A 608 11.00 41.95 15.80
N GLU A 609 9.98 41.65 16.59
CA GLU A 609 10.05 40.56 17.58
C GLU A 609 10.33 39.22 16.84
N VAL A 610 9.71 39.00 15.70
CA VAL A 610 9.89 37.74 14.93
C VAL A 610 11.28 37.74 14.32
N LEU A 611 11.71 38.88 13.81
CA LEU A 611 13.05 38.93 13.14
C LEU A 611 14.11 38.63 14.19
N LYS A 612 13.98 39.17 15.40
CA LYS A 612 14.94 38.91 16.51
C LYS A 612 14.90 37.42 16.89
N PHE A 613 13.72 36.80 16.94
CA PHE A 613 13.68 35.36 17.24
C PHE A 613 14.44 34.56 16.16
N LEU A 614 14.16 34.87 14.88
CA LEU A 614 14.69 34.08 13.74
C LEU A 614 16.20 34.31 13.57
N GLY A 615 16.71 35.44 14.07
CA GLY A 615 18.14 35.77 13.95
C GLY A 615 18.88 35.68 15.29
N ASN A 616 18.29 35.07 16.32
CA ASN A 616 18.94 34.90 17.64
C ASN A 616 19.42 36.28 18.12
N GLY A 617 18.59 37.32 18.03
CA GLY A 617 18.89 38.68 18.47
C GLY A 617 19.31 39.61 17.33
N ASP A 618 19.82 39.07 16.22
CA ASP A 618 20.29 39.92 15.08
C ASP A 618 19.19 40.03 14.02
N ILE A 619 18.75 41.26 13.72
CA ILE A 619 17.64 41.54 12.80
C ILE A 619 18.02 41.07 11.38
N GLN A 620 19.22 41.37 10.96
CA GLN A 620 19.70 41.04 9.61
C GLN A 620 19.70 39.52 9.43
N ALA A 621 20.24 38.77 10.38
CA ALA A 621 20.28 37.30 10.33
C ALA A 621 18.83 36.78 10.20
N GLY A 622 17.87 37.39 10.91
CA GLY A 622 16.45 37.02 10.79
C GLY A 622 15.91 37.26 9.41
N LEU A 623 16.19 38.43 8.84
CA LEU A 623 15.73 38.74 7.45
C LEU A 623 16.34 37.73 6.48
N ASP A 624 17.61 37.39 6.67
CA ASP A 624 18.32 36.46 5.75
C ASP A 624 17.57 35.12 5.74
N SER A 625 16.96 34.72 6.86
CA SER A 625 16.32 33.39 7.00
C SER A 625 15.07 33.32 6.12
N LEU A 626 14.50 34.46 5.72
CA LEU A 626 13.15 34.49 5.12
C LEU A 626 13.16 34.56 3.58
N GLY A 627 14.33 34.56 2.93
CA GLY A 627 14.42 34.51 1.46
C GLY A 627 13.72 35.69 0.79
N LEU A 628 13.87 36.91 1.33
CA LEU A 628 13.13 38.10 0.86
C LEU A 628 13.78 38.68 -0.39
N SER A 629 12.97 39.24 -1.27
CA SER A 629 13.36 39.78 -2.60
C SER A 629 13.62 41.27 -2.50
N TYR A 630 12.84 42.00 -1.72
CA TYR A 630 12.96 43.48 -1.61
C TYR A 630 13.35 43.87 -0.18
N TYR A 631 12.58 43.45 0.84
CA TYR A 631 12.78 43.85 2.25
C TYR A 631 13.85 43.00 2.91
N ASN A 632 15.06 42.99 2.36
CA ASN A 632 16.10 41.99 2.75
C ASN A 632 17.28 42.65 3.48
N THR A 633 17.18 43.94 3.82
CA THR A 633 18.20 44.65 4.64
C THR A 633 17.51 45.34 5.82
N VAL A 634 18.25 45.48 6.92
CA VAL A 634 17.86 46.28 8.11
C VAL A 634 17.36 47.64 7.62
N ASP A 635 18.07 48.29 6.70
CA ASP A 635 17.70 49.64 6.21
C ASP A 635 16.34 49.57 5.50
N LYS A 636 16.06 48.57 4.67
CA LYS A 636 14.77 48.49 3.94
C LYS A 636 13.60 48.07 4.86
N ILE A 637 13.84 47.29 5.92
CA ILE A 637 12.73 46.73 6.77
C ILE A 637 12.22 47.83 7.73
N GLN A 638 13.00 48.91 7.96
CA GLN A 638 12.74 49.90 9.04
C GLN A 638 11.26 50.25 9.15
N PRO A 639 10.55 50.67 8.09
CA PRO A 639 9.16 51.08 8.25
C PRO A 639 8.18 49.94 8.65
N LEU A 640 8.61 48.70 8.55
CA LEU A 640 7.74 47.53 8.81
C LEU A 640 7.98 46.98 10.22
N LEU A 641 8.97 47.51 10.96
CA LEU A 641 9.44 46.83 12.21
C LEU A 641 8.31 46.68 13.22
N ASN A 642 7.41 47.64 13.28
CA ASN A 642 6.27 47.68 14.23
C ASN A 642 4.99 47.09 13.60
N TRP A 643 5.01 46.61 12.36
CA TRP A 643 3.80 45.98 11.77
C TRP A 643 3.42 44.71 12.54
N THR A 644 2.13 44.46 12.64
CA THR A 644 1.53 43.18 13.07
C THR A 644 1.06 42.46 11.82
N ALA A 645 0.61 41.23 11.96
CA ALA A 645 -0.02 40.50 10.85
C ALA A 645 -1.16 41.33 10.26
N ASP A 646 -1.80 42.21 11.03
CA ASP A 646 -2.93 43.03 10.52
C ASP A 646 -2.41 43.97 9.42
N ASP A 647 -1.27 44.60 9.63
CA ASP A 647 -0.69 45.53 8.62
C ASP A 647 -0.38 44.73 7.34
N PHE A 648 0.25 43.56 7.46
CA PHE A 648 0.59 42.74 6.27
C PHE A 648 -0.69 42.30 5.54
N ALA A 649 -1.67 41.91 6.33
CA ALA A 649 -2.99 41.48 5.83
C ALA A 649 -3.52 42.60 4.92
N LEU A 650 -3.51 43.81 5.46
CA LEU A 650 -4.18 44.96 4.82
C LEU A 650 -3.39 45.38 3.57
N VAL A 651 -2.07 45.42 3.61
CA VAL A 651 -1.31 45.90 2.43
C VAL A 651 -1.54 44.90 1.28
N ILE A 652 -1.63 43.61 1.59
CA ILE A 652 -1.82 42.57 0.52
C ILE A 652 -3.24 42.70 -0.03
N TYR A 653 -4.24 42.80 0.86
CA TYR A 653 -5.67 42.73 0.52
C TYR A 653 -6.13 44.02 -0.17
N SER A 654 -5.79 45.16 0.40
CA SER A 654 -6.30 46.48 -0.06
C SER A 654 -5.29 47.12 -1.02
N GLY A 655 -4.01 46.85 -0.90
CA GLY A 655 -2.96 47.38 -1.78
C GLY A 655 -2.04 48.36 -1.07
N GLU A 656 -2.42 48.79 0.13
CA GLU A 656 -1.69 49.83 0.88
C GLU A 656 -2.00 49.73 2.37
N ALA A 657 -1.02 50.03 3.23
CA ALA A 657 -1.22 50.10 4.69
C ALA A 657 -0.17 51.00 5.25
N ASN A 658 -0.58 51.92 6.15
CA ASN A 658 0.32 52.89 6.81
C ASN A 658 1.20 53.60 5.79
N GLY A 659 0.64 53.97 4.62
CA GLY A 659 1.41 54.69 3.58
C GLY A 659 2.39 53.81 2.80
N VAL A 660 2.47 52.50 3.08
CA VAL A 660 3.34 51.55 2.32
C VAL A 660 2.51 50.92 1.20
N LYS A 661 3.04 50.98 -0.01
CA LYS A 661 2.30 50.54 -1.20
C LYS A 661 2.85 49.21 -1.69
N MSE A 662 1.95 48.33 -2.09
CA MSE A 662 2.31 47.08 -2.78
C MSE A 662 2.43 47.39 -4.27
O MSE A 662 1.46 47.22 -5.02
CB MSE A 662 1.27 45.99 -2.50
CG MSE A 662 1.70 44.63 -3.04
SE MSE A 662 0.34 43.27 -2.75
CE MSE A 662 -1.34 43.95 -3.41
N ASP A 663 3.60 47.86 -4.70
CA ASP A 663 3.77 48.40 -6.07
C ASP A 663 4.76 47.56 -6.84
N SER A 664 5.13 46.36 -6.37
CA SER A 664 5.91 45.38 -7.15
C SER A 664 5.52 43.95 -6.71
N GLU A 665 5.76 43.00 -7.59
CA GLU A 665 5.54 41.59 -7.31
C GLU A 665 6.52 41.16 -6.21
N ASP A 666 7.77 41.62 -6.25
CA ASP A 666 8.70 41.33 -5.14
C ASP A 666 8.07 41.68 -3.79
N LYS A 667 7.38 42.82 -3.73
CA LYS A 667 6.81 43.26 -2.44
C LYS A 667 5.62 42.36 -2.06
N TYR A 668 4.78 42.00 -3.02
CA TYR A 668 3.64 41.09 -2.77
C TYR A 668 4.16 39.81 -2.09
N TRP A 669 5.19 39.18 -2.65
CA TRP A 669 5.73 37.93 -2.09
C TRP A 669 6.37 38.21 -0.73
N ASP A 670 7.12 39.29 -0.59
CA ASP A 670 7.74 39.59 0.73
C ASP A 670 6.63 39.79 1.78
N PHE A 671 5.54 40.47 1.45
CA PHE A 671 4.46 40.76 2.42
C PHE A 671 3.85 39.43 2.90
N ASN A 672 3.69 38.46 2.01
CA ASN A 672 3.18 37.11 2.33
C ASN A 672 4.21 36.40 3.20
N ARG A 673 5.48 36.50 2.86
CA ARG A 673 6.53 35.83 3.65
C ARG A 673 6.55 36.40 5.07
N LEU A 674 6.58 37.73 5.20
CA LEU A 674 6.75 38.44 6.50
C LEU A 674 5.47 38.22 7.31
N GLY A 675 4.32 38.32 6.65
CA GLY A 675 3.01 38.04 7.27
C GLY A 675 2.95 36.63 7.82
N THR A 676 3.44 35.67 7.06
CA THR A 676 3.42 34.25 7.47
C THR A 676 4.40 34.05 8.62
N ALA A 677 5.56 34.69 8.61
CA ALA A 677 6.52 34.54 9.72
C ALA A 677 5.83 34.98 11.02
N ILE A 678 5.10 36.11 10.99
CA ILE A 678 4.38 36.54 12.21
C ILE A 678 3.33 35.48 12.55
N GLY A 679 2.61 35.03 11.56
CA GLY A 679 1.48 34.11 11.79
C GLY A 679 1.95 32.82 12.46
N ILE A 680 3.08 32.28 12.04
CA ILE A 680 3.64 31.06 12.68
C ILE A 680 4.02 31.38 14.13
N TYR A 681 4.71 32.48 14.36
CA TYR A 681 5.26 32.86 15.69
C TYR A 681 4.10 33.10 16.67
N GLU A 682 3.03 33.71 16.15
CA GLU A 682 1.88 34.13 16.97
C GLU A 682 1.01 32.91 17.28
N GLY A 683 0.93 31.96 16.33
CA GLY A 683 0.41 30.62 16.59
C GLY A 683 -1.10 30.56 16.89
N TYR A 684 -1.90 31.52 16.43
CA TYR A 684 -3.38 31.47 16.59
C TYR A 684 -3.98 30.28 15.84
N ARG A 685 -3.36 29.88 14.73
CA ARG A 685 -3.71 28.64 13.99
C ARG A 685 -2.45 27.79 13.88
N THR A 686 -2.60 26.49 14.13
CA THR A 686 -1.54 25.48 13.90
C THR A 686 -1.96 24.71 12.64
N PHE A 687 -1.40 25.05 11.49
CA PHE A 687 -1.63 24.32 10.24
C PHE A 687 -1.07 22.91 10.41
N LEU A 688 -1.81 21.93 9.87
CA LEU A 688 -1.44 20.51 10.05
C LEU A 688 -1.20 19.81 8.73
N TYR A 689 -2.15 19.88 7.78
CA TYR A 689 -2.15 18.95 6.63
C TYR A 689 -2.88 19.59 5.47
N GLU A 690 -2.50 19.16 4.27
CA GLU A 690 -3.30 19.38 3.03
C GLU A 690 -3.92 18.04 2.63
N ASN A 691 -5.18 18.05 2.22
CA ASN A 691 -5.88 16.79 1.87
C ASN A 691 -5.78 16.49 0.38
N TRP A 692 -5.49 15.21 0.07
CA TRP A 692 -5.44 14.68 -1.31
C TRP A 692 -6.64 13.75 -1.48
N GLU A 693 -7.66 14.22 -2.17
CA GLU A 693 -8.97 13.56 -2.23
C GLU A 693 -9.42 13.48 -3.68
N PHE A 694 -10.57 12.84 -3.88
CA PHE A 694 -11.10 12.51 -5.23
C PHE A 694 -12.61 12.67 -5.25
N TYR A 695 -13.10 13.39 -6.26
CA TYR A 695 -14.49 13.37 -6.72
C TYR A 695 -14.67 12.16 -7.64
N ALA A 696 -15.87 11.61 -7.70
CA ALA A 696 -16.25 10.53 -8.62
C ALA A 696 -17.46 11.00 -9.41
N ALA A 697 -17.47 10.70 -10.69
CA ALA A 697 -18.67 10.87 -11.53
C ALA A 697 -18.80 9.70 -12.49
N SER A 698 -20.02 9.45 -12.91
CA SER A 698 -20.34 8.43 -13.93
C SER A 698 -19.37 8.56 -15.13
N LYS A 699 -18.95 7.42 -15.62
CA LYS A 699 -18.16 7.33 -16.88
C LYS A 699 -18.98 7.89 -18.04
N ASP A 700 -20.31 8.04 -17.91
CA ASP A 700 -21.18 8.45 -19.04
C ASP A 700 -21.37 9.98 -19.01
N ILE A 701 -20.63 10.68 -18.18
CA ILE A 701 -20.66 12.17 -18.11
C ILE A 701 -19.28 12.71 -18.44
N GLU A 702 -19.22 13.65 -19.39
CA GLU A 702 -17.99 14.37 -19.78
C GLU A 702 -18.01 15.73 -19.10
N ILE A 703 -16.91 16.06 -18.43
CA ILE A 703 -16.77 17.35 -17.72
C ILE A 703 -15.59 18.05 -18.39
N LYS A 704 -15.87 19.02 -19.25
CA LYS A 704 -14.81 19.69 -20.05
C LYS A 704 -13.93 20.58 -19.16
N LEU A 705 -14.55 21.30 -18.22
CA LEU A 705 -13.85 22.30 -17.35
C LEU A 705 -13.69 21.71 -15.95
N VAL A 706 -12.51 21.17 -15.68
CA VAL A 706 -12.17 20.54 -14.40
C VAL A 706 -11.09 21.42 -13.78
N ASP A 707 -11.38 22.00 -12.63
CA ASP A 707 -10.35 22.78 -11.92
C ASP A 707 -9.26 21.81 -11.47
N PRO A 708 -8.00 22.10 -11.83
CA PRO A 708 -6.90 21.18 -11.57
C PRO A 708 -6.66 20.97 -10.07
N VAL A 709 -7.07 21.90 -9.20
CA VAL A 709 -6.87 21.73 -7.73
C VAL A 709 -8.20 21.66 -6.97
N ALA A 710 -9.25 22.34 -7.41
CA ALA A 710 -10.55 22.35 -6.69
C ALA A 710 -11.48 21.24 -7.22
N GLY A 711 -11.16 20.64 -8.36
CA GLY A 711 -12.04 19.62 -8.95
C GLY A 711 -13.47 20.13 -9.14
N LEU A 712 -14.48 19.34 -8.72
CA LEU A 712 -15.89 19.58 -9.07
C LEU A 712 -16.47 20.61 -8.10
N ALA A 713 -15.73 21.10 -7.10
CA ALA A 713 -16.21 22.22 -6.24
C ALA A 713 -16.36 23.49 -7.08
N SER A 714 -15.57 23.59 -8.14
CA SER A 714 -15.67 24.67 -9.16
C SER A 714 -16.95 24.50 -9.98
N ASP A 715 -17.82 25.52 -9.97
CA ASP A 715 -19.10 25.52 -10.72
C ASP A 715 -18.86 25.33 -12.22
N TRP A 716 -17.67 25.67 -12.72
CA TRP A 716 -17.33 25.41 -14.14
C TRP A 716 -17.49 23.92 -14.49
N ALA A 717 -17.24 23.02 -13.55
CA ALA A 717 -17.38 21.58 -13.83
C ALA A 717 -18.84 21.26 -14.22
N ILE A 718 -19.78 21.55 -13.35
CA ILE A 718 -21.20 21.18 -13.61
C ILE A 718 -21.79 22.07 -14.72
N ARG A 719 -21.38 23.32 -14.83
CA ARG A 719 -21.76 24.11 -16.01
C ARG A 719 -21.36 23.41 -17.31
N SER A 720 -20.22 22.71 -17.31
CA SER A 720 -19.61 22.09 -18.52
C SER A 720 -19.96 20.61 -18.65
N ALA A 721 -20.73 20.02 -17.72
CA ALA A 721 -20.99 18.56 -17.71
C ALA A 721 -22.03 18.19 -18.77
N ARG A 722 -21.84 17.06 -19.44
CA ARG A 722 -22.83 16.61 -20.46
C ARG A 722 -22.68 15.11 -20.72
N PRO A 723 -23.75 14.45 -21.22
CA PRO A 723 -23.70 13.03 -21.53
C PRO A 723 -22.58 12.74 -22.52
N VAL A 724 -21.85 11.66 -22.29
CA VAL A 724 -20.96 11.05 -23.30
C VAL A 724 -21.83 10.55 -24.44
N VAL A 725 -21.36 10.78 -25.65
CA VAL A 725 -21.96 10.22 -26.88
C VAL A 725 -20.93 9.23 -27.43
N GLU A 726 -21.34 7.99 -27.61
CA GLU A 726 -20.42 6.89 -27.96
C GLU A 726 -21.23 5.81 -28.69
N HIS A 727 -20.67 5.14 -29.70
CA HIS A 727 -21.34 4.04 -30.47
C HIS A 727 -20.40 2.81 -30.54
N HIS A 728 -19.83 2.40 -29.40
CA HIS A 728 -18.81 1.32 -29.32
C HIS A 728 -19.50 -0.04 -29.13
N SER B 5 7.75 -6.11 41.07
CA SER B 5 7.75 -6.23 39.56
C SER B 5 6.31 -6.13 39.06
N VAL B 6 6.08 -5.22 38.13
CA VAL B 6 4.72 -4.79 37.70
C VAL B 6 4.64 -4.91 36.17
N LEU B 7 3.65 -5.62 35.68
CA LEU B 7 3.35 -5.68 34.24
C LEU B 7 2.10 -4.85 33.99
N LYS B 8 2.20 -3.86 33.10
CA LYS B 8 1.06 -2.98 32.79
C LYS B 8 0.50 -3.37 31.42
N THR B 9 -0.75 -3.75 31.39
CA THR B 9 -1.42 -4.28 30.18
C THR B 9 -2.63 -3.40 29.83
N VAL B 10 -2.95 -3.39 28.55
CA VAL B 10 -4.11 -2.69 27.98
C VAL B 10 -5.05 -3.70 27.35
N ILE B 11 -6.31 -3.64 27.71
CA ILE B 11 -7.37 -4.34 26.96
C ILE B 11 -8.25 -3.26 26.34
N TYR B 12 -8.53 -3.39 25.06
CA TYR B 12 -9.39 -2.44 24.32
C TYR B 12 -10.79 -2.57 24.90
N SER B 13 -11.37 -1.44 25.33
CA SER B 13 -12.68 -1.42 26.02
C SER B 13 -13.65 -0.55 25.26
N SER B 14 -14.92 -0.67 25.61
CA SER B 14 -15.90 0.37 25.25
C SER B 14 -15.76 1.49 26.29
N SER B 15 -16.45 2.58 26.04
CA SER B 15 -16.52 3.76 26.92
C SER B 15 -16.96 3.31 28.31
N GLY B 16 -17.98 2.40 28.45
CA GLY B 16 -18.51 2.02 29.77
C GLY B 16 -18.20 0.60 30.19
N ALA B 17 -17.57 -0.27 29.39
CA ALA B 17 -17.50 -1.72 29.71
C ALA B 17 -16.19 -2.33 29.23
N LEU B 18 -15.45 -2.90 30.17
CA LEU B 18 -14.27 -3.74 29.85
C LEU B 18 -14.76 -5.13 29.40
N PHE B 19 -15.71 -5.71 30.10
CA PHE B 19 -16.08 -7.13 29.87
C PHE B 19 -17.34 -7.17 29.00
N MSE B 20 -17.50 -8.25 28.26
CA MSE B 20 -18.73 -8.52 27.50
C MSE B 20 -19.43 -9.75 28.10
O MSE B 20 -20.40 -10.16 27.57
CB MSE B 20 -18.37 -8.72 26.04
CG MSE B 20 -19.52 -8.91 25.09
SE MSE B 20 -18.90 -9.01 23.23
CE MSE B 20 -20.60 -9.35 22.38
N GLY B 21 -18.93 -10.31 29.19
CA GLY B 21 -19.58 -11.48 29.80
C GLY B 21 -19.35 -11.39 31.30
N VAL B 22 -19.53 -12.51 32.00
CA VAL B 22 -19.51 -12.53 33.48
C VAL B 22 -18.55 -13.60 33.95
N TRP B 23 -18.10 -13.47 35.19
CA TRP B 23 -17.25 -14.44 35.90
C TRP B 23 -18.14 -15.41 36.69
N ASN B 24 -18.46 -16.59 36.15
CA ASN B 24 -19.18 -17.63 36.90
C ASN B 24 -18.79 -19.00 36.34
N PRO B 25 -18.86 -20.06 37.17
CA PRO B 25 -18.36 -21.39 36.77
C PRO B 25 -19.33 -22.21 35.90
N SER B 26 -20.49 -21.64 35.53
CA SER B 26 -21.40 -22.37 34.63
C SER B 26 -20.81 -22.36 33.22
N SER B 27 -21.48 -23.02 32.28
CA SER B 27 -21.10 -22.96 30.85
C SER B 27 -21.41 -21.57 30.26
N SER B 28 -22.24 -20.75 30.91
CA SER B 28 -22.56 -19.37 30.47
C SER B 28 -21.52 -18.36 31.00
N GLY B 29 -20.56 -18.80 31.81
CA GLY B 29 -19.50 -17.89 32.29
C GLY B 29 -18.39 -17.68 31.26
N TYR B 30 -17.73 -16.52 31.26
CA TYR B 30 -16.49 -16.29 30.46
C TYR B 30 -16.81 -16.52 28.97
N SER B 31 -17.95 -16.07 28.50
CA SER B 31 -18.41 -16.21 27.09
C SER B 31 -17.55 -15.39 26.13
N ASP B 32 -16.98 -14.30 26.66
CA ASP B 32 -16.27 -13.25 25.91
C ASP B 32 -14.75 -13.40 26.11
N THR B 33 -14.01 -12.87 25.15
CA THR B 33 -12.53 -12.86 25.09
C THR B 33 -11.99 -11.88 26.15
N TYR B 34 -12.74 -10.85 26.54
CA TYR B 34 -12.20 -9.81 27.47
C TYR B 34 -12.04 -10.38 28.86
N SER B 35 -13.12 -10.94 29.42
CA SER B 35 -13.05 -11.63 30.73
C SER B 35 -12.13 -12.84 30.62
N ARG B 36 -12.21 -13.60 29.53
CA ARG B 36 -11.46 -14.89 29.43
C ARG B 36 -9.94 -14.67 29.49
N ARG B 37 -9.45 -13.62 28.84
CA ARG B 37 -8.03 -13.27 28.80
C ARG B 37 -7.48 -13.21 30.23
N ILE B 38 -8.19 -12.49 31.12
CA ILE B 38 -7.75 -12.31 32.53
C ILE B 38 -7.97 -13.62 33.28
N ALA B 39 -9.17 -14.22 33.15
CA ALA B 39 -9.59 -15.42 33.90
C ALA B 39 -8.63 -16.58 33.62
N ASP B 40 -8.06 -16.64 32.41
CA ASP B 40 -7.13 -17.74 32.05
C ASP B 40 -5.79 -17.62 32.83
N LEU B 41 -5.55 -16.53 33.55
CA LEU B 41 -4.40 -16.35 34.47
C LEU B 41 -4.81 -16.61 35.91
N VAL B 42 -6.11 -16.59 36.21
CA VAL B 42 -6.66 -16.73 37.60
C VAL B 42 -7.06 -18.19 37.87
N PHE B 43 -7.36 -18.93 36.79
CA PHE B 43 -7.78 -20.33 36.83
C PHE B 43 -6.83 -21.16 35.98
N ASP B 44 -6.52 -22.35 36.49
CA ASP B 44 -5.75 -23.37 35.76
C ASP B 44 -6.67 -24.50 35.32
N SER B 45 -6.48 -24.98 34.10
CA SER B 45 -7.10 -26.23 33.61
C SER B 45 -6.27 -27.43 34.05
N GLY B 46 -6.88 -28.60 34.07
CA GLY B 46 -6.18 -29.85 34.38
C GLY B 46 -5.29 -30.27 33.24
N ILE B 47 -5.84 -30.23 32.02
CA ILE B 47 -5.14 -30.65 30.78
C ILE B 47 -5.39 -29.59 29.72
N PRO B 48 -4.72 -28.42 29.84
CA PRO B 48 -4.95 -27.30 28.92
C PRO B 48 -4.39 -27.54 27.51
N TYR B 49 -5.01 -26.90 26.53
CA TYR B 49 -4.48 -26.83 25.16
C TYR B 49 -3.16 -26.06 25.22
N GLY B 50 -2.20 -26.51 24.45
CA GLY B 50 -0.91 -25.83 24.28
C GLY B 50 -0.90 -25.01 22.99
N ILE B 51 0.22 -24.35 22.73
CA ILE B 51 0.38 -23.48 21.56
C ILE B 51 0.52 -24.35 20.32
N ASP B 52 0.72 -25.65 20.48
CA ASP B 52 0.76 -26.60 19.33
C ASP B 52 -0.64 -27.11 18.99
N GLY B 53 -1.69 -26.73 19.73
CA GLY B 53 -3.07 -27.02 19.29
C GLY B 53 -3.64 -28.33 19.83
N VAL B 54 -2.95 -29.00 20.75
CA VAL B 54 -3.46 -30.23 21.42
C VAL B 54 -3.43 -30.04 22.94
N PRO B 55 -4.18 -30.87 23.71
CA PRO B 55 -4.08 -30.87 25.15
C PRO B 55 -2.72 -31.41 25.64
N HIS B 56 -2.28 -30.87 26.77
CA HIS B 56 -1.00 -31.20 27.46
C HIS B 56 -1.32 -31.40 28.94
N PRO B 57 -0.63 -32.37 29.59
CA PRO B 57 -0.80 -32.57 31.01
C PRO B 57 -0.35 -31.32 31.77
N TYR B 58 -0.98 -31.06 32.88
CA TYR B 58 -0.63 -29.89 33.72
C TYR B 58 -0.91 -30.23 35.18
N HIS B 59 -2.10 -29.93 35.70
CA HIS B 59 -2.54 -30.38 37.03
C HIS B 59 -2.91 -31.86 36.95
N CYS B 60 -3.23 -32.37 35.78
CA CYS B 60 -3.75 -33.74 35.55
C CYS B 60 -2.91 -34.43 34.46
N HIS B 61 -2.85 -35.74 34.49
CA HIS B 61 -2.26 -36.58 33.42
C HIS B 61 -2.94 -37.94 33.39
N VAL B 62 -2.93 -38.55 32.21
CA VAL B 62 -3.53 -39.86 31.93
C VAL B 62 -2.51 -40.90 32.38
N VAL B 63 -2.85 -41.71 33.35
CA VAL B 63 -2.02 -42.82 33.92
C VAL B 63 -2.33 -44.09 33.11
N ASP B 64 -3.57 -44.28 32.68
CA ASP B 64 -4.00 -45.51 31.96
C ASP B 64 -5.18 -45.16 31.08
N TYR B 65 -5.26 -45.85 29.95
CA TYR B 65 -6.33 -45.72 28.93
C TYR B 65 -6.61 -47.09 28.32
N LYS B 66 -7.87 -47.52 28.34
CA LYS B 66 -8.34 -48.75 27.63
C LYS B 66 -9.68 -48.43 26.96
N SER B 67 -9.97 -49.11 25.87
CA SER B 67 -11.28 -49.00 25.19
C SER B 67 -12.14 -50.27 25.40
N ASP B 68 -13.44 -50.07 25.39
CA ASP B 68 -14.46 -51.14 25.37
C ASP B 68 -14.32 -51.93 26.66
N VAL B 69 -14.59 -51.27 27.77
CA VAL B 69 -14.49 -51.94 29.09
C VAL B 69 -15.81 -51.75 29.82
N THR B 70 -16.15 -52.82 30.54
CA THR B 70 -17.37 -52.93 31.36
C THR B 70 -17.28 -51.88 32.47
N VAL B 71 -18.37 -51.17 32.68
CA VAL B 71 -18.47 -50.19 33.79
C VAL B 71 -18.67 -50.98 35.07
N PRO B 72 -17.79 -50.78 36.07
CA PRO B 72 -17.92 -51.49 37.36
C PRO B 72 -19.02 -50.84 38.21
N GLU B 73 -19.32 -51.47 39.35
CA GLU B 73 -20.48 -51.10 40.16
C GLU B 73 -20.11 -50.07 41.21
N ASP B 74 -18.86 -49.64 41.26
CA ASP B 74 -18.43 -48.52 42.16
C ASP B 74 -18.06 -47.30 41.31
N ALA B 75 -18.40 -47.30 40.01
CA ALA B 75 -18.30 -46.08 39.15
C ALA B 75 -19.67 -45.40 39.08
N VAL B 76 -19.76 -44.18 39.59
CA VAL B 76 -21.06 -43.54 39.87
C VAL B 76 -21.26 -42.29 39.00
N ILE B 77 -22.53 -41.95 38.86
CA ILE B 77 -23.01 -40.65 38.31
C ILE B 77 -23.89 -40.05 39.38
N PHE B 78 -24.14 -38.76 39.28
CA PHE B 78 -25.03 -38.07 40.25
C PHE B 78 -26.46 -38.12 39.74
N ASN B 79 -27.37 -38.67 40.53
CA ASN B 79 -28.82 -38.74 40.24
C ASN B 79 -29.49 -37.52 40.87
N SER B 80 -30.02 -36.63 40.03
CA SER B 80 -30.51 -35.28 40.44
C SER B 80 -31.90 -35.37 41.11
N THR B 81 -32.62 -36.46 40.89
CA THR B 81 -33.93 -36.78 41.50
C THR B 81 -33.75 -37.07 43.00
N THR B 82 -32.86 -38.00 43.34
CA THR B 82 -32.60 -38.50 44.72
C THR B 82 -31.45 -37.74 45.39
N ASP B 83 -30.73 -36.86 44.67
CA ASP B 83 -29.51 -36.18 45.15
C ASP B 83 -28.52 -37.20 45.76
N THR B 84 -28.27 -38.31 45.07
CA THR B 84 -27.34 -39.37 45.53
C THR B 84 -26.49 -39.86 44.35
N TRP B 85 -25.30 -40.40 44.66
CA TRP B 85 -24.41 -41.10 43.72
C TRP B 85 -24.98 -42.49 43.47
N VAL B 86 -25.20 -42.88 42.22
CA VAL B 86 -25.68 -44.25 41.86
C VAL B 86 -24.86 -44.77 40.68
N ALA B 87 -24.57 -46.07 40.70
CA ALA B 87 -23.86 -46.75 39.60
C ALA B 87 -24.86 -47.07 38.49
N ALA B 88 -25.52 -46.04 37.97
CA ALA B 88 -26.63 -46.15 36.99
C ALA B 88 -26.22 -46.89 35.71
N HIS B 89 -24.94 -46.96 35.38
CA HIS B 89 -24.51 -47.56 34.09
C HIS B 89 -23.65 -48.81 34.31
N ALA B 90 -23.60 -49.37 35.52
CA ALA B 90 -22.83 -50.60 35.81
C ALA B 90 -23.24 -51.68 34.81
N GLY B 91 -22.27 -52.36 34.21
CA GLY B 91 -22.49 -53.49 33.29
C GLY B 91 -22.52 -53.06 31.84
N GLU B 92 -22.75 -51.78 31.54
CA GLU B 92 -22.65 -51.27 30.15
C GLU B 92 -21.17 -51.33 29.72
N THR B 93 -20.94 -51.34 28.42
CA THR B 93 -19.60 -51.15 27.82
C THR B 93 -19.34 -49.65 27.65
N ALA B 94 -18.25 -49.15 28.26
CA ALA B 94 -17.73 -47.79 28.05
C ALA B 94 -16.75 -47.86 26.88
N LYS B 95 -16.96 -47.00 25.88
CA LYS B 95 -16.03 -46.88 24.75
C LYS B 95 -14.64 -46.54 25.31
N THR B 96 -14.59 -45.74 26.39
CA THR B 96 -13.33 -45.23 26.98
C THR B 96 -13.33 -45.42 28.50
N TYR B 97 -12.22 -45.96 28.99
CA TYR B 97 -11.82 -45.97 30.42
C TYR B 97 -10.52 -45.20 30.48
N ALA B 98 -10.39 -44.35 31.49
CA ALA B 98 -9.15 -43.59 31.75
C ALA B 98 -8.92 -43.44 33.25
N ARG B 99 -7.70 -43.74 33.67
CA ARG B 99 -7.27 -43.38 35.02
C ARG B 99 -6.53 -42.06 34.92
N ILE B 100 -6.96 -41.08 35.69
CA ILE B 100 -6.33 -39.74 35.66
C ILE B 100 -5.88 -39.38 37.07
N GLU B 101 -4.65 -38.94 37.20
CA GLU B 101 -4.01 -38.47 38.44
C GLU B 101 -3.93 -36.94 38.39
N CYS B 102 -4.24 -36.29 39.51
CA CYS B 102 -4.29 -34.82 39.67
C CYS B 102 -3.39 -34.42 40.82
N ASP B 103 -2.88 -33.19 40.82
CA ASP B 103 -2.24 -32.59 42.03
C ASP B 103 -3.33 -31.81 42.74
N ARG B 104 -2.98 -31.13 43.82
CA ARG B 104 -3.93 -30.40 44.66
C ARG B 104 -3.43 -29.00 44.89
N PRO B 105 -3.70 -28.05 43.98
CA PRO B 105 -3.26 -26.66 44.19
C PRO B 105 -4.09 -26.02 45.31
N TYR B 106 -3.61 -24.91 45.84
CA TYR B 106 -4.37 -24.07 46.81
C TYR B 106 -5.28 -23.11 46.05
N PHE B 107 -6.50 -22.96 46.54
CA PHE B 107 -7.39 -21.85 46.18
C PHE B 107 -6.83 -20.53 46.74
N HIS B 108 -7.21 -19.41 46.15
CA HIS B 108 -6.71 -18.07 46.49
C HIS B 108 -7.05 -17.67 47.94
N ASP B 109 -8.10 -18.22 48.55
CA ASP B 109 -8.46 -17.89 49.96
C ASP B 109 -7.47 -18.59 50.92
N GLY B 110 -6.78 -19.63 50.45
CA GLY B 110 -5.71 -20.30 51.22
C GLY B 110 -5.98 -21.78 51.44
N HIS B 111 -7.16 -22.33 51.20
CA HIS B 111 -7.39 -23.78 51.51
C HIS B 111 -7.06 -24.61 50.27
N LYS B 112 -6.73 -25.87 50.47
CA LYS B 112 -6.28 -26.79 49.41
C LYS B 112 -7.47 -27.38 48.63
N LEU B 113 -7.37 -27.44 47.31
CA LEU B 113 -8.39 -28.11 46.45
C LEU B 113 -8.46 -29.59 46.85
N SER B 114 -9.64 -30.21 46.78
CA SER B 114 -9.83 -31.64 47.15
C SER B 114 -10.79 -32.34 46.18
N ALA B 115 -10.92 -33.66 46.34
CA ALA B 115 -11.84 -34.48 45.54
C ALA B 115 -13.29 -33.98 45.70
N ALA B 116 -13.63 -33.34 46.81
CA ALA B 116 -14.97 -32.79 47.03
C ALA B 116 -15.27 -31.69 46.01
N ASP B 117 -14.26 -30.90 45.66
CA ASP B 117 -14.43 -29.81 44.65
C ASP B 117 -14.76 -30.43 43.29
N VAL B 118 -14.07 -31.50 42.93
CA VAL B 118 -14.29 -32.18 41.63
C VAL B 118 -15.69 -32.80 41.62
N MSE B 119 -16.06 -33.56 42.67
CA MSE B 119 -17.34 -34.31 42.67
C MSE B 119 -18.48 -33.29 42.73
O MSE B 119 -19.54 -33.53 42.11
CB MSE B 119 -17.36 -35.37 43.78
CG MSE B 119 -16.24 -36.36 43.73
SE MSE B 119 -16.35 -37.36 42.05
CE MSE B 119 -17.91 -38.51 42.28
N TYR B 120 -18.30 -32.15 43.41
CA TYR B 120 -19.33 -31.10 43.44
C TYR B 120 -19.56 -30.60 41.98
N SER B 121 -18.46 -30.31 41.31
CA SER B 121 -18.44 -29.79 39.93
C SER B 121 -19.30 -30.70 39.03
N LEU B 122 -19.12 -32.01 39.14
CA LEU B 122 -19.85 -33.00 38.30
C LEU B 122 -21.31 -33.08 38.74
N ALA B 123 -21.56 -33.16 40.04
CA ALA B 123 -22.94 -33.17 40.58
C ALA B 123 -23.66 -31.90 40.13
N TRP B 124 -22.98 -30.77 40.20
CA TRP B 124 -23.58 -29.47 39.77
C TRP B 124 -24.05 -29.62 38.32
N SER B 125 -23.20 -30.15 37.44
CA SER B 125 -23.55 -30.28 36.00
C SER B 125 -24.72 -31.26 35.85
N TRP B 126 -24.71 -32.40 36.55
CA TRP B 126 -25.81 -33.40 36.43
C TRP B 126 -27.12 -32.80 36.95
N GLU B 127 -27.04 -31.94 37.97
CA GLU B 127 -28.22 -31.33 38.62
C GLU B 127 -28.79 -30.25 37.70
N TRP B 128 -27.97 -29.30 37.27
CA TRP B 128 -28.50 -28.10 36.57
C TRP B 128 -28.82 -28.37 35.09
N THR B 129 -28.39 -29.49 34.51
CA THR B 129 -28.72 -29.85 33.11
C THR B 129 -30.07 -30.58 33.03
N THR B 130 -30.63 -30.98 34.17
CA THR B 130 -31.85 -31.83 34.27
C THR B 130 -32.96 -31.04 35.00
N GLN B 131 -34.13 -30.94 34.38
CA GLN B 131 -35.32 -30.31 35.01
C GLN B 131 -36.09 -31.40 35.76
N ASP B 132 -35.88 -31.52 37.08
CA ASP B 132 -36.37 -32.61 37.95
C ASP B 132 -37.70 -32.16 38.53
N GLY B 133 -38.76 -32.32 37.75
CA GLY B 133 -40.09 -31.85 38.13
C GLY B 133 -40.33 -30.53 37.44
N ASP B 134 -41.62 -30.23 37.24
CA ASP B 134 -42.13 -29.13 36.39
C ASP B 134 -41.51 -27.79 36.82
N ASP B 135 -41.26 -27.58 38.11
CA ASP B 135 -40.89 -26.22 38.61
C ASP B 135 -39.45 -26.20 39.12
N ASP B 136 -38.60 -27.18 38.72
CA ASP B 136 -37.26 -27.41 39.34
C ASP B 136 -36.48 -26.10 39.36
N PRO B 137 -36.20 -25.54 40.55
CA PRO B 137 -35.41 -24.32 40.67
C PRO B 137 -33.90 -24.57 40.45
N TYR B 138 -33.42 -25.81 40.59
CA TYR B 138 -32.04 -26.22 40.24
C TYR B 138 -31.96 -26.68 38.77
N TYR B 139 -32.33 -25.79 37.84
CA TYR B 139 -32.30 -26.08 36.40
C TYR B 139 -31.99 -24.78 35.63
N ASP B 140 -31.16 -24.87 34.61
CA ASP B 140 -30.88 -23.72 33.71
C ASP B 140 -30.95 -24.27 32.29
N ALA B 141 -31.90 -23.79 31.49
CA ALA B 141 -32.15 -24.31 30.12
C ALA B 141 -30.88 -24.10 29.28
N SER B 142 -30.14 -22.99 29.44
CA SER B 142 -28.86 -22.79 28.70
C SER B 142 -27.84 -23.86 29.08
N GLU B 143 -27.71 -24.17 30.37
CA GLU B 143 -26.75 -25.20 30.83
C GLU B 143 -27.11 -26.52 30.19
N ALA B 144 -28.39 -26.89 30.15
CA ALA B 144 -28.86 -28.17 29.54
C ALA B 144 -28.46 -28.19 28.05
N ASP B 145 -28.64 -27.08 27.35
CA ASP B 145 -28.24 -26.97 25.92
C ASP B 145 -26.69 -27.04 25.79
N TRP B 146 -25.95 -26.31 26.61
CA TRP B 146 -24.47 -26.32 26.58
C TRP B 146 -23.92 -27.75 26.79
N SER B 147 -24.34 -28.39 27.89
CA SER B 147 -23.65 -29.51 28.58
C SER B 147 -24.46 -30.81 28.64
N GLY B 148 -25.76 -30.76 28.38
CA GLY B 148 -26.64 -31.94 28.45
C GLY B 148 -26.02 -33.15 27.79
N GLU B 149 -25.67 -33.01 26.51
CA GLU B 149 -25.23 -34.16 25.67
C GLU B 149 -23.82 -34.60 26.09
N TYR B 150 -22.99 -33.66 26.54
CA TYR B 150 -21.66 -33.95 27.12
C TYR B 150 -21.84 -34.86 28.36
N MSE B 151 -22.67 -34.42 29.30
CA MSE B 151 -22.95 -35.20 30.53
C MSE B 151 -23.51 -36.60 30.18
O MSE B 151 -23.09 -37.58 30.83
CB MSE B 151 -23.88 -34.41 31.47
CG MSE B 151 -23.30 -33.05 31.96
SE MSE B 151 -21.51 -33.22 32.73
CE MSE B 151 -21.89 -34.35 34.32
N ASN B 152 -24.34 -36.72 29.15
CA ASN B 152 -24.93 -38.04 28.77
C ASN B 152 -23.83 -39.03 28.32
N THR B 153 -22.66 -38.55 27.91
CA THR B 153 -21.56 -39.41 27.41
C THR B 153 -20.86 -40.03 28.63
N ILE B 154 -21.04 -39.47 29.83
CA ILE B 154 -20.28 -39.87 31.04
C ILE B 154 -20.99 -41.06 31.70
N LEU B 155 -20.35 -42.22 31.69
CA LEU B 155 -21.03 -43.43 32.23
C LEU B 155 -20.74 -43.59 33.72
N GLY B 156 -19.60 -43.11 34.23
CA GLY B 156 -19.32 -43.20 35.67
C GLY B 156 -17.96 -42.69 36.07
N ILE B 157 -17.84 -42.27 37.32
CA ILE B 157 -16.54 -41.84 37.89
C ILE B 157 -16.34 -42.48 39.25
N LYS B 158 -15.10 -42.75 39.62
CA LYS B 158 -14.76 -43.30 40.93
C LYS B 158 -13.52 -42.60 41.46
N LEU B 159 -13.57 -42.09 42.68
CA LEU B 159 -12.34 -41.63 43.36
C LEU B 159 -11.56 -42.88 43.79
N VAL B 160 -10.42 -43.14 43.18
CA VAL B 160 -9.60 -44.33 43.49
C VAL B 160 -8.77 -44.05 44.74
N GLU B 161 -8.38 -42.81 44.99
CA GLU B 161 -7.41 -42.46 46.05
C GLU B 161 -7.26 -40.95 46.10
N GLN B 162 -7.08 -40.41 47.31
CA GLN B 162 -6.69 -39.02 47.56
C GLN B 162 -5.62 -39.05 48.67
N THR B 163 -4.45 -38.45 48.41
CA THR B 163 -3.37 -38.22 49.39
C THR B 163 -3.28 -36.72 49.64
N ASP B 164 -2.31 -36.25 50.41
CA ASP B 164 -2.15 -34.81 50.68
C ASP B 164 -1.91 -34.03 49.38
N ASP B 165 -1.26 -34.60 48.39
CA ASP B 165 -0.81 -33.80 47.20
C ASP B 165 -1.31 -34.46 45.89
N ARG B 166 -2.12 -35.54 45.95
CA ARG B 166 -2.58 -36.23 44.72
C ARG B 166 -4.05 -36.64 44.88
N MSE B 167 -4.74 -36.76 43.74
CA MSE B 167 -6.07 -37.41 43.62
C MSE B 167 -5.98 -38.33 42.41
O MSE B 167 -5.24 -37.99 41.46
CB MSE B 167 -7.19 -36.39 43.43
CG MSE B 167 -7.19 -35.26 44.46
SE MSE B 167 -8.59 -33.94 44.07
CE MSE B 167 -7.98 -33.26 42.30
N VAL B 168 -6.65 -39.47 42.46
CA VAL B 168 -6.67 -40.46 41.35
C VAL B 168 -8.12 -40.78 41.07
N PHE B 169 -8.55 -40.66 39.83
CA PHE B 169 -9.94 -40.93 39.40
C PHE B 169 -9.93 -41.96 38.27
N ASP B 170 -10.88 -42.87 38.34
CA ASP B 170 -11.24 -43.73 37.18
C ASP B 170 -12.47 -43.11 36.53
N VAL B 171 -12.41 -42.94 35.22
CA VAL B 171 -13.50 -42.32 34.43
C VAL B 171 -13.92 -43.29 33.33
N TYR B 172 -15.22 -43.43 33.13
CA TYR B 172 -15.86 -44.27 32.07
C TYR B 172 -16.75 -43.34 31.26
N HIS B 173 -16.54 -43.29 29.95
CA HIS B 173 -17.38 -42.44 29.06
C HIS B 173 -17.38 -43.03 27.65
N ASN B 174 -18.25 -42.51 26.79
CA ASN B 174 -18.52 -43.07 25.44
C ASN B 174 -17.93 -42.16 24.37
N HIS B 175 -16.95 -41.31 24.69
CA HIS B 175 -16.27 -40.50 23.65
C HIS B 175 -15.04 -41.22 23.12
N TYR B 176 -14.97 -41.38 21.82
CA TYR B 176 -13.77 -41.85 21.11
C TYR B 176 -13.45 -40.80 20.04
N PHE B 177 -12.33 -40.10 20.17
CA PHE B 177 -11.86 -39.13 19.14
C PHE B 177 -10.75 -39.81 18.35
N PRO B 178 -10.99 -40.16 17.06
CA PRO B 178 -10.15 -41.11 16.35
C PRO B 178 -8.74 -40.60 16.04
N ALA B 179 -8.46 -39.30 16.02
CA ALA B 179 -7.13 -38.80 15.62
C ALA B 179 -6.28 -38.40 16.85
N SER B 180 -6.73 -38.63 18.08
CA SER B 180 -5.93 -38.23 19.29
C SER B 180 -6.33 -39.08 20.50
N GLU B 181 -5.36 -39.81 21.03
CA GLU B 181 -5.53 -40.56 22.29
C GLU B 181 -5.82 -39.59 23.45
N ILE B 182 -5.07 -38.52 23.63
CA ILE B 182 -5.27 -37.66 24.82
C ILE B 182 -6.67 -37.02 24.74
N MSE B 183 -7.11 -36.61 23.57
CA MSE B 183 -8.48 -36.04 23.43
C MSE B 183 -9.55 -37.07 23.80
O MSE B 183 -10.62 -36.68 24.23
CB MSE B 183 -8.72 -35.51 22.01
CG MSE B 183 -7.94 -34.21 21.75
SE MSE B 183 -8.21 -33.62 19.92
CE MSE B 183 -10.16 -33.23 20.05
N THR B 184 -9.27 -38.36 23.57
CA THR B 184 -10.18 -39.47 23.94
C THR B 184 -10.09 -39.68 25.47
N ALA B 185 -8.88 -39.88 26.01
CA ALA B 185 -8.67 -40.29 27.41
C ALA B 185 -9.04 -39.17 28.36
N ALA B 186 -8.86 -37.92 27.93
CA ALA B 186 -9.01 -36.70 28.75
C ALA B 186 -10.27 -35.93 28.34
N TYR B 187 -11.23 -36.58 27.68
CA TYR B 187 -12.52 -35.94 27.31
C TYR B 187 -13.22 -35.43 28.57
N VAL B 188 -13.12 -36.17 29.66
CA VAL B 188 -13.63 -35.73 30.98
C VAL B 188 -12.42 -35.56 31.88
N VAL B 189 -12.20 -34.34 32.33
CA VAL B 189 -11.02 -33.97 33.16
C VAL B 189 -11.55 -33.78 34.57
N PRO B 190 -11.16 -34.66 35.53
CA PRO B 190 -11.69 -34.62 36.89
C PRO B 190 -10.99 -33.51 37.66
N PHE B 191 -11.38 -32.27 37.41
CA PHE B 191 -10.70 -31.06 37.94
C PHE B 191 -11.64 -29.87 37.80
N THR B 192 -11.36 -28.80 38.52
CA THR B 192 -12.26 -27.64 38.58
C THR B 192 -11.41 -26.48 39.08
N GLY B 193 -11.93 -25.26 38.96
CA GLY B 193 -11.22 -24.05 39.40
C GLY B 193 -11.91 -23.35 40.56
N THR B 194 -13.06 -23.85 41.00
CA THR B 194 -13.93 -23.14 41.96
C THR B 194 -14.12 -23.99 43.20
N PRO B 195 -13.91 -23.43 44.40
CA PRO B 195 -14.20 -24.15 45.64
C PRO B 195 -15.68 -24.47 45.81
N TRP B 196 -16.02 -25.70 46.20
CA TRP B 196 -17.42 -26.19 46.18
C TRP B 196 -18.28 -25.32 47.11
N GLN B 197 -17.72 -24.80 48.19
CA GLN B 197 -18.52 -24.04 49.19
C GLN B 197 -19.05 -22.78 48.51
N LEU B 198 -18.21 -22.14 47.68
CA LEU B 198 -18.57 -20.89 46.97
C LEU B 198 -19.60 -21.26 45.88
N TRP B 199 -19.35 -22.33 45.14
CA TRP B 199 -20.26 -22.76 44.04
C TRP B 199 -21.63 -23.18 44.65
N TYR B 200 -21.61 -23.88 45.78
CA TYR B 200 -22.82 -24.23 46.58
C TYR B 200 -23.60 -22.96 46.90
N ALA B 201 -22.93 -21.94 47.44
CA ALA B 201 -23.58 -20.65 47.76
C ALA B 201 -24.17 -20.02 46.48
N MSE B 202 -23.41 -20.02 45.38
CA MSE B 202 -23.91 -19.45 44.11
C MSE B 202 -25.12 -20.25 43.63
O MSE B 202 -26.08 -19.62 43.20
CB MSE B 202 -22.79 -19.42 43.06
CG MSE B 202 -21.69 -18.48 43.40
SE MSE B 202 -20.24 -18.38 42.05
CE MSE B 202 -21.15 -17.49 40.60
N SER B 203 -25.09 -21.59 43.67
CA SER B 203 -26.23 -22.46 43.27
C SER B 203 -27.48 -22.10 44.08
N GLU B 204 -27.32 -21.96 45.39
CA GLU B 204 -28.45 -21.69 46.30
C GLU B 204 -28.96 -20.28 46.00
N LEU B 205 -28.06 -19.34 45.72
CA LEU B 205 -28.48 -17.96 45.41
C LEU B 205 -29.29 -17.98 44.10
N VAL B 206 -28.79 -18.65 43.05
CA VAL B 206 -29.48 -18.61 41.73
C VAL B 206 -30.82 -19.36 41.85
N ALA B 207 -30.83 -20.49 42.55
CA ALA B 207 -32.02 -21.35 42.64
C ALA B 207 -33.17 -20.61 43.32
N HIS B 208 -32.88 -19.86 44.39
CA HIS B 208 -33.94 -19.34 45.31
C HIS B 208 -34.13 -17.84 45.17
N ASN B 209 -33.32 -17.15 44.39
CA ASN B 209 -33.48 -15.68 44.18
C ASN B 209 -33.75 -15.42 42.69
N PRO B 210 -34.95 -14.99 42.32
CA PRO B 210 -35.32 -14.79 40.91
C PRO B 210 -34.51 -13.66 40.25
N LYS B 211 -33.86 -12.80 41.06
CA LYS B 211 -33.06 -11.66 40.56
C LYS B 211 -31.75 -12.16 39.93
N TYR B 212 -31.32 -13.39 40.18
CA TYR B 212 -30.03 -13.93 39.66
C TYR B 212 -30.21 -15.18 38.78
N SER B 213 -29.48 -15.22 37.66
CA SER B 213 -29.45 -16.34 36.71
C SER B 213 -28.02 -16.72 36.34
N TRP B 214 -27.75 -18.00 36.11
CA TRP B 214 -26.46 -18.42 35.53
C TRP B 214 -26.27 -17.77 34.14
N SER B 215 -27.34 -17.63 33.37
CA SER B 215 -27.29 -17.53 31.89
C SER B 215 -27.98 -16.25 31.36
N GLU B 216 -28.98 -15.77 32.07
CA GLU B 216 -29.96 -14.79 31.53
C GLU B 216 -29.70 -13.40 32.12
N SER B 217 -29.86 -12.37 31.31
CA SER B 217 -29.83 -10.95 31.73
C SER B 217 -30.96 -10.22 31.02
N SER B 218 -32.02 -9.94 31.78
CA SER B 218 -33.19 -9.13 31.39
C SER B 218 -33.32 -7.94 32.35
N GLU B 219 -34.44 -7.23 32.38
CA GLU B 219 -34.51 -5.97 33.15
C GLU B 219 -34.71 -6.32 34.63
N ASP B 220 -35.25 -7.49 34.94
CA ASP B 220 -35.48 -7.91 36.35
C ASP B 220 -34.41 -8.92 36.80
N VAL B 221 -33.61 -9.42 35.86
CA VAL B 221 -32.73 -10.60 36.12
C VAL B 221 -31.29 -10.26 35.74
N GLU B 222 -30.34 -10.44 36.66
CA GLU B 222 -28.90 -10.17 36.42
C GLU B 222 -28.18 -11.50 36.32
N GLN B 223 -27.35 -11.64 35.29
CA GLN B 223 -26.49 -12.84 35.13
C GLN B 223 -25.42 -12.84 36.22
N LEU B 224 -25.37 -13.88 37.04
CA LEU B 224 -24.48 -13.91 38.23
C LEU B 224 -23.02 -13.70 37.77
N ASP B 225 -22.35 -12.77 38.45
CA ASP B 225 -21.02 -12.25 38.09
C ASP B 225 -20.18 -12.11 39.35
N GLN B 226 -19.20 -13.01 39.51
CA GLN B 226 -18.33 -13.05 40.70
C GLN B 226 -17.49 -11.79 40.83
N ILE B 227 -17.25 -11.03 39.74
CA ILE B 227 -16.39 -9.82 39.88
C ILE B 227 -17.25 -8.60 40.26
N ASN B 228 -18.56 -8.73 40.13
CA ASN B 228 -19.52 -7.66 40.46
C ASN B 228 -19.61 -7.55 41.99
N PRO B 229 -19.26 -6.39 42.59
CA PRO B 229 -19.17 -6.33 44.06
C PRO B 229 -20.55 -6.58 44.71
N SER B 230 -21.62 -6.17 44.03
CA SER B 230 -23.00 -6.38 44.55
C SER B 230 -23.32 -7.87 44.54
N HIS B 231 -23.02 -8.55 43.44
CA HIS B 231 -23.23 -10.00 43.31
C HIS B 231 -22.43 -10.70 44.41
N ALA B 232 -21.21 -10.22 44.67
CA ALA B 232 -20.30 -10.80 45.68
C ALA B 232 -20.97 -10.74 47.07
N GLN B 233 -21.58 -9.61 47.42
CA GLN B 233 -22.29 -9.38 48.72
C GLN B 233 -23.43 -10.40 48.84
N ALA B 234 -24.21 -10.62 47.79
CA ALA B 234 -25.36 -11.54 47.81
C ALA B 234 -24.82 -12.97 47.96
N ILE B 235 -23.71 -13.30 47.29
CA ILE B 235 -23.10 -14.65 47.37
C ILE B 235 -22.58 -14.85 48.81
N LYS B 236 -21.93 -13.85 49.38
CA LYS B 236 -21.33 -13.92 50.74
C LYS B 236 -22.43 -14.15 51.79
N GLU B 237 -23.53 -13.42 51.70
CA GLU B 237 -24.71 -13.64 52.57
C GLU B 237 -25.17 -15.09 52.47
N LYS B 238 -25.30 -15.63 51.26
CA LYS B 238 -25.77 -17.01 51.08
C LYS B 238 -24.73 -17.96 51.67
N LEU B 239 -23.44 -17.68 51.44
CA LEU B 239 -22.34 -18.53 51.93
C LEU B 239 -22.46 -18.65 53.47
N LEU B 240 -22.57 -17.52 54.17
CA LEU B 240 -22.59 -17.48 55.66
C LEU B 240 -23.89 -18.07 56.20
N GLU B 241 -24.99 -17.95 55.46
CA GLU B 241 -26.28 -18.60 55.82
C GLU B 241 -26.11 -20.13 55.78
N LEU B 242 -25.60 -20.69 54.68
CA LEU B 242 -25.40 -22.15 54.50
C LEU B 242 -24.39 -22.68 55.53
N LYS B 243 -23.38 -21.90 55.91
CA LYS B 243 -22.38 -22.39 56.90
C LYS B 243 -23.13 -22.83 58.18
N GLN B 244 -24.15 -22.05 58.59
CA GLN B 244 -24.99 -22.26 59.80
C GLN B 244 -26.05 -23.32 59.51
N SER B 245 -26.82 -23.24 58.44
CA SER B 245 -28.00 -24.11 58.23
C SER B 245 -27.60 -25.49 57.67
N LYS B 246 -26.64 -25.58 56.74
CA LYS B 246 -26.30 -26.86 56.05
C LYS B 246 -24.94 -26.72 55.38
N PRO B 247 -23.84 -26.74 56.17
CA PRO B 247 -22.50 -26.48 55.64
C PRO B 247 -22.05 -27.55 54.66
N ILE B 248 -22.44 -28.80 54.91
CA ILE B 248 -21.98 -29.96 54.10
C ILE B 248 -23.20 -30.65 53.52
N PRO B 249 -23.41 -30.55 52.20
CA PRO B 249 -24.46 -31.31 51.52
C PRO B 249 -24.22 -32.81 51.67
N GLU B 250 -25.29 -33.57 51.86
CA GLU B 250 -25.25 -35.01 52.23
C GLU B 250 -24.46 -35.74 51.16
N PHE B 251 -24.72 -35.43 49.89
CA PHE B 251 -24.15 -36.19 48.77
C PHE B 251 -22.61 -36.01 48.72
N LEU B 252 -22.07 -35.01 49.41
CA LEU B 252 -20.62 -34.70 49.32
C LEU B 252 -19.87 -35.34 50.50
N LYS B 253 -20.58 -35.76 51.54
CA LYS B 253 -19.99 -36.30 52.80
C LYS B 253 -19.05 -37.46 52.51
N PRO B 254 -19.37 -38.44 51.64
CA PRO B 254 -18.41 -39.49 51.30
C PRO B 254 -17.06 -38.99 50.74
N TYR B 255 -16.98 -37.75 50.24
CA TYR B 255 -15.77 -37.24 49.52
C TYR B 255 -15.05 -36.17 50.36
N ILE B 256 -15.46 -35.94 51.60
CA ILE B 256 -14.78 -34.92 52.45
C ILE B 256 -13.84 -35.63 53.43
N GLU B 257 -12.53 -35.39 53.35
CA GLU B 257 -11.51 -35.83 54.33
C GLU B 257 -11.92 -35.36 55.74
N ASP B 258 -12.22 -34.07 55.94
CA ASP B 258 -12.30 -33.41 57.27
C ASP B 258 -13.43 -32.36 57.27
N GLU B 259 -14.52 -32.64 57.97
CA GLU B 259 -15.75 -31.79 58.03
C GLU B 259 -15.47 -30.48 58.76
N ASN B 260 -14.57 -30.47 59.75
CA ASN B 260 -14.14 -29.22 60.46
C ASN B 260 -13.40 -28.32 59.46
N ALA B 261 -12.43 -28.84 58.70
CA ALA B 261 -11.65 -28.09 57.68
C ALA B 261 -12.59 -27.54 56.60
N ALA B 262 -13.50 -28.37 56.10
CA ALA B 262 -14.51 -28.02 55.08
C ALA B 262 -15.36 -26.87 55.60
N THR B 263 -15.72 -26.89 56.90
CA THR B 263 -16.58 -25.85 57.52
C THR B 263 -15.76 -24.56 57.70
N ALA B 264 -14.50 -24.68 58.09
CA ALA B 264 -13.57 -23.54 58.31
C ALA B 264 -13.30 -22.83 56.99
N ALA B 265 -13.26 -23.56 55.86
CA ALA B 265 -13.07 -22.98 54.51
C ALA B 265 -14.14 -21.90 54.24
N TYR B 266 -15.36 -22.01 54.79
CA TYR B 266 -16.40 -20.96 54.64
C TYR B 266 -15.85 -19.61 55.15
N ASP B 267 -15.09 -19.62 56.25
CA ASP B 267 -14.54 -18.36 56.88
C ASP B 267 -13.36 -17.85 56.07
N SER B 268 -12.49 -18.75 55.62
CA SER B 268 -11.36 -18.47 54.73
C SER B 268 -11.88 -17.73 53.47
N ILE B 269 -12.90 -18.29 52.81
CA ILE B 269 -13.55 -17.77 51.58
C ILE B 269 -14.12 -16.39 51.88
N ALA B 270 -14.91 -16.27 52.94
CA ALA B 270 -15.58 -14.98 53.32
C ALA B 270 -14.53 -13.90 53.59
N LYS B 271 -13.44 -14.25 54.28
CA LYS B 271 -12.38 -13.28 54.64
C LYS B 271 -11.72 -12.75 53.35
N PHE B 272 -11.45 -13.63 52.38
CA PHE B 272 -10.89 -13.22 51.06
C PHE B 272 -11.86 -12.25 50.36
N MSE B 273 -13.15 -12.59 50.33
CA MSE B 273 -14.20 -11.77 49.66
C MSE B 273 -14.25 -10.40 50.35
O MSE B 273 -14.41 -9.41 49.65
CB MSE B 273 -15.56 -12.51 49.69
CG MSE B 273 -15.53 -13.84 49.00
SE MSE B 273 -17.29 -14.76 48.92
CE MSE B 273 -18.37 -13.37 48.13
N ASP B 274 -14.11 -10.35 51.66
CA ASP B 274 -14.14 -9.08 52.44
C ASP B 274 -12.93 -8.24 52.03
N GLU B 275 -11.75 -8.84 51.96
CA GLU B 275 -10.49 -8.10 51.67
C GLU B 275 -10.53 -7.60 50.23
N HIS B 276 -11.19 -8.26 49.29
CA HIS B 276 -11.00 -7.94 47.85
C HIS B 276 -12.27 -7.36 47.22
N ASN B 277 -13.42 -7.44 47.90
CA ASN B 277 -14.70 -6.83 47.44
C ASN B 277 -15.16 -7.52 46.13
N HIS B 278 -14.96 -8.82 46.03
CA HIS B 278 -15.45 -9.63 44.89
C HIS B 278 -15.53 -11.09 45.34
N ALA B 279 -15.99 -11.95 44.46
CA ALA B 279 -16.22 -13.39 44.73
C ALA B 279 -15.36 -14.28 43.85
N VAL B 280 -14.33 -13.70 43.20
CA VAL B 280 -13.48 -14.47 42.26
C VAL B 280 -12.41 -15.18 43.07
N ILE B 281 -12.58 -16.48 43.25
CA ILE B 281 -11.58 -17.39 43.87
C ILE B 281 -11.23 -18.50 42.89
N GLY B 282 -9.98 -18.56 42.52
CA GLY B 282 -9.42 -19.57 41.61
C GLY B 282 -8.28 -20.32 42.24
N GLN B 283 -7.57 -21.11 41.43
CA GLN B 283 -6.40 -21.89 41.85
C GLN B 283 -5.26 -21.67 40.85
N GLY B 284 -5.37 -20.63 40.05
CA GLY B 284 -4.30 -20.24 39.11
C GLY B 284 -3.21 -19.38 39.74
N PRO B 285 -2.20 -18.99 38.94
CA PRO B 285 -1.03 -18.27 39.44
C PRO B 285 -1.33 -16.84 39.91
N TYR B 286 -2.43 -16.24 39.46
CA TYR B 286 -2.82 -14.85 39.84
C TYR B 286 -4.17 -14.90 40.56
N TYR B 287 -4.29 -14.16 41.65
CA TYR B 287 -5.59 -13.83 42.28
C TYR B 287 -6.01 -12.43 41.84
N VAL B 288 -7.32 -12.20 41.78
CA VAL B 288 -7.89 -10.86 41.46
C VAL B 288 -7.78 -10.05 42.73
N ASP B 289 -6.94 -9.03 42.68
CA ASP B 289 -6.66 -8.21 43.85
C ASP B 289 -7.76 -7.17 43.99
N GLU B 290 -8.10 -6.49 42.88
CA GLU B 290 -9.05 -5.38 42.93
C GLU B 290 -9.65 -5.17 41.55
N TYR B 291 -10.94 -4.86 41.51
CA TYR B 291 -11.64 -4.42 40.29
C TYR B 291 -12.23 -3.05 40.58
N GLN B 292 -11.91 -2.10 39.71
CA GLN B 292 -12.46 -0.73 39.71
C GLN B 292 -13.24 -0.56 38.40
N PRO B 293 -14.53 -0.92 38.40
CA PRO B 293 -15.37 -0.81 37.21
C PRO B 293 -15.41 0.64 36.71
N GLU B 294 -15.47 1.62 37.61
CA GLU B 294 -15.59 3.05 37.25
C GLU B 294 -14.31 3.45 36.49
N ASN B 295 -13.19 2.75 36.64
CA ASN B 295 -11.93 3.15 35.95
C ASN B 295 -11.56 2.15 34.84
N LEU B 296 -12.39 1.17 34.57
CA LEU B 296 -12.09 0.06 33.61
C LEU B 296 -10.73 -0.54 33.97
N PHE B 297 -10.50 -0.79 35.26
CA PHE B 297 -9.18 -1.21 35.78
C PHE B 297 -9.31 -2.51 36.57
N VAL B 298 -8.36 -3.42 36.37
CA VAL B 298 -8.21 -4.65 37.20
C VAL B 298 -6.75 -4.79 37.62
N ARG B 299 -6.54 -5.21 38.86
CA ARG B 299 -5.21 -5.59 39.37
C ARG B 299 -5.28 -7.06 39.75
N ILE B 300 -4.36 -7.85 39.20
CA ILE B 300 -4.18 -9.24 39.67
C ILE B 300 -2.75 -9.36 40.19
N LYS B 301 -2.53 -10.26 41.13
CA LYS B 301 -1.24 -10.41 41.85
C LYS B 301 -0.88 -11.89 41.91
N LYS B 302 0.42 -12.18 41.88
CA LYS B 302 0.92 -13.56 41.90
C LYS B 302 0.52 -14.17 43.26
N PHE B 303 -0.08 -15.35 43.24
CA PHE B 303 -0.45 -16.11 44.45
C PHE B 303 0.78 -16.86 44.97
N ASP B 304 1.23 -16.52 46.16
CA ASP B 304 2.51 -17.02 46.70
C ASP B 304 2.44 -18.54 47.00
N LYS B 305 1.26 -19.17 47.04
CA LYS B 305 1.18 -20.66 47.22
C LYS B 305 1.15 -21.41 45.87
N TRP B 306 0.97 -20.73 44.73
CA TRP B 306 0.93 -21.42 43.43
C TRP B 306 2.32 -21.96 43.11
N THR B 307 2.37 -23.20 42.59
CA THR B 307 3.63 -23.82 42.09
C THR B 307 3.38 -24.39 40.69
N ILE B 308 4.46 -24.61 39.95
CA ILE B 308 4.36 -25.22 38.61
C ILE B 308 3.64 -26.55 38.80
N PRO B 309 2.50 -26.77 38.11
CA PRO B 309 1.77 -28.03 38.25
C PRO B 309 2.65 -29.28 38.05
N ALA B 310 2.33 -30.31 38.79
CA ALA B 310 3.18 -31.52 38.97
C ALA B 310 3.45 -32.19 37.62
N PHE B 311 2.56 -32.13 36.64
CA PHE B 311 2.71 -32.96 35.42
C PHE B 311 3.00 -32.09 34.18
N ALA B 312 3.33 -30.82 34.39
CA ALA B 312 3.72 -29.91 33.28
C ALA B 312 4.92 -30.50 32.59
N GLU B 313 4.89 -30.58 31.28
CA GLU B 313 6.07 -30.94 30.45
C GLU B 313 7.02 -29.75 30.40
N PRO B 314 8.28 -29.94 30.00
CA PRO B 314 9.27 -28.86 29.97
C PRO B 314 8.81 -27.53 29.33
N GLU B 315 8.20 -27.55 28.15
CA GLU B 315 7.70 -26.32 27.46
C GLU B 315 6.77 -25.51 28.37
N TYR B 316 6.03 -26.19 29.24
CA TYR B 316 4.91 -25.60 30.02
C TYR B 316 5.29 -25.46 31.49
N GLN B 317 6.58 -25.60 31.82
CA GLN B 317 7.08 -25.45 33.20
C GLN B 317 7.37 -23.99 33.47
N VAL B 318 6.51 -23.09 33.04
CA VAL B 318 6.81 -21.65 33.20
C VAL B 318 6.26 -21.22 34.56
N ASP B 319 7.07 -20.42 35.25
CA ASP B 319 6.73 -19.81 36.54
C ASP B 319 6.51 -18.34 36.29
N PRO B 320 5.24 -17.87 36.26
CA PRO B 320 4.97 -16.47 35.87
C PRO B 320 5.81 -15.50 36.70
N TYR B 321 6.55 -14.66 35.99
CA TYR B 321 7.56 -13.78 36.58
C TYR B 321 6.90 -12.65 37.36
N TYR B 322 5.96 -11.94 36.76
CA TYR B 322 5.47 -10.64 37.27
C TYR B 322 4.61 -10.84 38.52
N LYS B 323 4.95 -10.10 39.56
CA LYS B 323 4.28 -10.16 40.88
C LYS B 323 2.92 -9.47 40.78
N THR B 324 2.85 -8.40 40.03
CA THR B 324 1.59 -7.64 39.80
C THR B 324 1.34 -7.48 38.29
N ILE B 325 0.10 -7.72 37.88
CA ILE B 325 -0.39 -7.38 36.51
C ILE B 325 -1.54 -6.40 36.62
N GLU B 326 -1.31 -5.19 36.12
CA GLU B 326 -2.32 -4.15 35.93
C GLU B 326 -2.96 -4.31 34.55
N VAL B 327 -4.28 -4.12 34.49
CA VAL B 327 -5.10 -4.16 33.28
C VAL B 327 -5.88 -2.85 33.18
N TYR B 328 -5.59 -2.08 32.13
CA TYR B 328 -6.24 -0.79 31.81
C TYR B 328 -7.10 -0.96 30.57
N GLY B 329 -8.40 -0.76 30.75
CA GLY B 329 -9.33 -0.47 29.65
C GLY B 329 -9.00 0.84 28.95
N ILE B 330 -8.77 0.80 27.66
CA ILE B 330 -8.58 2.05 26.86
C ILE B 330 -9.52 1.94 25.67
N GLN B 331 -10.30 2.99 25.41
CA GLN B 331 -11.44 2.94 24.47
C GLN B 331 -11.08 3.46 23.08
N ASN B 332 -9.89 3.99 22.86
CA ASN B 332 -9.45 4.46 21.53
C ASN B 332 -8.23 3.63 21.07
N GLU B 333 -8.28 3.04 19.88
CA GLU B 333 -7.21 2.14 19.38
C GLU B 333 -5.88 2.90 19.25
N ASP B 334 -5.92 4.07 18.64
CA ASP B 334 -4.68 4.84 18.37
C ASP B 334 -3.99 5.20 19.67
N THR B 335 -4.79 5.63 20.64
CA THR B 335 -4.28 6.07 21.96
C THR B 335 -3.62 4.85 22.61
N ALA B 336 -4.29 3.71 22.60
CA ALA B 336 -3.77 2.43 23.17
C ALA B 336 -2.39 2.14 22.59
N ILE B 337 -2.29 2.21 21.25
CA ILE B 337 -1.03 1.88 20.53
C ILE B 337 0.04 2.88 20.95
N LEU B 338 -0.28 4.15 20.98
CA LEU B 338 0.75 5.18 21.32
C LEU B 338 1.21 5.02 22.76
N GLU B 339 0.32 4.64 23.66
CA GLU B 339 0.67 4.48 25.09
C GLU B 339 1.68 3.34 25.21
N VAL B 340 1.54 2.27 24.43
CA VAL B 340 2.51 1.15 24.47
C VAL B 340 3.80 1.57 23.74
N ALA B 341 3.66 2.19 22.56
CA ALA B 341 4.82 2.60 21.73
C ALA B 341 5.67 3.61 22.48
N ASN B 342 5.09 4.47 23.31
CA ASN B 342 5.85 5.52 24.02
C ASN B 342 6.26 4.99 25.39
N GLY B 343 5.96 3.73 25.73
CA GLY B 343 6.52 3.10 26.95
C GLY B 343 5.72 3.36 28.23
N HIS B 344 4.49 3.84 28.18
CA HIS B 344 3.65 4.07 29.40
C HIS B 344 3.04 2.74 29.84
N TYR B 345 2.80 1.79 28.94
CA TYR B 345 2.30 0.43 29.27
C TYR B 345 3.19 -0.57 28.56
N ASP B 346 3.19 -1.81 29.03
CA ASP B 346 4.11 -2.90 28.59
C ASP B 346 3.49 -3.75 27.46
N ILE B 347 2.22 -4.11 27.60
CA ILE B 347 1.55 -5.03 26.66
C ILE B 347 0.20 -4.47 26.19
N LEU B 348 0.08 -4.34 24.89
CA LEU B 348 -1.23 -4.12 24.25
C LEU B 348 -1.85 -5.51 24.08
N TRP B 349 -2.77 -5.82 24.97
CA TRP B 349 -3.30 -7.19 25.17
C TRP B 349 -4.60 -7.37 24.39
N TYR B 350 -4.71 -6.67 23.27
CA TYR B 350 -5.83 -6.80 22.32
C TYR B 350 -5.25 -6.40 20.99
N PRO B 351 -5.46 -7.16 19.90
CA PRO B 351 -4.75 -6.94 18.65
C PRO B 351 -5.54 -5.99 17.74
N PHE B 352 -4.83 -5.25 16.91
CA PHE B 352 -5.42 -4.32 15.93
C PHE B 352 -4.84 -4.60 14.55
N ALA B 353 -5.56 -4.15 13.54
CA ALA B 353 -5.15 -4.33 12.13
C ALA B 353 -3.84 -3.59 11.89
N ALA B 354 -3.08 -4.06 10.89
CA ALA B 354 -1.81 -3.44 10.48
C ALA B 354 -1.95 -1.93 10.29
N TYR B 355 -3.02 -1.45 9.68
CA TYR B 355 -3.13 -0.04 9.22
C TYR B 355 -3.20 0.89 10.47
N ARG B 356 -3.48 0.36 11.67
CA ARG B 356 -3.54 1.18 12.91
C ARG B 356 -2.12 1.38 13.46
N PHE B 357 -1.14 0.62 12.98
CA PHE B 357 0.28 0.69 13.39
C PHE B 357 1.06 1.63 12.45
N THR B 358 0.38 2.53 11.73
CA THR B 358 1.03 3.51 10.83
C THR B 358 1.34 4.77 11.62
N GLY B 359 2.31 5.55 11.13
CA GLY B 359 2.65 6.91 11.60
C GLY B 359 3.55 6.92 12.79
N LEU B 360 4.03 5.74 13.19
CA LEU B 360 5.02 5.62 14.31
C LEU B 360 6.43 5.99 13.82
N SER B 361 7.20 6.69 14.66
CA SER B 361 8.61 7.08 14.37
C SER B 361 9.47 5.80 14.39
N ASP B 362 10.67 5.85 13.81
CA ASP B 362 11.71 4.80 13.92
C ASP B 362 11.85 4.36 15.38
N GLU B 363 11.83 5.31 16.30
CA GLU B 363 12.11 5.07 17.74
C GLU B 363 10.90 4.33 18.38
N GLN B 364 9.69 4.83 18.16
CA GLN B 364 8.42 4.19 18.54
C GLN B 364 8.37 2.77 17.95
N ARG B 365 8.76 2.54 16.70
CA ARG B 365 8.69 1.18 16.12
C ARG B 365 9.75 0.30 16.79
N ALA B 366 10.93 0.84 17.05
CA ALA B 366 12.04 0.12 17.70
C ALA B 366 11.61 -0.25 19.14
N ASN B 367 10.68 0.51 19.74
CA ASN B 367 10.30 0.29 21.17
C ASN B 367 9.34 -0.87 21.32
N ILE B 368 8.77 -1.37 20.22
CA ILE B 368 7.77 -2.44 20.36
C ILE B 368 8.14 -3.64 19.48
N LYS B 369 7.56 -4.77 19.85
CA LYS B 369 7.54 -6.04 19.09
C LYS B 369 6.08 -6.42 18.89
N LEU B 370 5.80 -6.89 17.70
CA LEU B 370 4.47 -7.28 17.22
C LEU B 370 4.36 -8.79 17.27
N TYR B 371 3.19 -9.27 17.61
CA TYR B 371 2.83 -10.71 17.60
C TYR B 371 1.54 -10.85 16.81
N ARG B 372 1.53 -11.79 15.84
CA ARG B 372 0.38 -11.88 14.92
C ARG B 372 -0.79 -12.55 15.63
N SER B 373 -1.98 -12.18 15.19
CA SER B 373 -3.29 -12.80 15.55
C SER B 373 -4.02 -13.12 14.25
N THR B 374 -4.35 -14.38 14.02
CA THR B 374 -5.07 -14.86 12.83
C THR B 374 -6.21 -15.81 13.26
N SER B 375 -6.67 -15.71 14.49
CA SER B 375 -7.68 -16.62 15.08
C SER B 375 -9.02 -15.89 15.25
N ALA B 376 -9.12 -14.60 14.89
CA ALA B 376 -10.39 -13.84 15.00
C ALA B 376 -11.09 -13.82 13.65
N PHE B 377 -12.42 -13.76 13.66
CA PHE B 377 -13.22 -13.73 12.41
C PHE B 377 -14.57 -13.10 12.71
N GLY B 378 -15.31 -12.79 11.65
CA GLY B 378 -16.60 -12.10 11.73
C GLY B 378 -17.65 -12.68 10.82
N ASP B 379 -18.90 -12.56 11.24
CA ASP B 379 -20.04 -13.13 10.49
C ASP B 379 -21.30 -12.35 10.87
N ILE B 380 -22.31 -12.46 10.04
CA ILE B 380 -23.67 -11.97 10.39
C ILE B 380 -24.47 -13.14 10.94
N VAL B 381 -25.09 -12.95 12.10
CA VAL B 381 -26.14 -13.88 12.60
C VAL B 381 -27.48 -13.20 12.36
N TRP B 382 -28.42 -13.98 11.83
CA TRP B 382 -29.79 -13.52 11.55
C TRP B 382 -30.72 -13.99 12.68
N ASN B 383 -31.74 -13.20 13.02
CA ASN B 383 -32.78 -13.60 14.02
C ASN B 383 -33.94 -14.24 13.30
N PRO B 384 -34.02 -15.58 13.23
CA PRO B 384 -35.01 -16.27 12.39
C PRO B 384 -36.30 -16.58 13.15
N VAL B 385 -36.50 -15.87 14.28
CA VAL B 385 -37.57 -16.20 15.25
C VAL B 385 -38.92 -16.06 14.55
N HIS B 386 -39.86 -16.93 14.90
CA HIS B 386 -41.29 -16.86 14.49
C HIS B 386 -42.16 -17.60 15.51
N ASP B 387 -43.46 -17.37 15.42
CA ASP B 387 -44.52 -18.03 16.24
C ASP B 387 -44.52 -19.53 15.94
N GLN B 388 -44.91 -20.32 16.94
CA GLN B 388 -45.09 -21.79 16.81
C GLN B 388 -46.04 -22.07 15.64
N ASP B 389 -47.10 -21.30 15.46
CA ASP B 389 -48.16 -21.68 14.49
C ASP B 389 -47.94 -21.00 13.12
N ASN B 390 -46.82 -20.32 12.88
CA ASN B 390 -46.60 -19.54 11.64
C ASN B 390 -45.12 -19.43 11.36
N PRO B 391 -44.64 -20.06 10.27
CA PRO B 391 -43.20 -20.11 9.97
C PRO B 391 -42.55 -18.76 9.67
N TYR B 392 -43.33 -17.77 9.24
CA TYR B 392 -42.82 -16.48 8.72
C TYR B 392 -43.20 -15.28 9.59
N VAL B 393 -44.04 -15.47 10.60
CA VAL B 393 -44.60 -14.31 11.36
C VAL B 393 -44.18 -14.38 12.83
N ILE B 394 -43.83 -13.23 13.40
CA ILE B 394 -43.56 -13.14 14.85
C ILE B 394 -44.60 -12.19 15.46
N THR B 395 -45.25 -12.64 16.54
CA THR B 395 -46.18 -11.83 17.35
C THR B 395 -45.40 -11.20 18.52
N VAL B 396 -45.41 -9.87 18.59
CA VAL B 396 -44.84 -9.09 19.73
C VAL B 396 -45.94 -8.17 20.27
N GLY B 397 -46.49 -8.51 21.45
CA GLY B 397 -47.70 -7.90 22.02
C GLY B 397 -48.85 -7.94 21.06
N ASP B 398 -49.36 -6.76 20.69
CA ASP B 398 -50.56 -6.61 19.81
C ASP B 398 -50.16 -6.48 18.35
N LYS B 399 -48.88 -6.66 18.02
CA LYS B 399 -48.41 -6.52 16.61
C LYS B 399 -47.89 -7.86 16.06
N LYS B 400 -48.03 -8.06 14.77
CA LYS B 400 -47.56 -9.21 13.98
C LYS B 400 -46.58 -8.66 12.94
N TYR B 401 -45.38 -9.25 12.83
CA TYR B 401 -44.38 -8.82 11.84
C TYR B 401 -43.98 -10.01 10.99
N PHE B 402 -43.74 -9.74 9.71
CA PHE B 402 -43.09 -10.67 8.78
C PHE B 402 -41.58 -10.66 9.05
N ASN B 403 -41.01 -11.82 9.35
CA ASN B 403 -39.56 -12.00 9.50
C ASN B 403 -38.99 -12.61 8.22
N PRO B 404 -38.35 -11.81 7.35
CA PRO B 404 -37.77 -12.33 6.12
C PRO B 404 -36.70 -13.40 6.39
N PHE B 405 -36.02 -13.30 7.52
CA PHE B 405 -34.90 -14.19 7.87
C PHE B 405 -35.39 -15.45 8.55
N ALA B 406 -36.72 -15.64 8.65
CA ALA B 406 -37.32 -16.95 8.99
C ALA B 406 -37.44 -17.78 7.72
N VAL B 407 -37.25 -17.18 6.54
CA VAL B 407 -37.33 -17.89 5.24
C VAL B 407 -35.90 -18.33 4.86
N ARG B 408 -35.71 -19.65 4.79
CA ARG B 408 -34.40 -20.28 4.57
C ARG B 408 -33.80 -19.70 3.29
N LYS B 409 -34.57 -19.60 2.23
CA LYS B 409 -34.04 -19.23 0.92
C LYS B 409 -33.58 -17.77 0.92
N VAL B 410 -34.23 -16.92 1.72
CA VAL B 410 -33.79 -15.51 1.91
C VAL B 410 -32.40 -15.51 2.55
N ARG B 411 -32.23 -16.19 3.68
CA ARG B 411 -30.93 -16.30 4.38
C ARG B 411 -29.88 -16.82 3.39
N PHE B 412 -30.19 -17.86 2.63
CA PHE B 412 -29.25 -18.50 1.68
C PHE B 412 -28.81 -17.48 0.61
N ALA B 413 -29.76 -16.71 0.09
CA ALA B 413 -29.51 -15.71 -0.97
C ALA B 413 -28.43 -14.74 -0.48
N ILE B 414 -28.47 -14.38 0.81
CA ILE B 414 -27.54 -13.33 1.34
C ILE B 414 -26.10 -13.87 1.27
N GLN B 415 -25.88 -15.20 1.28
CA GLN B 415 -24.55 -15.79 1.05
C GLN B 415 -23.98 -15.24 -0.27
N TYR B 416 -24.81 -15.01 -1.28
CA TYR B 416 -24.37 -14.58 -2.63
C TYR B 416 -24.52 -13.06 -2.78
N MSE B 417 -25.32 -12.40 -1.97
CA MSE B 417 -25.52 -10.92 -2.07
C MSE B 417 -24.25 -10.23 -1.52
O MSE B 417 -23.82 -9.24 -2.10
CB MSE B 417 -26.70 -10.43 -1.21
CG MSE B 417 -28.05 -10.39 -1.84
SE MSE B 417 -28.14 -9.18 -3.36
CE MSE B 417 -28.49 -7.53 -2.38
N VAL B 418 -23.69 -10.72 -0.40
CA VAL B 418 -22.58 -9.98 0.28
C VAL B 418 -21.32 -10.06 -0.58
N ASN B 419 -20.59 -8.94 -0.63
CA ASN B 419 -19.33 -8.87 -1.41
C ASN B 419 -18.20 -8.89 -0.40
N ARG B 420 -17.63 -10.07 -0.13
CA ARG B 420 -16.61 -10.19 0.94
C ARG B 420 -15.32 -9.46 0.54
N ALA B 421 -15.00 -9.35 -0.75
CA ALA B 421 -13.80 -8.61 -1.21
C ALA B 421 -13.97 -7.13 -0.81
N TYR B 422 -15.16 -6.59 -0.99
CA TYR B 422 -15.45 -5.17 -0.65
C TYR B 422 -15.24 -5.01 0.85
N ILE B 423 -15.82 -5.89 1.63
CA ILE B 423 -15.75 -5.79 3.11
C ILE B 423 -14.30 -5.84 3.55
N THR B 424 -13.51 -6.80 3.05
CA THR B 424 -12.10 -7.00 3.48
C THR B 424 -11.19 -5.87 2.94
N GLN B 425 -11.33 -5.48 1.69
CA GLN B 425 -10.40 -4.49 1.06
C GLN B 425 -10.78 -3.08 1.49
N ASN B 426 -12.07 -2.75 1.65
CA ASN B 426 -12.50 -1.39 2.03
C ASN B 426 -12.64 -1.24 3.56
N ILE B 427 -13.54 -1.98 4.18
CA ILE B 427 -13.87 -1.76 5.60
C ILE B 427 -12.68 -2.15 6.49
N PHE B 428 -11.97 -3.23 6.19
CA PHE B 428 -10.77 -3.65 6.96
C PHE B 428 -9.47 -3.27 6.23
N GLN B 429 -9.55 -2.46 5.15
CA GLN B 429 -8.36 -1.90 4.46
C GLN B 429 -7.34 -3.00 4.16
N GLY B 430 -7.75 -4.19 3.73
CA GLY B 430 -6.79 -5.23 3.31
C GLY B 430 -6.24 -6.06 4.49
N SER B 431 -6.63 -5.78 5.72
CA SER B 431 -6.09 -6.46 6.93
C SER B 431 -7.05 -7.58 7.34
N ALA B 432 -7.84 -8.10 6.41
CA ALA B 432 -8.72 -9.26 6.62
C ALA B 432 -8.84 -10.05 5.31
N GLY B 433 -9.26 -11.31 5.39
CA GLY B 433 -9.47 -12.14 4.18
C GLY B 433 -10.91 -12.66 4.15
N PRO B 434 -11.48 -12.83 2.95
CA PRO B 434 -12.81 -13.39 2.83
C PRO B 434 -12.91 -14.76 3.50
N MSE B 435 -13.99 -15.02 4.21
CA MSE B 435 -14.22 -16.32 4.85
C MSE B 435 -15.68 -16.71 4.66
O MSE B 435 -16.57 -15.84 4.71
CB MSE B 435 -13.84 -16.27 6.35
CG MSE B 435 -13.56 -17.68 7.00
SE MSE B 435 -13.43 -17.35 8.97
CE MSE B 435 -15.10 -16.45 9.31
N PHE B 436 -15.93 -18.01 4.53
CA PHE B 436 -17.24 -18.56 4.12
C PHE B 436 -17.76 -19.59 5.13
N THR B 437 -16.89 -20.15 5.97
CA THR B 437 -17.21 -21.18 6.96
C THR B 437 -16.50 -20.81 8.26
N PRO B 438 -16.78 -21.45 9.40
CA PRO B 438 -16.04 -21.14 10.63
C PRO B 438 -14.60 -21.67 10.77
N TRP B 439 -13.88 -21.96 9.69
CA TRP B 439 -12.43 -22.27 9.76
C TRP B 439 -11.69 -21.17 9.04
N THR B 440 -10.74 -20.54 9.71
CA THR B 440 -9.78 -19.58 9.11
C THR B 440 -8.71 -20.31 8.29
N SER B 441 -8.02 -19.56 7.46
CA SER B 441 -6.97 -20.06 6.56
C SER B 441 -5.69 -20.38 7.34
N THR B 442 -5.63 -20.16 8.64
CA THR B 442 -4.44 -20.57 9.43
C THR B 442 -4.79 -21.74 10.35
N GLU B 443 -5.90 -22.43 10.10
CA GLU B 443 -6.29 -23.65 10.84
C GLU B 443 -6.14 -24.89 9.96
N THR B 444 -5.75 -25.98 10.59
CA THR B 444 -5.62 -27.36 10.05
C THR B 444 -6.80 -27.72 9.14
N GLY B 445 -8.02 -27.45 9.57
CA GLY B 445 -9.21 -27.92 8.84
C GLY B 445 -9.52 -27.17 7.54
N PHE B 446 -8.85 -26.05 7.27
CA PHE B 446 -9.27 -25.12 6.20
C PHE B 446 -9.42 -25.87 4.87
N GLU B 447 -8.40 -26.65 4.47
CA GLU B 447 -8.47 -27.34 3.14
C GLU B 447 -9.44 -28.52 3.18
N TYR B 448 -9.79 -29.03 4.36
CA TYR B 448 -10.73 -30.17 4.48
C TYR B 448 -12.15 -29.69 4.18
N VAL B 449 -12.52 -28.48 4.57
CA VAL B 449 -13.91 -27.97 4.36
C VAL B 449 -13.98 -27.07 3.13
N ARG B 450 -12.85 -26.72 2.53
CA ARG B 450 -12.85 -25.89 1.30
C ARG B 450 -13.73 -26.45 0.19
N PRO B 451 -13.70 -27.77 -0.14
CA PRO B 451 -14.55 -28.30 -1.21
C PRO B 451 -16.03 -27.93 -1.04
N VAL B 452 -16.51 -27.81 0.21
CA VAL B 452 -17.91 -27.36 0.48
C VAL B 452 -18.12 -25.97 -0.11
N VAL B 453 -17.16 -25.08 0.11
CA VAL B 453 -17.29 -23.67 -0.37
C VAL B 453 -17.40 -23.69 -1.90
N ASP B 454 -16.55 -24.49 -2.55
CA ASP B 454 -16.51 -24.60 -4.02
C ASP B 454 -17.80 -25.27 -4.54
N ALA B 455 -18.38 -26.22 -3.79
CA ALA B 455 -19.62 -26.91 -4.20
C ALA B 455 -20.74 -25.87 -4.34
N PHE B 456 -20.71 -24.82 -3.54
CA PHE B 456 -21.75 -23.76 -3.54
C PHE B 456 -21.39 -22.61 -4.49
N GLY B 457 -20.21 -22.68 -5.11
CA GLY B 457 -19.72 -21.65 -6.02
C GLY B 457 -19.49 -20.32 -5.30
N LEU B 458 -19.26 -20.33 -3.98
CA LEU B 458 -19.07 -19.08 -3.21
C LEU B 458 -17.70 -18.48 -3.54
N THR B 459 -17.65 -17.19 -3.83
CA THR B 459 -16.41 -16.47 -4.15
C THR B 459 -16.38 -15.17 -3.34
N GLU B 460 -15.24 -14.50 -3.36
CA GLU B 460 -15.06 -13.21 -2.65
C GLU B 460 -15.91 -12.11 -3.32
N GLN B 461 -16.22 -12.22 -4.62
CA GLN B 461 -17.18 -11.30 -5.30
C GLN B 461 -18.62 -11.80 -5.08
N SER B 462 -19.57 -10.90 -4.93
CA SER B 462 -21.00 -11.24 -4.87
C SER B 462 -21.44 -11.74 -6.25
N ASP B 463 -22.53 -12.50 -6.25
CA ASP B 463 -23.33 -12.85 -7.45
C ASP B 463 -24.77 -12.37 -7.21
N GLU B 464 -25.06 -11.11 -7.52
CA GLU B 464 -26.42 -10.52 -7.27
C GLU B 464 -27.48 -11.17 -8.16
N ASP B 465 -27.16 -11.64 -9.37
CA ASP B 465 -28.19 -12.31 -10.22
C ASP B 465 -28.68 -13.57 -9.51
N LEU B 466 -27.76 -14.44 -9.08
CA LEU B 466 -28.16 -15.65 -8.34
C LEU B 466 -28.86 -15.25 -7.04
N ALA B 467 -28.30 -14.31 -6.29
CA ALA B 467 -28.87 -13.91 -4.97
C ALA B 467 -30.31 -13.41 -5.15
N MSE B 468 -30.54 -12.54 -6.13
CA MSE B 468 -31.88 -11.95 -6.43
C MSE B 468 -32.86 -13.07 -6.86
O MSE B 468 -34.00 -13.04 -6.43
CB MSE B 468 -31.79 -10.86 -7.52
CG MSE B 468 -31.25 -9.52 -7.08
SE MSE B 468 -31.93 -8.96 -5.29
CE MSE B 468 -31.08 -7.17 -5.22
N LYS B 469 -32.41 -14.01 -7.68
CA LYS B 469 -33.26 -15.14 -8.16
C LYS B 469 -33.70 -15.95 -6.95
N LEU B 470 -32.77 -16.29 -6.03
CA LEU B 470 -33.07 -17.09 -4.81
C LEU B 470 -33.99 -16.29 -3.88
N PHE B 471 -33.68 -15.01 -3.68
CA PHE B 471 -34.46 -14.14 -2.79
C PHE B 471 -35.92 -14.08 -3.30
N GLU B 472 -36.10 -13.74 -4.57
CA GLU B 472 -37.42 -13.56 -5.20
C GLU B 472 -38.21 -14.88 -5.12
N GLU B 473 -37.59 -16.05 -5.34
CA GLU B 473 -38.33 -17.33 -5.16
C GLU B 473 -38.75 -17.46 -3.70
N GLY B 474 -37.86 -17.16 -2.76
CA GLY B 474 -38.17 -17.35 -1.34
C GLY B 474 -39.35 -16.48 -0.96
N MSE B 475 -39.36 -15.23 -1.39
CA MSE B 475 -40.42 -14.25 -1.04
C MSE B 475 -41.75 -14.66 -1.73
O MSE B 475 -42.80 -14.58 -1.08
CB MSE B 475 -39.96 -12.84 -1.37
CG MSE B 475 -38.74 -12.37 -0.54
SE MSE B 475 -39.26 -12.10 1.33
CE MSE B 475 -40.22 -10.43 1.23
N GLN B 476 -41.71 -15.13 -2.97
CA GLN B 476 -42.94 -15.55 -3.68
C GLN B 476 -43.54 -16.75 -2.94
N GLU B 477 -42.72 -17.73 -2.56
CA GLU B 477 -43.20 -18.92 -1.80
C GLU B 477 -43.77 -18.45 -0.46
N ALA B 478 -43.10 -17.53 0.21
CA ALA B 478 -43.57 -17.03 1.52
C ALA B 478 -44.91 -16.32 1.33
N ALA B 479 -45.03 -15.44 0.32
CA ALA B 479 -46.27 -14.69 0.05
C ALA B 479 -47.45 -15.64 -0.18
N GLN B 480 -47.23 -16.73 -0.90
CA GLN B 480 -48.28 -17.74 -1.23
C GLN B 480 -48.69 -18.50 0.03
N GLU B 481 -47.75 -18.91 0.86
CA GLU B 481 -48.10 -19.60 2.12
C GLU B 481 -48.82 -18.62 3.06
N LEU B 482 -48.41 -17.37 3.09
CA LEU B 482 -49.04 -16.37 3.99
C LEU B 482 -50.47 -16.10 3.50
N ALA B 483 -50.69 -16.08 2.18
CA ALA B 483 -52.02 -15.84 1.57
C ALA B 483 -53.00 -16.91 2.07
N LYS B 484 -52.62 -18.18 2.01
CA LYS B 484 -53.43 -19.31 2.52
C LYS B 484 -53.76 -19.11 4.01
N MSE B 485 -52.97 -18.36 4.77
CA MSE B 485 -53.26 -18.13 6.22
C MSE B 485 -53.93 -16.76 6.44
O MSE B 485 -54.01 -16.32 7.61
CB MSE B 485 -51.97 -18.24 7.02
CG MSE B 485 -51.14 -19.51 6.68
SE MSE B 485 -49.58 -19.68 7.90
CE MSE B 485 -50.53 -19.82 9.64
N GLY B 486 -54.35 -16.09 5.36
CA GLY B 486 -55.09 -14.81 5.43
C GLY B 486 -54.21 -13.57 5.59
N TYR B 487 -52.92 -13.65 5.30
CA TYR B 487 -51.99 -12.50 5.44
C TYR B 487 -51.51 -12.09 4.06
N GLU B 488 -51.27 -10.80 3.86
CA GLU B 488 -50.80 -10.28 2.57
C GLU B 488 -49.32 -9.85 2.68
N LEU B 489 -48.48 -10.44 1.84
CA LEU B 489 -47.08 -9.95 1.60
C LEU B 489 -46.94 -9.59 0.14
N LYS B 490 -46.74 -8.30 -0.17
CA LYS B 490 -46.83 -7.78 -1.56
C LYS B 490 -45.70 -6.78 -1.84
N LYS B 491 -45.13 -6.85 -3.04
CA LYS B 491 -44.15 -5.81 -3.50
C LYS B 491 -44.93 -4.60 -3.98
N GLY B 492 -44.79 -3.44 -3.34
CA GLY B 492 -45.43 -2.16 -3.75
C GLY B 492 -44.84 -1.65 -5.06
N ASP B 493 -45.48 -0.65 -5.67
CA ASP B 493 -44.99 -0.03 -6.94
C ASP B 493 -43.73 0.78 -6.60
N ASP B 494 -43.57 1.17 -5.34
CA ASP B 494 -42.38 1.87 -4.79
C ASP B 494 -41.16 0.92 -4.63
N GLY B 495 -41.26 -0.36 -5.01
CA GLY B 495 -40.17 -1.37 -4.90
C GLY B 495 -40.00 -1.96 -3.49
N LYS B 496 -40.81 -1.55 -2.50
CA LYS B 496 -40.69 -1.97 -1.07
C LYS B 496 -41.66 -3.12 -0.78
N TRP B 497 -41.31 -4.02 0.14
CA TRP B 497 -42.22 -5.11 0.61
C TRP B 497 -43.18 -4.61 1.70
N TYR B 498 -44.46 -4.93 1.58
CA TYR B 498 -45.51 -4.63 2.59
C TYR B 498 -46.02 -5.93 3.16
N PHE B 499 -46.25 -5.94 4.47
CA PHE B 499 -46.93 -7.04 5.18
C PHE B 499 -48.10 -6.44 5.91
N ASN B 500 -49.32 -6.90 5.61
CA ASN B 500 -50.61 -6.35 6.11
C ASN B 500 -50.64 -4.84 5.97
N GLY B 501 -50.28 -4.33 4.79
CA GLY B 501 -50.34 -2.90 4.42
C GLY B 501 -49.30 -2.01 5.14
N GLU B 502 -48.30 -2.60 5.80
CA GLU B 502 -47.19 -1.84 6.45
C GLU B 502 -45.84 -2.29 5.87
N PRO B 503 -44.89 -1.36 5.69
CA PRO B 503 -43.57 -1.73 5.17
C PRO B 503 -42.85 -2.70 6.13
N VAL B 504 -42.19 -3.70 5.57
CA VAL B 504 -41.38 -4.67 6.36
C VAL B 504 -40.11 -3.95 6.84
N LYS B 505 -39.93 -3.87 8.15
CA LYS B 505 -38.82 -3.13 8.82
C LYS B 505 -37.89 -4.18 9.45
N VAL B 506 -36.57 -3.97 9.31
CA VAL B 506 -35.51 -4.80 9.96
C VAL B 506 -34.45 -3.88 10.56
N VAL B 507 -33.89 -4.31 11.68
CA VAL B 507 -32.90 -3.55 12.49
C VAL B 507 -31.63 -4.39 12.59
N GLY B 508 -30.50 -3.80 12.15
CA GLY B 508 -29.17 -4.45 12.24
C GLY B 508 -28.36 -3.86 13.37
N LEU B 509 -27.76 -4.69 14.23
CA LEU B 509 -26.88 -4.20 15.31
C LEU B 509 -25.44 -4.32 14.83
N GLY B 510 -24.73 -3.19 14.83
CA GLY B 510 -23.27 -3.17 14.69
C GLY B 510 -22.62 -2.69 15.98
N ARG B 511 -21.29 -2.58 15.97
CA ARG B 511 -20.52 -2.38 17.22
C ARG B 511 -19.77 -1.06 17.15
N VAL B 512 -19.98 -0.20 18.15
CA VAL B 512 -19.34 1.15 18.20
C VAL B 512 -17.82 1.01 18.32
N GLU B 513 -17.28 -0.10 18.85
CA GLU B 513 -15.83 -0.18 19.16
C GLU B 513 -14.97 -0.33 17.90
N ASP B 514 -15.51 -0.79 16.77
CA ASP B 514 -14.64 -1.21 15.64
C ASP B 514 -15.38 -1.14 14.31
N GLU B 515 -14.76 -1.71 13.27
CA GLU B 515 -15.24 -1.68 11.86
C GLU B 515 -16.58 -2.39 11.70
N ARG B 516 -17.05 -3.11 12.71
CA ARG B 516 -18.36 -3.77 12.59
C ARG B 516 -19.49 -2.71 12.48
N LYS B 517 -19.30 -1.49 12.95
CA LYS B 517 -20.28 -0.42 12.65
C LYS B 517 -20.45 -0.24 11.13
N ASP B 518 -19.36 -0.26 10.39
CA ASP B 518 -19.35 -0.09 8.91
C ASP B 518 -19.85 -1.39 8.27
N VAL B 519 -19.62 -2.53 8.90
CA VAL B 519 -20.18 -3.82 8.37
C VAL B 519 -21.71 -3.74 8.41
N ALA B 520 -22.27 -3.26 9.54
CA ALA B 520 -23.73 -3.12 9.73
C ALA B 520 -24.22 -2.16 8.68
N THR B 521 -23.55 -1.03 8.52
CA THR B 521 -24.03 -0.04 7.54
C THR B 521 -24.04 -0.68 6.14
N TYR B 522 -22.98 -1.44 5.78
CA TYR B 522 -22.88 -2.10 4.45
C TYR B 522 -24.09 -3.04 4.28
N ILE B 523 -24.40 -3.85 5.29
CA ILE B 523 -25.49 -4.85 5.17
C ILE B 523 -26.81 -4.09 5.04
N VAL B 524 -27.02 -3.04 5.83
CA VAL B 524 -28.27 -2.24 5.76
C VAL B 524 -28.39 -1.63 4.36
N GLU B 525 -27.37 -0.91 3.88
CA GLU B 525 -27.50 -0.08 2.66
C GLU B 525 -27.39 -0.94 1.39
N GLU B 526 -26.51 -1.93 1.34
CA GLU B 526 -26.17 -2.66 0.08
C GLU B 526 -26.89 -4.01 0.03
N VAL B 527 -27.49 -4.47 1.11
CA VAL B 527 -28.24 -5.75 1.08
C VAL B 527 -29.73 -5.49 1.42
N MSE B 528 -30.02 -5.16 2.67
CA MSE B 528 -31.41 -5.05 3.22
C MSE B 528 -32.21 -4.08 2.32
O MSE B 528 -33.30 -4.46 1.86
CB MSE B 528 -31.40 -4.51 4.66
CG MSE B 528 -30.64 -5.28 5.70
SE MSE B 528 -31.33 -7.10 5.82
CE MSE B 528 -30.65 -8.21 4.40
N LYS B 529 -31.70 -2.87 2.09
CA LYS B 529 -32.49 -1.86 1.35
C LYS B 529 -32.60 -2.29 -0.10
N LYS B 530 -31.62 -2.99 -0.66
CA LYS B 530 -31.65 -3.44 -2.07
C LYS B 530 -32.68 -4.56 -2.24
N LEU B 531 -32.96 -5.34 -1.17
CA LEU B 531 -33.98 -6.42 -1.18
C LEU B 531 -35.39 -5.84 -0.95
N GLY B 532 -35.51 -4.52 -0.78
CA GLY B 532 -36.82 -3.85 -0.66
C GLY B 532 -37.32 -3.77 0.78
N PHE B 533 -36.43 -3.85 1.75
CA PHE B 533 -36.81 -3.70 3.17
C PHE B 533 -36.44 -2.29 3.62
N ASP B 534 -37.25 -1.77 4.50
CA ASP B 534 -36.97 -0.60 5.37
C ASP B 534 -35.96 -1.09 6.40
N ALA B 535 -34.79 -0.49 6.48
CA ALA B 535 -33.71 -1.04 7.32
C ALA B 535 -32.97 0.11 7.99
N GLU B 536 -32.43 -0.16 9.16
CA GLU B 536 -31.76 0.80 10.04
C GLU B 536 -30.58 0.05 10.69
N ALA B 537 -29.41 0.69 10.77
CA ALA B 537 -28.24 0.19 11.54
C ALA B 537 -28.22 0.91 12.89
N LYS B 538 -28.28 0.15 13.95
CA LYS B 538 -28.18 0.64 15.35
C LYS B 538 -26.81 0.20 15.86
N ILE B 539 -26.01 1.17 16.26
CA ILE B 539 -24.60 0.95 16.66
C ILE B 539 -24.55 0.92 18.19
N VAL B 540 -24.04 -0.16 18.78
CA VAL B 540 -24.09 -0.36 20.25
C VAL B 540 -22.73 -0.90 20.70
N ASP B 541 -22.51 -0.93 21.99
CA ASP B 541 -21.26 -1.45 22.60
C ASP B 541 -21.42 -2.95 22.97
N ARG B 542 -20.32 -3.54 23.38
CA ARG B 542 -20.19 -4.89 23.96
C ARG B 542 -21.38 -5.31 24.82
N ARG B 543 -21.63 -4.53 25.85
CA ARG B 543 -22.59 -4.88 26.92
C ARG B 543 -24.00 -4.95 26.32
N THR B 544 -24.37 -3.92 25.55
CA THR B 544 -25.70 -3.82 24.91
C THR B 544 -25.84 -4.98 23.92
N ALA B 545 -24.83 -5.24 23.10
CA ALA B 545 -24.91 -6.31 22.07
C ALA B 545 -25.12 -7.66 22.75
N SER B 546 -24.29 -7.95 23.73
CA SER B 546 -24.38 -9.19 24.53
C SER B 546 -25.80 -9.33 25.14
N GLY B 547 -26.34 -8.30 25.76
CA GLY B 547 -27.63 -8.36 26.46
C GLY B 547 -28.82 -8.46 25.50
N THR B 548 -28.70 -7.87 24.30
CA THR B 548 -29.80 -7.87 23.31
C THR B 548 -29.79 -9.22 22.58
N VAL B 549 -28.61 -9.73 22.20
CA VAL B 549 -28.50 -10.87 21.26
C VAL B 549 -28.30 -12.19 22.04
N TYR B 550 -27.43 -12.22 23.05
CA TYR B 550 -26.91 -13.51 23.60
C TYR B 550 -27.66 -13.93 24.88
N THR B 551 -27.99 -13.00 25.77
CA THR B 551 -28.50 -13.27 27.14
C THR B 551 -29.96 -12.86 27.26
N SER B 552 -30.63 -12.58 26.13
CA SER B 552 -32.11 -12.46 26.13
C SER B 552 -32.75 -13.10 24.89
N ASP B 553 -34.00 -13.45 25.08
CA ASP B 553 -34.86 -14.21 24.15
C ASP B 553 -35.03 -13.35 22.91
N PRO B 554 -34.70 -13.87 21.71
CA PRO B 554 -34.89 -13.13 20.47
C PRO B 554 -36.36 -12.92 20.10
N SER B 555 -37.31 -13.56 20.81
CA SER B 555 -38.79 -13.39 20.60
C SER B 555 -39.22 -11.91 20.73
N SER B 556 -38.50 -11.09 21.51
CA SER B 556 -38.72 -9.62 21.66
C SER B 556 -38.61 -8.92 20.31
N TYR B 557 -37.87 -9.54 19.39
CA TYR B 557 -37.73 -9.04 18.00
C TYR B 557 -37.16 -7.62 18.00
N GLN B 558 -36.18 -7.33 18.87
CA GLN B 558 -35.53 -5.99 18.92
C GLN B 558 -34.26 -5.98 18.09
N TRP B 559 -33.91 -7.08 17.44
CA TRP B 559 -32.79 -7.11 16.48
C TRP B 559 -33.11 -8.13 15.39
N ASN B 560 -32.70 -7.85 14.14
CA ASN B 560 -32.91 -8.75 12.97
C ASN B 560 -31.60 -9.39 12.55
N PHE B 561 -30.49 -8.66 12.65
CA PHE B 561 -29.13 -9.21 12.45
C PHE B 561 -28.15 -8.54 13.41
N TYR B 562 -27.05 -9.22 13.67
CA TYR B 562 -25.94 -8.73 14.50
C TYR B 562 -24.61 -9.11 13.86
N THR B 563 -23.68 -8.14 13.87
CA THR B 563 -22.28 -8.26 13.40
C THR B 563 -21.47 -8.98 14.47
N GLU B 564 -21.41 -10.30 14.39
CA GLU B 564 -20.67 -11.14 15.36
C GLU B 564 -19.17 -11.07 15.09
N GLY B 565 -18.40 -11.04 16.15
CA GLY B 565 -16.97 -11.32 16.14
C GLY B 565 -16.65 -12.45 17.11
N TRP B 566 -15.76 -13.34 16.71
CA TRP B 566 -15.37 -14.54 17.47
C TRP B 566 -13.84 -14.58 17.46
N VAL B 567 -13.22 -15.04 18.55
CA VAL B 567 -11.76 -15.23 18.61
C VAL B 567 -11.44 -16.46 19.48
N SER B 568 -10.52 -17.29 19.01
CA SER B 568 -9.93 -18.43 19.77
C SER B 568 -8.82 -17.89 20.65
N SER B 569 -8.76 -18.33 21.89
CA SER B 569 -7.61 -18.04 22.78
C SER B 569 -6.50 -19.07 22.55
N SER B 570 -6.72 -20.06 21.70
CA SER B 570 -5.73 -21.12 21.48
C SER B 570 -5.76 -21.64 20.04
N ASN B 571 -4.61 -21.95 19.50
CA ASN B 571 -4.42 -22.92 18.39
C ASN B 571 -5.17 -24.21 18.77
N VAL B 572 -5.87 -24.80 17.82
CA VAL B 572 -6.64 -26.06 17.97
C VAL B 572 -6.41 -26.87 16.70
N LYS B 573 -5.76 -28.03 16.83
CA LYS B 573 -5.49 -28.92 15.66
C LYS B 573 -6.82 -29.51 15.17
N PHE B 574 -7.62 -30.09 16.07
CA PHE B 574 -8.88 -30.77 15.71
C PHE B 574 -10.03 -30.17 16.53
N SER B 575 -10.76 -29.21 15.97
CA SER B 575 -11.97 -28.67 16.62
C SER B 575 -13.09 -29.73 16.58
N THR B 576 -13.77 -29.93 17.69
CA THR B 576 -15.00 -30.76 17.78
C THR B 576 -16.23 -29.87 17.97
N THR B 577 -16.09 -28.53 17.87
CA THR B 577 -17.14 -27.58 18.30
C THR B 577 -17.64 -26.65 17.18
N ARG B 578 -17.10 -26.69 15.98
CA ARG B 578 -17.46 -25.70 14.91
C ARG B 578 -18.93 -25.88 14.52
N ILE B 579 -19.36 -27.11 14.27
CA ILE B 579 -20.77 -27.38 13.85
C ILE B 579 -21.72 -27.11 15.02
N ILE B 580 -21.41 -27.57 16.23
CA ILE B 580 -22.35 -27.33 17.37
C ILE B 580 -22.41 -25.84 17.67
N GLN B 581 -21.29 -25.14 17.66
CA GLN B 581 -21.30 -23.70 18.06
C GLN B 581 -22.07 -22.86 17.05
N TYR B 582 -21.82 -23.01 15.75
CA TYR B 582 -22.23 -22.01 14.74
C TYR B 582 -23.45 -22.46 13.96
N TYR B 583 -23.67 -23.74 13.76
CA TYR B 583 -24.79 -24.19 12.86
C TYR B 583 -25.92 -24.84 13.63
N SER B 584 -25.64 -25.52 14.75
CA SER B 584 -26.64 -26.33 15.50
C SER B 584 -27.52 -25.37 16.30
N SER B 585 -28.62 -25.93 16.83
CA SER B 585 -29.59 -25.26 17.72
C SER B 585 -29.16 -25.38 19.18
N TYR B 586 -28.02 -25.97 19.50
CA TYR B 586 -27.69 -26.26 20.92
C TYR B 586 -27.14 -25.02 21.62
N TRP B 587 -26.23 -24.29 20.97
CA TRP B 587 -25.44 -23.23 21.67
C TRP B 587 -25.98 -21.85 21.32
N TYR B 588 -25.41 -21.19 20.31
CA TYR B 588 -25.78 -19.81 19.95
C TYR B 588 -26.73 -19.90 18.77
N ALA B 589 -28.04 -19.91 19.01
CA ALA B 589 -28.99 -20.30 17.95
C ALA B 589 -30.28 -19.48 17.98
N PRO B 590 -30.21 -18.14 17.84
CA PRO B 590 -28.95 -17.42 17.61
C PRO B 590 -28.14 -17.03 18.86
N GLY B 591 -28.83 -16.89 19.99
CA GLY B 591 -28.25 -16.58 21.31
C GLY B 591 -28.32 -17.80 22.23
N LEU B 592 -27.99 -17.58 23.49
CA LEU B 592 -27.88 -18.66 24.49
C LEU B 592 -29.20 -18.87 25.23
N VAL B 593 -30.18 -17.99 25.06
CA VAL B 593 -31.35 -17.87 25.97
C VAL B 593 -32.67 -17.80 25.18
N GLY B 594 -33.66 -18.55 25.66
CA GLY B 594 -35.05 -18.55 25.19
C GLY B 594 -35.16 -19.29 23.88
N TRP B 595 -35.87 -18.69 22.94
CA TRP B 595 -36.13 -19.33 21.63
C TRP B 595 -34.82 -19.58 20.87
N LYS B 596 -34.67 -20.81 20.41
CA LYS B 596 -33.58 -21.25 19.53
C LYS B 596 -34.17 -21.99 18.33
N TRP B 597 -33.39 -22.12 17.27
CA TRP B 597 -33.83 -22.77 16.02
C TRP B 597 -33.73 -24.30 16.13
N THR B 598 -34.35 -24.85 17.18
CA THR B 598 -34.52 -26.32 17.39
C THR B 598 -35.47 -26.91 16.34
N PRO B 599 -35.35 -28.19 16.00
CA PRO B 599 -36.34 -28.85 15.11
C PRO B 599 -37.78 -28.75 15.64
N GLU B 600 -37.98 -28.64 16.96
CA GLU B 600 -39.31 -28.50 17.61
C GLU B 600 -39.87 -27.12 17.29
N ASN B 601 -39.02 -26.09 17.18
CA ASN B 601 -39.45 -24.67 17.00
C ASN B 601 -39.55 -24.28 15.52
N THR B 602 -38.88 -24.96 14.60
CA THR B 602 -38.71 -24.45 13.22
C THR B 602 -38.33 -25.61 12.27
N GLN B 603 -38.62 -25.46 11.00
CA GLN B 603 -38.24 -26.45 9.99
C GLN B 603 -36.73 -26.35 9.73
N ARG B 604 -36.05 -27.50 9.66
CA ARG B 604 -34.58 -27.57 9.60
C ARG B 604 -34.16 -28.27 8.32
N VAL B 605 -33.12 -27.76 7.71
CA VAL B 605 -32.49 -28.34 6.49
C VAL B 605 -31.91 -29.72 6.82
N THR B 606 -32.08 -30.67 5.91
CA THR B 606 -31.57 -32.06 6.02
C THR B 606 -30.48 -32.27 4.99
N MSE B 607 -29.62 -33.26 5.21
CA MSE B 607 -28.49 -33.66 4.33
C MSE B 607 -29.03 -33.90 2.92
O MSE B 607 -28.46 -33.36 1.97
CB MSE B 607 -27.74 -34.90 4.87
CG MSE B 607 -26.31 -35.12 4.30
SE MSE B 607 -25.31 -33.49 4.70
CE MSE B 607 -25.12 -32.70 2.90
N GLU B 608 -30.13 -34.64 2.78
CA GLU B 608 -30.68 -34.98 1.45
C GLU B 608 -31.02 -33.71 0.68
N GLU B 609 -31.63 -32.73 1.32
CA GLU B 609 -32.06 -31.47 0.67
C GLU B 609 -30.82 -30.76 0.11
N VAL B 610 -29.72 -30.75 0.87
CA VAL B 610 -28.49 -30.04 0.45
C VAL B 610 -27.87 -30.85 -0.68
N LEU B 611 -27.86 -32.17 -0.56
CA LEU B 611 -27.21 -33.00 -1.60
C LEU B 611 -27.96 -32.82 -2.92
N LYS B 612 -29.28 -32.78 -2.91
CA LYS B 612 -30.13 -32.56 -4.11
C LYS B 612 -29.84 -31.15 -4.67
N PHE B 613 -29.69 -30.13 -3.83
CA PHE B 613 -29.33 -28.79 -4.35
C PHE B 613 -27.99 -28.84 -5.07
N LEU B 614 -26.99 -29.45 -4.44
CA LEU B 614 -25.58 -29.42 -4.90
C LEU B 614 -25.42 -30.31 -6.12
N GLY B 615 -26.33 -31.29 -6.33
CA GLY B 615 -26.28 -32.18 -7.49
C GLY B 615 -27.38 -31.89 -8.51
N ASN B 616 -28.08 -30.76 -8.42
CA ASN B 616 -29.19 -30.42 -9.35
C ASN B 616 -30.18 -31.60 -9.43
N GLY B 617 -30.57 -32.17 -8.30
CA GLY B 617 -31.52 -33.28 -8.21
C GLY B 617 -30.84 -34.63 -8.02
N ASP B 618 -29.58 -34.81 -8.41
CA ASP B 618 -28.88 -36.11 -8.27
C ASP B 618 -28.03 -36.14 -7.00
N ILE B 619 -28.32 -37.08 -6.10
CA ILE B 619 -27.66 -37.18 -4.77
C ILE B 619 -26.17 -37.49 -4.97
N GLN B 620 -25.83 -38.39 -5.87
CA GLN B 620 -24.42 -38.82 -6.08
C GLN B 620 -23.61 -37.61 -6.57
N ALA B 621 -24.14 -36.84 -7.53
CA ALA B 621 -23.47 -35.63 -8.05
C ALA B 621 -23.23 -34.66 -6.86
N GLY B 622 -24.19 -34.55 -5.93
CA GLY B 622 -24.06 -33.71 -4.74
C GLY B 622 -22.93 -34.20 -3.85
N LEU B 623 -22.89 -35.51 -3.59
CA LEU B 623 -21.81 -36.11 -2.77
C LEU B 623 -20.46 -35.85 -3.45
N ASP B 624 -20.40 -35.99 -4.77
CA ASP B 624 -19.13 -35.84 -5.52
C ASP B 624 -18.58 -34.42 -5.27
N SER B 625 -19.46 -33.42 -5.12
CA SER B 625 -19.07 -32.00 -4.98
C SER B 625 -18.35 -31.76 -3.66
N LEU B 626 -18.53 -32.64 -2.66
CA LEU B 626 -18.11 -32.31 -1.27
C LEU B 626 -16.77 -32.95 -0.88
N GLY B 627 -16.11 -33.67 -1.79
CA GLY B 627 -14.76 -34.22 -1.53
C GLY B 627 -14.71 -35.14 -0.32
N LEU B 628 -15.68 -36.04 -0.20
CA LEU B 628 -15.84 -36.92 1.00
C LEU B 628 -14.89 -38.11 0.92
N SER B 629 -14.35 -38.53 2.07
CA SER B 629 -13.36 -39.61 2.23
C SER B 629 -14.08 -40.94 2.49
N TYR B 630 -15.15 -40.95 3.29
CA TYR B 630 -15.88 -42.20 3.64
C TYR B 630 -17.31 -42.18 3.04
N TYR B 631 -18.12 -41.17 3.36
CA TYR B 631 -19.54 -41.09 2.95
C TYR B 631 -19.69 -40.59 1.50
N ASN B 632 -19.04 -41.25 0.53
CA ASN B 632 -18.94 -40.72 -0.85
C ASN B 632 -19.78 -41.53 -1.86
N THR B 633 -20.66 -42.41 -1.41
CA THR B 633 -21.64 -43.12 -2.29
C THR B 633 -23.06 -42.97 -1.73
N VAL B 634 -24.04 -42.98 -2.63
CA VAL B 634 -25.50 -43.01 -2.30
C VAL B 634 -25.74 -44.12 -1.25
N ASP B 635 -25.16 -45.29 -1.45
CA ASP B 635 -25.29 -46.43 -0.49
C ASP B 635 -24.74 -46.02 0.90
N LYS B 636 -23.58 -45.38 0.99
CA LYS B 636 -22.97 -45.08 2.31
C LYS B 636 -23.67 -43.88 2.99
N ILE B 637 -24.28 -42.95 2.24
CA ILE B 637 -24.92 -41.73 2.82
C ILE B 637 -26.29 -42.07 3.42
N GLN B 638 -26.90 -43.20 3.05
CA GLN B 638 -28.33 -43.53 3.36
C GLN B 638 -28.66 -43.16 4.81
N PRO B 639 -27.92 -43.61 5.84
CA PRO B 639 -28.35 -43.34 7.23
C PRO B 639 -28.32 -41.86 7.64
N LEU B 640 -27.65 -41.01 6.86
CA LEU B 640 -27.42 -39.59 7.19
C LEU B 640 -28.43 -38.73 6.44
N LEU B 641 -29.27 -39.28 5.56
CA LEU B 641 -30.06 -38.45 4.61
C LEU B 641 -30.98 -37.48 5.37
N ASN B 642 -31.51 -37.87 6.52
CA ASN B 642 -32.45 -37.06 7.33
C ASN B 642 -31.72 -36.31 8.44
N TRP B 643 -30.40 -36.42 8.57
CA TRP B 643 -29.67 -35.61 9.57
C TRP B 643 -29.81 -34.12 9.30
N THR B 644 -29.89 -33.34 10.37
CA THR B 644 -29.76 -31.87 10.35
C THR B 644 -28.35 -31.54 10.85
N ALA B 645 -27.97 -30.27 10.79
CA ALA B 645 -26.72 -29.79 11.42
C ALA B 645 -26.65 -30.22 12.89
N ASP B 646 -27.78 -30.41 13.57
CA ASP B 646 -27.77 -30.82 14.99
C ASP B 646 -27.18 -32.23 15.10
N ASP B 647 -27.56 -33.16 14.23
CA ASP B 647 -27.01 -34.56 14.28
C ASP B 647 -25.49 -34.51 14.02
N PHE B 648 -25.02 -33.72 13.04
CA PHE B 648 -23.59 -33.64 12.72
C PHE B 648 -22.87 -33.01 13.93
N ALA B 649 -23.48 -31.97 14.49
CA ALA B 649 -22.94 -31.27 15.67
C ALA B 649 -22.66 -32.32 16.75
N LEU B 650 -23.67 -33.13 17.00
CA LEU B 650 -23.64 -34.09 18.11
C LEU B 650 -22.63 -35.22 17.85
N VAL B 651 -22.56 -35.76 16.63
CA VAL B 651 -21.64 -36.89 16.37
C VAL B 651 -20.20 -36.40 16.52
N ILE B 652 -19.91 -35.16 16.11
CA ILE B 652 -18.54 -34.59 16.21
C ILE B 652 -18.24 -34.32 17.70
N TYR B 653 -19.16 -33.68 18.42
CA TYR B 653 -18.94 -33.17 19.79
C TYR B 653 -18.94 -34.32 20.82
N SER B 654 -19.92 -35.20 20.75
CA SER B 654 -20.13 -36.27 21.74
C SER B 654 -19.46 -37.56 21.27
N GLY B 655 -19.33 -37.79 19.95
CA GLY B 655 -18.63 -38.96 19.37
C GLY B 655 -19.61 -39.90 18.69
N GLU B 656 -20.93 -39.68 18.88
CA GLU B 656 -21.96 -40.60 18.35
C GLU B 656 -23.30 -39.88 18.26
N ALA B 657 -24.12 -40.22 17.26
CA ALA B 657 -25.50 -39.72 17.09
C ALA B 657 -26.30 -40.77 16.33
N ASN B 658 -27.50 -41.09 16.78
CA ASN B 658 -28.45 -42.00 16.08
C ASN B 658 -27.77 -43.33 15.73
N GLY B 659 -26.93 -43.86 16.63
CA GLY B 659 -26.20 -45.14 16.42
C GLY B 659 -24.99 -45.02 15.47
N VAL B 660 -24.73 -43.85 14.89
CA VAL B 660 -23.58 -43.63 13.98
C VAL B 660 -22.39 -43.14 14.81
N LYS B 661 -21.27 -43.83 14.69
CA LYS B 661 -20.08 -43.59 15.53
C LYS B 661 -19.02 -42.87 14.70
N MSE B 662 -18.34 -41.94 15.34
CA MSE B 662 -17.16 -41.28 14.75
C MSE B 662 -15.96 -42.15 15.12
O MSE B 662 -15.27 -41.85 16.11
CB MSE B 662 -17.02 -39.84 15.23
CG MSE B 662 -15.95 -39.11 14.49
SE MSE B 662 -15.81 -37.28 15.16
CE MSE B 662 -15.54 -37.36 17.06
N ASP B 663 -15.67 -43.17 14.30
CA ASP B 663 -14.63 -44.17 14.65
C ASP B 663 -13.49 -44.12 13.64
N SER B 664 -13.42 -43.10 12.77
CA SER B 664 -12.24 -42.88 11.89
C SER B 664 -12.01 -41.38 11.69
N GLU B 665 -10.79 -41.00 11.36
CA GLU B 665 -10.45 -39.60 11.03
C GLU B 665 -11.20 -39.24 9.74
N ASP B 666 -11.27 -40.16 8.77
CA ASP B 666 -12.05 -39.92 7.53
C ASP B 666 -13.46 -39.44 7.92
N LYS B 667 -14.08 -40.10 8.90
CA LYS B 667 -15.48 -39.79 9.24
C LYS B 667 -15.55 -38.45 9.93
N TYR B 668 -14.62 -38.14 10.82
CA TYR B 668 -14.55 -36.81 11.48
C TYR B 668 -14.56 -35.70 10.42
N TRP B 669 -13.70 -35.79 9.42
CA TRP B 669 -13.62 -34.74 8.38
C TRP B 669 -14.93 -34.77 7.57
N ASP B 670 -15.47 -35.94 7.23
CA ASP B 670 -16.72 -35.97 6.46
C ASP B 670 -17.83 -35.28 7.27
N PHE B 671 -17.89 -35.52 8.57
CA PHE B 671 -18.98 -34.96 9.41
C PHE B 671 -18.87 -33.43 9.41
N ASN B 672 -17.66 -32.89 9.45
CA ASN B 672 -17.41 -31.42 9.38
C ASN B 672 -17.82 -30.91 8.01
N ARG B 673 -17.47 -31.62 6.96
CA ARG B 673 -17.82 -31.19 5.58
C ARG B 673 -19.34 -31.16 5.42
N LEU B 674 -20.02 -32.24 5.81
CA LEU B 674 -21.47 -32.44 5.59
C LEU B 674 -22.21 -31.44 6.47
N GLY B 675 -21.74 -31.30 7.71
CA GLY B 675 -22.31 -30.30 8.65
C GLY B 675 -22.20 -28.89 8.11
N THR B 676 -21.06 -28.56 7.52
CA THR B 676 -20.82 -27.22 6.95
C THR B 676 -21.70 -27.01 5.71
N ALA B 677 -21.87 -28.03 4.89
CA ALA B 677 -22.73 -27.92 3.68
C ALA B 677 -24.13 -27.55 4.14
N ILE B 678 -24.65 -28.18 5.18
CA ILE B 678 -26.01 -27.81 5.69
C ILE B 678 -25.95 -26.38 6.21
N GLY B 679 -24.91 -26.07 6.99
CA GLY B 679 -24.82 -24.75 7.62
C GLY B 679 -24.85 -23.62 6.59
N ILE B 680 -24.14 -23.78 5.48
CA ILE B 680 -24.12 -22.75 4.41
C ILE B 680 -25.53 -22.63 3.80
N TYR B 681 -26.16 -23.77 3.50
CA TYR B 681 -27.46 -23.83 2.81
C TYR B 681 -28.54 -23.21 3.72
N GLU B 682 -28.44 -23.49 5.01
CA GLU B 682 -29.45 -23.06 6.01
C GLU B 682 -29.27 -21.58 6.31
N GLY B 683 -28.02 -21.09 6.31
CA GLY B 683 -27.72 -19.65 6.25
C GLY B 683 -28.07 -18.86 7.52
N TYR B 684 -28.18 -19.50 8.69
CA TYR B 684 -28.42 -18.78 9.98
C TYR B 684 -27.29 -17.80 10.27
N ARG B 685 -26.07 -18.16 9.88
CA ARG B 685 -24.88 -17.29 9.95
C ARG B 685 -24.32 -17.13 8.53
N THR B 686 -24.04 -15.89 8.15
CA THR B 686 -23.29 -15.54 6.91
C THR B 686 -21.87 -15.17 7.32
N PHE B 687 -20.93 -16.10 7.17
CA PHE B 687 -19.50 -15.84 7.48
C PHE B 687 -19.02 -14.81 6.46
N LEU B 688 -18.17 -13.89 6.91
CA LEU B 688 -17.69 -12.77 6.06
C LEU B 688 -16.17 -12.80 5.95
N TYR B 689 -15.43 -12.81 7.07
CA TYR B 689 -14.00 -12.47 7.04
C TYR B 689 -13.28 -13.14 8.18
N GLU B 690 -11.98 -13.38 7.99
CA GLU B 690 -10.98 -13.63 9.06
C GLU B 690 -10.14 -12.38 9.26
N ASN B 691 -9.83 -12.01 10.49
CA ASN B 691 -9.01 -10.80 10.77
C ASN B 691 -7.51 -11.16 10.92
N TRP B 692 -6.66 -10.33 10.31
CA TRP B 692 -5.19 -10.36 10.43
C TRP B 692 -4.77 -9.15 11.26
N GLU B 693 -4.41 -9.38 12.51
CA GLU B 693 -4.20 -8.30 13.49
C GLU B 693 -2.89 -8.54 14.23
N PHE B 694 -2.52 -7.59 15.08
CA PHE B 694 -1.21 -7.59 15.78
C PHE B 694 -1.37 -7.09 17.21
N TYR B 695 -0.79 -7.87 18.12
CA TYR B 695 -0.47 -7.47 19.50
C TYR B 695 0.85 -6.70 19.47
N ALA B 696 1.01 -5.74 20.37
CA ALA B 696 2.27 -5.02 20.57
C ALA B 696 2.68 -5.22 22.02
N ALA B 697 3.99 -5.38 22.24
CA ALA B 697 4.56 -5.34 23.60
C ALA B 697 5.90 -4.64 23.54
N SER B 698 6.30 -4.13 24.68
CA SER B 698 7.62 -3.49 24.87
C SER B 698 8.70 -4.41 24.30
N LYS B 699 9.69 -3.81 23.65
CA LYS B 699 10.90 -4.52 23.19
C LYS B 699 11.65 -5.10 24.39
N ASP B 700 11.39 -4.63 25.63
CA ASP B 700 12.15 -5.06 26.83
C ASP B 700 11.44 -6.25 27.50
N ILE B 701 10.43 -6.84 26.85
CA ILE B 701 9.74 -8.06 27.34
C ILE B 701 9.95 -9.24 26.40
N GLU B 702 10.36 -10.37 26.95
CA GLU B 702 10.55 -11.66 26.19
C GLU B 702 9.31 -12.53 26.48
N ILE B 703 8.70 -13.05 25.45
CA ILE B 703 7.52 -13.95 25.57
C ILE B 703 7.90 -15.28 24.90
N LYS B 704 8.22 -16.28 25.70
CA LYS B 704 8.76 -17.56 25.21
C LYS B 704 7.66 -18.36 24.50
N LEU B 705 6.42 -18.36 25.05
CA LEU B 705 5.29 -19.17 24.54
C LEU B 705 4.29 -18.23 23.86
N VAL B 706 4.36 -18.14 22.54
CA VAL B 706 3.48 -17.28 21.72
C VAL B 706 2.65 -18.23 20.87
N ASP B 707 1.35 -18.17 21.02
CA ASP B 707 0.46 -18.99 20.21
C ASP B 707 0.56 -18.48 18.77
N PRO B 708 0.85 -19.38 17.82
CA PRO B 708 1.11 -18.99 16.44
C PRO B 708 -0.11 -18.32 15.80
N VAL B 709 -1.33 -18.60 16.26
CA VAL B 709 -2.55 -18.01 15.66
C VAL B 709 -3.30 -17.12 16.67
N ALA B 710 -3.30 -17.43 17.98
CA ALA B 710 -4.06 -16.63 18.98
C ALA B 710 -3.19 -15.49 19.54
N GLY B 711 -1.87 -15.54 19.31
CA GLY B 711 -0.93 -14.57 19.91
C GLY B 711 -1.10 -14.46 21.43
N LEU B 712 -1.20 -13.24 21.96
CA LEU B 712 -1.11 -13.00 23.42
C LEU B 712 -2.45 -13.28 24.10
N ALA B 713 -3.51 -13.63 23.36
CA ALA B 713 -4.80 -14.04 23.99
C ALA B 713 -4.61 -15.35 24.76
N SER B 714 -3.65 -16.18 24.31
CA SER B 714 -3.25 -17.42 25.03
C SER B 714 -2.53 -17.05 26.32
N ASP B 715 -3.05 -17.52 27.47
CA ASP B 715 -2.47 -17.27 28.81
C ASP B 715 -1.02 -17.81 28.88
N TRP B 716 -0.62 -18.75 28.03
CA TRP B 716 0.82 -19.16 27.99
C TRP B 716 1.74 -17.98 27.71
N ALA B 717 1.31 -16.99 26.92
CA ALA B 717 2.14 -15.82 26.63
C ALA B 717 2.49 -15.07 27.93
N ILE B 718 1.50 -14.62 28.69
CA ILE B 718 1.80 -13.82 29.91
C ILE B 718 2.40 -14.72 31.00
N ARG B 719 1.98 -15.97 31.10
CA ARG B 719 2.66 -16.90 32.03
C ARG B 719 4.15 -16.98 31.72
N SER B 720 4.57 -16.83 30.44
CA SER B 720 5.99 -17.04 30.00
C SER B 720 6.71 -15.71 29.82
N ALA B 721 6.08 -14.56 30.12
CA ALA B 721 6.66 -13.23 29.85
C ALA B 721 7.68 -12.89 30.93
N ARG B 722 8.80 -12.28 30.54
CA ARG B 722 9.82 -11.83 31.51
C ARG B 722 10.65 -10.71 30.91
N PRO B 723 11.31 -9.88 31.76
CA PRO B 723 12.19 -8.83 31.28
C PRO B 723 13.27 -9.43 30.38
N VAL B 724 13.57 -8.75 29.28
CA VAL B 724 14.85 -8.94 28.55
C VAL B 724 16.01 -8.62 29.50
N VAL B 725 17.03 -9.46 29.51
CA VAL B 725 18.31 -9.19 30.19
C VAL B 725 19.36 -9.00 29.09
N GLU B 726 20.07 -7.88 29.12
CA GLU B 726 20.91 -7.43 28.00
C GLU B 726 22.03 -6.54 28.56
N HIS B 727 23.27 -6.69 28.07
CA HIS B 727 24.43 -5.88 28.50
C HIS B 727 25.16 -5.30 27.27
N HIS B 728 24.42 -4.74 26.31
CA HIS B 728 24.97 -4.32 24.98
C HIS B 728 25.62 -2.91 25.04
N SER C 5 31.22 28.06 -4.23
CA SER C 5 29.88 27.38 -4.09
C SER C 5 29.71 26.32 -5.20
N VAL C 6 29.37 25.11 -4.79
CA VAL C 6 29.35 23.91 -5.66
C VAL C 6 28.02 23.21 -5.46
N LEU C 7 27.29 22.96 -6.52
CA LEU C 7 26.07 22.15 -6.53
C LEU C 7 26.40 20.80 -7.17
N LYS C 8 26.15 19.74 -6.44
CA LYS C 8 26.39 18.36 -6.91
C LYS C 8 25.05 17.72 -7.30
N THR C 9 24.91 17.35 -8.57
CA THR C 9 23.69 16.78 -9.15
C THR C 9 23.97 15.37 -9.69
N VAL C 10 22.92 14.59 -9.75
CA VAL C 10 22.90 13.21 -10.27
C VAL C 10 21.92 13.15 -11.43
N ILE C 11 22.37 12.66 -12.57
CA ILE C 11 21.47 12.24 -13.67
C ILE C 11 21.55 10.73 -13.78
N TYR C 12 20.41 10.06 -13.83
CA TYR C 12 20.34 8.60 -13.97
C TYR C 12 20.91 8.23 -15.34
N SER C 13 21.90 7.36 -15.38
CA SER C 13 22.62 7.00 -16.61
C SER C 13 22.51 5.51 -16.88
N SER C 14 22.85 5.10 -18.08
CA SER C 14 23.18 3.68 -18.35
C SER C 14 24.63 3.48 -17.93
N SER C 15 25.06 2.24 -17.94
CA SER C 15 26.44 1.83 -17.65
C SER C 15 27.43 2.63 -18.55
N GLY C 16 27.18 2.81 -19.86
CA GLY C 16 28.15 3.44 -20.78
C GLY C 16 27.74 4.81 -21.32
N ALA C 17 26.54 5.33 -21.00
CA ALA C 17 26.02 6.56 -21.64
C ALA C 17 25.22 7.38 -20.65
N LEU C 18 25.68 8.62 -20.44
CA LEU C 18 24.87 9.66 -19.80
C LEU C 18 23.83 10.19 -20.81
N PHE C 19 24.23 10.47 -22.05
CA PHE C 19 23.33 11.15 -23.01
C PHE C 19 22.66 10.12 -23.93
N MSE C 20 21.50 10.46 -24.45
CA MSE C 20 20.82 9.65 -25.49
C MSE C 20 20.76 10.48 -26.79
O MSE C 20 20.06 10.11 -27.69
CB MSE C 20 19.43 9.29 -24.97
CG MSE C 20 18.58 8.44 -25.91
SE MSE C 20 16.88 7.91 -25.06
CE MSE C 20 16.16 6.87 -26.55
N GLY C 21 21.37 11.63 -26.86
CA GLY C 21 21.36 12.42 -28.10
C GLY C 21 22.64 13.22 -28.17
N VAL C 22 22.67 14.25 -29.00
CA VAL C 22 23.93 15.01 -29.26
C VAL C 22 23.69 16.51 -29.05
N TRP C 23 24.78 17.24 -28.86
CA TRP C 23 24.83 18.72 -28.72
C TRP C 23 25.08 19.32 -30.10
N ASN C 24 24.04 19.75 -30.81
CA ASN C 24 24.22 20.47 -32.10
C ASN C 24 23.02 21.38 -32.31
N PRO C 25 23.18 22.50 -33.04
CA PRO C 25 22.12 23.48 -33.21
C PRO C 25 21.06 23.13 -34.27
N SER C 26 21.13 21.96 -34.88
CA SER C 26 20.10 21.55 -35.85
C SER C 26 18.84 21.15 -35.07
N SER C 27 17.76 20.82 -35.79
CA SER C 27 16.52 20.34 -35.14
C SER C 27 16.73 18.92 -34.60
N SER C 28 17.77 18.22 -35.06
CA SER C 28 18.12 16.85 -34.58
C SER C 28 19.00 16.92 -33.31
N GLY C 29 19.43 18.09 -32.87
CA GLY C 29 20.21 18.24 -31.64
C GLY C 29 19.35 18.22 -30.38
N TYR C 30 19.88 17.71 -29.25
CA TYR C 30 19.18 17.78 -27.95
C TYR C 30 17.80 17.07 -28.04
N SER C 31 17.73 15.93 -28.70
CA SER C 31 16.48 15.13 -28.86
C SER C 31 16.07 14.50 -27.51
N ASP C 32 17.03 14.29 -26.61
CA ASP C 32 16.86 13.53 -25.35
C ASP C 32 16.82 14.51 -24.16
N THR C 33 16.23 14.06 -23.07
CA THR C 33 16.02 14.80 -21.82
C THR C 33 17.35 14.89 -21.09
N TYR C 34 18.27 13.95 -21.31
CA TYR C 34 19.56 13.94 -20.54
C TYR C 34 20.43 15.12 -20.98
N SER C 35 20.72 15.22 -22.27
CA SER C 35 21.47 16.39 -22.81
C SER C 35 20.64 17.67 -22.58
N ARG C 36 19.34 17.66 -22.75
CA ARG C 36 18.49 18.90 -22.70
C ARG C 36 18.55 19.54 -21.31
N ARG C 37 18.56 18.75 -20.27
CA ARG C 37 18.58 19.18 -18.86
C ARG C 37 19.78 20.09 -18.67
N ILE C 38 20.95 19.66 -19.13
CA ILE C 38 22.22 20.42 -18.96
C ILE C 38 22.22 21.61 -19.92
N ALA C 39 21.88 21.35 -21.20
CA ALA C 39 21.93 22.36 -22.29
C ALA C 39 21.02 23.56 -21.96
N ASP C 40 19.92 23.31 -21.23
CA ASP C 40 18.95 24.38 -20.90
C ASP C 40 19.54 25.37 -19.86
N LEU C 41 20.69 25.06 -19.27
CA LEU C 41 21.46 25.97 -18.37
C LEU C 41 22.60 26.65 -19.14
N VAL C 42 22.98 26.13 -20.31
CA VAL C 42 24.15 26.61 -21.11
C VAL C 42 23.66 27.58 -22.20
N PHE C 43 22.42 27.46 -22.59
CA PHE C 43 21.75 28.27 -23.63
C PHE C 43 20.53 28.92 -23.02
N ASP C 44 20.32 30.18 -23.42
CA ASP C 44 19.11 30.98 -23.14
C ASP C 44 18.26 31.08 -24.39
N SER C 45 16.96 30.96 -24.27
CA SER C 45 15.97 31.25 -25.35
C SER C 45 15.68 32.74 -25.32
N GLY C 46 15.17 33.28 -26.41
CA GLY C 46 14.71 34.68 -26.40
C GLY C 46 13.43 34.85 -25.61
N ILE C 47 12.48 33.93 -25.79
CA ILE C 47 11.14 34.00 -25.19
C ILE C 47 10.78 32.61 -24.66
N PRO C 48 11.41 32.19 -23.54
CA PRO C 48 11.24 30.83 -23.03
C PRO C 48 9.87 30.59 -22.38
N TYR C 49 9.42 29.33 -22.42
CA TYR C 49 8.24 28.87 -21.66
C TYR C 49 8.55 29.03 -20.18
N GLY C 50 7.56 29.47 -19.42
CA GLY C 50 7.66 29.54 -17.96
C GLY C 50 6.94 28.38 -17.31
N ILE C 51 6.94 28.33 -15.99
CA ILE C 51 6.35 27.22 -15.20
C ILE C 51 4.84 27.36 -15.22
N ASP C 52 4.30 28.44 -15.75
CA ASP C 52 2.83 28.61 -15.93
C ASP C 52 2.42 28.09 -17.30
N GLY C 53 3.33 27.62 -18.15
CA GLY C 53 2.91 26.94 -19.40
C GLY C 53 2.81 27.84 -20.64
N VAL C 54 3.22 29.11 -20.54
CA VAL C 54 3.20 30.06 -21.68
C VAL C 54 4.59 30.68 -21.87
N PRO C 55 4.89 31.24 -23.06
CA PRO C 55 6.13 31.98 -23.26
C PRO C 55 6.15 33.29 -22.44
N HIS C 56 7.37 33.67 -22.04
CA HIS C 56 7.67 34.87 -21.24
C HIS C 56 8.83 35.58 -21.90
N PRO C 57 8.86 36.92 -21.89
CA PRO C 57 9.99 37.66 -22.38
C PRO C 57 11.22 37.34 -21.53
N TYR C 58 12.36 37.39 -22.17
CA TYR C 58 13.64 37.15 -21.51
C TYR C 58 14.71 37.99 -22.21
N HIS C 59 15.41 37.41 -23.19
CA HIS C 59 16.36 38.17 -24.03
C HIS C 59 15.57 39.02 -25.02
N CYS C 60 14.32 38.62 -25.32
CA CYS C 60 13.48 39.26 -26.36
C CYS C 60 12.12 39.63 -25.76
N HIS C 61 11.45 40.62 -26.33
CA HIS C 61 10.06 41.00 -26.02
C HIS C 61 9.43 41.63 -27.26
N VAL C 62 8.11 41.51 -27.31
CA VAL C 62 7.28 41.97 -28.45
C VAL C 62 7.01 43.44 -28.18
N VAL C 63 7.49 44.31 -29.05
CA VAL C 63 7.34 45.79 -29.02
C VAL C 63 6.05 46.14 -29.77
N ASP C 64 5.72 45.42 -30.83
CA ASP C 64 4.52 45.71 -31.66
C ASP C 64 4.06 44.42 -32.33
N TYR C 65 2.75 44.33 -32.48
CA TYR C 65 2.01 43.21 -33.11
C TYR C 65 0.82 43.75 -33.90
N LYS C 66 0.71 43.41 -35.18
CA LYS C 66 -0.46 43.70 -36.03
C LYS C 66 -0.77 42.48 -36.88
N SER C 67 -2.02 42.38 -37.34
CA SER C 67 -2.54 41.30 -38.21
C SER C 67 -2.74 41.79 -39.62
N ASP C 68 -2.53 40.92 -40.61
CA ASP C 68 -2.98 41.13 -42.02
C ASP C 68 -2.27 42.39 -42.51
N VAL C 69 -0.95 42.32 -42.61
CA VAL C 69 -0.09 43.46 -43.02
C VAL C 69 0.64 43.04 -44.31
N THR C 70 0.75 43.97 -45.24
CA THR C 70 1.54 43.83 -46.49
C THR C 70 3.00 43.66 -46.12
N VAL C 71 3.64 42.66 -46.72
CA VAL C 71 5.10 42.44 -46.56
C VAL C 71 5.81 43.50 -47.38
N PRO C 72 6.67 44.33 -46.77
CA PRO C 72 7.36 45.38 -47.50
C PRO C 72 8.54 44.78 -48.27
N GLU C 73 9.23 45.62 -49.04
CA GLU C 73 10.25 45.20 -50.03
C GLU C 73 11.62 45.06 -49.37
N ASP C 74 11.74 45.47 -48.12
CA ASP C 74 13.01 45.37 -47.36
C ASP C 74 12.86 44.29 -46.27
N ALA C 75 11.79 43.47 -46.33
CA ALA C 75 11.66 42.25 -45.49
C ALA C 75 12.09 41.03 -46.30
N VAL C 76 13.15 40.34 -45.88
CA VAL C 76 13.83 39.35 -46.73
C VAL C 76 13.76 37.93 -46.11
N ILE C 77 13.92 36.96 -47.00
CA ILE C 77 14.21 35.55 -46.67
C ILE C 77 15.54 35.23 -47.35
N PHE C 78 16.16 34.14 -46.92
CA PHE C 78 17.38 33.63 -47.54
C PHE C 78 17.04 32.69 -48.69
N ASN C 79 17.51 33.00 -49.88
CA ASN C 79 17.35 32.15 -51.08
C ASN C 79 18.58 31.23 -51.17
N SER C 80 18.38 29.94 -50.98
CA SER C 80 19.45 28.93 -50.80
C SER C 80 20.12 28.57 -52.15
N THR C 81 19.43 28.82 -53.27
CA THR C 81 19.93 28.66 -54.66
C THR C 81 21.05 29.70 -54.93
N THR C 82 20.74 30.99 -54.73
CA THR C 82 21.63 32.14 -55.04
C THR C 82 22.50 32.55 -53.83
N ASP C 83 22.28 31.96 -52.67
CA ASP C 83 22.92 32.37 -51.38
C ASP C 83 22.79 33.90 -51.18
N THR C 84 21.62 34.48 -51.39
CA THR C 84 21.36 35.94 -51.22
C THR C 84 20.04 36.16 -50.44
N TRP C 85 19.94 37.27 -49.75
CA TRP C 85 18.70 37.80 -49.11
C TRP C 85 17.81 38.39 -50.22
N VAL C 86 16.57 37.94 -50.38
CA VAL C 86 15.63 38.50 -51.38
C VAL C 86 14.27 38.69 -50.69
N ALA C 87 13.59 39.79 -51.03
CA ALA C 87 12.21 40.04 -50.57
C ALA C 87 11.25 39.22 -51.44
N ALA C 88 11.40 37.90 -51.43
CA ALA C 88 10.62 36.93 -52.25
C ALA C 88 9.11 37.03 -51.99
N HIS C 89 8.69 37.59 -50.86
CA HIS C 89 7.26 37.62 -50.49
C HIS C 89 6.75 39.07 -50.42
N ALA C 90 7.49 40.06 -50.89
CA ALA C 90 7.03 41.48 -50.89
C ALA C 90 5.67 41.54 -51.58
N GLY C 91 4.71 42.26 -50.96
CA GLY C 91 3.37 42.52 -51.51
C GLY C 91 2.37 41.46 -51.03
N GLU C 92 2.81 40.31 -50.52
CA GLU C 92 1.87 39.36 -49.91
C GLU C 92 1.33 39.94 -48.61
N THR C 93 0.19 39.43 -48.18
CA THR C 93 -0.39 39.72 -46.86
C THR C 93 0.17 38.69 -45.86
N ALA C 94 0.82 39.18 -44.80
CA ALA C 94 1.28 38.39 -43.65
C ALA C 94 0.14 38.38 -42.63
N LYS C 95 -0.27 37.17 -42.19
CA LYS C 95 -1.27 37.03 -41.11
C LYS C 95 -0.72 37.78 -39.88
N THR C 96 0.59 37.76 -39.65
CA THR C 96 1.23 38.33 -38.45
C THR C 96 2.45 39.19 -38.82
N TYR C 97 2.48 40.40 -38.25
CA TYR C 97 3.65 41.28 -38.18
C TYR C 97 3.99 41.44 -36.71
N ALA C 98 5.28 41.37 -36.39
CA ALA C 98 5.79 41.57 -35.03
C ALA C 98 7.11 42.34 -35.07
N ARG C 99 7.18 43.41 -34.29
CA ARG C 99 8.49 44.02 -33.99
C ARG C 99 9.01 43.41 -32.67
N ILE C 100 10.21 42.86 -32.70
CA ILE C 100 10.77 42.21 -31.51
C ILE C 100 12.13 42.82 -31.23
N GLU C 101 12.33 43.22 -29.96
CA GLU C 101 13.58 43.83 -29.45
C GLU C 101 14.30 42.75 -28.62
N CYS C 102 15.60 42.64 -28.82
CA CYS C 102 16.50 41.67 -28.16
C CYS C 102 17.62 42.41 -27.44
N ASP C 103 18.21 41.79 -26.43
CA ASP C 103 19.49 42.26 -25.85
C ASP C 103 20.60 41.50 -26.55
N ARG C 104 21.83 41.74 -26.14
CA ARG C 104 23.05 41.18 -26.79
C ARG C 104 23.91 40.58 -25.70
N PRO C 105 23.64 39.32 -25.31
CA PRO C 105 24.47 38.68 -24.30
C PRO C 105 25.84 38.34 -24.91
N TYR C 106 26.79 38.03 -24.06
CA TYR C 106 28.12 37.49 -24.45
C TYR C 106 28.03 35.97 -24.61
N PHE C 107 28.65 35.48 -25.67
CA PHE C 107 28.98 34.05 -25.84
C PHE C 107 30.06 33.66 -24.85
N HIS C 108 30.16 32.39 -24.54
CA HIS C 108 31.08 31.85 -23.50
C HIS C 108 32.56 32.08 -23.86
N ASP C 109 32.91 32.27 -25.15
CA ASP C 109 34.32 32.53 -25.54
C ASP C 109 34.68 33.99 -25.23
N GLY C 110 33.69 34.84 -25.03
CA GLY C 110 33.89 36.25 -24.60
C GLY C 110 33.30 37.27 -25.57
N HIS C 111 32.94 36.92 -26.79
CA HIS C 111 32.50 37.98 -27.76
C HIS C 111 30.99 38.17 -27.68
N LYS C 112 30.53 39.34 -28.07
CA LYS C 112 29.12 39.76 -27.96
C LYS C 112 28.28 39.17 -29.11
N LEU C 113 27.10 38.63 -28.79
CA LEU C 113 26.13 38.14 -29.80
C LEU C 113 25.68 39.34 -30.64
N SER C 114 25.43 39.12 -31.92
CA SER C 114 25.05 40.22 -32.86
C SER C 114 23.97 39.75 -33.85
N ALA C 115 23.45 40.71 -34.64
CA ALA C 115 22.43 40.42 -35.67
C ALA C 115 22.94 39.38 -36.68
N ALA C 116 24.22 39.29 -36.88
CA ALA C 116 24.85 38.31 -37.80
C ALA C 116 24.56 36.89 -37.32
N ASP C 117 24.60 36.66 -36.01
CA ASP C 117 24.32 35.33 -35.41
C ASP C 117 22.87 34.94 -35.72
N VAL C 118 21.95 35.88 -35.55
CA VAL C 118 20.52 35.64 -35.82
C VAL C 118 20.30 35.37 -37.32
N MSE C 119 20.85 36.21 -38.20
CA MSE C 119 20.63 36.08 -39.67
C MSE C 119 21.29 34.77 -40.14
O MSE C 119 20.74 34.10 -41.02
CB MSE C 119 21.11 37.33 -40.42
CG MSE C 119 20.41 38.60 -39.97
SE MSE C 119 18.43 38.49 -40.14
CE MSE C 119 18.24 38.56 -42.08
N TYR C 120 22.42 34.38 -39.56
CA TYR C 120 23.08 33.10 -39.93
C TYR C 120 22.13 31.94 -39.59
N SER C 121 21.60 31.99 -38.38
CA SER C 121 20.67 30.99 -37.83
C SER C 121 19.54 30.74 -38.84
N LEU C 122 18.92 31.82 -39.34
CA LEU C 122 17.77 31.72 -40.27
C LEU C 122 18.26 31.24 -41.64
N ALA C 123 19.35 31.79 -42.15
CA ALA C 123 19.93 31.39 -43.44
C ALA C 123 20.23 29.88 -43.37
N TRP C 124 20.80 29.44 -42.25
CA TRP C 124 21.16 28.01 -42.10
C TRP C 124 19.88 27.20 -42.29
N SER C 125 18.78 27.59 -41.62
CA SER C 125 17.52 26.83 -41.67
C SER C 125 16.98 26.84 -43.12
N TRP C 126 17.00 27.99 -43.80
CA TRP C 126 16.46 28.09 -45.17
C TRP C 126 17.29 27.21 -46.11
N GLU C 127 18.60 27.12 -45.88
CA GLU C 127 19.56 26.42 -46.74
C GLU C 127 19.41 24.91 -46.54
N TRP C 128 19.47 24.43 -45.31
CA TRP C 128 19.51 22.98 -45.01
C TRP C 128 18.13 22.31 -45.11
N THR C 129 17.03 23.06 -45.19
CA THR C 129 15.67 22.47 -45.35
C THR C 129 15.36 22.22 -46.83
N THR C 130 16.14 22.80 -47.75
CA THR C 130 15.85 22.74 -49.20
C THR C 130 17.02 22.03 -49.90
N GLN C 131 16.66 21.06 -50.74
CA GLN C 131 17.61 20.31 -51.60
C GLN C 131 17.74 21.08 -52.90
N ASP C 132 18.78 21.90 -53.04
CA ASP C 132 18.97 22.83 -54.19
C ASP C 132 19.78 22.07 -55.24
N GLY C 133 19.15 21.17 -55.98
CA GLY C 133 19.81 20.23 -56.90
C GLY C 133 19.88 18.87 -56.26
N ASP C 134 19.86 17.80 -57.07
CA ASP C 134 19.90 16.37 -56.62
C ASP C 134 21.11 16.12 -55.70
N ASP C 135 22.21 16.85 -55.92
CA ASP C 135 23.53 16.60 -55.29
C ASP C 135 23.84 17.60 -54.14
N ASP C 136 22.91 18.49 -53.77
CA ASP C 136 23.13 19.61 -52.82
C ASP C 136 23.72 19.04 -51.53
N PRO C 137 24.98 19.39 -51.20
CA PRO C 137 25.59 18.93 -49.98
C PRO C 137 25.06 19.68 -48.73
N TYR C 138 24.50 20.88 -48.91
CA TYR C 138 23.88 21.69 -47.83
C TYR C 138 22.40 21.32 -47.70
N TYR C 139 22.10 20.07 -47.40
CA TYR C 139 20.72 19.53 -47.28
C TYR C 139 20.70 18.41 -46.24
N ASP C 140 19.68 18.39 -45.40
CA ASP C 140 19.48 17.29 -44.42
C ASP C 140 17.99 16.97 -44.46
N ALA C 141 17.65 15.76 -44.87
CA ALA C 141 16.27 15.29 -45.05
C ALA C 141 15.54 15.40 -43.71
N SER C 142 16.16 15.09 -42.58
CA SER C 142 15.51 15.22 -41.24
C SER C 142 15.18 16.69 -40.95
N GLU C 143 16.13 17.59 -41.21
CA GLU C 143 15.93 19.03 -40.96
C GLU C 143 14.73 19.50 -41.79
N ALA C 144 14.63 19.08 -43.07
CA ALA C 144 13.50 19.46 -43.96
C ALA C 144 12.17 18.98 -43.35
N ASP C 145 12.14 17.77 -42.80
CA ASP C 145 10.92 17.23 -42.15
C ASP C 145 10.61 17.99 -40.86
N TRP C 146 11.62 18.24 -40.04
CA TRP C 146 11.44 18.98 -38.76
C TRP C 146 10.85 20.38 -39.04
N SER C 147 11.52 21.15 -39.90
CA SER C 147 11.50 22.63 -39.96
C SER C 147 11.00 23.18 -41.30
N GLY C 148 10.95 22.36 -42.36
CA GLY C 148 10.55 22.85 -43.69
C GLY C 148 9.29 23.66 -43.64
N GLU C 149 8.22 23.10 -43.06
CA GLU C 149 6.87 23.70 -43.05
C GLU C 149 6.87 24.94 -42.15
N TYR C 150 7.64 24.91 -41.06
CA TYR C 150 7.85 26.07 -40.17
C TYR C 150 8.47 27.21 -40.98
N MSE C 151 9.57 26.95 -41.67
CA MSE C 151 10.28 27.98 -42.47
C MSE C 151 9.34 28.51 -43.57
O MSE C 151 9.37 29.73 -43.81
CB MSE C 151 11.59 27.42 -43.03
CG MSE C 151 12.63 27.02 -41.97
SE MSE C 151 13.01 28.42 -40.68
CE MSE C 151 13.87 29.81 -41.88
N ASN C 152 8.50 27.67 -44.18
CA ASN C 152 7.57 28.12 -45.25
C ASN C 152 6.58 29.15 -44.70
N THR C 153 6.31 29.23 -43.39
CA THR C 153 5.33 30.20 -42.89
C THR C 153 5.99 31.56 -42.69
N ILE C 154 7.31 31.62 -42.78
CA ILE C 154 8.07 32.88 -42.52
C ILE C 154 8.13 33.68 -43.83
N LEU C 155 7.47 34.83 -43.88
CA LEU C 155 7.41 35.58 -45.15
C LEU C 155 8.60 36.56 -45.24
N GLY C 156 9.17 37.03 -44.14
CA GLY C 156 10.27 37.96 -44.25
C GLY C 156 10.72 38.53 -42.91
N ILE C 157 11.97 38.94 -42.88
CA ILE C 157 12.57 39.55 -41.66
C ILE C 157 13.39 40.76 -42.08
N LYS C 158 13.40 41.76 -41.22
CA LYS C 158 14.21 42.98 -41.45
C LYS C 158 14.93 43.34 -40.15
N LEU C 159 16.23 43.56 -40.21
CA LEU C 159 16.94 44.18 -39.08
C LEU C 159 16.61 45.67 -39.11
N VAL C 160 15.84 46.14 -38.14
CA VAL C 160 15.45 47.57 -38.09
C VAL C 160 16.61 48.37 -37.49
N GLU C 161 17.38 47.80 -36.59
CA GLU C 161 18.29 48.59 -35.73
C GLU C 161 19.12 47.63 -34.91
N GLN C 162 20.40 47.94 -34.80
CA GLN C 162 21.33 47.26 -33.87
C GLN C 162 22.13 48.37 -33.18
N THR C 163 22.07 48.43 -31.86
CA THR C 163 22.87 49.35 -31.01
C THR C 163 23.84 48.45 -30.23
N ASP C 164 24.58 49.06 -29.33
CA ASP C 164 25.59 48.35 -28.54
C ASP C 164 24.94 47.21 -27.72
N ASP C 165 23.73 47.42 -27.19
CA ASP C 165 23.14 46.44 -26.24
C ASP C 165 21.76 45.99 -26.74
N ARG C 166 21.29 46.39 -27.92
CA ARG C 166 19.94 46.02 -28.39
C ARG C 166 19.96 45.66 -29.88
N MSE C 167 18.99 44.83 -30.28
CA MSE C 167 18.69 44.48 -31.69
C MSE C 167 17.18 44.59 -31.86
O MSE C 167 16.48 44.25 -30.90
CB MSE C 167 19.19 43.08 -32.04
CG MSE C 167 20.65 42.86 -31.78
SE MSE C 167 21.13 41.02 -32.25
CE MSE C 167 19.95 39.94 -31.11
N VAL C 168 16.73 45.15 -32.96
CA VAL C 168 15.29 45.28 -33.28
C VAL C 168 15.05 44.63 -34.64
N PHE C 169 14.08 43.73 -34.69
CA PHE C 169 13.70 43.01 -35.92
C PHE C 169 12.21 43.20 -36.18
N ASP C 170 11.87 43.38 -37.45
CA ASP C 170 10.49 43.25 -37.95
C ASP C 170 10.37 41.84 -38.55
N VAL C 171 9.35 41.11 -38.10
CA VAL C 171 9.05 39.76 -38.63
C VAL C 171 7.65 39.71 -39.26
N TYR C 172 7.53 39.07 -40.41
CA TYR C 172 6.27 38.80 -41.14
C TYR C 172 6.14 37.28 -41.31
N HIS C 173 5.03 36.72 -40.86
CA HIS C 173 4.79 35.26 -40.97
C HIS C 173 3.27 34.98 -40.96
N ASN C 174 2.90 33.75 -41.28
CA ASN C 174 1.49 33.36 -41.53
C ASN C 174 0.94 32.52 -40.38
N HIS C 175 1.53 32.59 -39.20
CA HIS C 175 1.03 31.87 -38.01
C HIS C 175 0.09 32.78 -37.23
N TYR C 176 -1.10 32.28 -36.95
CA TYR C 176 -2.03 32.92 -36.01
C TYR C 176 -2.44 31.83 -35.02
N PHE C 177 -2.08 31.98 -33.76
CA PHE C 177 -2.54 31.08 -32.69
C PHE C 177 -3.65 31.76 -31.91
N PRO C 178 -4.91 31.25 -32.05
CA PRO C 178 -6.08 32.02 -31.63
C PRO C 178 -6.22 32.21 -30.12
N ALA C 179 -5.58 31.41 -29.27
CA ALA C 179 -5.79 31.53 -27.81
C ALA C 179 -4.61 32.25 -27.12
N SER C 180 -3.65 32.82 -27.85
CA SER C 180 -2.50 33.51 -27.22
C SER C 180 -1.85 34.48 -28.19
N GLU C 181 -1.87 35.76 -27.85
CA GLU C 181 -1.16 36.83 -28.56
C GLU C 181 0.36 36.53 -28.60
N ILE C 182 0.97 36.22 -27.47
CA ILE C 182 2.46 36.08 -27.44
C ILE C 182 2.86 34.89 -28.31
N MSE C 183 2.10 33.80 -28.28
CA MSE C 183 2.44 32.62 -29.12
C MSE C 183 2.31 32.99 -30.60
O MSE C 183 3.01 32.37 -31.42
CB MSE C 183 1.52 31.43 -28.79
CG MSE C 183 1.83 30.80 -27.45
SE MSE C 183 0.64 29.30 -27.05
CE MSE C 183 0.99 28.07 -28.55
N THR C 184 1.45 33.93 -30.95
CA THR C 184 1.30 34.43 -32.33
C THR C 184 2.46 35.36 -32.67
N ALA C 185 2.70 36.39 -31.84
CA ALA C 185 3.68 37.46 -32.13
C ALA C 185 5.12 36.94 -32.06
N ALA C 186 5.38 35.91 -31.24
CA ALA C 186 6.72 35.34 -31.01
C ALA C 186 6.82 33.94 -31.61
N TYR C 187 6.04 33.61 -32.63
CA TYR C 187 6.15 32.32 -33.33
C TYR C 187 7.55 32.19 -33.92
N VAL C 188 8.10 33.29 -34.41
CA VAL C 188 9.49 33.35 -34.90
C VAL C 188 10.22 34.29 -33.94
N VAL C 189 11.21 33.77 -33.26
CA VAL C 189 12.02 34.51 -32.26
C VAL C 189 13.36 34.79 -32.92
N PRO C 190 13.69 36.07 -33.18
CA PRO C 190 14.94 36.45 -33.84
C PRO C 190 16.08 36.42 -32.83
N PHE C 191 16.51 35.22 -32.49
CA PHE C 191 17.54 34.96 -31.45
C PHE C 191 18.14 33.61 -31.67
N THR C 192 19.29 33.35 -31.08
CA THR C 192 20.01 32.07 -31.27
C THR C 192 20.96 31.91 -30.08
N GLY C 193 21.53 30.72 -29.93
CA GLY C 193 22.45 30.38 -28.83
C GLY C 193 23.85 30.08 -29.33
N THR C 194 24.07 30.10 -30.63
CA THR C 194 25.31 29.61 -31.26
C THR C 194 25.97 30.72 -32.07
N PRO C 195 27.26 30.98 -31.86
CA PRO C 195 27.99 31.96 -32.67
C PRO C 195 28.12 31.50 -34.13
N TRP C 196 27.86 32.40 -35.09
CA TRP C 196 27.73 32.01 -36.51
C TRP C 196 29.03 31.38 -37.00
N GLN C 197 30.19 31.82 -36.50
CA GLN C 197 31.49 31.34 -37.02
C GLN C 197 31.59 29.83 -36.70
N LEU C 198 31.12 29.41 -35.54
CA LEU C 198 31.13 28.01 -35.10
C LEU C 198 30.13 27.23 -35.96
N TRP C 199 28.94 27.78 -36.16
CA TRP C 199 27.86 27.09 -36.92
C TRP C 199 28.29 26.96 -38.40
N TYR C 200 28.93 28.02 -38.93
CA TYR C 200 29.54 28.03 -40.28
C TYR C 200 30.51 26.86 -40.37
N ALA C 201 31.40 26.72 -39.39
CA ALA C 201 32.40 25.64 -39.40
C ALA C 201 31.70 24.28 -39.36
N MSE C 202 30.69 24.14 -38.52
CA MSE C 202 29.92 22.87 -38.44
C MSE C 202 29.25 22.59 -39.80
O MSE C 202 29.34 21.44 -40.24
CB MSE C 202 28.93 22.92 -37.27
CG MSE C 202 29.65 22.96 -35.94
SE MSE C 202 28.42 22.92 -34.41
CE MSE C 202 27.67 21.20 -34.47
N SER C 203 28.59 23.57 -40.41
CA SER C 203 27.92 23.40 -41.72
C SER C 203 28.92 22.90 -42.77
N GLU C 204 30.11 23.55 -42.82
CA GLU C 204 31.13 23.22 -43.83
C GLU C 204 31.66 21.81 -43.53
N LEU C 205 31.82 21.47 -42.25
CA LEU C 205 32.30 20.12 -41.89
C LEU C 205 31.26 19.08 -42.33
N VAL C 206 29.99 19.28 -42.03
CA VAL C 206 28.94 18.24 -42.34
C VAL C 206 28.76 18.17 -43.85
N ALA C 207 28.78 19.29 -44.55
CA ALA C 207 28.48 19.37 -46.00
C ALA C 207 29.55 18.61 -46.76
N HIS C 208 30.83 18.72 -46.38
CA HIS C 208 31.96 18.27 -47.21
C HIS C 208 32.65 17.04 -46.62
N ASN C 209 32.28 16.57 -45.43
CA ASN C 209 32.90 15.36 -44.80
C ASN C 209 31.80 14.31 -44.61
N PRO C 210 31.85 13.21 -45.37
CA PRO C 210 30.80 12.19 -45.34
C PRO C 210 30.71 11.47 -43.97
N LYS C 211 31.73 11.61 -43.14
CA LYS C 211 31.81 10.97 -41.80
C LYS C 211 30.81 11.65 -40.84
N TYR C 212 30.34 12.88 -41.14
CA TYR C 212 29.50 13.64 -40.19
C TYR C 212 28.12 14.00 -40.78
N SER C 213 27.10 13.89 -39.92
CA SER C 213 25.68 14.21 -40.25
C SER C 213 25.04 14.99 -39.11
N TRP C 214 24.18 15.94 -39.45
CA TRP C 214 23.36 16.63 -38.44
C TRP C 214 22.48 15.60 -37.71
N SER C 215 21.99 14.59 -38.43
CA SER C 215 20.77 13.84 -38.03
C SER C 215 21.01 12.32 -37.88
N GLU C 216 21.95 11.77 -38.63
CA GLU C 216 22.08 10.32 -38.87
C GLU C 216 23.27 9.76 -38.07
N SER C 217 23.11 8.55 -37.54
CA SER C 217 24.20 7.68 -37.02
C SER C 217 24.15 6.31 -37.68
N SER C 218 25.28 5.86 -38.20
CA SER C 218 25.48 4.50 -38.75
C SER C 218 26.88 4.07 -38.36
N GLU C 219 27.30 2.92 -38.89
CA GLU C 219 28.67 2.39 -38.68
C GLU C 219 29.65 3.30 -39.44
N ASP C 220 29.24 4.01 -40.49
CA ASP C 220 30.13 4.84 -41.33
C ASP C 220 29.92 6.33 -41.01
N VAL C 221 28.88 6.70 -40.26
CA VAL C 221 28.48 8.13 -40.13
C VAL C 221 28.25 8.47 -38.66
N GLU C 222 28.85 9.55 -38.14
CA GLU C 222 28.63 10.02 -36.76
C GLU C 222 27.74 11.28 -36.78
N GLN C 223 26.71 11.31 -35.94
CA GLN C 223 25.88 12.50 -35.72
C GLN C 223 26.73 13.55 -35.02
N LEU C 224 26.85 14.74 -35.62
CA LEU C 224 27.75 15.79 -35.09
C LEU C 224 27.34 16.15 -33.64
N ASP C 225 28.33 16.17 -32.75
CA ASP C 225 28.15 16.29 -31.30
C ASP C 225 29.20 17.25 -30.77
N GLN C 226 28.80 18.46 -30.42
CA GLN C 226 29.76 19.50 -29.97
C GLN C 226 30.45 19.11 -28.65
N ILE C 227 29.89 18.17 -27.85
CA ILE C 227 30.51 17.83 -26.55
C ILE C 227 31.51 16.69 -26.76
N ASN C 228 31.47 16.05 -27.93
CA ASN C 228 32.38 14.94 -28.30
C ASN C 228 33.75 15.56 -28.60
N PRO C 229 34.82 15.21 -27.85
CA PRO C 229 36.09 15.91 -28.00
C PRO C 229 36.66 15.71 -29.41
N SER C 230 36.43 14.54 -29.98
CA SER C 230 36.91 14.18 -31.33
C SER C 230 36.20 15.07 -32.37
N HIS C 231 34.88 15.18 -32.26
CA HIS C 231 34.07 16.08 -33.13
C HIS C 231 34.59 17.51 -32.98
N ALA C 232 34.91 17.93 -31.76
CA ALA C 232 35.35 19.31 -31.47
C ALA C 232 36.66 19.60 -32.22
N GLN C 233 37.60 18.64 -32.24
CA GLN C 233 38.90 18.74 -32.96
C GLN C 233 38.61 18.97 -34.46
N ALA C 234 37.71 18.21 -35.05
CA ALA C 234 37.38 18.32 -36.49
C ALA C 234 36.71 19.68 -36.75
N ILE C 235 35.87 20.14 -35.84
CA ILE C 235 35.16 21.46 -35.98
C ILE C 235 36.21 22.57 -35.91
N LYS C 236 37.14 22.48 -34.98
CA LYS C 236 38.20 23.50 -34.77
C LYS C 236 39.08 23.62 -36.02
N GLU C 237 39.48 22.48 -36.57
CA GLU C 237 40.27 22.46 -37.83
C GLU C 237 39.46 23.16 -38.92
N LYS C 238 38.17 22.88 -39.07
CA LYS C 238 37.37 23.54 -40.13
C LYS C 238 37.30 25.03 -39.81
N LEU C 239 37.10 25.39 -38.54
CA LEU C 239 36.96 26.80 -38.14
C LEU C 239 38.22 27.57 -38.57
N LEU C 240 39.42 27.07 -38.25
CA LEU C 240 40.69 27.80 -38.51
C LEU C 240 41.04 27.75 -40.00
N GLU C 241 40.61 26.72 -40.73
CA GLU C 241 40.71 26.68 -42.22
C GLU C 241 39.86 27.82 -42.83
N LEU C 242 38.59 27.95 -42.47
CA LEU C 242 37.66 29.00 -42.97
C LEU C 242 38.16 30.39 -42.58
N LYS C 243 38.78 30.55 -41.42
CA LYS C 243 39.31 31.87 -40.99
C LYS C 243 40.25 32.40 -42.08
N GLN C 244 41.08 31.54 -42.66
CA GLN C 244 42.07 31.85 -43.74
C GLN C 244 41.37 31.92 -45.10
N SER C 245 40.60 30.92 -45.49
CA SER C 245 40.09 30.82 -46.89
C SER C 245 38.85 31.72 -47.10
N LYS C 246 37.91 31.83 -46.15
CA LYS C 246 36.65 32.60 -46.34
C LYS C 246 36.05 32.92 -44.98
N PRO C 247 36.64 33.86 -44.23
CA PRO C 247 36.21 34.14 -42.86
C PRO C 247 34.79 34.74 -42.80
N ILE C 248 34.43 35.57 -43.77
CA ILE C 248 33.11 36.24 -43.78
C ILE C 248 32.40 35.83 -45.06
N PRO C 249 31.34 35.00 -44.97
CA PRO C 249 30.52 34.67 -46.13
C PRO C 249 29.82 35.94 -46.64
N GLU C 250 29.70 36.04 -47.98
CA GLU C 250 29.18 37.24 -48.67
C GLU C 250 27.84 37.59 -48.08
N PHE C 251 26.99 36.60 -47.87
CA PHE C 251 25.56 36.87 -47.54
C PHE C 251 25.46 37.51 -46.15
N LEU C 252 26.51 37.44 -45.35
CA LEU C 252 26.45 37.94 -43.96
C LEU C 252 27.08 39.34 -43.87
N LYS C 253 27.79 39.78 -44.92
CA LYS C 253 28.53 41.08 -44.93
C LYS C 253 27.59 42.24 -44.63
N PRO C 254 26.38 42.32 -45.20
CA PRO C 254 25.45 43.40 -44.81
C PRO C 254 25.07 43.45 -43.31
N TYR C 255 25.28 42.37 -42.55
CA TYR C 255 24.81 42.27 -41.14
C TYR C 255 26.01 42.29 -40.17
N ILE C 256 27.23 42.50 -40.65
CA ILE C 256 28.39 42.53 -39.73
C ILE C 256 28.77 43.99 -39.42
N GLU C 257 28.71 44.39 -38.14
CA GLU C 257 29.18 45.73 -37.66
C GLU C 257 30.65 45.94 -38.12
N ASP C 258 31.54 44.98 -37.81
CA ASP C 258 33.02 45.14 -37.86
C ASP C 258 33.68 43.83 -38.30
N GLU C 259 34.19 43.77 -39.53
CA GLU C 259 34.79 42.56 -40.16
C GLU C 259 36.06 42.10 -39.42
N ASN C 260 36.84 43.04 -38.87
CA ASN C 260 38.03 42.71 -38.05
C ASN C 260 37.58 41.97 -36.76
N ALA C 261 36.60 42.51 -36.03
CA ALA C 261 36.06 41.89 -34.79
C ALA C 261 35.47 40.50 -35.11
N ALA C 262 34.70 40.37 -36.19
CA ALA C 262 34.10 39.10 -36.66
C ALA C 262 35.20 38.09 -36.93
N THR C 263 36.32 38.53 -37.51
CA THR C 263 37.46 37.64 -37.84
C THR C 263 38.20 37.25 -36.56
N ALA C 264 38.36 38.18 -35.61
CA ALA C 264 39.01 37.98 -34.30
C ALA C 264 38.21 36.97 -33.47
N ALA C 265 36.88 37.00 -33.55
CA ALA C 265 36.01 36.02 -32.86
C ALA C 265 36.41 34.55 -33.20
N TYR C 266 36.96 34.28 -34.38
CA TYR C 266 37.46 32.92 -34.75
C TYR C 266 38.51 32.50 -33.70
N ASP C 267 39.39 33.40 -33.29
CA ASP C 267 40.49 33.07 -32.33
C ASP C 267 39.94 32.92 -30.91
N SER C 268 39.04 33.79 -30.54
CA SER C 268 38.31 33.73 -29.26
C SER C 268 37.67 32.34 -29.10
N ILE C 269 36.91 31.91 -30.12
CA ILE C 269 36.18 30.61 -30.19
C ILE C 269 37.18 29.47 -30.08
N ALA C 270 38.24 29.49 -30.90
CA ALA C 270 39.28 28.42 -30.91
C ALA C 270 39.93 28.31 -29.52
N LYS C 271 40.24 29.44 -28.88
CA LYS C 271 40.94 29.45 -27.57
C LYS C 271 40.03 28.81 -26.52
N PHE C 272 38.73 29.11 -26.51
CA PHE C 272 37.75 28.47 -25.60
C PHE C 272 37.73 26.94 -25.83
N MSE C 273 37.65 26.51 -27.08
CA MSE C 273 37.59 25.07 -27.43
C MSE C 273 38.88 24.40 -26.95
O MSE C 273 38.82 23.27 -26.44
CB MSE C 273 37.37 24.92 -28.93
CG MSE C 273 36.06 25.56 -29.41
SE MSE C 273 35.79 25.25 -31.34
CE MSE C 273 36.02 23.32 -31.46
N ASP C 274 40.03 25.07 -27.09
CA ASP C 274 41.35 24.54 -26.64
C ASP C 274 41.33 24.36 -25.12
N GLU C 275 40.83 25.36 -24.38
CA GLU C 275 40.83 25.33 -22.91
C GLU C 275 39.92 24.22 -22.42
N HIS C 276 38.84 23.86 -23.11
CA HIS C 276 37.75 23.02 -22.52
C HIS C 276 37.61 21.67 -23.23
N ASN C 277 38.27 21.44 -24.35
CA ASN C 277 38.32 20.15 -25.05
C ASN C 277 36.91 19.79 -25.60
N HIS C 278 36.15 20.79 -26.06
CA HIS C 278 34.81 20.56 -26.66
C HIS C 278 34.45 21.78 -27.50
N ALA C 279 33.31 21.76 -28.16
CA ALA C 279 32.85 22.82 -29.09
C ALA C 279 31.54 23.46 -28.61
N VAL C 280 31.14 23.22 -27.35
CA VAL C 280 29.84 23.74 -26.84
C VAL C 280 30.08 25.16 -26.35
N ILE C 281 29.61 26.11 -27.15
CA ILE C 281 29.63 27.56 -26.80
C ILE C 281 28.19 28.06 -26.88
N GLY C 282 27.71 28.57 -25.73
CA GLY C 282 26.36 29.14 -25.55
C GLY C 282 26.44 30.58 -25.09
N GLN C 283 25.30 31.11 -24.69
CA GLN C 283 25.17 32.49 -24.14
C GLN C 283 24.33 32.44 -22.86
N GLY C 284 24.16 31.25 -22.30
CA GLY C 284 23.47 31.04 -21.04
C GLY C 284 24.36 31.26 -19.82
N PRO C 285 23.76 31.13 -18.61
CA PRO C 285 24.46 31.44 -17.36
C PRO C 285 25.61 30.49 -17.04
N TYR C 286 25.62 29.28 -17.59
CA TYR C 286 26.70 28.29 -17.34
C TYR C 286 27.39 27.97 -18.66
N TYR C 287 28.72 27.93 -18.63
CA TYR C 287 29.53 27.31 -19.71
C TYR C 287 29.90 25.88 -19.32
N VAL C 288 30.07 25.02 -20.30
CA VAL C 288 30.54 23.62 -20.10
C VAL C 288 32.05 23.69 -19.85
N ASP C 289 32.45 23.41 -18.62
CA ASP C 289 33.85 23.50 -18.20
C ASP C 289 34.60 22.25 -18.66
N GLU C 290 34.04 21.06 -18.48
CA GLU C 290 34.73 19.80 -18.78
C GLU C 290 33.72 18.66 -18.90
N TYR C 291 33.98 17.76 -19.83
CA TYR C 291 33.23 16.49 -19.99
C TYR C 291 34.21 15.35 -19.88
N GLN C 292 33.91 14.41 -19.01
CA GLN C 292 34.64 13.13 -18.79
C GLN C 292 33.67 12.01 -19.12
N PRO C 293 33.57 11.61 -20.39
CA PRO C 293 32.67 10.54 -20.81
C PRO C 293 32.98 9.24 -20.06
N GLU C 294 34.27 8.93 -19.83
CA GLU C 294 34.69 7.68 -19.16
C GLU C 294 34.14 7.67 -17.73
N ASN C 295 33.83 8.82 -17.14
CA ASN C 295 33.35 8.88 -15.72
C ASN C 295 31.88 9.27 -15.66
N LEU C 296 31.20 9.41 -16.80
CA LEU C 296 29.79 9.87 -16.87
C LEU C 296 29.69 11.17 -16.07
N PHE C 297 30.64 12.08 -16.29
CA PHE C 297 30.75 13.31 -15.48
C PHE C 297 30.77 14.55 -16.36
N VAL C 298 30.05 15.59 -15.94
CA VAL C 298 30.12 16.93 -16.57
C VAL C 298 30.31 17.97 -15.48
N ARG C 299 31.11 19.00 -15.76
CA ARG C 299 31.21 20.20 -14.91
C ARG C 299 30.80 21.40 -15.74
N ILE C 300 29.85 22.20 -15.22
CA ILE C 300 29.51 23.51 -15.80
C ILE C 300 29.76 24.57 -14.74
N LYS C 301 30.12 25.77 -15.19
CA LYS C 301 30.56 26.88 -14.31
C LYS C 301 29.82 28.16 -14.71
N LYS C 302 29.49 28.98 -13.70
CA LYS C 302 28.79 30.26 -13.92
C LYS C 302 29.68 31.16 -14.79
N PHE C 303 29.11 31.69 -15.87
CA PHE C 303 29.80 32.63 -16.77
C PHE C 303 29.77 34.02 -16.17
N ASP C 304 30.94 34.61 -15.89
CA ASP C 304 31.00 35.89 -15.15
C ASP C 304 30.45 37.07 -15.98
N LYS C 305 30.26 36.94 -17.29
CA LYS C 305 29.68 38.03 -18.12
C LYS C 305 28.18 37.87 -18.28
N TRP C 306 27.58 36.76 -17.87
CA TRP C 306 26.10 36.59 -18.01
C TRP C 306 25.44 37.58 -17.03
N THR C 307 24.38 38.25 -17.47
CA THR C 307 23.52 39.10 -16.62
C THR C 307 22.06 38.67 -16.81
N ILE C 308 21.21 39.06 -15.87
CA ILE C 308 19.78 38.81 -15.99
C ILE C 308 19.32 39.44 -17.29
N PRO C 309 18.69 38.67 -18.21
CA PRO C 309 18.22 39.25 -19.46
C PRO C 309 17.33 40.49 -19.25
N ALA C 310 17.44 41.45 -20.16
CA ALA C 310 16.91 42.83 -20.01
C ALA C 310 15.36 42.77 -19.85
N PHE C 311 14.65 41.80 -20.43
CA PHE C 311 13.17 41.86 -20.46
C PHE C 311 12.55 40.77 -19.56
N ALA C 312 13.35 40.14 -18.73
CA ALA C 312 12.87 39.17 -17.73
C ALA C 312 11.89 39.88 -16.83
N GLU C 313 10.71 39.30 -16.65
CA GLU C 313 9.74 39.74 -15.65
C GLU C 313 10.22 39.35 -14.26
N PRO C 314 9.65 39.93 -13.20
CA PRO C 314 10.08 39.64 -11.83
C PRO C 314 10.26 38.16 -11.47
N GLU C 315 9.30 37.28 -11.76
CA GLU C 315 9.43 35.84 -11.41
C GLU C 315 10.68 35.23 -12.04
N TYR C 316 11.13 35.72 -13.20
CA TYR C 316 12.21 35.09 -13.99
C TYR C 316 13.52 35.91 -13.88
N GLN C 317 13.57 36.86 -12.96
CA GLN C 317 14.80 37.66 -12.73
C GLN C 317 15.74 36.90 -11.79
N VAL C 318 15.80 35.59 -11.85
CA VAL C 318 16.72 34.82 -10.99
C VAL C 318 18.15 34.89 -11.54
N ASP C 319 19.08 35.04 -10.62
CA ASP C 319 20.52 35.12 -10.90
C ASP C 319 21.10 33.84 -10.34
N PRO C 320 21.42 32.83 -11.20
CA PRO C 320 21.79 31.53 -10.69
C PRO C 320 22.92 31.62 -9.65
N TYR C 321 22.66 31.09 -8.46
CA TYR C 321 23.55 31.23 -7.29
C TYR C 321 24.85 30.43 -7.47
N TYR C 322 24.78 29.15 -7.85
CA TYR C 322 25.93 28.23 -7.75
C TYR C 322 26.98 28.53 -8.83
N LYS C 323 28.22 28.66 -8.38
CA LYS C 323 29.37 28.97 -9.26
C LYS C 323 29.73 27.73 -10.07
N THR C 324 29.64 26.56 -9.45
CA THR C 324 29.96 25.27 -10.12
C THR C 324 28.81 24.30 -9.92
N ILE C 325 28.45 23.65 -11.03
CA ILE C 325 27.47 22.54 -11.03
C ILE C 325 28.18 21.31 -11.58
N GLU C 326 28.30 20.31 -10.74
CA GLU C 326 28.82 18.99 -11.08
C GLU C 326 27.62 18.08 -11.36
N VAL C 327 27.76 17.28 -12.40
CA VAL C 327 26.75 16.31 -12.90
C VAL C 327 27.39 14.93 -12.92
N TYR C 328 26.88 14.03 -12.09
CA TYR C 328 27.32 12.64 -11.92
C TYR C 328 26.26 11.73 -12.51
N GLY C 329 26.68 10.96 -13.52
CA GLY C 329 25.94 9.79 -14.01
C GLY C 329 25.97 8.66 -12.99
N ILE C 330 24.82 8.20 -12.56
CA ILE C 330 24.71 7.06 -11.62
C ILE C 330 23.73 6.05 -12.23
N GLN C 331 24.14 4.80 -12.33
CA GLN C 331 23.43 3.78 -13.17
C GLN C 331 22.48 2.92 -12.33
N ASN C 332 22.44 3.08 -11.03
CA ASN C 332 21.52 2.36 -10.15
C ASN C 332 20.58 3.36 -9.42
N GLU C 333 19.27 3.16 -9.51
CA GLU C 333 18.24 4.06 -8.93
C GLU C 333 18.39 4.11 -7.41
N ASP C 334 18.47 2.97 -6.76
CA ASP C 334 18.49 2.91 -5.29
C ASP C 334 19.73 3.62 -4.75
N THR C 335 20.87 3.38 -5.39
CA THR C 335 22.15 3.97 -5.01
C THR C 335 22.02 5.49 -5.18
N ALA C 336 21.49 5.96 -6.30
CA ALA C 336 21.29 7.41 -6.56
C ALA C 336 20.51 8.03 -5.40
N ILE C 337 19.43 7.36 -5.00
CA ILE C 337 18.52 7.87 -3.94
C ILE C 337 19.29 7.94 -2.64
N LEU C 338 20.02 6.89 -2.31
CA LEU C 338 20.76 6.83 -1.04
C LEU C 338 21.87 7.89 -1.01
N GLU C 339 22.50 8.15 -2.14
CA GLU C 339 23.62 9.11 -2.20
C GLU C 339 23.07 10.50 -1.87
N VAL C 340 21.86 10.82 -2.32
CA VAL C 340 21.28 12.15 -2.03
C VAL C 340 20.75 12.16 -0.58
N ALA C 341 20.09 11.08 -0.16
CA ALA C 341 19.48 10.98 1.18
C ALA C 341 20.57 11.01 2.25
N ASN C 342 21.75 10.47 1.99
CA ASN C 342 22.86 10.44 2.97
C ASN C 342 23.69 11.70 2.82
N GLY C 343 23.36 12.62 1.90
CA GLY C 343 24.00 13.95 1.84
C GLY C 343 25.25 14.00 1.00
N HIS C 344 25.58 13.02 0.15
CA HIS C 344 26.82 13.07 -0.67
C HIS C 344 26.56 13.93 -1.91
N TYR C 345 25.32 14.01 -2.41
CA TYR C 345 24.96 14.89 -3.54
C TYR C 345 23.76 15.72 -3.13
N ASP C 346 23.56 16.84 -3.82
CA ASP C 346 22.54 17.88 -3.49
C ASP C 346 21.22 17.61 -4.20
N ILE C 347 21.27 17.25 -5.48
CA ILE C 347 20.04 17.10 -6.31
C ILE C 347 20.08 15.79 -7.09
N LEU C 348 19.05 14.99 -6.90
CA LEU C 348 18.74 13.87 -7.78
C LEU C 348 17.92 14.45 -8.91
N TRP C 349 18.58 14.66 -10.04
CA TRP C 349 18.11 15.48 -11.18
C TRP C 349 17.50 14.56 -12.23
N TYR C 350 16.88 13.47 -11.77
CA TYR C 350 16.11 12.54 -12.61
C TYR C 350 15.15 11.89 -11.66
N PRO C 351 13.83 11.82 -11.98
CA PRO C 351 12.83 11.43 -11.00
C PRO C 351 12.57 9.93 -11.04
N PHE C 352 12.15 9.37 -9.92
CA PHE C 352 11.84 7.93 -9.78
C PHE C 352 10.45 7.76 -9.17
N ALA C 353 9.88 6.60 -9.39
CA ALA C 353 8.57 6.22 -8.84
C ALA C 353 8.61 6.22 -7.31
N ALA C 354 7.45 6.46 -6.69
CA ALA C 354 7.31 6.53 -5.23
C ALA C 354 7.88 5.28 -4.56
N TYR C 355 7.70 4.08 -5.15
CA TYR C 355 8.08 2.81 -4.49
C TYR C 355 9.61 2.70 -4.33
N ARG C 356 10.40 3.51 -5.03
CA ARG C 356 11.87 3.46 -4.95
C ARG C 356 12.32 4.30 -3.75
N PHE C 357 11.45 5.13 -3.19
CA PHE C 357 11.77 6.01 -2.02
C PHE C 357 11.39 5.29 -0.73
N THR C 358 11.30 3.96 -0.73
CA THR C 358 11.01 3.17 0.50
C THR C 358 12.32 2.85 1.24
N GLY C 359 12.18 2.51 2.52
CA GLY C 359 13.24 1.93 3.37
C GLY C 359 14.15 2.97 4.01
N LEU C 360 13.78 4.25 3.83
CA LEU C 360 14.64 5.37 4.32
C LEU C 360 14.31 5.59 5.81
N SER C 361 15.31 5.90 6.63
CA SER C 361 15.13 6.24 8.06
C SER C 361 14.40 7.59 8.15
N ASP C 362 13.81 7.90 9.32
CA ASP C 362 13.19 9.23 9.56
C ASP C 362 14.19 10.34 9.22
N GLU C 363 15.46 10.12 9.54
CA GLU C 363 16.55 11.10 9.33
C GLU C 363 16.83 11.30 7.82
N GLN C 364 17.00 10.21 7.07
CA GLN C 364 17.16 10.19 5.60
C GLN C 364 15.95 10.88 4.97
N ARG C 365 14.73 10.64 5.45
CA ARG C 365 13.54 11.30 4.85
C ARG C 365 13.56 12.79 5.18
N ALA C 366 13.92 13.14 6.41
CA ALA C 366 14.01 14.54 6.83
C ALA C 366 15.10 15.27 6.01
N ASN C 367 16.12 14.55 5.51
CA ASN C 367 17.28 15.19 4.81
C ASN C 367 16.91 15.57 3.37
N ILE C 368 15.78 15.11 2.86
CA ILE C 368 15.42 15.40 1.46
C ILE C 368 14.03 16.03 1.40
N LYS C 369 13.82 16.71 0.28
CA LYS C 369 12.52 17.21 -0.19
C LYS C 369 12.28 16.62 -1.57
N LEU C 370 11.04 16.29 -1.82
CA LEU C 370 10.54 15.65 -3.06
C LEU C 370 9.83 16.70 -3.91
N TYR C 371 10.01 16.63 -5.21
CA TYR C 371 9.32 17.49 -6.18
C TYR C 371 8.69 16.58 -7.23
N ARG C 372 7.40 16.77 -7.50
CA ARG C 372 6.63 15.83 -8.34
C ARG C 372 7.00 16.05 -9.80
N SER C 373 6.91 14.96 -10.55
CA SER C 373 7.03 14.90 -12.02
C SER C 373 5.84 14.13 -12.55
N THR C 374 5.02 14.76 -13.39
CA THR C 374 3.82 14.15 -14.01
C THR C 374 3.81 14.44 -15.51
N SER C 375 4.96 14.71 -16.10
CA SER C 375 5.05 15.17 -17.51
C SER C 375 5.67 14.06 -18.37
N ALA C 376 6.06 12.93 -17.79
CA ALA C 376 6.65 11.77 -18.51
C ALA C 376 5.57 10.74 -18.80
N PHE C 377 5.70 10.03 -19.91
CA PHE C 377 4.71 9.01 -20.31
C PHE C 377 5.38 8.03 -21.24
N GLY C 378 4.69 6.92 -21.49
CA GLY C 378 5.25 5.81 -22.26
C GLY C 378 4.27 5.27 -23.29
N ASP C 379 4.81 4.76 -24.37
CA ASP C 379 4.00 4.18 -25.46
C ASP C 379 4.82 3.16 -26.19
N ILE C 380 4.12 2.31 -26.93
CA ILE C 380 4.79 1.45 -27.94
C ILE C 380 4.74 2.13 -29.30
N VAL C 381 5.90 2.29 -29.97
CA VAL C 381 5.98 2.63 -31.41
C VAL C 381 6.23 1.32 -32.18
N TRP C 382 5.46 1.12 -33.23
CA TRP C 382 5.55 -0.03 -34.13
C TRP C 382 6.35 0.36 -35.37
N ASN C 383 7.09 -0.58 -35.97
CA ASN C 383 7.84 -0.35 -37.23
C ASN C 383 6.96 -0.86 -38.36
N PRO C 384 6.23 0.03 -39.08
CA PRO C 384 5.29 -0.39 -40.08
C PRO C 384 5.92 -0.47 -41.48
N VAL C 385 7.25 -0.51 -41.54
CA VAL C 385 7.99 -0.39 -42.83
C VAL C 385 7.61 -1.55 -43.76
N HIS C 386 7.54 -1.21 -45.06
CA HIS C 386 7.30 -2.19 -46.15
C HIS C 386 7.86 -1.63 -47.47
N ASP C 387 7.97 -2.53 -48.45
CA ASP C 387 8.42 -2.22 -49.82
C ASP C 387 7.42 -1.26 -50.47
N GLN C 388 7.93 -0.42 -51.37
CA GLN C 388 7.10 0.46 -52.23
C GLN C 388 5.98 -0.37 -52.91
N ASP C 389 6.25 -1.57 -53.39
CA ASP C 389 5.30 -2.28 -54.30
C ASP C 389 4.51 -3.33 -53.52
N ASN C 390 4.56 -3.36 -52.19
CA ASN C 390 3.88 -4.42 -51.39
C ASN C 390 3.58 -3.88 -49.98
N PRO C 391 2.29 -3.73 -49.62
CA PRO C 391 1.89 -3.05 -48.38
C PRO C 391 2.28 -3.79 -47.10
N TYR C 392 2.47 -5.12 -47.20
CA TYR C 392 2.64 -6.02 -46.05
C TYR C 392 4.02 -6.66 -45.99
N VAL C 393 4.85 -6.48 -47.01
CA VAL C 393 6.14 -7.21 -47.09
C VAL C 393 7.32 -6.24 -47.11
N ILE C 394 8.38 -6.60 -46.39
CA ILE C 394 9.66 -5.85 -46.42
C ILE C 394 10.74 -6.78 -46.97
N THR C 395 11.49 -6.29 -47.96
CA THR C 395 12.68 -6.99 -48.49
C THR C 395 13.94 -6.50 -47.74
N VAL C 396 14.67 -7.41 -47.11
CA VAL C 396 16.00 -7.14 -46.46
C VAL C 396 17.02 -8.10 -47.08
N GLY C 397 17.90 -7.56 -47.95
CA GLY C 397 18.79 -8.35 -48.83
C GLY C 397 18.00 -9.35 -49.65
N ASP C 398 18.28 -10.64 -49.45
CA ASP C 398 17.73 -11.74 -50.28
C ASP C 398 16.47 -12.31 -49.63
N LYS C 399 16.06 -11.76 -48.50
CA LYS C 399 14.91 -12.30 -47.74
C LYS C 399 13.73 -11.32 -47.82
N LYS C 400 12.52 -11.86 -47.87
CA LYS C 400 11.24 -11.12 -47.76
C LYS C 400 10.55 -11.52 -46.45
N TYR C 401 10.07 -10.55 -45.68
CA TYR C 401 9.38 -10.82 -44.41
C TYR C 401 8.01 -10.15 -44.46
N PHE C 402 7.04 -10.81 -43.85
CA PHE C 402 5.70 -10.25 -43.57
C PHE C 402 5.84 -9.37 -42.32
N ASN C 403 5.44 -8.12 -42.42
CA ASN C 403 5.39 -7.17 -41.30
C ASN C 403 3.94 -7.05 -40.86
N PRO C 404 3.54 -7.72 -39.75
CA PRO C 404 2.16 -7.62 -39.28
C PRO C 404 1.80 -6.17 -38.89
N PHE C 405 2.76 -5.38 -38.47
CA PHE C 405 2.50 -3.98 -38.02
C PHE C 405 2.49 -3.00 -39.19
N ALA C 406 2.59 -3.51 -40.43
CA ALA C 406 2.27 -2.73 -41.63
C ALA C 406 0.76 -2.79 -41.86
N VAL C 407 0.06 -3.69 -41.18
CA VAL C 407 -1.43 -3.83 -41.33
C VAL C 407 -2.12 -2.95 -40.28
N ARG C 408 -2.81 -1.93 -40.74
CA ARG C 408 -3.51 -0.91 -39.91
C ARG C 408 -4.38 -1.63 -38.88
N LYS C 409 -5.19 -2.58 -39.28
CA LYS C 409 -6.16 -3.22 -38.35
C LYS C 409 -5.42 -4.04 -37.26
N VAL C 410 -4.24 -4.59 -37.54
CA VAL C 410 -3.40 -5.29 -36.53
C VAL C 410 -2.95 -4.27 -35.49
N ARG C 411 -2.36 -3.15 -35.94
CA ARG C 411 -1.95 -2.06 -35.05
C ARG C 411 -3.13 -1.65 -34.16
N PHE C 412 -4.29 -1.43 -34.78
CA PHE C 412 -5.52 -0.95 -34.10
C PHE C 412 -5.96 -1.97 -33.04
N ALA C 413 -5.90 -3.26 -33.36
CA ALA C 413 -6.36 -4.33 -32.45
C ALA C 413 -5.56 -4.26 -31.14
N ILE C 414 -4.30 -3.92 -31.25
CA ILE C 414 -3.38 -3.89 -30.09
C ILE C 414 -3.81 -2.78 -29.12
N GLN C 415 -4.49 -1.73 -29.60
CA GLN C 415 -5.11 -0.72 -28.70
C GLN C 415 -5.98 -1.42 -27.66
N TYR C 416 -6.66 -2.49 -28.04
CA TYR C 416 -7.63 -3.21 -27.15
C TYR C 416 -6.97 -4.42 -26.49
N MSE C 417 -5.88 -4.94 -27.03
CA MSE C 417 -5.21 -6.16 -26.48
C MSE C 417 -4.45 -5.79 -25.20
O MSE C 417 -4.52 -6.56 -24.23
CB MSE C 417 -4.25 -6.73 -27.50
CG MSE C 417 -3.72 -8.10 -27.16
SE MSE C 417 -5.11 -9.44 -27.42
CE MSE C 417 -5.03 -9.16 -29.32
N VAL C 418 -3.77 -4.64 -25.18
CA VAL C 418 -2.92 -4.25 -24.01
C VAL C 418 -3.84 -3.97 -22.81
N ASN C 419 -3.40 -4.41 -21.62
CA ASN C 419 -4.09 -4.15 -20.36
C ASN C 419 -3.33 -3.06 -19.62
N ARG C 420 -3.74 -1.82 -19.76
CA ARG C 420 -2.97 -0.68 -19.19
C ARG C 420 -3.05 -0.69 -17.64
N ALA C 421 -4.12 -1.19 -17.05
CA ALA C 421 -4.26 -1.31 -15.58
C ALA C 421 -3.17 -2.30 -15.09
N TYR C 422 -2.95 -3.39 -15.81
CA TYR C 422 -1.92 -4.39 -15.45
C TYR C 422 -0.58 -3.71 -15.47
N ILE C 423 -0.29 -3.00 -16.54
CA ILE C 423 1.03 -2.37 -16.71
C ILE C 423 1.26 -1.36 -15.58
N THR C 424 0.28 -0.52 -15.29
CA THR C 424 0.44 0.53 -14.25
C THR C 424 0.44 -0.06 -12.82
N GLN C 425 -0.44 -1.00 -12.50
CA GLN C 425 -0.55 -1.56 -11.12
C GLN C 425 0.59 -2.55 -10.84
N ASN C 426 1.02 -3.36 -11.83
CA ASN C 426 2.06 -4.39 -11.61
C ASN C 426 3.45 -3.82 -11.96
N ILE C 427 3.70 -3.48 -13.22
CA ILE C 427 5.06 -3.12 -13.68
C ILE C 427 5.51 -1.80 -13.02
N PHE C 428 4.63 -0.81 -12.90
CA PHE C 428 4.97 0.47 -12.24
C PHE C 428 4.46 0.50 -10.79
N GLN C 429 3.94 -0.62 -10.26
CA GLN C 429 3.56 -0.72 -8.82
C GLN C 429 2.69 0.47 -8.42
N GLY C 430 1.73 0.89 -9.25
CA GLY C 430 0.77 1.95 -8.84
C GLY C 430 1.31 3.38 -9.01
N SER C 431 2.52 3.55 -9.50
CA SER C 431 3.14 4.89 -9.63
C SER C 431 3.01 5.38 -11.07
N ALA C 432 2.00 4.92 -11.79
CA ALA C 432 1.67 5.40 -13.15
C ALA C 432 0.18 5.28 -13.33
N GLY C 433 -0.39 5.99 -14.30
CA GLY C 433 -1.82 5.92 -14.64
C GLY C 433 -1.98 5.55 -16.09
N PRO C 434 -3.03 4.78 -16.45
CA PRO C 434 -3.30 4.47 -17.84
C PRO C 434 -3.39 5.74 -18.70
N MSE C 435 -2.82 5.69 -19.89
CA MSE C 435 -2.93 6.81 -20.84
C MSE C 435 -3.16 6.24 -22.23
O MSE C 435 -2.60 5.17 -22.57
CB MSE C 435 -1.65 7.65 -20.80
CG MSE C 435 -1.82 9.11 -21.34
SE MSE C 435 -0.04 9.84 -21.56
CE MSE C 435 0.87 8.47 -22.57
N PHE C 436 -3.94 6.98 -23.02
CA PHE C 436 -4.45 6.51 -24.34
C PHE C 436 -4.06 7.43 -25.49
N THR C 437 -3.68 8.67 -25.22
CA THR C 437 -3.33 9.72 -26.20
C THR C 437 -2.12 10.44 -25.66
N PRO C 438 -1.45 11.35 -26.43
CA PRO C 438 -0.30 12.06 -25.87
C PRO C 438 -0.58 13.24 -24.91
N TRP C 439 -1.73 13.30 -24.26
CA TRP C 439 -1.98 14.30 -23.19
C TRP C 439 -2.11 13.53 -21.87
N THR C 440 -1.31 13.91 -20.90
CA THR C 440 -1.39 13.41 -19.52
C THR C 440 -2.53 14.09 -18.79
N SER C 441 -2.93 13.46 -17.67
CA SER C 441 -4.04 13.91 -16.83
C SER C 441 -3.69 15.19 -16.07
N THR C 442 -2.47 15.71 -16.16
CA THR C 442 -2.10 16.97 -15.48
C THR C 442 -1.89 18.07 -16.50
N GLU C 443 -2.35 17.89 -17.74
CA GLU C 443 -2.27 18.92 -18.80
C GLU C 443 -3.66 19.46 -19.12
N THR C 444 -3.71 20.74 -19.44
CA THR C 444 -4.90 21.51 -19.89
C THR C 444 -5.76 20.70 -20.87
N GLY C 445 -5.12 20.08 -21.87
CA GLY C 445 -5.92 19.48 -22.97
C GLY C 445 -6.62 18.15 -22.60
N PHE C 446 -6.33 17.59 -21.44
CA PHE C 446 -6.76 16.22 -21.11
C PHE C 446 -8.27 16.04 -21.33
N GLU C 447 -9.09 16.90 -20.77
CA GLU C 447 -10.56 16.73 -20.88
C GLU C 447 -11.05 17.13 -22.28
N TYR C 448 -10.29 17.91 -23.04
CA TYR C 448 -10.65 18.30 -24.43
C TYR C 448 -10.54 17.08 -25.34
N VAL C 449 -9.56 16.18 -25.15
CA VAL C 449 -9.35 15.01 -26.06
C VAL C 449 -9.94 13.74 -25.45
N ARG C 450 -10.40 13.80 -24.20
CA ARG C 450 -11.00 12.60 -23.55
C ARG C 450 -12.19 12.03 -24.34
N PRO C 451 -13.11 12.84 -24.90
CA PRO C 451 -14.21 12.28 -25.69
C PRO C 451 -13.74 11.33 -26.81
N VAL C 452 -12.56 11.58 -27.37
CA VAL C 452 -11.99 10.70 -28.43
C VAL C 452 -11.78 9.30 -27.85
N VAL C 453 -11.25 9.25 -26.64
CA VAL C 453 -10.91 7.96 -25.98
C VAL C 453 -12.22 7.21 -25.77
N ASP C 454 -13.23 7.89 -25.28
CA ASP C 454 -14.55 7.28 -25.00
C ASP C 454 -15.25 6.88 -26.33
N ALA C 455 -15.05 7.61 -27.43
CA ALA C 455 -15.67 7.29 -28.73
C ALA C 455 -15.15 5.92 -29.20
N PHE C 456 -13.92 5.56 -28.81
CA PHE C 456 -13.30 4.26 -29.20
C PHE C 456 -13.58 3.19 -28.14
N GLY C 457 -14.26 3.54 -27.04
CA GLY C 457 -14.53 2.64 -25.91
C GLY C 457 -13.26 2.12 -25.25
N LEU C 458 -12.16 2.87 -25.29
CA LEU C 458 -10.87 2.42 -24.71
C LEU C 458 -10.95 2.53 -23.17
N THR C 459 -10.52 1.50 -22.47
CA THR C 459 -10.53 1.48 -20.98
C THR C 459 -9.18 0.94 -20.50
N GLU C 460 -8.97 1.05 -19.21
CA GLU C 460 -7.73 0.58 -18.56
C GLU C 460 -7.64 -0.95 -18.61
N GLN C 461 -8.76 -1.67 -18.61
CA GLN C 461 -8.79 -3.15 -18.82
C GLN C 461 -8.76 -3.42 -20.33
N SER C 462 -8.06 -4.46 -20.75
CA SER C 462 -8.07 -4.93 -22.15
C SER C 462 -9.46 -5.43 -22.50
N ASP C 463 -9.76 -5.43 -23.79
CA ASP C 463 -10.89 -6.19 -24.36
C ASP C 463 -10.30 -7.16 -25.41
N GLU C 464 -9.93 -8.36 -24.97
CA GLU C 464 -9.27 -9.37 -25.85
C GLU C 464 -10.28 -9.90 -26.87
N ASP C 465 -11.57 -9.97 -26.56
CA ASP C 465 -12.58 -10.45 -27.55
C ASP C 465 -12.62 -9.48 -28.73
N LEU C 466 -12.76 -8.16 -28.48
CA LEU C 466 -12.75 -7.18 -29.58
C LEU C 466 -11.38 -7.22 -30.29
N ALA C 467 -10.27 -7.24 -29.54
CA ALA C 467 -8.92 -7.18 -30.12
C ALA C 467 -8.73 -8.39 -31.05
N MSE C 468 -9.12 -9.59 -30.62
CA MSE C 468 -8.97 -10.86 -31.38
C MSE C 468 -9.85 -10.78 -32.64
O MSE C 468 -9.39 -11.19 -33.72
CB MSE C 468 -9.34 -12.09 -30.53
CG MSE C 468 -8.29 -12.52 -29.49
SE MSE C 468 -6.39 -12.36 -30.11
CE MSE C 468 -6.32 -13.69 -31.62
N LYS C 469 -11.05 -10.24 -32.52
CA LYS C 469 -11.98 -10.11 -33.67
C LYS C 469 -11.33 -9.18 -34.71
N LEU C 470 -10.81 -8.02 -34.29
CA LEU C 470 -10.14 -7.04 -35.20
C LEU C 470 -8.87 -7.65 -35.80
N PHE C 471 -8.06 -8.33 -34.97
CA PHE C 471 -6.79 -8.93 -35.41
C PHE C 471 -7.10 -9.96 -36.50
N GLU C 472 -8.01 -10.90 -36.23
CA GLU C 472 -8.33 -12.02 -37.17
C GLU C 472 -8.88 -11.45 -38.49
N GLU C 473 -9.72 -10.41 -38.45
CA GLU C 473 -10.15 -9.76 -39.72
C GLU C 473 -8.94 -9.17 -40.44
N GLY C 474 -8.06 -8.48 -39.72
CA GLY C 474 -6.91 -7.81 -40.37
C GLY C 474 -6.02 -8.82 -41.06
N MSE C 475 -5.77 -9.95 -40.40
CA MSE C 475 -4.87 -11.01 -40.92
C MSE C 475 -5.54 -11.70 -42.12
O MSE C 475 -4.82 -11.98 -43.10
CB MSE C 475 -4.46 -11.96 -39.79
CG MSE C 475 -3.63 -11.30 -38.73
SE MSE C 475 -1.86 -10.83 -39.36
CE MSE C 475 -0.97 -12.56 -39.46
N GLN C 476 -6.85 -11.94 -42.08
CA GLN C 476 -7.56 -12.59 -43.19
C GLN C 476 -7.43 -11.65 -44.40
N GLU C 477 -7.69 -10.35 -44.23
CA GLU C 477 -7.59 -9.39 -45.36
C GLU C 477 -6.14 -9.39 -45.88
N ALA C 478 -5.16 -9.40 -45.00
CA ALA C 478 -3.75 -9.40 -45.42
C ALA C 478 -3.43 -10.69 -46.22
N ALA C 479 -3.85 -11.85 -45.70
CA ALA C 479 -3.61 -13.17 -46.34
C ALA C 479 -4.20 -13.19 -47.75
N GLN C 480 -5.37 -12.60 -47.94
CA GLN C 480 -6.07 -12.68 -49.26
C GLN C 480 -5.39 -11.69 -50.23
N GLU C 481 -4.95 -10.51 -49.78
CA GLU C 481 -4.21 -9.60 -50.67
C GLU C 481 -2.87 -10.25 -51.03
N LEU C 482 -2.22 -10.92 -50.08
CA LEU C 482 -0.90 -11.55 -50.34
C LEU C 482 -1.08 -12.70 -51.33
N ALA C 483 -2.17 -13.47 -51.25
CA ALA C 483 -2.48 -14.60 -52.13
C ALA C 483 -2.51 -14.10 -53.58
N LYS C 484 -3.25 -13.01 -53.85
CA LYS C 484 -3.32 -12.40 -55.20
C LYS C 484 -1.93 -11.99 -55.68
N MSE C 485 -0.97 -11.72 -54.80
CA MSE C 485 0.41 -11.35 -55.22
C MSE C 485 1.34 -12.57 -55.21
O MSE C 485 2.56 -12.36 -55.36
CB MSE C 485 0.92 -10.22 -54.31
CG MSE C 485 -0.07 -9.08 -54.12
SE MSE C 485 0.64 -7.70 -52.89
CE MSE C 485 1.95 -6.98 -54.19
N GLY C 486 0.83 -13.77 -55.03
CA GLY C 486 1.61 -15.02 -55.10
C GLY C 486 2.26 -15.44 -53.79
N TYR C 487 1.91 -14.85 -52.66
CA TYR C 487 2.55 -15.13 -51.36
C TYR C 487 1.54 -15.81 -50.45
N GLU C 488 2.02 -16.71 -49.60
CA GLU C 488 1.15 -17.45 -48.67
C GLU C 488 1.35 -16.94 -47.22
N LEU C 489 0.29 -16.44 -46.61
CA LEU C 489 0.20 -16.20 -45.14
C LEU C 489 -0.88 -17.11 -44.55
N LYS C 490 -0.48 -18.06 -43.69
CA LYS C 490 -1.35 -19.17 -43.22
C LYS C 490 -1.15 -19.42 -41.72
N LYS C 491 -2.23 -19.66 -40.97
CA LYS C 491 -2.17 -20.12 -39.57
C LYS C 491 -1.86 -21.63 -39.60
N GLY C 492 -0.73 -22.07 -39.06
CA GLY C 492 -0.33 -23.49 -38.96
C GLY C 492 -1.20 -24.22 -37.95
N ASP C 493 -1.07 -25.54 -37.86
CA ASP C 493 -1.87 -26.36 -36.91
C ASP C 493 -1.34 -26.08 -35.51
N ASP C 494 -0.09 -25.61 -35.40
CA ASP C 494 0.60 -25.21 -34.15
C ASP C 494 0.09 -23.86 -33.61
N GLY C 495 -0.90 -23.23 -34.26
CA GLY C 495 -1.47 -21.90 -33.88
C GLY C 495 -0.59 -20.71 -34.28
N LYS C 496 0.53 -20.90 -34.97
CA LYS C 496 1.49 -19.83 -35.35
C LYS C 496 1.26 -19.41 -36.79
N TRP C 497 1.59 -18.14 -37.13
CA TRP C 497 1.49 -17.62 -38.52
C TRP C 497 2.77 -17.95 -39.30
N TYR C 498 2.60 -18.44 -40.52
CA TYR C 498 3.70 -18.73 -41.49
C TYR C 498 3.54 -17.82 -42.69
N PHE C 499 4.66 -17.34 -43.18
CA PHE C 499 4.75 -16.54 -44.43
C PHE C 499 5.79 -17.23 -45.29
N ASN C 500 5.39 -17.70 -46.47
CA ASN C 500 6.21 -18.52 -47.41
C ASN C 500 6.94 -19.64 -46.67
N GLY C 501 6.23 -20.41 -45.85
CA GLY C 501 6.75 -21.60 -45.16
C GLY C 501 7.67 -21.29 -43.98
N GLU C 502 7.76 -20.03 -43.56
CA GLU C 502 8.61 -19.63 -42.40
C GLU C 502 7.73 -18.95 -41.34
N PRO C 503 8.01 -19.19 -40.05
CA PRO C 503 7.27 -18.51 -38.99
C PRO C 503 7.50 -16.99 -39.08
N VAL C 504 6.44 -16.23 -38.85
CA VAL C 504 6.54 -14.75 -38.75
C VAL C 504 7.23 -14.39 -37.42
N LYS C 505 8.39 -13.73 -37.52
CA LYS C 505 9.23 -13.36 -36.36
C LYS C 505 9.14 -11.83 -36.15
N VAL C 506 9.01 -11.39 -34.90
CA VAL C 506 9.08 -9.95 -34.50
C VAL C 506 10.00 -9.78 -33.29
N VAL C 507 10.69 -8.66 -33.27
CA VAL C 507 11.65 -8.27 -32.20
C VAL C 507 11.15 -6.98 -31.54
N GLY C 508 10.97 -7.01 -30.23
CA GLY C 508 10.67 -5.83 -29.41
C GLY C 508 11.91 -5.34 -28.66
N LEU C 509 12.17 -4.04 -28.70
CA LEU C 509 13.26 -3.43 -27.93
C LEU C 509 12.65 -2.83 -26.67
N GLY C 510 13.16 -3.27 -25.52
CA GLY C 510 12.94 -2.64 -24.22
C GLY C 510 14.23 -2.00 -23.72
N ARG C 511 14.18 -1.37 -22.56
CA ARG C 511 15.28 -0.54 -22.06
C ARG C 511 15.82 -1.15 -20.78
N VAL C 512 17.13 -1.38 -20.75
CA VAL C 512 17.83 -1.99 -19.59
C VAL C 512 17.71 -1.09 -18.35
N GLU C 513 17.57 0.23 -18.50
CA GLU C 513 17.67 1.17 -17.36
C GLU C 513 16.43 1.11 -16.44
N ASP C 514 15.26 0.64 -16.92
CA ASP C 514 14.01 0.85 -16.14
C ASP C 514 12.95 -0.20 -16.45
N GLU C 515 11.72 0.05 -15.97
CA GLU C 515 10.58 -0.88 -16.08
C GLU C 515 10.16 -1.09 -17.55
N ARG C 516 10.71 -0.36 -18.49
CA ARG C 516 10.37 -0.60 -19.90
C ARG C 516 10.91 -1.97 -20.36
N LYS C 517 11.93 -2.53 -19.71
CA LYS C 517 12.31 -3.94 -20.01
C LYS C 517 11.13 -4.87 -19.75
N ASP C 518 10.39 -4.63 -18.68
CA ASP C 518 9.23 -5.46 -18.27
C ASP C 518 8.06 -5.13 -19.18
N VAL C 519 7.98 -3.87 -19.66
CA VAL C 519 6.92 -3.52 -20.66
C VAL C 519 7.13 -4.38 -21.93
N ALA C 520 8.37 -4.45 -22.39
CA ALA C 520 8.75 -5.19 -23.61
C ALA C 520 8.40 -6.65 -23.38
N THR C 521 8.78 -7.19 -22.22
CA THR C 521 8.49 -8.61 -21.93
C THR C 521 6.98 -8.83 -21.97
N TYR C 522 6.18 -7.91 -21.38
CA TYR C 522 4.70 -8.01 -21.34
C TYR C 522 4.18 -8.05 -22.78
N ILE C 523 4.68 -7.17 -23.64
CA ILE C 523 4.14 -7.06 -25.02
C ILE C 523 4.52 -8.34 -25.75
N VAL C 524 5.74 -8.82 -25.57
CA VAL C 524 6.20 -10.06 -26.24
C VAL C 524 5.31 -11.22 -25.76
N GLU C 525 5.20 -11.43 -24.45
CA GLU C 525 4.58 -12.68 -23.89
C GLU C 525 3.06 -12.62 -23.93
N GLU C 526 2.43 -11.48 -23.65
CA GLU C 526 0.96 -11.38 -23.45
C GLU C 526 0.27 -10.84 -24.70
N VAL C 527 1.00 -10.30 -25.68
CA VAL C 527 0.38 -9.79 -26.92
C VAL C 527 0.92 -10.56 -28.14
N MSE C 528 2.19 -10.35 -28.48
CA MSE C 528 2.83 -10.87 -29.72
C MSE C 528 2.61 -12.40 -29.80
O MSE C 528 2.13 -12.90 -30.84
CB MSE C 528 4.34 -10.61 -29.76
CG MSE C 528 4.78 -9.15 -29.69
SE MSE C 528 4.07 -8.14 -31.15
CE MSE C 528 2.23 -7.64 -30.78
N LYS C 529 2.99 -13.12 -28.76
CA LYS C 529 2.94 -14.59 -28.79
C LYS C 529 1.48 -15.03 -28.82
N LYS C 530 0.56 -14.28 -28.21
CA LYS C 530 -0.89 -14.64 -28.16
C LYS C 530 -1.49 -14.46 -29.56
N LEU C 531 -0.93 -13.55 -30.37
CA LEU C 531 -1.40 -13.30 -31.76
C LEU C 531 -0.82 -14.32 -32.73
N GLY C 532 0.03 -15.24 -32.25
CA GLY C 532 0.58 -16.35 -33.05
C GLY C 532 1.89 -15.99 -33.71
N PHE C 533 2.61 -15.00 -33.20
CA PHE C 533 3.92 -14.65 -33.78
C PHE C 533 5.01 -15.21 -32.88
N ASP C 534 6.10 -15.61 -33.51
CA ASP C 534 7.41 -15.88 -32.90
C ASP C 534 8.00 -14.54 -32.47
N ALA C 535 8.28 -14.32 -31.19
CA ALA C 535 8.59 -12.97 -30.71
C ALA C 535 9.67 -13.06 -29.64
N GLU C 536 10.48 -12.02 -29.56
CA GLU C 536 11.67 -11.95 -28.68
C GLU C 536 11.80 -10.51 -28.18
N ALA C 537 12.10 -10.34 -26.89
CA ALA C 537 12.44 -9.03 -26.31
C ALA C 537 13.97 -8.90 -26.27
N LYS C 538 14.51 -7.88 -26.91
CA LYS C 538 15.92 -7.46 -26.78
C LYS C 538 15.97 -6.24 -25.86
N ILE C 539 16.75 -6.32 -24.80
CA ILE C 539 16.87 -5.24 -23.81
C ILE C 539 18.14 -4.43 -24.07
N VAL C 540 18.03 -3.13 -24.30
CA VAL C 540 19.17 -2.29 -24.71
C VAL C 540 19.17 -0.99 -23.91
N ASP C 541 20.25 -0.23 -24.00
CA ASP C 541 20.40 1.06 -23.28
C ASP C 541 19.99 2.24 -24.20
N ARG C 542 19.97 3.43 -23.62
CA ARG C 542 19.64 4.69 -24.35
C ARG C 542 20.37 4.83 -25.70
N ARG C 543 21.68 4.64 -25.74
CA ARG C 543 22.51 4.87 -26.94
C ARG C 543 22.11 3.88 -28.04
N THR C 544 21.99 2.61 -27.69
CA THR C 544 21.61 1.55 -28.65
C THR C 544 20.19 1.84 -29.15
N ALA C 545 19.24 2.16 -28.25
CA ALA C 545 17.83 2.37 -28.65
C ALA C 545 17.75 3.57 -29.60
N SER C 546 18.40 4.66 -29.23
CA SER C 546 18.45 5.89 -30.05
C SER C 546 18.99 5.57 -31.46
N GLY C 547 20.11 4.85 -31.54
CA GLY C 547 20.80 4.55 -32.81
C GLY C 547 20.00 3.56 -33.67
N THR C 548 19.30 2.61 -33.04
CA THR C 548 18.55 1.55 -33.76
C THR C 548 17.23 2.14 -34.26
N VAL C 549 16.52 2.93 -33.43
CA VAL C 549 15.14 3.36 -33.75
C VAL C 549 15.10 4.76 -34.38
N TYR C 550 15.86 5.73 -33.86
CA TYR C 550 15.62 7.17 -34.16
C TYR C 550 16.56 7.71 -35.25
N THR C 551 17.84 7.32 -35.25
CA THR C 551 18.92 7.93 -36.09
C THR C 551 19.38 6.94 -37.16
N SER C 552 18.65 5.85 -37.39
CA SER C 552 18.84 4.99 -38.58
C SER C 552 17.50 4.49 -39.15
N ASP C 553 17.57 4.12 -40.42
CA ASP C 553 16.44 3.80 -41.30
C ASP C 553 15.78 2.54 -40.78
N PRO C 554 14.46 2.55 -40.50
CA PRO C 554 13.77 1.32 -40.08
C PRO C 554 13.69 0.24 -41.16
N SER C 555 14.07 0.55 -42.41
CA SER C 555 14.08 -0.44 -43.55
C SER C 555 14.97 -1.65 -43.26
N SER C 556 16.02 -1.50 -42.43
CA SER C 556 16.94 -2.60 -42.06
C SER C 556 16.18 -3.61 -41.19
N TYR C 557 15.00 -3.23 -40.65
CA TYR C 557 14.04 -4.17 -40.04
C TYR C 557 14.72 -4.91 -38.88
N GLN C 558 15.53 -4.22 -38.10
CA GLN C 558 16.20 -4.83 -36.91
C GLN C 558 15.36 -4.62 -35.64
N TRP C 559 14.22 -3.95 -35.74
CA TRP C 559 13.27 -3.83 -34.61
C TRP C 559 11.85 -3.78 -35.17
N ASN C 560 10.89 -4.35 -34.45
CA ASN C 560 9.44 -4.35 -34.84
C ASN C 560 8.63 -3.44 -33.93
N PHE C 561 8.99 -3.33 -32.65
CA PHE C 561 8.42 -2.34 -31.71
C PHE C 561 9.51 -1.85 -30.74
N TYR C 562 9.26 -0.68 -30.15
CA TYR C 562 10.15 -0.10 -29.13
C TYR C 562 9.31 0.56 -28.04
N THR C 563 9.76 0.37 -26.80
CA THR C 563 9.18 0.97 -25.57
C THR C 563 9.67 2.42 -25.46
N GLU C 564 8.91 3.35 -26.04
CA GLU C 564 9.21 4.80 -25.97
C GLU C 564 8.88 5.36 -24.58
N GLY C 565 9.74 6.25 -24.11
CA GLY C 565 9.51 7.18 -23.01
C GLY C 565 9.71 8.59 -23.50
N TRP C 566 8.80 9.48 -23.13
CA TRP C 566 8.83 10.91 -23.50
C TRP C 566 8.71 11.70 -22.20
N VAL C 567 9.35 12.86 -22.13
CA VAL C 567 9.19 13.80 -20.99
C VAL C 567 9.24 15.24 -21.51
N SER C 568 8.31 16.06 -21.03
CA SER C 568 8.29 17.54 -21.22
C SER C 568 9.21 18.15 -20.19
N SER C 569 10.06 19.08 -20.60
CA SER C 569 10.90 19.79 -19.62
C SER C 569 10.15 21.05 -19.18
N SER C 570 8.92 21.25 -19.63
CA SER C 570 8.13 22.44 -19.23
C SER C 570 6.63 22.14 -19.21
N ASN C 571 5.92 22.73 -18.29
CA ASN C 571 4.45 22.95 -18.35
C ASN C 571 4.15 23.62 -19.70
N VAL C 572 3.09 23.19 -20.38
CA VAL C 572 2.63 23.73 -21.68
C VAL C 572 1.12 23.87 -21.62
N LYS C 573 0.59 25.11 -21.70
CA LYS C 573 -0.87 25.31 -21.68
C LYS C 573 -1.47 24.83 -23.00
N PHE C 574 -0.92 25.28 -24.13
CA PHE C 574 -1.46 24.96 -25.48
C PHE C 574 -0.37 24.34 -26.35
N SER C 575 -0.31 23.01 -26.40
CA SER C 575 0.63 22.31 -27.30
C SER C 575 0.18 22.49 -28.76
N THR C 576 1.11 22.80 -29.64
CA THR C 576 0.88 22.80 -31.10
C THR C 576 1.56 21.60 -31.76
N THR C 577 2.13 20.68 -30.98
CA THR C 577 3.10 19.67 -31.49
C THR C 577 2.66 18.23 -31.23
N ARG C 578 1.58 17.97 -30.50
CA ARG C 578 1.18 16.57 -30.15
C ARG C 578 0.89 15.77 -31.43
N ILE C 579 0.11 16.30 -32.36
CA ILE C 579 -0.29 15.57 -33.58
C ILE C 579 0.94 15.44 -34.50
N ILE C 580 1.70 16.52 -34.72
CA ILE C 580 2.87 16.40 -35.64
C ILE C 580 3.89 15.44 -35.04
N GLN C 581 4.14 15.50 -33.72
CA GLN C 581 5.20 14.67 -33.10
C GLN C 581 4.83 13.19 -33.18
N TYR C 582 3.63 12.82 -32.77
CA TYR C 582 3.28 11.41 -32.44
C TYR C 582 2.52 10.73 -33.57
N TYR C 583 1.73 11.44 -34.37
CA TYR C 583 0.80 10.80 -35.32
C TYR C 583 1.17 11.04 -36.77
N SER C 584 1.74 12.21 -37.09
CA SER C 584 2.10 12.58 -38.46
C SER C 584 3.34 11.82 -38.91
N SER C 585 3.64 11.92 -40.20
CA SER C 585 4.84 11.38 -40.86
C SER C 585 5.99 12.38 -40.84
N TYR C 586 5.85 13.56 -40.21
CA TYR C 586 6.90 14.59 -40.35
C TYR C 586 8.10 14.35 -39.43
N TRP C 587 7.87 13.93 -38.19
CA TRP C 587 8.92 13.94 -37.14
C TRP C 587 9.35 12.50 -36.86
N TYR C 588 8.78 11.84 -35.84
CA TYR C 588 9.20 10.49 -35.43
C TYR C 588 8.23 9.51 -36.06
N ALA C 589 8.55 8.96 -37.25
CA ALA C 589 7.53 8.25 -38.03
C ALA C 589 8.06 7.02 -38.74
N PRO C 590 8.61 6.02 -38.01
CA PRO C 590 8.69 6.04 -36.56
C PRO C 590 9.90 6.76 -35.95
N GLY C 591 10.99 6.88 -36.74
CA GLY C 591 12.23 7.57 -36.36
C GLY C 591 12.40 8.86 -37.13
N LEU C 592 13.56 9.49 -36.97
CA LEU C 592 13.85 10.79 -37.59
C LEU C 592 14.51 10.61 -38.97
N VAL C 593 14.93 9.41 -39.35
CA VAL C 593 15.85 9.19 -40.50
C VAL C 593 15.34 8.07 -41.42
N GLY C 594 15.45 8.31 -42.72
CA GLY C 594 15.16 7.33 -43.79
C GLY C 594 13.66 7.23 -43.96
N TRP C 595 13.21 6.00 -44.10
CA TRP C 595 11.79 5.70 -44.40
C TRP C 595 10.89 6.19 -43.26
N LYS C 596 9.86 6.93 -43.63
CA LYS C 596 8.77 7.35 -42.74
C LYS C 596 7.43 6.95 -43.34
N TRP C 597 6.39 6.94 -42.51
CA TRP C 597 5.03 6.58 -42.94
C TRP C 597 4.35 7.78 -43.63
N THR C 598 5.01 8.35 -44.65
CA THR C 598 4.44 9.38 -45.55
C THR C 598 3.35 8.77 -46.40
N PRO C 599 2.38 9.58 -46.88
CA PRO C 599 1.38 9.08 -47.84
C PRO C 599 2.02 8.55 -49.14
N GLU C 600 3.20 9.03 -49.53
CA GLU C 600 3.93 8.55 -50.73
C GLU C 600 4.43 7.11 -50.48
N ASN C 601 4.79 6.75 -49.23
CA ASN C 601 5.40 5.44 -48.87
C ASN C 601 4.34 4.41 -48.45
N THR C 602 3.14 4.82 -48.04
CA THR C 602 2.18 3.90 -47.38
C THR C 602 0.77 4.46 -47.43
N GLN C 603 -0.25 3.63 -47.34
CA GLN C 603 -1.64 4.11 -47.30
C GLN C 603 -1.95 4.74 -45.92
N ARG C 604 -2.61 5.88 -45.92
CA ARG C 604 -2.84 6.67 -44.68
C ARG C 604 -4.33 6.81 -44.45
N VAL C 605 -4.72 6.62 -43.20
CA VAL C 605 -6.13 6.78 -42.73
C VAL C 605 -6.60 8.24 -42.93
N THR C 606 -7.83 8.38 -43.42
CA THR C 606 -8.52 9.66 -43.61
C THR C 606 -9.62 9.87 -42.57
N MSE C 607 -9.98 11.14 -42.34
CA MSE C 607 -11.00 11.57 -41.33
C MSE C 607 -12.31 10.81 -41.64
O MSE C 607 -12.91 10.28 -40.71
CB MSE C 607 -11.21 13.08 -41.35
CG MSE C 607 -11.96 13.71 -40.12
SE MSE C 607 -10.87 13.19 -38.56
CE MSE C 607 -12.05 11.95 -37.69
N GLU C 608 -12.73 10.76 -42.90
CA GLU C 608 -14.02 10.13 -43.27
C GLU C 608 -14.00 8.66 -42.84
N GLU C 609 -12.94 7.94 -43.09
CA GLU C 609 -12.84 6.51 -42.69
C GLU C 609 -13.03 6.35 -41.17
N VAL C 610 -12.43 7.23 -40.36
CA VAL C 610 -12.52 7.12 -38.88
C VAL C 610 -13.93 7.54 -38.47
N LEU C 611 -14.51 8.55 -39.12
CA LEU C 611 -15.86 9.02 -38.73
C LEU C 611 -16.85 7.91 -39.01
N LYS C 612 -16.72 7.21 -40.15
CA LYS C 612 -17.63 6.09 -40.48
C LYS C 612 -17.40 4.95 -39.46
N PHE C 613 -16.18 4.67 -39.05
CA PHE C 613 -15.96 3.60 -38.04
C PHE C 613 -16.67 4.00 -36.73
N LEU C 614 -16.49 5.26 -36.27
CA LEU C 614 -17.00 5.71 -34.96
C LEU C 614 -18.53 5.82 -34.98
N GLY C 615 -19.11 5.99 -36.16
CA GLY C 615 -20.57 6.13 -36.33
C GLY C 615 -21.22 4.88 -36.95
N ASN C 616 -20.54 3.74 -36.98
CA ASN C 616 -21.11 2.49 -37.56
C ASN C 616 -21.65 2.76 -38.97
N GLY C 617 -20.92 3.49 -39.82
CA GLY C 617 -21.30 3.84 -41.20
C GLY C 617 -21.85 5.24 -41.33
N ASP C 618 -22.32 5.89 -40.24
CA ASP C 618 -22.94 7.24 -40.32
C ASP C 618 -21.93 8.30 -39.89
N ILE C 619 -21.58 9.23 -40.78
CA ILE C 619 -20.58 10.30 -40.51
C ILE C 619 -21.03 11.18 -39.32
N GLN C 620 -22.29 11.59 -39.29
CA GLN C 620 -22.82 12.50 -38.24
C GLN C 620 -22.70 11.80 -36.88
N ALA C 621 -23.11 10.53 -36.79
CA ALA C 621 -23.03 9.75 -35.54
C ALA C 621 -21.56 9.74 -35.08
N GLY C 622 -20.62 9.60 -36.02
CA GLY C 622 -19.18 9.60 -35.72
C GLY C 622 -18.75 10.95 -35.17
N LEU C 623 -19.16 12.03 -35.82
CA LEU C 623 -18.86 13.40 -35.33
C LEU C 623 -19.43 13.56 -33.91
N ASP C 624 -20.65 13.08 -33.66
CA ASP C 624 -21.32 13.28 -32.35
C ASP C 624 -20.48 12.62 -31.25
N SER C 625 -19.76 11.53 -31.56
CA SER C 625 -18.97 10.77 -30.56
C SER C 625 -17.77 11.60 -30.09
N LEU C 626 -17.35 12.62 -30.86
CA LEU C 626 -16.03 13.28 -30.63
C LEU C 626 -16.15 14.59 -29.87
N GLY C 627 -17.33 15.03 -29.46
CA GLY C 627 -17.47 16.26 -28.63
C GLY C 627 -16.84 17.50 -29.27
N LEU C 628 -17.09 17.73 -30.54
CA LEU C 628 -16.51 18.84 -31.33
C LEU C 628 -17.28 20.13 -31.10
N SER C 629 -16.57 21.25 -31.11
CA SER C 629 -17.10 22.60 -30.81
C SER C 629 -17.51 23.33 -32.09
N TYR C 630 -16.77 23.14 -33.19
CA TYR C 630 -17.05 23.83 -34.48
C TYR C 630 -17.43 22.81 -35.55
N TYR C 631 -16.59 21.82 -35.80
CA TYR C 631 -16.75 20.83 -36.90
C TYR C 631 -17.73 19.72 -36.47
N ASN C 632 -18.94 20.06 -36.07
CA ASN C 632 -19.87 19.09 -35.41
C ASN C 632 -21.06 18.74 -36.29
N THR C 633 -21.08 19.16 -37.57
CA THR C 633 -22.11 18.76 -38.56
C THR C 633 -21.42 18.23 -39.83
N VAL C 634 -22.12 17.36 -40.54
CA VAL C 634 -21.76 16.87 -41.90
C VAL C 634 -21.41 18.08 -42.79
N ASP C 635 -22.21 19.15 -42.76
CA ASP C 635 -21.93 20.36 -43.60
C ASP C 635 -20.58 20.97 -43.19
N LYS C 636 -20.28 21.09 -41.89
CA LYS C 636 -19.06 21.79 -41.46
C LYS C 636 -17.82 20.91 -41.67
N ILE C 637 -17.94 19.57 -41.63
CA ILE C 637 -16.74 18.66 -41.70
C ILE C 637 -16.24 18.55 -43.15
N GLN C 638 -17.07 18.93 -44.14
CA GLN C 638 -16.83 18.62 -45.57
C GLN C 638 -15.37 18.85 -45.95
N PRO C 639 -14.74 20.03 -45.67
CA PRO C 639 -13.37 20.25 -46.15
C PRO C 639 -12.31 19.34 -45.50
N LEU C 640 -12.64 18.66 -44.41
CA LEU C 640 -11.65 17.84 -43.64
C LEU C 640 -11.78 16.37 -44.01
N LEU C 641 -12.76 15.98 -44.82
CA LEU C 641 -13.11 14.53 -44.92
C LEU C 641 -11.94 13.68 -45.47
N ASN C 642 -11.14 14.27 -46.36
CA ASN C 642 -9.96 13.58 -46.96
C ASN C 642 -8.65 13.87 -46.20
N TRP C 643 -8.68 14.61 -45.09
CA TRP C 643 -7.45 14.89 -44.31
C TRP C 643 -6.89 13.59 -43.71
N THR C 644 -5.57 13.50 -43.66
CA THR C 644 -4.84 12.51 -42.85
C THR C 644 -4.35 13.21 -41.57
N ALA C 645 -3.78 12.45 -40.65
CA ALA C 645 -3.17 13.05 -39.44
C ALA C 645 -2.13 14.12 -39.87
N ASP C 646 -1.52 13.98 -41.05
CA ASP C 646 -0.51 14.97 -41.51
C ASP C 646 -1.16 16.34 -41.71
N ASP C 647 -2.37 16.40 -42.27
CA ASP C 647 -3.08 17.70 -42.47
C ASP C 647 -3.39 18.32 -41.11
N PHE C 648 -3.89 17.51 -40.14
CA PHE C 648 -4.23 18.05 -38.80
C PHE C 648 -2.93 18.54 -38.14
N ALA C 649 -1.86 17.75 -38.28
CA ALA C 649 -0.54 18.10 -37.72
C ALA C 649 -0.17 19.50 -38.20
N LEU C 650 -0.29 19.70 -39.50
CA LEU C 650 0.21 20.94 -40.15
C LEU C 650 -0.69 22.13 -39.78
N VAL C 651 -2.02 21.97 -39.74
CA VAL C 651 -2.90 23.13 -39.45
C VAL C 651 -2.62 23.59 -38.01
N ILE C 652 -2.35 22.66 -37.09
CA ILE C 652 -2.16 23.00 -35.66
C ILE C 652 -0.78 23.66 -35.55
N TYR C 653 0.24 23.08 -36.18
CA TYR C 653 1.64 23.48 -36.00
C TYR C 653 1.95 24.79 -36.75
N SER C 654 1.53 24.89 -38.00
CA SER C 654 1.85 26.02 -38.89
C SER C 654 0.74 27.08 -38.85
N GLY C 655 -0.53 26.70 -38.61
CA GLY C 655 -1.66 27.63 -38.46
C GLY C 655 -2.66 27.47 -39.61
N GLU C 656 -2.26 26.76 -40.69
CA GLU C 656 -3.11 26.60 -41.89
C GLU C 656 -2.70 25.33 -42.65
N ALA C 657 -3.66 24.66 -43.29
CA ALA C 657 -3.38 23.52 -44.19
C ALA C 657 -4.47 23.48 -45.22
N ASN C 658 -4.10 23.33 -46.50
CA ASN C 658 -5.05 23.15 -47.64
C ASN C 658 -6.11 24.25 -47.62
N GLY C 659 -5.75 25.48 -47.32
CA GLY C 659 -6.66 26.64 -47.31
C GLY C 659 -7.49 26.73 -46.03
N VAL C 660 -7.42 25.75 -45.12
CA VAL C 660 -8.20 25.78 -43.84
C VAL C 660 -7.36 26.45 -42.75
N LYS C 661 -7.93 27.45 -42.11
CA LYS C 661 -7.22 28.31 -41.13
C LYS C 661 -7.65 27.93 -39.72
N MSE C 662 -6.68 27.88 -38.81
CA MSE C 662 -6.94 27.78 -37.37
C MSE C 662 -7.16 29.20 -36.82
O MSE C 662 -6.21 29.81 -36.33
CB MSE C 662 -5.77 27.07 -36.68
CG MSE C 662 -6.09 26.72 -35.25
SE MSE C 662 -4.55 25.86 -34.33
CE MSE C 662 -3.03 26.97 -34.62
N ASP C 663 -8.38 29.70 -36.91
CA ASP C 663 -8.67 31.12 -36.60
C ASP C 663 -9.62 31.22 -35.40
N SER C 664 -9.85 30.13 -34.65
CA SER C 664 -10.57 30.12 -33.37
C SER C 664 -10.01 29.03 -32.45
N GLU C 665 -10.18 29.23 -31.15
CA GLU C 665 -9.80 28.26 -30.12
C GLU C 665 -10.65 26.99 -30.32
N ASP C 666 -11.95 27.13 -30.58
CA ASP C 666 -12.81 25.97 -30.89
C ASP C 666 -12.15 25.09 -31.98
N LYS C 667 -11.61 25.71 -33.03
CA LYS C 667 -11.03 24.92 -34.12
C LYS C 667 -9.73 24.28 -33.67
N TYR C 668 -8.89 24.98 -32.93
CA TYR C 668 -7.65 24.39 -32.34
C TYR C 668 -7.99 23.09 -31.60
N TRP C 669 -8.98 23.13 -30.71
CA TRP C 669 -9.35 21.92 -29.94
C TRP C 669 -9.94 20.87 -30.88
N ASP C 670 -10.76 21.27 -31.84
CA ASP C 670 -11.34 20.28 -32.80
C ASP C 670 -10.22 19.60 -33.58
N PHE C 671 -9.23 20.34 -34.02
CA PHE C 671 -8.12 19.80 -34.84
C PHE C 671 -7.35 18.76 -34.01
N ASN C 672 -7.15 19.01 -32.73
CA ASN C 672 -6.48 18.06 -31.81
C ASN C 672 -7.37 16.84 -31.64
N ARG C 673 -8.67 17.06 -31.45
CA ARG C 673 -9.59 15.91 -31.24
C ARG C 673 -9.60 15.02 -32.50
N LEU C 674 -9.74 15.62 -33.68
CA LEU C 674 -9.92 14.89 -34.97
C LEU C 674 -8.59 14.22 -35.29
N GLY C 675 -7.49 14.94 -35.12
CA GLY C 675 -6.13 14.41 -35.29
C GLY C 675 -5.89 13.19 -34.39
N THR C 676 -6.32 13.27 -33.14
CA THR C 676 -6.14 12.16 -32.19
C THR C 676 -7.06 10.97 -32.57
N ALA C 677 -8.27 11.23 -33.05
CA ALA C 677 -9.16 10.14 -33.49
C ALA C 677 -8.45 9.35 -34.63
N ILE C 678 -7.83 10.03 -35.57
CA ILE C 678 -7.09 9.32 -36.65
C ILE C 678 -5.91 8.56 -36.02
N GLY C 679 -5.20 9.22 -35.11
CA GLY C 679 -3.98 8.65 -34.52
C GLY C 679 -4.27 7.34 -33.81
N ILE C 680 -5.39 7.30 -33.08
CA ILE C 680 -5.80 6.08 -32.36
C ILE C 680 -6.12 4.98 -33.38
N TYR C 681 -6.90 5.32 -34.40
CA TYR C 681 -7.40 4.36 -35.41
C TYR C 681 -6.20 3.80 -36.20
N GLU C 682 -5.24 4.65 -36.49
CA GLU C 682 -4.09 4.30 -37.34
C GLU C 682 -3.10 3.44 -36.54
N GLY C 683 -2.96 3.74 -35.26
CA GLY C 683 -2.28 2.85 -34.28
C GLY C 683 -0.77 2.72 -34.48
N TYR C 684 -0.09 3.70 -35.08
CA TYR C 684 1.41 3.68 -35.21
C TYR C 684 2.05 3.70 -33.82
N ARG C 685 1.42 4.38 -32.86
CA ARG C 685 1.85 4.37 -31.44
C ARG C 685 0.66 3.86 -30.61
N THR C 686 0.94 2.96 -29.67
CA THR C 686 -0.02 2.51 -28.64
C THR C 686 0.39 3.20 -27.35
N PHE C 687 -0.31 4.26 -26.97
CA PHE C 687 -0.03 4.94 -25.68
C PHE C 687 -0.42 4.00 -24.57
N LEU C 688 0.38 3.98 -23.49
CA LEU C 688 0.18 3.03 -22.36
C LEU C 688 -0.07 3.72 -21.04
N TYR C 689 0.83 4.62 -20.63
CA TYR C 689 0.84 5.10 -19.23
C TYR C 689 1.42 6.52 -19.18
N GLU C 690 1.04 7.25 -18.15
CA GLU C 690 1.75 8.49 -17.68
C GLU C 690 2.47 8.14 -16.37
N ASN C 691 3.70 8.62 -16.20
CA ASN C 691 4.49 8.32 -14.99
C ASN C 691 4.33 9.39 -13.89
N TRP C 692 4.15 8.95 -12.66
CA TRP C 692 4.06 9.76 -11.43
C TRP C 692 5.35 9.52 -10.63
N GLU C 693 6.29 10.46 -10.71
CA GLU C 693 7.63 10.28 -10.19
C GLU C 693 8.02 11.49 -9.34
N PHE C 694 9.20 11.39 -8.72
CA PHE C 694 9.68 12.36 -7.74
C PHE C 694 11.17 12.58 -7.94
N TYR C 695 11.53 13.87 -8.00
CA TYR C 695 12.90 14.37 -7.81
C TYR C 695 13.12 14.50 -6.31
N ALA C 696 14.36 14.32 -5.87
CA ALA C 696 14.79 14.44 -4.46
C ALA C 696 15.92 15.45 -4.43
N ALA C 697 15.88 16.37 -3.48
CA ALA C 697 17.00 17.29 -3.27
C ALA C 697 17.20 17.48 -1.78
N SER C 698 18.39 17.91 -1.44
CA SER C 698 18.76 18.21 -0.05
C SER C 698 17.74 19.17 0.55
N LYS C 699 17.41 18.94 1.81
CA LYS C 699 16.54 19.85 2.58
C LYS C 699 17.23 21.22 2.70
N ASP C 700 18.53 21.32 2.48
CA ASP C 700 19.32 22.57 2.64
C ASP C 700 19.35 23.37 1.34
N ILE C 701 18.58 22.99 0.34
CA ILE C 701 18.41 23.75 -0.93
C ILE C 701 16.98 24.23 -1.12
N GLU C 702 16.83 25.52 -1.41
CA GLU C 702 15.54 26.17 -1.72
C GLU C 702 15.45 26.31 -3.24
N ILE C 703 14.34 25.86 -3.82
CA ILE C 703 14.12 25.97 -5.27
C ILE C 703 12.86 26.79 -5.43
N LYS C 704 13.00 28.05 -5.81
CA LYS C 704 11.86 28.99 -5.88
C LYS C 704 10.94 28.68 -7.05
N LEU C 705 11.51 28.33 -8.21
CA LEU C 705 10.75 28.08 -9.49
C LEU C 705 10.70 26.58 -9.78
N VAL C 706 9.63 25.94 -9.36
CA VAL C 706 9.45 24.47 -9.53
C VAL C 706 8.28 24.30 -10.52
N ASP C 707 8.55 23.69 -11.65
CA ASP C 707 7.52 23.44 -12.65
C ASP C 707 6.54 22.45 -12.03
N PRO C 708 5.24 22.79 -12.04
CA PRO C 708 4.23 21.98 -11.37
C PRO C 708 4.11 20.58 -12.02
N VAL C 709 4.50 20.40 -13.30
CA VAL C 709 4.40 19.05 -13.91
C VAL C 709 5.77 18.51 -14.32
N ALA C 710 6.75 19.35 -14.71
CA ALA C 710 8.08 18.87 -15.17
C ALA C 710 9.06 18.77 -13.99
N GLY C 711 8.72 19.38 -12.85
CA GLY C 711 9.63 19.37 -11.70
C GLY C 711 11.00 19.96 -12.05
N LEU C 712 12.08 19.31 -11.65
CA LEU C 712 13.43 19.90 -11.76
C LEU C 712 13.99 19.71 -13.16
N ALA C 713 13.28 19.10 -14.10
CA ALA C 713 13.72 19.03 -15.52
C ALA C 713 13.68 20.41 -16.14
N SER C 714 12.79 21.27 -15.63
CA SER C 714 12.77 22.71 -16.03
C SER C 714 14.03 23.43 -15.52
N ASP C 715 14.80 24.06 -16.42
CA ASP C 715 16.03 24.82 -16.08
C ASP C 715 15.72 25.96 -15.09
N TRP C 716 14.50 26.46 -15.02
CA TRP C 716 14.12 27.47 -14.00
C TRP C 716 14.35 26.92 -12.57
N ALA C 717 14.29 25.61 -12.35
CA ALA C 717 14.51 25.08 -10.99
C ALA C 717 15.97 25.34 -10.58
N ILE C 718 16.95 24.87 -11.34
CA ILE C 718 18.36 25.06 -10.95
C ILE C 718 18.78 26.53 -11.09
N ARG C 719 18.25 27.26 -12.06
CA ARG C 719 18.49 28.72 -12.10
C ARG C 719 18.07 29.37 -10.78
N SER C 720 17.01 28.85 -10.13
CA SER C 720 16.40 29.47 -8.93
C SER C 720 16.85 28.79 -7.64
N ALA C 721 17.74 27.81 -7.69
CA ALA C 721 18.17 27.05 -6.51
C ALA C 721 19.19 27.86 -5.68
N ARG C 722 19.11 27.75 -4.37
CA ARG C 722 20.06 28.44 -3.48
C ARG C 722 20.05 27.77 -2.09
N PRO C 723 21.13 27.96 -1.30
CA PRO C 723 21.20 27.40 0.05
C PRO C 723 20.04 27.94 0.89
N VAL C 724 19.44 27.07 1.70
CA VAL C 724 18.57 27.50 2.82
C VAL C 724 19.41 28.29 3.79
N VAL C 725 18.86 29.41 4.27
CA VAL C 725 19.47 30.19 5.36
C VAL C 725 18.53 30.07 6.55
N GLU C 726 19.05 29.61 7.68
CA GLU C 726 18.24 29.39 8.89
C GLU C 726 19.15 29.42 10.11
N HIS C 727 18.63 29.90 11.23
CA HIS C 727 19.36 30.05 12.52
C HIS C 727 18.52 29.40 13.64
N HIS C 728 17.98 28.19 13.41
CA HIS C 728 17.07 27.51 14.36
C HIS C 728 17.82 26.78 15.52
N SER D 5 -5.24 -37.69 -17.64
CA SER D 5 -5.18 -36.43 -16.75
C SER D 5 -3.76 -35.86 -16.69
N VAL D 6 -3.65 -34.56 -16.95
CA VAL D 6 -2.34 -33.86 -17.10
C VAL D 6 -2.31 -32.68 -16.14
N LEU D 7 -1.28 -32.63 -15.31
CA LEU D 7 -1.04 -31.45 -14.44
C LEU D 7 0.12 -30.66 -15.03
N LYS D 8 -0.12 -29.39 -15.32
CA LYS D 8 0.91 -28.48 -15.83
C LYS D 8 1.42 -27.57 -14.71
N THR D 9 2.70 -27.65 -14.43
CA THR D 9 3.37 -26.91 -13.35
C THR D 9 4.50 -26.05 -13.93
N VAL D 10 4.76 -24.96 -13.22
CA VAL D 10 5.83 -23.99 -13.53
C VAL D 10 6.83 -23.98 -12.37
N ILE D 11 8.11 -24.18 -12.70
CA ILE D 11 9.19 -23.88 -11.73
C ILE D 11 9.97 -22.69 -12.30
N TYR D 12 10.23 -21.70 -11.45
CA TYR D 12 10.96 -20.49 -11.84
C TYR D 12 12.40 -20.89 -12.15
N SER D 13 12.90 -20.53 -13.30
CA SER D 13 14.22 -20.98 -13.82
C SER D 13 15.07 -19.77 -14.16
N SER D 14 16.36 -20.00 -14.34
CA SER D 14 17.22 -19.04 -15.06
C SER D 14 17.04 -19.29 -16.55
N SER D 15 17.67 -18.44 -17.34
CA SER D 15 17.65 -18.53 -18.82
C SER D 15 18.19 -19.89 -19.27
N GLY D 16 19.28 -20.41 -18.64
CA GLY D 16 19.98 -21.62 -19.10
C GLY D 16 19.81 -22.81 -18.15
N ALA D 17 19.20 -22.67 -16.96
CA ALA D 17 19.21 -23.74 -15.95
C ALA D 17 17.92 -23.78 -15.15
N LEU D 18 17.27 -24.93 -15.16
CA LEU D 18 16.16 -25.25 -14.25
C LEU D 18 16.73 -25.63 -12.88
N PHE D 19 17.76 -26.46 -12.83
CA PHE D 19 18.23 -27.04 -11.54
C PHE D 19 19.44 -26.23 -11.07
N MSE D 20 19.66 -26.24 -9.78
CA MSE D 20 20.87 -25.69 -9.17
C MSE D 20 21.68 -26.83 -8.54
O MSE D 20 22.59 -26.55 -7.77
CB MSE D 20 20.47 -24.61 -8.14
CG MSE D 20 21.60 -23.86 -7.53
SE MSE D 20 20.87 -22.46 -6.35
CE MSE D 20 22.61 -21.84 -5.60
N GLY D 21 21.28 -28.07 -8.71
CA GLY D 21 22.05 -29.18 -8.16
C GLY D 21 21.91 -30.38 -9.06
N VAL D 22 22.18 -31.56 -8.52
CA VAL D 22 22.25 -32.80 -9.34
C VAL D 22 21.39 -33.87 -8.67
N TRP D 23 20.99 -34.84 -9.48
CA TRP D 23 20.25 -36.05 -9.08
C TRP D 23 21.25 -37.17 -8.79
N ASN D 24 21.60 -37.39 -7.52
CA ASN D 24 22.45 -38.54 -7.13
C ASN D 24 22.13 -38.91 -5.68
N PRO D 25 22.32 -40.18 -5.29
CA PRO D 25 21.93 -40.66 -3.98
C PRO D 25 22.93 -40.33 -2.84
N SER D 26 23.99 -39.59 -3.12
CA SER D 26 24.94 -39.19 -2.05
C SER D 26 24.30 -38.08 -1.23
N SER D 27 24.97 -37.65 -0.17
CA SER D 27 24.52 -36.48 0.62
C SER D 27 24.71 -35.19 -0.19
N SER D 28 25.51 -35.18 -1.25
CA SER D 28 25.71 -34.03 -2.14
C SER D 28 24.61 -33.94 -3.20
N GLY D 29 23.73 -34.93 -3.31
CA GLY D 29 22.62 -34.89 -4.30
C GLY D 29 21.43 -34.05 -3.81
N TYR D 30 20.69 -33.43 -4.71
CA TYR D 30 19.43 -32.73 -4.38
C TYR D 30 19.72 -31.61 -3.36
N SER D 31 20.81 -30.88 -3.50
CA SER D 31 21.17 -29.77 -2.58
C SER D 31 20.21 -28.58 -2.71
N ASP D 32 19.58 -28.45 -3.87
CA ASP D 32 18.77 -27.26 -4.26
C ASP D 32 17.27 -27.64 -4.22
N THR D 33 16.44 -26.61 -4.10
CA THR D 33 14.98 -26.69 -3.98
C THR D 33 14.38 -27.07 -5.35
N TYR D 34 15.04 -26.75 -6.46
CA TYR D 34 14.47 -26.96 -7.82
C TYR D 34 14.43 -28.46 -8.13
N SER D 35 15.56 -29.12 -8.02
CA SER D 35 15.64 -30.59 -8.21
C SER D 35 14.84 -31.27 -7.11
N ARG D 36 14.92 -30.79 -5.87
CA ARG D 36 14.28 -31.52 -4.73
C ARG D 36 12.75 -31.57 -4.89
N ARG D 37 12.15 -30.50 -5.37
CA ARG D 37 10.69 -30.40 -5.56
C ARG D 37 10.22 -31.57 -6.41
N ILE D 38 10.90 -31.83 -7.53
CA ILE D 38 10.52 -32.91 -8.48
C ILE D 38 10.89 -34.28 -7.87
N ALA D 39 12.11 -34.39 -7.34
CA ALA D 39 12.66 -35.65 -6.79
C ALA D 39 11.78 -36.16 -5.64
N ASP D 40 11.14 -35.25 -4.87
CA ASP D 40 10.31 -35.66 -3.71
C ASP D 40 9.00 -36.34 -4.20
N LEU D 41 8.70 -36.34 -5.52
CA LEU D 41 7.58 -37.08 -6.14
C LEU D 41 8.07 -38.37 -6.79
N VAL D 42 9.38 -38.49 -7.02
CA VAL D 42 10.00 -39.65 -7.72
C VAL D 42 10.54 -40.67 -6.70
N PHE D 43 10.82 -40.20 -5.49
CA PHE D 43 11.37 -40.98 -4.36
C PHE D 43 10.43 -40.82 -3.16
N ASP D 44 10.26 -41.91 -2.44
CA ASP D 44 9.54 -42.00 -1.16
C ASP D 44 10.54 -42.24 -0.05
N SER D 45 10.35 -41.52 1.04
CA SER D 45 11.08 -41.72 2.31
C SER D 45 10.39 -42.85 3.07
N GLY D 46 11.10 -43.51 3.96
CA GLY D 46 10.47 -44.52 4.83
C GLY D 46 9.57 -43.89 5.88
N ILE D 47 10.05 -42.81 6.51
CA ILE D 47 9.35 -42.12 7.62
C ILE D 47 9.44 -40.62 7.35
N PRO D 48 8.68 -40.09 6.37
CA PRO D 48 8.79 -38.69 5.96
C PRO D 48 8.21 -37.71 7.00
N TYR D 49 8.74 -36.50 7.03
CA TYR D 49 8.12 -35.37 7.78
C TYR D 49 6.76 -35.11 7.15
N GLY D 50 5.79 -34.81 8.00
CA GLY D 50 4.45 -34.39 7.59
C GLY D 50 4.32 -32.88 7.68
N ILE D 51 3.13 -32.39 7.33
CA ILE D 51 2.85 -30.93 7.28
C ILE D 51 2.73 -30.40 8.70
N ASP D 52 2.65 -31.28 9.70
CA ASP D 52 2.62 -30.87 11.13
C ASP D 52 4.04 -30.74 11.69
N GLY D 53 5.08 -31.05 10.92
CA GLY D 53 6.46 -30.77 11.36
C GLY D 53 7.12 -31.92 12.09
N VAL D 54 6.51 -33.11 12.15
CA VAL D 54 7.14 -34.31 12.75
C VAL D 54 7.19 -35.46 11.74
N PRO D 55 8.05 -36.48 11.97
CA PRO D 55 8.03 -37.67 11.13
C PRO D 55 6.76 -38.51 11.33
N HIS D 56 6.33 -39.16 10.26
CA HIS D 56 5.13 -40.02 10.17
C HIS D 56 5.53 -41.31 9.48
N PRO D 57 4.93 -42.44 9.91
CA PRO D 57 5.17 -43.71 9.24
C PRO D 57 4.65 -43.64 7.80
N TYR D 58 5.32 -44.37 6.93
CA TYR D 58 4.92 -44.44 5.50
C TYR D 58 5.29 -45.82 4.96
N HIS D 59 6.46 -45.97 4.36
CA HIS D 59 6.99 -47.30 3.94
C HIS D 59 7.46 -48.05 5.18
N CYS D 60 7.78 -47.34 6.26
CA CYS D 60 8.41 -47.90 7.48
C CYS D 60 7.59 -47.46 8.70
N HIS D 61 7.62 -48.27 9.76
CA HIS D 61 7.07 -47.89 11.09
C HIS D 61 7.87 -48.57 12.19
N VAL D 62 7.88 -47.95 13.35
CA VAL D 62 8.59 -48.42 14.55
C VAL D 62 7.67 -49.47 15.21
N VAL D 63 8.12 -50.71 15.27
CA VAL D 63 7.41 -51.86 15.88
C VAL D 63 7.77 -51.92 17.35
N ASP D 64 9.03 -51.60 17.69
CA ASP D 64 9.53 -51.68 19.09
C ASP D 64 10.65 -50.64 19.25
N TYR D 65 10.78 -50.14 20.47
CA TYR D 65 11.78 -49.13 20.91
C TYR D 65 12.14 -49.37 22.38
N LYS D 66 13.43 -49.50 22.68
CA LYS D 66 13.97 -49.57 24.06
C LYS D 66 15.21 -48.70 24.14
N SER D 67 15.58 -48.28 25.34
CA SER D 67 16.83 -47.52 25.56
C SER D 67 17.82 -48.34 26.40
N ASP D 68 19.11 -48.12 26.17
CA ASP D 68 20.23 -48.66 26.99
C ASP D 68 20.17 -50.18 26.85
N VAL D 69 20.43 -50.66 25.65
CA VAL D 69 20.38 -52.10 25.32
C VAL D 69 21.76 -52.53 24.81
N THR D 70 22.21 -53.71 25.26
CA THR D 70 23.48 -54.33 24.84
C THR D 70 23.37 -54.68 23.37
N VAL D 71 24.40 -54.34 22.61
CA VAL D 71 24.46 -54.67 21.16
C VAL D 71 24.79 -56.15 21.05
N PRO D 72 23.95 -56.94 20.37
CA PRO D 72 24.21 -58.38 20.21
C PRO D 72 25.29 -58.61 19.13
N GLU D 73 25.70 -59.87 18.98
CA GLU D 73 26.87 -60.28 18.17
C GLU D 73 26.44 -60.50 16.72
N ASP D 74 25.14 -60.40 16.43
CA ASP D 74 24.62 -60.55 15.06
C ASP D 74 24.13 -59.18 14.53
N ALA D 75 24.45 -58.08 15.23
CA ALA D 75 24.19 -56.70 14.74
C ALA D 75 25.48 -56.16 14.13
N VAL D 76 25.47 -55.84 12.85
CA VAL D 76 26.71 -55.54 12.09
C VAL D 76 26.75 -54.09 11.59
N ILE D 77 27.97 -53.65 11.35
CA ILE D 77 28.29 -52.42 10.59
C ILE D 77 29.17 -52.89 9.43
N PHE D 78 29.30 -52.04 8.44
CA PHE D 78 30.17 -52.32 7.29
C PHE D 78 31.57 -51.78 7.56
N ASN D 79 32.58 -52.65 7.51
CA ASN D 79 34.00 -52.30 7.69
C ASN D 79 34.58 -52.01 6.30
N SER D 80 34.96 -50.76 6.06
CA SER D 80 35.31 -50.25 4.70
C SER D 80 36.72 -50.71 4.31
N THR D 81 37.55 -51.07 5.29
CA THR D 81 38.93 -51.61 5.15
C THR D 81 38.86 -52.97 4.45
N THR D 82 38.09 -53.91 5.04
CA THR D 82 37.98 -55.33 4.61
C THR D 82 36.80 -55.55 3.66
N ASP D 83 35.93 -54.55 3.45
CA ASP D 83 34.65 -54.70 2.68
C ASP D 83 33.84 -55.90 3.22
N THR D 84 33.66 -56.00 4.52
CA THR D 84 32.89 -57.10 5.16
C THR D 84 32.00 -56.54 6.28
N TRP D 85 30.89 -57.22 6.53
CA TRP D 85 29.99 -56.99 7.70
C TRP D 85 30.66 -57.56 8.95
N VAL D 86 30.83 -56.75 9.99
CA VAL D 86 31.47 -57.20 11.27
C VAL D 86 30.63 -56.60 12.42
N ALA D 87 30.41 -57.40 13.45
CA ALA D 87 29.76 -56.95 14.69
C ALA D 87 30.77 -56.18 15.56
N ALA D 88 31.35 -55.12 15.01
CA ALA D 88 32.41 -54.29 15.63
C ALA D 88 31.98 -53.70 16.99
N HIS D 89 30.69 -53.56 17.27
CA HIS D 89 30.25 -52.92 18.52
C HIS D 89 29.50 -53.90 19.45
N ALA D 90 29.53 -55.21 19.18
CA ALA D 90 28.91 -56.23 20.07
C ALA D 90 29.39 -56.02 21.51
N GLY D 91 28.45 -55.99 22.46
CA GLY D 91 28.75 -55.87 23.91
C GLY D 91 28.72 -54.43 24.39
N GLU D 92 28.78 -53.44 23.50
CA GLU D 92 28.57 -52.02 23.91
C GLU D 92 27.09 -51.83 24.29
N THR D 93 26.82 -50.82 25.09
CA THR D 93 25.45 -50.32 25.34
C THR D 93 25.06 -49.32 24.23
N ALA D 94 23.96 -49.59 23.53
CA ALA D 94 23.30 -48.65 22.59
C ALA D 94 22.32 -47.79 23.40
N LYS D 95 22.39 -46.48 23.24
CA LYS D 95 21.38 -45.57 23.83
C LYS D 95 20.01 -45.97 23.28
N THR D 96 19.92 -46.39 22.03
CA THR D 96 18.62 -46.66 21.34
C THR D 96 18.67 -47.99 20.59
N TYR D 97 17.63 -48.78 20.82
CA TYR D 97 17.28 -49.98 20.02
C TYR D 97 15.93 -49.69 19.40
N ALA D 98 15.77 -50.06 18.14
CA ALA D 98 14.48 -49.96 17.44
C ALA D 98 14.32 -51.14 16.48
N ARG D 99 13.14 -51.73 16.51
CA ARG D 99 12.74 -52.68 15.45
C ARG D 99 11.89 -51.89 14.47
N ILE D 100 12.28 -51.92 13.21
CA ILE D 100 11.53 -51.18 12.16
C ILE D 100 11.12 -52.17 11.10
N GLU D 101 9.84 -52.12 10.74
CA GLU D 101 9.22 -52.90 9.64
C GLU D 101 9.01 -51.99 8.43
N CYS D 102 9.32 -52.50 7.25
CA CYS D 102 9.23 -51.82 5.95
C CYS D 102 8.35 -52.64 5.00
N ASP D 103 7.74 -51.98 4.01
CA ASP D 103 7.12 -52.66 2.85
C ASP D 103 8.17 -52.73 1.74
N ARG D 104 7.78 -53.28 0.59
CA ARG D 104 8.72 -53.48 -0.52
C ARG D 104 8.15 -52.91 -1.79
N PRO D 105 8.30 -51.60 -2.05
CA PRO D 105 7.74 -51.02 -3.25
C PRO D 105 8.55 -51.47 -4.48
N TYR D 106 8.00 -51.28 -5.67
CA TYR D 106 8.71 -51.53 -6.95
C TYR D 106 9.51 -50.28 -7.34
N PHE D 107 10.73 -50.52 -7.82
CA PHE D 107 11.53 -49.51 -8.54
C PHE D 107 10.88 -49.28 -9.91
N HIS D 108 11.15 -48.12 -10.50
CA HIS D 108 10.52 -47.66 -11.75
C HIS D 108 10.86 -48.58 -12.95
N ASP D 109 11.97 -49.32 -12.91
CA ASP D 109 12.34 -50.25 -14.01
C ASP D 109 11.47 -51.51 -13.94
N GLY D 110 10.85 -51.80 -12.80
CA GLY D 110 9.88 -52.89 -12.63
C GLY D 110 10.26 -53.87 -11.52
N HIS D 111 11.50 -53.92 -11.02
CA HIS D 111 11.86 -54.97 -10.03
C HIS D 111 11.59 -54.46 -8.61
N LYS D 112 11.39 -55.39 -7.67
CA LYS D 112 10.97 -55.08 -6.29
C LYS D 112 12.15 -54.68 -5.42
N LEU D 113 11.99 -53.65 -4.58
CA LEU D 113 13.03 -53.23 -3.61
C LEU D 113 13.24 -54.39 -2.62
N SER D 114 14.46 -54.57 -2.15
CA SER D 114 14.80 -55.68 -1.20
C SER D 114 15.78 -55.21 -0.13
N ALA D 115 16.04 -56.07 0.85
CA ALA D 115 16.99 -55.79 1.95
C ALA D 115 18.37 -55.50 1.37
N ALA D 116 18.72 -56.06 0.19
CA ALA D 116 20.03 -55.82 -0.45
C ALA D 116 20.18 -54.32 -0.78
N ASP D 117 19.10 -53.67 -1.21
CA ASP D 117 19.11 -52.21 -1.53
C ASP D 117 19.43 -51.41 -0.26
N VAL D 118 18.80 -51.78 0.85
CA VAL D 118 19.04 -51.09 2.16
C VAL D 118 20.48 -51.32 2.58
N MSE D 119 20.96 -52.56 2.57
CA MSE D 119 22.32 -52.89 3.12
C MSE D 119 23.38 -52.26 2.20
O MSE D 119 24.40 -51.80 2.70
CB MSE D 119 22.49 -54.41 3.30
CG MSE D 119 21.43 -55.04 4.22
SE MSE D 119 21.54 -54.19 6.02
CE MSE D 119 23.21 -54.91 6.73
N TYR D 120 23.10 -52.17 0.89
CA TYR D 120 24.05 -51.51 -0.03
C TYR D 120 24.18 -50.01 0.38
N SER D 121 23.02 -49.40 0.56
CA SER D 121 22.87 -47.99 0.96
C SER D 121 23.77 -47.70 2.17
N LEU D 122 23.72 -48.56 3.19
CA LEU D 122 24.47 -48.34 4.44
C LEU D 122 25.95 -48.64 4.22
N ALA D 123 26.27 -49.72 3.52
CA ALA D 123 27.66 -50.05 3.17
C ALA D 123 28.25 -48.88 2.39
N TRP D 124 27.49 -48.35 1.44
CA TRP D 124 27.99 -47.22 0.62
C TRP D 124 28.39 -46.07 1.55
N SER D 125 27.53 -45.73 2.52
CA SER D 125 27.79 -44.61 3.46
C SER D 125 29.03 -44.90 4.31
N TRP D 126 29.14 -46.11 4.85
CA TRP D 126 30.30 -46.47 5.69
C TRP D 126 31.59 -46.42 4.85
N GLU D 127 31.51 -46.80 3.57
CA GLU D 127 32.68 -46.92 2.68
C GLU D 127 33.13 -45.52 2.25
N TRP D 128 32.23 -44.70 1.75
CA TRP D 128 32.61 -43.40 1.14
C TRP D 128 32.86 -42.31 2.20
N THR D 129 32.49 -42.51 3.46
CA THR D 129 32.79 -41.54 4.54
C THR D 129 34.20 -41.73 5.11
N THR D 130 34.87 -42.83 4.77
CA THR D 130 36.15 -43.25 5.38
C THR D 130 37.23 -43.33 4.28
N GLN D 131 38.40 -42.70 4.52
CA GLN D 131 39.55 -42.73 3.60
C GLN D 131 40.45 -43.89 4.03
N ASP D 132 40.35 -45.04 3.36
CA ASP D 132 41.01 -46.33 3.74
C ASP D 132 42.34 -46.38 3.02
N GLY D 133 43.35 -45.64 3.47
CA GLY D 133 44.62 -45.43 2.77
C GLY D 133 44.60 -44.09 2.08
N ASP D 134 45.76 -43.44 1.93
CA ASP D 134 45.91 -42.07 1.37
C ASP D 134 45.30 -42.00 -0.04
N ASP D 135 45.31 -43.09 -0.80
CA ASP D 135 44.86 -43.09 -2.22
C ASP D 135 43.61 -43.99 -2.39
N ASP D 136 42.76 -44.06 -1.37
CA ASP D 136 41.44 -44.76 -1.44
C ASP D 136 40.59 -44.05 -2.50
N PRO D 137 40.25 -44.74 -3.60
CA PRO D 137 39.35 -44.18 -4.60
C PRO D 137 37.87 -44.18 -4.15
N TYR D 138 37.50 -45.01 -3.18
CA TYR D 138 36.13 -45.07 -2.60
C TYR D 138 36.02 -44.13 -1.39
N TYR D 139 36.29 -42.83 -1.60
CA TYR D 139 36.26 -41.79 -0.55
C TYR D 139 35.79 -40.47 -1.15
N ASP D 140 34.93 -39.75 -0.45
CA ASP D 140 34.50 -38.39 -0.87
C ASP D 140 34.54 -37.53 0.38
N ALA D 141 35.42 -36.53 0.40
CA ALA D 141 35.66 -35.65 1.57
C ALA D 141 34.33 -34.98 1.99
N SER D 142 33.49 -34.53 1.04
CA SER D 142 32.18 -33.94 1.35
C SER D 142 31.26 -34.94 2.06
N GLU D 143 31.20 -36.17 1.57
CA GLU D 143 30.36 -37.23 2.16
C GLU D 143 30.79 -37.45 3.60
N ALA D 144 32.09 -37.51 3.86
CA ALA D 144 32.63 -37.68 5.24
C ALA D 144 32.16 -36.51 6.12
N ASP D 145 32.19 -35.29 5.62
CA ASP D 145 31.75 -34.09 6.37
C ASP D 145 30.23 -34.14 6.60
N TRP D 146 29.47 -34.45 5.55
CA TRP D 146 27.99 -34.58 5.64
C TRP D 146 27.59 -35.60 6.69
N SER D 147 28.10 -36.84 6.55
CA SER D 147 27.52 -38.09 7.10
C SER D 147 28.45 -38.80 8.10
N GLY D 148 29.73 -38.49 8.12
CA GLY D 148 30.69 -39.21 8.98
C GLY D 148 30.19 -39.34 10.41
N GLU D 149 29.79 -38.21 11.04
CA GLU D 149 29.46 -38.19 12.49
C GLU D 149 28.12 -38.91 12.68
N TYR D 150 27.22 -38.82 11.70
CA TYR D 150 25.93 -39.56 11.68
C TYR D 150 26.24 -41.06 11.71
N MSE D 151 27.07 -41.54 10.78
CA MSE D 151 27.43 -42.97 10.65
C MSE D 151 28.12 -43.43 11.95
O MSE D 151 27.78 -44.56 12.39
CB MSE D 151 28.28 -43.18 9.39
CG MSE D 151 27.56 -42.86 8.08
SE MSE D 151 25.89 -43.84 7.87
CE MSE D 151 26.40 -45.69 7.83
N ASN D 152 28.91 -42.59 12.62
CA ASN D 152 29.59 -42.98 13.88
C ASN D 152 28.55 -43.28 14.97
N THR D 153 27.32 -42.78 14.91
CA THR D 153 26.35 -43.01 15.99
C THR D 153 25.70 -44.38 15.79
N ILE D 154 25.89 -45.00 14.61
CA ILE D 154 25.21 -46.30 14.30
C ILE D 154 26.05 -47.45 14.84
N LEU D 155 25.54 -48.16 15.83
CA LEU D 155 26.32 -49.25 16.45
C LEU D 155 26.09 -50.59 15.71
N GLY D 156 24.93 -50.79 15.07
CA GLY D 156 24.76 -52.07 14.36
C GLY D 156 23.38 -52.22 13.78
N ILE D 157 23.28 -53.05 12.74
CA ILE D 157 21.98 -53.37 12.13
C ILE D 157 21.89 -54.87 11.91
N LYS D 158 20.68 -55.40 11.99
CA LYS D 158 20.45 -56.81 11.63
C LYS D 158 19.18 -56.94 10.81
N LEU D 159 19.24 -57.68 9.71
CA LEU D 159 18.01 -58.08 8.99
C LEU D 159 17.37 -59.21 9.82
N VAL D 160 16.22 -58.95 10.43
CA VAL D 160 15.49 -59.98 11.21
C VAL D 160 14.74 -60.90 10.27
N GLU D 161 14.24 -60.40 9.15
CA GLU D 161 13.23 -61.15 8.35
C GLU D 161 12.97 -60.36 7.07
N GLN D 162 12.84 -61.09 5.96
CA GLN D 162 12.34 -60.54 4.69
C GLN D 162 11.33 -61.54 4.12
N THR D 163 10.10 -61.08 3.85
CA THR D 163 9.01 -61.84 3.16
C THR D 163 8.76 -61.16 1.82
N ASP D 164 7.73 -61.56 1.09
CA ASP D 164 7.45 -60.99 -0.25
C ASP D 164 7.16 -59.49 -0.15
N ASP D 165 6.56 -59.03 0.93
CA ASP D 165 6.02 -57.66 0.99
C ASP D 165 6.54 -56.95 2.25
N ARG D 166 7.42 -57.55 3.06
CA ARG D 166 7.88 -56.93 4.33
C ARG D 166 9.37 -57.19 4.54
N MSE D 167 10.02 -56.23 5.21
CA MSE D 167 11.41 -56.33 5.70
C MSE D 167 11.40 -55.86 7.15
O MSE D 167 10.61 -54.96 7.48
CB MSE D 167 12.39 -55.49 4.86
CG MSE D 167 12.33 -55.76 3.38
SE MSE D 167 13.64 -54.58 2.52
CE MSE D 167 12.91 -52.79 2.96
N VAL D 168 12.14 -56.55 8.02
CA VAL D 168 12.20 -56.21 9.46
C VAL D 168 13.67 -56.06 9.82
N PHE D 169 14.01 -54.94 10.45
CA PHE D 169 15.40 -54.64 10.85
C PHE D 169 15.43 -54.29 12.33
N ASP D 170 16.45 -54.79 13.00
CA ASP D 170 16.82 -54.32 14.35
C ASP D 170 17.97 -53.33 14.17
N VAL D 171 17.83 -52.16 14.80
CA VAL D 171 18.82 -51.07 14.69
C VAL D 171 19.29 -50.69 16.10
N TYR D 172 20.60 -50.50 16.26
CA TYR D 172 21.26 -50.06 17.51
C TYR D 172 22.04 -48.79 17.20
N HIS D 173 21.77 -47.71 17.91
CA HIS D 173 22.48 -46.43 17.69
C HIS D 173 22.48 -45.59 18.96
N ASN D 174 23.27 -44.51 18.98
CA ASN D 174 23.56 -43.72 20.20
C ASN D 174 22.85 -42.36 20.13
N HIS D 175 21.82 -42.21 19.29
CA HIS D 175 21.02 -40.96 19.26
C HIS D 175 19.84 -41.08 20.24
N TYR D 176 19.74 -40.08 21.10
CA TYR D 176 18.55 -39.86 21.94
C TYR D 176 18.12 -38.42 21.69
N PHE D 177 16.93 -38.23 21.10
CA PHE D 177 16.34 -36.88 20.97
C PHE D 177 15.25 -36.73 22.03
N PRO D 178 15.46 -35.85 23.05
CA PRO D 178 14.66 -35.85 24.26
C PRO D 178 13.20 -35.43 24.10
N ALA D 179 12.81 -34.72 23.05
CA ALA D 179 11.44 -34.18 22.94
C ALA D 179 10.60 -35.01 21.95
N SER D 180 11.09 -36.13 21.43
CA SER D 180 10.31 -36.93 20.44
C SER D 180 10.82 -38.38 20.40
N GLU D 181 9.91 -39.31 20.69
CA GLU D 181 10.20 -40.74 20.60
C GLU D 181 10.46 -41.13 19.14
N ILE D 182 9.64 -40.70 18.20
CA ILE D 182 9.78 -41.15 16.79
C ILE D 182 11.14 -40.64 16.26
N MSE D 183 11.54 -39.41 16.60
CA MSE D 183 12.84 -38.87 16.12
C MSE D 183 13.98 -39.68 16.72
O MSE D 183 15.05 -39.71 16.14
CB MSE D 183 12.96 -37.41 16.47
CG MSE D 183 12.10 -36.51 15.57
SE MSE D 183 12.21 -34.65 16.11
CE MSE D 183 14.11 -34.28 15.75
N THR D 184 13.79 -40.29 17.89
CA THR D 184 14.81 -41.16 18.54
C THR D 184 14.80 -42.52 17.84
N ALA D 185 13.63 -43.16 17.75
CA ALA D 185 13.53 -44.57 17.27
C ALA D 185 13.84 -44.66 15.78
N ALA D 186 13.53 -43.61 15.01
CA ALA D 186 13.67 -43.58 13.54
C ALA D 186 14.81 -42.66 13.12
N TYR D 187 15.78 -42.41 13.98
CA TYR D 187 17.00 -41.65 13.62
C TYR D 187 17.70 -42.33 12.44
N VAL D 188 17.69 -43.65 12.42
CA VAL D 188 18.23 -44.45 11.28
C VAL D 188 17.06 -45.16 10.65
N VAL D 189 16.75 -44.84 9.40
CA VAL D 189 15.63 -45.46 8.64
C VAL D 189 16.22 -46.48 7.69
N PRO D 190 15.94 -47.78 7.90
CA PRO D 190 16.47 -48.85 7.04
C PRO D 190 15.65 -48.90 5.73
N PHE D 191 15.92 -47.94 4.84
CA PHE D 191 15.17 -47.78 3.58
C PHE D 191 16.02 -46.97 2.59
N THR D 192 15.68 -46.99 1.32
CA THR D 192 16.46 -46.24 0.32
C THR D 192 15.56 -46.02 -0.88
N GLY D 193 15.98 -45.18 -1.82
CA GLY D 193 15.19 -44.95 -3.06
C GLY D 193 15.89 -45.42 -4.32
N THR D 194 17.09 -45.96 -4.19
CA THR D 194 17.95 -46.28 -5.34
C THR D 194 18.25 -47.77 -5.36
N PRO D 195 18.07 -48.44 -6.50
CA PRO D 195 18.48 -49.84 -6.63
C PRO D 195 20.01 -50.02 -6.54
N TRP D 196 20.46 -51.02 -5.78
CA TRP D 196 21.90 -51.18 -5.46
C TRP D 196 22.72 -51.36 -6.75
N GLN D 197 22.17 -52.01 -7.77
CA GLN D 197 22.93 -52.30 -9.01
C GLN D 197 23.31 -50.98 -9.66
N LEU D 198 22.39 -50.02 -9.65
CA LEU D 198 22.60 -48.68 -10.28
C LEU D 198 23.61 -47.91 -9.41
N TRP D 199 23.45 -47.96 -8.09
CA TRP D 199 24.35 -47.25 -7.15
C TRP D 199 25.76 -47.82 -7.24
N TYR D 200 25.86 -49.15 -7.35
CA TYR D 200 27.13 -49.89 -7.58
C TYR D 200 27.81 -49.36 -8.85
N ALA D 201 27.07 -49.27 -9.95
CA ALA D 201 27.60 -48.71 -11.20
C ALA D 201 28.07 -47.26 -10.97
N MSE D 202 27.29 -46.45 -10.25
CA MSE D 202 27.67 -45.05 -10.00
C MSE D 202 28.96 -45.00 -9.17
O MSE D 202 29.84 -44.19 -9.49
CB MSE D 202 26.50 -44.30 -9.38
CG MSE D 202 25.33 -44.15 -10.34
SE MSE D 202 23.92 -42.96 -9.56
CE MSE D 202 22.81 -44.13 -8.48
N SER D 203 29.06 -45.83 -8.11
CA SER D 203 30.24 -45.87 -7.22
C SER D 203 31.48 -46.21 -8.03
N GLU D 204 31.36 -47.21 -8.89
CA GLU D 204 32.52 -47.72 -9.67
C GLU D 204 32.88 -46.64 -10.67
N LEU D 205 31.89 -45.95 -11.23
CA LEU D 205 32.19 -44.87 -12.21
C LEU D 205 32.94 -43.76 -11.48
N VAL D 206 32.46 -43.30 -10.33
CA VAL D 206 33.10 -42.16 -9.60
C VAL D 206 34.50 -42.57 -9.12
N ALA D 207 34.64 -43.78 -8.60
CA ALA D 207 35.91 -44.22 -7.98
C ALA D 207 37.01 -44.26 -9.03
N HIS D 208 36.71 -44.74 -10.25
CA HIS D 208 37.76 -45.13 -11.24
C HIS D 208 37.78 -44.16 -12.42
N ASN D 209 36.89 -43.19 -12.52
CA ASN D 209 36.88 -42.22 -13.63
C ASN D 209 37.06 -40.81 -13.04
N PRO D 210 38.23 -40.17 -13.29
CA PRO D 210 38.55 -38.88 -12.68
C PRO D 210 37.61 -37.76 -13.15
N LYS D 211 36.86 -37.99 -14.22
CA LYS D 211 35.92 -36.98 -14.78
C LYS D 211 34.72 -36.78 -13.85
N TYR D 212 34.42 -37.74 -12.96
CA TYR D 212 33.17 -37.74 -12.16
C TYR D 212 33.44 -37.75 -10.65
N SER D 213 32.57 -37.04 -9.93
CA SER D 213 32.63 -36.85 -8.46
C SER D 213 31.20 -36.85 -7.92
N TRP D 214 31.03 -37.37 -6.74
CA TRP D 214 29.74 -37.25 -6.01
C TRP D 214 29.44 -35.78 -5.74
N SER D 215 30.46 -34.98 -5.46
CA SER D 215 30.32 -33.71 -4.70
C SER D 215 30.85 -32.49 -5.48
N GLU D 216 31.84 -32.70 -6.34
CA GLU D 216 32.68 -31.62 -6.89
C GLU D 216 32.29 -31.35 -8.34
N SER D 217 32.21 -30.07 -8.71
CA SER D 217 32.05 -29.52 -10.09
C SER D 217 33.00 -28.36 -10.11
N SER D 218 34.25 -28.70 -9.84
CA SER D 218 35.42 -27.87 -10.19
C SER D 218 35.29 -27.91 -11.70
N GLU D 219 36.04 -27.11 -12.44
CA GLU D 219 36.04 -27.24 -13.92
C GLU D 219 36.99 -28.40 -14.22
N ASP D 220 36.67 -29.24 -15.22
CA ASP D 220 37.42 -30.47 -15.59
C ASP D 220 36.85 -31.70 -14.84
N VAL D 221 36.04 -31.47 -13.81
CA VAL D 221 35.39 -32.56 -13.01
C VAL D 221 33.88 -32.25 -12.94
N GLU D 222 33.03 -33.23 -13.27
CA GLU D 222 31.56 -33.03 -13.31
C GLU D 222 30.93 -33.78 -12.13
N GLN D 223 30.02 -33.11 -11.43
CA GLN D 223 29.27 -33.74 -10.33
C GLN D 223 28.28 -34.72 -10.94
N LEU D 224 28.35 -35.98 -10.53
CA LEU D 224 27.51 -37.04 -11.16
C LEU D 224 26.04 -36.67 -11.00
N ASP D 225 25.33 -36.75 -12.13
CA ASP D 225 23.93 -36.28 -12.27
C ASP D 225 23.16 -37.32 -13.10
N GLN D 226 22.28 -38.06 -12.42
CA GLN D 226 21.48 -39.13 -13.04
C GLN D 226 20.57 -38.58 -14.14
N ILE D 227 20.19 -37.29 -14.11
CA ILE D 227 19.23 -36.77 -15.11
C ILE D 227 20.02 -36.28 -16.34
N ASN D 228 21.32 -36.11 -16.22
CA ASN D 228 22.19 -35.67 -17.33
C ASN D 228 22.34 -36.84 -18.32
N PRO D 229 21.90 -36.72 -19.59
CA PRO D 229 21.86 -37.88 -20.49
C PRO D 229 23.28 -38.42 -20.73
N SER D 230 24.27 -37.53 -20.77
CA SER D 230 25.66 -37.93 -21.02
C SER D 230 26.19 -38.71 -19.78
N HIS D 231 25.91 -38.22 -18.58
CA HIS D 231 26.23 -38.96 -17.33
C HIS D 231 25.54 -40.33 -17.34
N ALA D 232 24.29 -40.39 -17.80
CA ALA D 232 23.48 -41.63 -17.81
C ALA D 232 24.16 -42.65 -18.75
N GLN D 233 24.67 -42.23 -19.92
CA GLN D 233 25.40 -43.08 -20.88
C GLN D 233 26.62 -43.69 -20.19
N ALA D 234 27.40 -42.89 -19.47
CA ALA D 234 28.61 -43.38 -18.76
C ALA D 234 28.20 -44.37 -17.67
N ILE D 235 27.11 -44.10 -16.97
CA ILE D 235 26.60 -44.98 -15.87
C ILE D 235 26.17 -46.30 -16.48
N LYS D 236 25.46 -46.26 -17.60
CA LYS D 236 24.95 -47.46 -18.30
C LYS D 236 26.10 -48.34 -18.76
N GLU D 237 27.12 -47.75 -19.35
CA GLU D 237 28.32 -48.53 -19.77
C GLU D 237 28.93 -49.22 -18.55
N LYS D 238 29.05 -48.53 -17.40
CA LYS D 238 29.62 -49.15 -16.19
C LYS D 238 28.69 -50.27 -15.72
N LEU D 239 27.39 -50.01 -15.76
CA LEU D 239 26.39 -51.00 -15.27
C LEU D 239 26.56 -52.30 -16.09
N LEU D 240 26.60 -52.22 -17.43
CA LEU D 240 26.67 -53.41 -18.34
C LEU D 240 28.02 -54.09 -18.19
N GLU D 241 29.10 -53.34 -17.93
CA GLU D 241 30.45 -53.90 -17.63
C GLU D 241 30.39 -54.76 -16.35
N LEU D 242 29.87 -54.24 -15.24
CA LEU D 242 29.78 -54.95 -13.94
C LEU D 242 28.85 -56.17 -14.05
N LYS D 243 27.82 -56.10 -14.88
CA LYS D 243 26.90 -57.27 -15.03
C LYS D 243 27.74 -58.49 -15.47
N GLN D 244 28.72 -58.29 -16.37
CA GLN D 244 29.64 -59.33 -16.90
C GLN D 244 30.74 -59.63 -15.86
N SER D 245 31.48 -58.62 -15.37
CA SER D 245 32.74 -58.85 -14.62
C SER D 245 32.44 -59.18 -13.14
N LYS D 246 31.46 -58.57 -12.48
CA LYS D 246 31.20 -58.80 -11.03
C LYS D 246 29.78 -58.33 -10.70
N PRO D 247 28.75 -59.10 -11.09
CA PRO D 247 27.36 -58.66 -10.95
C PRO D 247 26.93 -58.55 -9.48
N ILE D 248 27.43 -59.42 -8.62
CA ILE D 248 27.05 -59.48 -7.18
C ILE D 248 28.31 -59.28 -6.35
N PRO D 249 28.43 -58.11 -5.68
CA PRO D 249 29.53 -57.88 -4.75
C PRO D 249 29.46 -58.89 -3.59
N GLU D 250 30.62 -59.38 -3.14
CA GLU D 250 30.73 -60.45 -2.12
C GLU D 250 29.91 -60.05 -0.90
N PHE D 251 30.05 -58.80 -0.45
CA PHE D 251 29.49 -58.35 0.84
C PHE D 251 27.97 -58.37 0.78
N LEU D 252 27.37 -58.42 -0.42
CA LEU D 252 25.91 -58.32 -0.56
C LEU D 252 25.28 -59.70 -0.69
N LYS D 253 26.10 -60.74 -0.98
CA LYS D 253 25.60 -62.13 -1.23
C LYS D 253 24.73 -62.62 -0.08
N PRO D 254 25.10 -62.42 1.23
CA PRO D 254 24.22 -62.83 2.31
C PRO D 254 22.81 -62.21 2.30
N TYR D 255 22.60 -61.09 1.58
CA TYR D 255 21.32 -60.32 1.64
C TYR D 255 20.52 -60.47 0.33
N ILE D 256 20.95 -61.32 -0.58
CA ILE D 256 20.22 -61.51 -1.85
C ILE D 256 19.37 -62.78 -1.78
N GLU D 257 18.04 -62.65 -1.89
CA GLU D 257 17.08 -63.79 -2.01
C GLU D 257 17.49 -64.69 -3.19
N ASP D 258 17.70 -64.10 -4.38
CA ASP D 258 17.77 -64.82 -5.68
C ASP D 258 18.79 -64.12 -6.60
N GLU D 259 19.95 -64.75 -6.81
CA GLU D 259 21.10 -64.19 -7.56
C GLU D 259 20.73 -64.01 -9.05
N ASN D 260 19.87 -64.87 -9.59
CA ASN D 260 19.38 -64.77 -11.00
C ASN D 260 18.53 -63.53 -11.15
N ALA D 261 17.56 -63.30 -10.24
CA ALA D 261 16.70 -62.09 -10.24
C ALA D 261 17.55 -60.82 -10.09
N ALA D 262 18.52 -60.83 -9.16
CA ALA D 262 19.47 -59.72 -8.94
C ALA D 262 20.24 -59.44 -10.23
N THR D 263 20.63 -60.47 -10.97
CA THR D 263 21.42 -60.31 -12.23
C THR D 263 20.50 -59.77 -13.33
N ALA D 264 19.24 -60.25 -13.38
CA ALA D 264 18.21 -59.86 -14.37
C ALA D 264 17.87 -58.38 -14.20
N ALA D 265 17.86 -57.88 -12.95
CA ALA D 265 17.58 -56.45 -12.66
C ALA D 265 18.56 -55.55 -13.43
N TYR D 266 19.80 -55.96 -13.72
CA TYR D 266 20.76 -55.18 -14.55
C TYR D 266 20.09 -54.85 -15.88
N ASP D 267 19.39 -55.81 -16.49
CA ASP D 267 18.75 -55.64 -17.83
C ASP D 267 17.51 -54.76 -17.74
N SER D 268 16.72 -55.00 -16.72
CA SER D 268 15.53 -54.19 -16.39
C SER D 268 15.94 -52.69 -16.28
N ILE D 269 16.97 -52.40 -15.48
CA ILE D 269 17.52 -51.04 -15.24
C ILE D 269 18.00 -50.46 -16.57
N ALA D 270 18.82 -51.19 -17.31
CA ALA D 270 19.40 -50.73 -18.61
C ALA D 270 18.28 -50.42 -19.61
N LYS D 271 17.25 -51.26 -19.68
CA LYS D 271 16.13 -51.07 -20.62
C LYS D 271 15.36 -49.78 -20.28
N PHE D 272 15.10 -49.52 -19.00
CA PHE D 272 14.45 -48.26 -18.55
C PHE D 272 15.33 -47.05 -18.96
N MSE D 273 16.63 -47.11 -18.70
CA MSE D 273 17.58 -46.01 -19.03
C MSE D 273 17.54 -45.77 -20.54
O MSE D 273 17.56 -44.60 -20.98
CB MSE D 273 18.98 -46.35 -18.52
CG MSE D 273 19.04 -46.52 -17.04
SE MSE D 273 20.86 -46.86 -16.39
CE MSE D 273 21.82 -45.31 -17.17
N ASP D 274 17.45 -46.84 -21.35
CA ASP D 274 17.41 -46.75 -22.84
C ASP D 274 16.13 -46.03 -23.25
N GLU D 275 15.01 -46.42 -22.68
CA GLU D 275 13.68 -45.86 -23.04
C GLU D 275 13.63 -44.38 -22.65
N HIS D 276 14.31 -43.91 -21.59
CA HIS D 276 14.01 -42.57 -21.02
C HIS D 276 15.21 -41.62 -21.15
N ASN D 277 16.40 -42.10 -21.52
CA ASN D 277 17.58 -41.27 -21.82
C ASN D 277 18.06 -40.58 -20.53
N HIS D 278 17.98 -41.29 -19.40
CA HIS D 278 18.49 -40.79 -18.09
C HIS D 278 18.71 -41.99 -17.18
N ALA D 279 19.20 -41.74 -15.98
CA ALA D 279 19.55 -42.80 -14.99
C ALA D 279 18.73 -42.65 -13.71
N VAL D 280 17.65 -41.88 -13.74
CA VAL D 280 16.85 -41.62 -12.52
C VAL D 280 15.85 -42.76 -12.34
N ILE D 281 16.13 -43.63 -11.38
CA ILE D 281 15.20 -44.71 -10.98
C ILE D 281 14.88 -44.58 -9.50
N GLY D 282 13.60 -44.40 -9.21
CA GLY D 282 13.09 -44.30 -7.83
C GLY D 282 12.05 -45.36 -7.54
N GLN D 283 11.38 -45.20 -6.40
CA GLN D 283 10.29 -46.09 -5.95
C GLN D 283 9.10 -45.24 -5.51
N GLY D 284 9.10 -43.96 -5.89
CA GLY D 284 7.98 -43.06 -5.65
C GLY D 284 6.84 -43.20 -6.68
N PRO D 285 5.75 -42.41 -6.50
CA PRO D 285 4.56 -42.51 -7.33
C PRO D 285 4.80 -42.07 -8.78
N TYR D 286 5.82 -41.26 -9.04
CA TYR D 286 6.12 -40.73 -10.40
C TYR D 286 7.52 -41.20 -10.81
N TYR D 287 7.63 -41.68 -12.04
CA TYR D 287 8.93 -41.88 -12.73
C TYR D 287 9.20 -40.68 -13.64
N VAL D 288 10.49 -40.39 -13.84
CA VAL D 288 10.91 -39.32 -14.80
C VAL D 288 10.78 -39.90 -16.20
N ASP D 289 9.83 -39.39 -16.94
CA ASP D 289 9.55 -39.88 -18.30
C ASP D 289 10.54 -39.26 -19.29
N GLU D 290 10.79 -37.96 -19.21
CA GLU D 290 11.66 -37.28 -20.18
C GLU D 290 12.19 -35.97 -19.58
N TYR D 291 13.44 -35.66 -19.86
CA TYR D 291 14.05 -34.35 -19.56
C TYR D 291 14.55 -33.77 -20.87
N GLN D 292 14.12 -32.55 -21.12
CA GLN D 292 14.51 -31.70 -22.26
C GLN D 292 15.20 -30.47 -21.69
N PRO D 293 16.52 -30.55 -21.46
CA PRO D 293 17.27 -29.44 -20.89
C PRO D 293 17.17 -28.22 -21.83
N GLU D 294 17.21 -28.41 -23.16
CA GLU D 294 17.19 -27.26 -24.11
C GLU D 294 15.84 -26.52 -23.95
N ASN D 295 14.78 -27.16 -23.44
CA ASN D 295 13.47 -26.48 -23.28
C ASN D 295 13.14 -26.19 -21.80
N LEU D 296 14.05 -26.44 -20.87
CA LEU D 296 13.82 -26.32 -19.41
C LEU D 296 12.53 -27.08 -19.06
N PHE D 297 12.40 -28.30 -19.56
CA PHE D 297 11.15 -29.09 -19.45
C PHE D 297 11.41 -30.47 -18.85
N VAL D 298 10.50 -30.90 -17.99
CA VAL D 298 10.51 -32.26 -17.40
C VAL D 298 9.09 -32.81 -17.51
N ARG D 299 8.97 -34.11 -17.83
CA ARG D 299 7.70 -34.84 -17.79
C ARG D 299 7.92 -35.98 -16.81
N ILE D 300 7.05 -36.07 -15.81
CA ILE D 300 7.01 -37.26 -14.91
C ILE D 300 5.62 -37.87 -15.04
N LYS D 301 5.54 -39.19 -14.86
CA LYS D 301 4.30 -39.98 -15.12
C LYS D 301 4.04 -40.90 -13.92
N LYS D 302 2.78 -41.14 -13.63
CA LYS D 302 2.38 -42.01 -12.51
C LYS D 302 2.86 -43.42 -12.81
N PHE D 303 3.56 -44.03 -11.86
CA PHE D 303 4.03 -45.43 -11.97
C PHE D 303 2.87 -46.37 -11.62
N ASP D 304 2.45 -47.21 -12.58
CA ASP D 304 1.26 -48.07 -12.38
C ASP D 304 1.49 -49.12 -11.29
N LYS D 305 2.71 -49.40 -10.83
CA LYS D 305 2.91 -50.39 -9.72
C LYS D 305 3.01 -49.72 -8.35
N TRP D 306 3.05 -48.40 -8.27
CA TRP D 306 3.07 -47.72 -6.96
C TRP D 306 1.71 -47.91 -6.26
N THR D 307 1.73 -48.19 -4.97
CA THR D 307 0.51 -48.25 -4.12
C THR D 307 0.75 -47.39 -2.87
N ILE D 308 -0.33 -47.02 -2.19
CA ILE D 308 -0.21 -46.27 -0.93
C ILE D 308 0.64 -47.11 0.02
N PRO D 309 1.75 -46.56 0.53
CA PRO D 309 2.59 -47.32 1.46
C PRO D 309 1.81 -47.91 2.64
N ALA D 310 2.25 -49.09 3.07
CA ALA D 310 1.51 -49.99 3.98
C ALA D 310 1.24 -49.29 5.31
N PHE D 311 2.08 -48.37 5.79
CA PHE D 311 1.94 -47.84 7.17
C PHE D 311 1.51 -46.38 7.17
N ALA D 312 1.08 -45.86 6.03
CA ALA D 312 0.54 -44.49 5.95
C ALA D 312 -0.65 -44.37 6.89
N GLU D 313 -0.67 -43.36 7.74
CA GLU D 313 -1.85 -42.95 8.52
C GLU D 313 -2.87 -42.30 7.60
N PRO D 314 -4.15 -42.20 8.05
CA PRO D 314 -5.22 -41.65 7.21
C PRO D 314 -4.90 -40.34 6.48
N GLU D 315 -4.36 -39.32 7.15
CA GLU D 315 -4.06 -38.00 6.49
C GLU D 315 -3.14 -38.19 5.26
N TYR D 316 -2.28 -39.21 5.29
CA TYR D 316 -1.19 -39.41 4.30
C TYR D 316 -1.51 -40.57 3.37
N GLN D 317 -2.77 -41.03 3.35
CA GLN D 317 -3.20 -42.15 2.47
C GLN D 317 -3.61 -41.56 1.13
N VAL D 318 -2.85 -40.63 0.60
CA VAL D 318 -3.24 -39.97 -0.68
C VAL D 318 -2.65 -40.80 -1.81
N ASP D 319 -3.47 -41.06 -2.82
CA ASP D 319 -3.08 -41.74 -4.08
C ASP D 319 -3.03 -40.65 -5.15
N PRO D 320 -1.82 -40.24 -5.58
CA PRO D 320 -1.71 -39.10 -6.47
C PRO D 320 -2.58 -39.27 -7.71
N TYR D 321 -3.41 -38.28 -7.95
CA TYR D 321 -4.45 -38.33 -9.00
C TYR D 321 -3.86 -38.27 -10.41
N TYR D 322 -3.01 -37.28 -10.67
CA TYR D 322 -2.58 -36.91 -12.04
C TYR D 322 -1.65 -37.98 -12.64
N LYS D 323 -2.00 -38.43 -13.83
CA LYS D 323 -1.28 -39.49 -14.57
C LYS D 323 0.02 -38.92 -15.14
N THR D 324 -0.03 -37.67 -15.62
CA THR D 324 1.15 -36.96 -16.13
C THR D 324 1.29 -35.61 -15.43
N ILE D 325 2.51 -35.26 -15.06
CA ILE D 325 2.89 -33.93 -14.52
C ILE D 325 3.99 -33.37 -15.42
N GLU D 326 3.65 -32.28 -16.09
CA GLU D 326 4.58 -31.46 -16.88
C GLU D 326 5.13 -30.36 -15.97
N VAL D 327 6.41 -30.12 -16.13
CA VAL D 327 7.18 -29.08 -15.43
C VAL D 327 7.84 -28.20 -16.48
N TYR D 328 7.41 -26.93 -16.51
CA TYR D 328 7.96 -25.90 -17.41
C TYR D 328 8.78 -24.92 -16.58
N GLY D 329 10.05 -24.81 -16.96
CA GLY D 329 10.94 -23.72 -16.59
C GLY D 329 10.48 -22.43 -17.22
N ILE D 330 10.20 -21.40 -16.45
CA ILE D 330 9.88 -20.05 -16.98
C ILE D 330 10.76 -19.07 -16.23
N GLN D 331 11.42 -18.18 -16.98
CA GLN D 331 12.52 -17.36 -16.43
C GLN D 331 12.05 -15.95 -16.04
N ASN D 332 10.80 -15.59 -16.29
CA ASN D 332 10.25 -14.27 -15.86
C ASN D 332 9.09 -14.48 -14.86
N GLU D 333 9.11 -13.81 -13.71
CA GLU D 333 8.12 -14.01 -12.63
C GLU D 333 6.72 -13.61 -13.11
N ASP D 334 6.60 -12.44 -13.71
CA ASP D 334 5.28 -11.92 -14.13
C ASP D 334 4.64 -12.88 -15.15
N THR D 335 5.45 -13.38 -16.09
CA THR D 335 4.99 -14.28 -17.14
C THR D 335 4.46 -15.56 -16.47
N ALA D 336 5.24 -16.12 -15.54
CA ALA D 336 4.88 -17.35 -14.80
C ALA D 336 3.51 -17.18 -14.15
N ILE D 337 3.33 -16.05 -13.47
CA ILE D 337 2.06 -15.76 -12.75
C ILE D 337 0.93 -15.66 -13.75
N LEU D 338 1.13 -14.91 -14.82
CA LEU D 338 0.03 -14.69 -15.79
C LEU D 338 -0.33 -15.99 -16.50
N GLU D 339 0.62 -16.87 -16.75
CA GLU D 339 0.35 -18.15 -17.43
C GLU D 339 -0.59 -18.99 -16.54
N VAL D 340 -0.40 -18.96 -15.23
CA VAL D 340 -1.31 -19.68 -14.31
C VAL D 340 -2.64 -18.91 -14.18
N ALA D 341 -2.58 -17.61 -14.02
CA ALA D 341 -3.79 -16.77 -13.80
C ALA D 341 -4.69 -16.82 -15.02
N ASN D 342 -4.13 -16.93 -16.23
CA ASN D 342 -4.94 -16.98 -17.47
C ASN D 342 -5.33 -18.43 -17.77
N GLY D 343 -4.93 -19.40 -16.94
CA GLY D 343 -5.41 -20.78 -17.06
C GLY D 343 -4.61 -21.63 -18.04
N HIS D 344 -3.44 -21.22 -18.53
CA HIS D 344 -2.64 -22.04 -19.48
C HIS D 344 -1.89 -23.14 -18.68
N TYR D 345 -1.49 -22.87 -17.44
CA TYR D 345 -0.83 -23.84 -16.53
C TYR D 345 -1.63 -23.91 -15.23
N ASP D 346 -1.46 -25.00 -14.50
CA ASP D 346 -2.30 -25.38 -13.33
C ASP D 346 -1.66 -24.86 -12.03
N ILE D 347 -0.35 -25.02 -11.89
CA ILE D 347 0.35 -24.77 -10.60
C ILE D 347 1.61 -23.95 -10.83
N LEU D 348 1.67 -22.84 -10.15
CA LEU D 348 2.91 -22.04 -10.04
C LEU D 348 3.65 -22.65 -8.85
N TRP D 349 4.65 -23.45 -9.15
CA TRP D 349 5.32 -24.37 -8.20
C TRP D 349 6.59 -23.74 -7.66
N TYR D 350 6.62 -22.43 -7.58
CA TYR D 350 7.74 -21.66 -6.96
C TYR D 350 7.07 -20.36 -6.56
N PRO D 351 7.29 -19.88 -5.32
CA PRO D 351 6.46 -18.79 -4.79
C PRO D 351 7.11 -17.44 -5.06
N PHE D 352 6.29 -16.40 -5.16
CA PHE D 352 6.80 -15.03 -5.38
C PHE D 352 6.22 -14.09 -4.30
N ALA D 353 6.86 -12.93 -4.17
CA ALA D 353 6.41 -11.92 -3.20
C ALA D 353 5.02 -11.39 -3.60
N ALA D 354 4.27 -10.90 -2.62
CA ALA D 354 2.92 -10.32 -2.81
C ALA D 354 2.93 -9.25 -3.92
N TYR D 355 3.97 -8.44 -4.04
CA TYR D 355 3.94 -7.30 -4.99
C TYR D 355 3.91 -7.79 -6.44
N ARG D 356 4.25 -9.07 -6.69
CA ARG D 356 4.27 -9.62 -8.06
C ARG D 356 2.85 -10.04 -8.45
N PHE D 357 1.96 -10.17 -7.47
CA PHE D 357 0.55 -10.62 -7.69
C PHE D 357 -0.35 -9.40 -7.93
N THR D 358 0.19 -8.24 -8.24
CA THR D 358 -0.58 -6.99 -8.46
C THR D 358 -1.01 -6.95 -9.92
N GLY D 359 -2.03 -6.17 -10.20
CA GLY D 359 -2.45 -5.80 -11.57
C GLY D 359 -3.35 -6.84 -12.21
N LEU D 360 -3.70 -7.90 -11.47
CA LEU D 360 -4.59 -8.95 -12.01
C LEU D 360 -6.05 -8.47 -11.99
N SER D 361 -6.82 -8.81 -13.03
CA SER D 361 -8.26 -8.49 -13.12
C SER D 361 -9.03 -9.31 -12.09
N ASP D 362 -10.23 -8.88 -11.71
CA ASP D 362 -11.19 -9.69 -10.90
C ASP D 362 -11.24 -11.15 -11.40
N GLU D 363 -11.25 -11.35 -12.71
CA GLU D 363 -11.43 -12.68 -13.34
C GLU D 363 -10.15 -13.54 -13.15
N GLN D 364 -8.98 -12.98 -13.46
CA GLN D 364 -7.64 -13.55 -13.19
C GLN D 364 -7.51 -13.88 -11.69
N ARG D 365 -7.97 -13.01 -10.78
CA ARG D 365 -7.84 -13.29 -9.32
C ARG D 365 -8.78 -14.44 -8.97
N ALA D 366 -9.98 -14.43 -9.53
CA ALA D 366 -10.99 -15.48 -9.26
C ALA D 366 -10.47 -16.83 -9.79
N ASN D 367 -9.59 -16.83 -10.82
CA ASN D 367 -9.14 -18.09 -11.46
C ASN D 367 -8.06 -18.77 -10.62
N ILE D 368 -7.49 -18.09 -9.62
CA ILE D 368 -6.42 -18.74 -8.84
C ILE D 368 -6.73 -18.74 -7.35
N LYS D 369 -5.99 -19.57 -6.65
CA LYS D 369 -5.90 -19.66 -5.19
C LYS D 369 -4.43 -19.57 -4.83
N LEU D 370 -4.16 -18.87 -3.74
CA LEU D 370 -2.82 -18.55 -3.21
C LEU D 370 -2.55 -19.43 -1.99
N TYR D 371 -1.32 -19.87 -1.84
CA TYR D 371 -0.83 -20.65 -0.69
C TYR D 371 0.45 -19.98 -0.19
N ARG D 372 0.54 -19.74 1.12
CA ARG D 372 1.64 -19.03 1.80
C ARG D 372 2.91 -19.87 1.69
N SER D 373 4.04 -19.17 1.55
CA SER D 373 5.41 -19.68 1.84
C SER D 373 6.04 -18.72 2.85
N THR D 374 6.43 -19.22 4.01
CA THR D 374 7.17 -18.44 5.03
C THR D 374 8.39 -19.23 5.51
N SER D 375 8.92 -20.11 4.68
CA SER D 375 10.00 -21.06 5.03
C SER D 375 11.26 -20.68 4.27
N ALA D 376 11.27 -19.63 3.44
CA ALA D 376 12.47 -19.20 2.71
C ALA D 376 13.10 -18.00 3.44
N PHE D 377 14.43 -17.86 3.35
CA PHE D 377 15.17 -16.77 4.01
C PHE D 377 16.48 -16.54 3.27
N GLY D 378 17.13 -15.43 3.60
CA GLY D 378 18.34 -14.96 2.92
C GLY D 378 19.39 -14.49 3.89
N ASP D 379 20.64 -14.68 3.50
CA ASP D 379 21.78 -14.25 4.33
C ASP D 379 22.95 -14.01 3.39
N ILE D 380 23.94 -13.31 3.93
CA ILE D 380 25.26 -13.20 3.26
C ILE D 380 26.19 -14.24 3.87
N VAL D 381 26.82 -15.09 3.02
CA VAL D 381 27.97 -15.92 3.44
C VAL D 381 29.24 -15.21 2.96
N TRP D 382 30.21 -15.13 3.86
CA TRP D 382 31.54 -14.51 3.56
C TRP D 382 32.53 -15.63 3.25
N ASN D 383 33.52 -15.35 2.42
CA ASN D 383 34.64 -16.28 2.13
C ASN D 383 35.81 -15.92 3.02
N PRO D 384 36.00 -16.64 4.16
CA PRO D 384 37.01 -16.27 5.13
C PRO D 384 38.35 -16.98 4.89
N VAL D 385 38.54 -17.52 3.68
CA VAL D 385 39.70 -18.39 3.39
C VAL D 385 41.00 -17.60 3.59
N HIS D 386 42.02 -18.29 4.07
CA HIS D 386 43.42 -17.81 4.19
C HIS D 386 44.40 -18.97 4.19
N ASP D 387 45.68 -18.62 4.00
CA ASP D 387 46.82 -19.56 4.02
C ASP D 387 46.93 -20.18 5.42
N GLN D 388 47.42 -21.43 5.47
CA GLN D 388 47.79 -22.15 6.70
C GLN D 388 48.66 -21.27 7.59
N ASP D 389 49.65 -20.54 7.05
CA ASP D 389 50.68 -19.90 7.91
C ASP D 389 50.32 -18.42 8.17
N ASN D 390 49.12 -17.96 7.81
CA ASN D 390 48.79 -16.50 7.87
C ASN D 390 47.28 -16.32 7.98
N PRO D 391 46.78 -15.83 9.13
CA PRO D 391 45.34 -15.76 9.38
C PRO D 391 44.56 -14.80 8.47
N TYR D 392 45.22 -13.80 7.90
CA TYR D 392 44.58 -12.69 7.17
C TYR D 392 44.90 -12.67 5.68
N VAL D 393 45.81 -13.52 5.22
CA VAL D 393 46.30 -13.46 3.81
C VAL D 393 45.99 -14.73 3.07
N ILE D 394 45.54 -14.59 1.83
CA ILE D 394 45.38 -15.75 0.90
C ILE D 394 46.35 -15.60 -0.29
N THR D 395 47.08 -16.69 -0.58
CA THR D 395 47.99 -16.77 -1.77
C THR D 395 47.22 -17.40 -2.94
N VAL D 396 47.10 -16.64 -4.02
CA VAL D 396 46.48 -17.05 -5.31
C VAL D 396 47.54 -16.85 -6.40
N GLY D 397 48.09 -17.95 -6.92
CA GLY D 397 49.19 -17.94 -7.90
C GLY D 397 50.41 -17.26 -7.33
N ASP D 398 50.83 -16.16 -7.95
CA ASP D 398 52.08 -15.44 -7.59
C ASP D 398 51.80 -14.50 -6.39
N LYS D 399 50.53 -14.29 -6.05
CA LYS D 399 50.07 -13.03 -5.39
C LYS D 399 49.46 -13.36 -4.03
N LYS D 400 49.58 -12.40 -3.12
CA LYS D 400 49.15 -12.43 -1.70
C LYS D 400 48.08 -11.34 -1.59
N TYR D 401 46.90 -11.68 -1.08
CA TYR D 401 45.81 -10.72 -0.89
C TYR D 401 45.38 -10.74 0.57
N PHE D 402 45.02 -9.57 1.06
CA PHE D 402 44.44 -9.41 2.41
C PHE D 402 42.96 -9.72 2.26
N ASN D 403 42.47 -10.68 3.02
CA ASN D 403 41.04 -11.05 3.09
C ASN D 403 40.47 -10.41 4.35
N PRO D 404 39.73 -9.30 4.24
CA PRO D 404 39.14 -8.64 5.40
C PRO D 404 38.18 -9.56 6.16
N PHE D 405 37.53 -10.48 5.45
CA PHE D 405 36.51 -11.37 6.02
C PHE D 405 37.13 -12.61 6.63
N ALA D 406 38.45 -12.69 6.68
CA ALA D 406 39.19 -13.65 7.50
C ALA D 406 39.30 -13.09 8.92
N VAL D 407 39.01 -11.81 9.12
CA VAL D 407 39.07 -11.14 10.43
C VAL D 407 37.68 -11.20 11.08
N ARG D 408 37.59 -11.93 12.18
CA ARG D 408 36.34 -12.21 12.90
C ARG D 408 35.66 -10.90 13.23
N LYS D 409 36.40 -9.91 13.72
CA LYS D 409 35.79 -8.66 14.19
C LYS D 409 35.17 -7.88 13.01
N VAL D 410 35.77 -7.98 11.83
CA VAL D 410 35.23 -7.35 10.60
C VAL D 410 33.88 -8.00 10.25
N ARG D 411 33.86 -9.33 10.15
CA ARG D 411 32.59 -10.09 9.91
C ARG D 411 31.53 -9.66 10.95
N PHE D 412 31.90 -9.58 12.22
CA PHE D 412 30.95 -9.26 13.32
C PHE D 412 30.38 -7.84 13.14
N ALA D 413 31.23 -6.90 12.75
CA ALA D 413 30.84 -5.49 12.54
C ALA D 413 29.73 -5.42 11.51
N ILE D 414 29.79 -6.26 10.48
CA ILE D 414 28.80 -6.25 9.38
C ILE D 414 27.41 -6.57 9.95
N GLN D 415 27.31 -7.35 11.02
CA GLN D 415 26.00 -7.64 11.68
C GLN D 415 25.33 -6.32 12.05
N TYR D 416 26.09 -5.28 12.40
CA TYR D 416 25.54 -3.97 12.80
C TYR D 416 25.54 -2.98 11.62
N MSE D 417 26.31 -3.20 10.57
CA MSE D 417 26.42 -2.25 9.43
C MSE D 417 25.20 -2.37 8.54
O MSE D 417 24.67 -1.35 8.12
CB MSE D 417 27.69 -2.53 8.63
CG MSE D 417 28.05 -1.47 7.65
SE MSE D 417 28.68 0.13 8.58
CE MSE D 417 30.26 -0.88 9.00
N VAL D 418 24.73 -3.60 8.31
CA VAL D 418 23.57 -3.84 7.40
C VAL D 418 22.30 -3.25 8.03
N ASN D 419 21.47 -2.65 7.19
CA ASN D 419 20.16 -2.08 7.59
C ASN D 419 19.09 -3.04 7.07
N ARG D 420 18.66 -3.98 7.88
CA ARG D 420 17.73 -5.03 7.42
C ARG D 420 16.35 -4.43 7.09
N ALA D 421 15.94 -3.35 7.75
CA ALA D 421 14.67 -2.65 7.46
C ALA D 421 14.72 -2.12 6.04
N TYR D 422 15.85 -1.56 5.62
CA TYR D 422 16.00 -0.97 4.27
C TYR D 422 15.84 -2.12 3.27
N ILE D 423 16.54 -3.21 3.52
CA ILE D 423 16.49 -4.38 2.60
C ILE D 423 15.04 -4.88 2.46
N THR D 424 14.33 -5.06 3.57
CA THR D 424 12.98 -5.65 3.57
C THR D 424 11.94 -4.65 3.01
N GLN D 425 12.02 -3.38 3.39
CA GLN D 425 11.03 -2.34 2.98
C GLN D 425 11.27 -1.93 1.52
N ASN D 426 12.53 -1.77 1.09
CA ASN D 426 12.85 -1.24 -0.27
C ASN D 426 13.03 -2.42 -1.25
N ILE D 427 14.03 -3.28 -1.05
CA ILE D 427 14.39 -4.32 -2.04
C ILE D 427 13.26 -5.36 -2.13
N PHE D 428 12.65 -5.77 -1.03
CA PHE D 428 11.52 -6.74 -1.03
C PHE D 428 10.17 -6.01 -0.92
N GLN D 429 10.14 -4.68 -1.00
CA GLN D 429 8.87 -3.90 -1.02
C GLN D 429 7.93 -4.37 0.11
N GLY D 430 8.41 -4.66 1.31
CA GLY D 430 7.50 -5.03 2.43
C GLY D 430 7.13 -6.52 2.48
N SER D 431 7.59 -7.33 1.55
CA SER D 431 7.18 -8.74 1.45
C SER D 431 8.24 -9.66 2.11
N ALA D 432 9.01 -9.14 3.04
CA ALA D 432 10.00 -9.89 3.82
C ALA D 432 10.12 -9.23 5.19
N GLY D 433 10.65 -9.97 6.16
CA GLY D 433 10.87 -9.47 7.53
C GLY D 433 12.34 -9.59 7.91
N PRO D 434 12.87 -8.64 8.67
CA PRO D 434 14.25 -8.73 9.14
C PRO D 434 14.48 -10.03 9.91
N MSE D 435 15.61 -10.67 9.67
CA MSE D 435 15.96 -11.93 10.37
C MSE D 435 17.44 -11.88 10.72
O MSE D 435 18.25 -11.33 9.92
CB MSE D 435 15.66 -13.14 9.47
CG MSE D 435 15.48 -14.49 10.24
SE MSE D 435 15.47 -15.94 8.85
CE MSE D 435 17.07 -15.57 7.86
N PHE D 436 17.79 -12.48 11.85
CA PHE D 436 19.12 -12.36 12.47
C PHE D 436 19.78 -13.73 12.74
N THR D 437 18.99 -14.78 12.76
CA THR D 437 19.43 -16.17 13.04
C THR D 437 18.72 -17.07 12.05
N PRO D 438 19.11 -18.36 11.91
CA PRO D 438 18.41 -19.24 10.97
C PRO D 438 17.03 -19.78 11.37
N TRP D 439 16.29 -19.11 12.27
CA TRP D 439 14.89 -19.48 12.57
C TRP D 439 14.03 -18.31 12.10
N THR D 440 13.05 -18.60 11.24
CA THR D 440 12.01 -17.63 10.82
C THR D 440 10.94 -17.48 11.92
N SER D 441 10.16 -16.41 11.78
CA SER D 441 9.12 -16.03 12.75
C SER D 441 7.91 -16.96 12.65
N THR D 442 7.89 -17.96 11.75
CA THR D 442 6.77 -18.92 11.71
C THR D 442 7.26 -20.30 12.17
N GLU D 443 8.43 -20.38 12.79
CA GLU D 443 8.99 -21.67 13.33
C GLU D 443 8.91 -21.69 14.84
N THR D 444 8.70 -22.87 15.40
CA THR D 444 8.64 -23.21 16.84
C THR D 444 9.78 -22.53 17.62
N GLY D 445 10.99 -22.61 17.10
CA GLY D 445 12.16 -22.16 17.85
C GLY D 445 12.35 -20.67 17.93
N PHE D 446 11.58 -19.88 17.16
CA PHE D 446 11.85 -18.45 17.00
C PHE D 446 12.02 -17.75 18.36
N GLU D 447 11.06 -17.95 19.27
CA GLU D 447 11.11 -17.22 20.56
C GLU D 447 12.16 -17.87 21.49
N TYR D 448 12.57 -19.11 21.25
CA TYR D 448 13.61 -19.78 22.08
C TYR D 448 14.98 -19.17 21.77
N VAL D 449 15.27 -18.76 20.53
CA VAL D 449 16.60 -18.17 20.18
C VAL D 449 16.56 -16.65 20.19
N ARG D 450 15.39 -16.06 20.30
CA ARG D 450 15.27 -14.57 20.31
C ARG D 450 16.15 -13.89 21.38
N PRO D 451 16.24 -14.41 22.63
CA PRO D 451 17.06 -13.73 23.63
C PRO D 451 18.51 -13.53 23.15
N VAL D 452 19.04 -14.43 22.32
CA VAL D 452 20.39 -14.30 21.73
C VAL D 452 20.47 -13.01 20.90
N VAL D 453 19.44 -12.76 20.10
CA VAL D 453 19.44 -11.54 19.24
C VAL D 453 19.46 -10.30 20.13
N ASP D 454 18.63 -10.29 21.17
CA ASP D 454 18.56 -9.17 22.14
C ASP D 454 19.84 -9.05 22.98
N ALA D 455 20.53 -10.16 23.29
CA ALA D 455 21.82 -10.10 24.03
C ALA D 455 22.84 -9.28 23.19
N PHE D 456 22.74 -9.33 21.85
CA PHE D 456 23.69 -8.64 20.93
C PHE D 456 23.16 -7.23 20.59
N GLY D 457 21.97 -6.86 21.07
CA GLY D 457 21.33 -5.57 20.73
C GLY D 457 21.07 -5.39 19.25
N LEU D 458 20.90 -6.47 18.48
CA LEU D 458 20.67 -6.39 17.02
C LEU D 458 19.25 -5.93 16.76
N THR D 459 19.05 -5.00 15.83
CA THR D 459 17.71 -4.47 15.48
C THR D 459 17.60 -4.39 13.95
N GLU D 460 16.41 -4.07 13.45
CA GLU D 460 16.17 -3.95 12.01
C GLU D 460 16.91 -2.73 11.43
N GLN D 461 17.16 -1.68 12.21
CA GLN D 461 17.98 -0.51 11.79
C GLN D 461 19.46 -0.87 12.03
N SER D 462 20.33 -0.34 11.21
CA SER D 462 21.80 -0.48 11.41
C SER D 462 22.22 0.36 12.62
N ASP D 463 23.34 0.01 13.22
CA ASP D 463 24.11 0.87 14.15
C ASP D 463 25.53 1.05 13.58
N GLU D 464 25.69 2.02 12.70
CA GLU D 464 26.96 2.29 11.97
C GLU D 464 28.04 2.75 12.96
N ASP D 465 27.71 3.45 14.03
CA ASP D 465 28.74 3.91 15.00
C ASP D 465 29.39 2.70 15.65
N LEU D 466 28.59 1.78 16.20
CA LEU D 466 29.16 0.53 16.79
C LEU D 466 29.86 -0.28 15.68
N ALA D 467 29.27 -0.45 14.52
CA ALA D 467 29.85 -1.24 13.42
C ALA D 467 31.23 -0.70 13.02
N MSE D 468 31.34 0.61 12.85
CA MSE D 468 32.59 1.33 12.48
C MSE D 468 33.63 1.16 13.58
O MSE D 468 34.79 0.94 13.27
CB MSE D 468 32.32 2.82 12.18
CG MSE D 468 31.68 3.11 10.81
SE MSE D 468 32.40 1.90 9.36
CE MSE D 468 34.25 2.62 9.18
N LYS D 469 33.22 1.26 14.83
CA LYS D 469 34.13 1.10 15.98
C LYS D 469 34.72 -0.33 15.97
N LEU D 470 33.88 -1.35 15.80
CA LEU D 470 34.30 -2.78 15.74
C LEU D 470 35.19 -3.01 14.50
N PHE D 471 34.79 -2.46 13.34
CA PHE D 471 35.54 -2.63 12.09
C PHE D 471 36.94 -2.05 12.29
N GLU D 472 37.04 -0.80 12.73
CA GLU D 472 38.33 -0.09 12.92
C GLU D 472 39.20 -0.86 13.92
N GLU D 473 38.66 -1.40 15.01
CA GLU D 473 39.52 -2.21 15.92
C GLU D 473 40.04 -3.44 15.18
N GLY D 474 39.18 -4.12 14.43
CA GLY D 474 39.56 -5.36 13.75
C GLY D 474 40.68 -5.09 12.76
N MSE D 475 40.57 -4.02 12.01
CA MSE D 475 41.55 -3.64 10.96
C MSE D 475 42.87 -3.20 11.61
O MSE D 475 43.94 -3.60 11.12
CB MSE D 475 40.93 -2.58 10.03
CG MSE D 475 39.73 -3.11 9.25
SE MSE D 475 40.28 -4.44 7.92
CE MSE D 475 41.15 -3.33 6.57
N GLN D 476 42.82 -2.45 12.72
CA GLN D 476 44.04 -2.01 13.41
C GLN D 476 44.75 -3.26 13.94
N GLU D 477 44.04 -4.19 14.56
CA GLU D 477 44.66 -5.45 15.10
C GLU D 477 45.26 -6.24 13.93
N ALA D 478 44.54 -6.34 12.81
CA ALA D 478 45.05 -7.05 11.63
C ALA D 478 46.32 -6.36 11.13
N ALA D 479 46.32 -5.04 10.97
CA ALA D 479 47.47 -4.25 10.47
C ALA D 479 48.70 -4.49 11.36
N GLN D 480 48.53 -4.57 12.68
CA GLN D 480 49.63 -4.80 13.64
C GLN D 480 50.18 -6.23 13.52
N GLU D 481 49.31 -7.23 13.41
CA GLU D 481 49.77 -8.65 13.21
C GLU D 481 50.49 -8.76 11.87
N LEU D 482 50.00 -8.07 10.86
CA LEU D 482 50.59 -8.18 9.51
C LEU D 482 51.97 -7.49 9.52
N ALA D 483 52.11 -6.37 10.25
CA ALA D 483 53.37 -5.60 10.37
C ALA D 483 54.47 -6.51 10.94
N LYS D 484 54.18 -7.24 12.02
CA LYS D 484 55.12 -8.21 12.62
C LYS D 484 55.53 -9.28 11.58
N MSE D 485 54.72 -9.57 10.57
CA MSE D 485 55.10 -10.57 9.54
C MSE D 485 55.71 -9.90 8.30
O MSE D 485 56.00 -10.61 7.36
CB MSE D 485 53.87 -11.43 9.20
CG MSE D 485 53.10 -11.89 10.41
SE MSE D 485 51.56 -12.98 9.86
CE MSE D 485 52.55 -14.55 9.19
N GLY D 486 55.95 -8.59 8.34
CA GLY D 486 56.60 -7.83 7.23
C GLY D 486 55.62 -7.37 6.16
N TYR D 487 54.31 -7.34 6.41
CA TYR D 487 53.31 -6.88 5.42
C TYR D 487 52.71 -5.56 5.89
N GLU D 488 52.37 -4.70 4.96
CA GLU D 488 51.74 -3.40 5.26
C GLU D 488 50.27 -3.39 4.84
N LEU D 489 49.39 -3.16 5.81
CA LEU D 489 47.96 -2.83 5.64
C LEU D 489 47.72 -1.45 6.23
N LYS D 490 47.36 -0.46 5.41
CA LYS D 490 47.31 0.96 5.80
C LYS D 490 46.09 1.61 5.15
N LYS D 491 45.42 2.52 5.87
CA LYS D 491 44.41 3.43 5.32
C LYS D 491 45.16 4.54 4.56
N GLY D 492 44.94 4.68 3.26
CA GLY D 492 45.49 5.78 2.43
C GLY D 492 44.86 7.11 2.79
N ASP D 493 45.38 8.22 2.25
CA ASP D 493 44.85 9.58 2.52
C ASP D 493 43.46 9.68 1.87
N ASP D 494 43.21 8.85 0.84
CA ASP D 494 41.93 8.74 0.09
C ASP D 494 40.85 7.97 0.88
N GLY D 495 41.12 7.54 2.12
CA GLY D 495 40.16 6.78 2.96
C GLY D 495 40.03 5.30 2.60
N LYS D 496 40.81 4.78 1.65
CA LYS D 496 40.74 3.38 1.14
C LYS D 496 41.84 2.53 1.79
N TRP D 497 41.65 1.23 1.93
CA TRP D 497 42.66 0.30 2.51
C TRP D 497 43.59 -0.23 1.41
N TYR D 498 44.89 -0.23 1.71
CA TYR D 498 45.95 -0.75 0.82
C TYR D 498 46.63 -1.90 1.55
N PHE D 499 46.96 -2.93 0.80
CA PHE D 499 47.74 -4.07 1.31
C PHE D 499 48.84 -4.28 0.30
N ASN D 500 50.10 -4.21 0.75
CA ASN D 500 51.32 -4.31 -0.11
C ASN D 500 51.20 -3.32 -1.26
N GLY D 501 50.84 -2.08 -0.97
CA GLY D 501 50.82 -0.95 -1.93
C GLY D 501 49.66 -1.00 -2.90
N GLU D 502 48.72 -1.94 -2.77
CA GLU D 502 47.60 -2.15 -3.74
C GLU D 502 46.27 -2.07 -3.00
N PRO D 503 45.22 -1.52 -3.65
CA PRO D 503 43.91 -1.44 -3.02
C PRO D 503 43.36 -2.83 -2.71
N VAL D 504 42.76 -2.99 -1.54
CA VAL D 504 42.07 -4.26 -1.16
C VAL D 504 40.79 -4.36 -1.99
N LYS D 505 40.67 -5.41 -2.81
CA LYS D 505 39.51 -5.62 -3.71
C LYS D 505 38.67 -6.77 -3.15
N VAL D 506 37.35 -6.62 -3.17
CA VAL D 506 36.40 -7.72 -2.83
C VAL D 506 35.30 -7.79 -3.90
N VAL D 507 34.88 -9.01 -4.18
CA VAL D 507 33.85 -9.32 -5.19
C VAL D 507 32.66 -9.98 -4.48
N GLY D 508 31.48 -9.36 -4.60
CA GLY D 508 30.21 -9.94 -4.12
C GLY D 508 29.42 -10.56 -5.26
N LEU D 509 28.95 -11.77 -5.06
CA LEU D 509 28.10 -12.48 -6.03
C LEU D 509 26.63 -12.30 -5.60
N GLY D 510 25.84 -11.76 -6.51
CA GLY D 510 24.37 -11.72 -6.40
C GLY D 510 23.73 -12.58 -7.47
N ARG D 511 22.41 -12.66 -7.46
CA ARG D 511 21.68 -13.61 -8.33
C ARG D 511 20.85 -12.84 -9.36
N VAL D 512 21.04 -13.15 -10.64
CA VAL D 512 20.30 -12.53 -11.76
C VAL D 512 18.81 -12.79 -11.65
N GLU D 513 18.37 -13.92 -11.06
CA GLU D 513 16.94 -14.34 -11.12
C GLU D 513 16.01 -13.48 -10.25
N ASP D 514 16.50 -12.76 -9.24
CA ASP D 514 15.62 -12.15 -8.20
C ASP D 514 16.28 -10.95 -7.54
N GLU D 515 15.66 -10.49 -6.46
CA GLU D 515 16.05 -9.27 -5.71
C GLU D 515 17.45 -9.44 -5.10
N ARG D 516 18.02 -10.64 -5.08
CA ARG D 516 19.38 -10.78 -4.51
C ARG D 516 20.41 -10.00 -5.34
N LYS D 517 20.16 -9.70 -6.62
CA LYS D 517 21.05 -8.77 -7.39
C LYS D 517 21.12 -7.42 -6.66
N ASP D 518 19.99 -6.92 -6.16
CA ASP D 518 19.89 -5.63 -5.45
C ASP D 518 20.44 -5.79 -4.05
N VAL D 519 20.34 -6.98 -3.47
CA VAL D 519 21.00 -7.22 -2.15
C VAL D 519 22.51 -7.05 -2.31
N ALA D 520 23.07 -7.67 -3.35
CA ALA D 520 24.52 -7.61 -3.65
C ALA D 520 24.89 -6.13 -3.88
N THR D 521 24.08 -5.42 -4.67
CA THR D 521 24.42 -4.01 -4.95
C THR D 521 24.44 -3.22 -3.63
N TYR D 522 23.46 -3.48 -2.75
CA TYR D 522 23.34 -2.78 -1.43
C TYR D 522 24.63 -3.04 -0.63
N ILE D 523 25.04 -4.31 -0.57
CA ILE D 523 26.21 -4.68 0.28
C ILE D 523 27.44 -4.01 -0.32
N VAL D 524 27.60 -4.05 -1.64
CA VAL D 524 28.79 -3.44 -2.31
C VAL D 524 28.78 -1.95 -2.05
N GLU D 525 27.69 -1.24 -2.32
CA GLU D 525 27.69 0.25 -2.32
C GLU D 525 27.59 0.80 -0.88
N GLU D 526 26.76 0.20 -0.02
CA GLU D 526 26.45 0.82 1.30
C GLU D 526 27.27 0.16 2.44
N VAL D 527 27.96 -0.94 2.19
CA VAL D 527 28.81 -1.55 3.27
C VAL D 527 30.26 -1.60 2.79
N MSE D 528 30.59 -2.42 1.76
CA MSE D 528 31.99 -2.67 1.32
C MSE D 528 32.68 -1.33 1.03
O MSE D 528 33.79 -1.09 1.54
CB MSE D 528 32.01 -3.52 0.06
CG MSE D 528 31.39 -4.90 0.13
SE MSE D 528 32.27 -6.00 1.52
CE MSE D 528 31.47 -5.53 3.20
N LYS D 529 32.08 -0.49 0.19
CA LYS D 529 32.74 0.77 -0.25
C LYS D 529 32.82 1.70 0.94
N LYS D 530 31.86 1.65 1.88
CA LYS D 530 31.85 2.57 3.05
C LYS D 530 32.96 2.13 4.02
N LEU D 531 33.38 0.86 4.03
CA LEU D 531 34.50 0.34 4.85
C LEU D 531 35.85 0.64 4.22
N GLY D 532 35.90 1.21 3.03
CA GLY D 532 37.15 1.59 2.35
C GLY D 532 37.70 0.48 1.46
N PHE D 533 36.86 -0.43 1.00
CA PHE D 533 37.31 -1.48 0.07
C PHE D 533 36.84 -1.09 -1.32
N ASP D 534 37.68 -1.42 -2.29
CA ASP D 534 37.35 -1.49 -3.73
C ASP D 534 36.41 -2.68 -3.92
N ALA D 535 35.20 -2.48 -4.39
CA ALA D 535 34.21 -3.59 -4.36
C ALA D 535 33.40 -3.59 -5.65
N GLU D 536 32.94 -4.76 -6.04
CA GLU D 536 32.19 -4.98 -7.29
C GLU D 536 31.10 -6.02 -6.98
N ALA D 537 29.89 -5.80 -7.47
CA ALA D 537 28.83 -6.83 -7.51
C ALA D 537 28.83 -7.53 -8.88
N LYS D 538 29.04 -8.83 -8.89
CA LYS D 538 28.98 -9.70 -10.06
C LYS D 538 27.69 -10.49 -9.93
N ILE D 539 26.81 -10.34 -10.91
CA ILE D 539 25.46 -10.93 -10.91
C ILE D 539 25.50 -12.23 -11.74
N VAL D 540 25.10 -13.34 -11.17
CA VAL D 540 25.21 -14.66 -11.84
C VAL D 540 23.90 -15.43 -11.61
N ASP D 541 23.73 -16.52 -12.33
CA ASP D 541 22.57 -17.43 -12.21
C ASP D 541 22.87 -18.58 -11.23
N ARG D 542 21.83 -19.37 -10.96
CA ARG D 542 21.90 -20.56 -10.08
C ARG D 542 23.13 -21.46 -10.39
N ARG D 543 23.36 -21.80 -11.62
CA ARG D 543 24.39 -22.80 -11.99
C ARG D 543 25.76 -22.22 -11.68
N THR D 544 26.01 -20.98 -12.11
CA THR D 544 27.31 -20.30 -11.82
C THR D 544 27.50 -20.19 -10.31
N ALA D 545 26.48 -19.73 -9.57
CA ALA D 545 26.60 -19.48 -8.11
C ALA D 545 26.92 -20.80 -7.41
N SER D 546 26.15 -21.83 -7.71
CA SER D 546 26.35 -23.20 -7.16
C SER D 546 27.81 -23.65 -7.42
N GLY D 547 28.30 -23.52 -8.67
CA GLY D 547 29.62 -24.04 -9.08
C GLY D 547 30.76 -23.21 -8.48
N THR D 548 30.57 -21.92 -8.28
CA THR D 548 31.61 -21.02 -7.74
C THR D 548 31.67 -21.20 -6.22
N VAL D 549 30.54 -21.25 -5.53
CA VAL D 549 30.50 -21.14 -4.05
C VAL D 549 30.44 -22.52 -3.39
N TYR D 550 29.60 -23.44 -3.89
CA TYR D 550 29.21 -24.67 -3.15
C TYR D 550 30.06 -25.87 -3.56
N THR D 551 30.32 -26.06 -4.86
CA THR D 551 30.89 -27.31 -5.43
C THR D 551 32.32 -27.08 -5.93
N SER D 552 32.97 -25.96 -5.53
CA SER D 552 34.43 -25.79 -5.71
C SER D 552 35.07 -25.04 -4.54
N ASP D 553 36.39 -25.21 -4.43
CA ASP D 553 37.20 -24.76 -3.30
C ASP D 553 37.20 -23.24 -3.27
N PRO D 554 36.85 -22.60 -2.14
CA PRO D 554 36.95 -21.15 -2.00
C PRO D 554 38.39 -20.61 -2.05
N SER D 555 39.41 -21.47 -2.00
CA SER D 555 40.85 -21.08 -2.00
C SER D 555 41.20 -20.32 -3.29
N SER D 556 40.49 -20.54 -4.39
CA SER D 556 40.77 -19.82 -5.66
C SER D 556 40.40 -18.34 -5.50
N TYR D 557 39.62 -18.00 -4.46
CA TYR D 557 39.38 -16.60 -4.05
C TYR D 557 38.74 -15.83 -5.21
N GLN D 558 37.80 -16.44 -5.89
CA GLN D 558 37.06 -15.78 -7.00
C GLN D 558 35.74 -15.20 -6.47
N TRP D 559 35.43 -15.31 -5.18
CA TRP D 559 34.27 -14.63 -4.57
C TRP D 559 34.59 -14.29 -3.12
N ASN D 560 34.11 -13.15 -2.61
CA ASN D 560 34.34 -12.68 -1.22
C ASN D 560 33.03 -12.77 -0.42
N PHE D 561 31.88 -12.52 -1.04
CA PHE D 561 30.57 -12.81 -0.43
C PHE D 561 29.58 -13.31 -1.46
N TYR D 562 28.55 -13.98 -1.00
CA TYR D 562 27.45 -14.50 -1.85
C TYR D 562 26.11 -14.30 -1.12
N THR D 563 25.11 -13.86 -1.89
CA THR D 563 23.70 -13.67 -1.47
C THR D 563 23.03 -15.04 -1.45
N GLU D 564 23.09 -15.72 -0.31
CA GLU D 564 22.45 -17.03 -0.10
C GLU D 564 20.93 -16.90 0.04
N GLY D 565 20.22 -17.83 -0.57
CA GLY D 565 18.80 -18.12 -0.29
C GLY D 565 18.64 -19.58 0.11
N TRP D 566 17.82 -19.83 1.12
CA TRP D 566 17.56 -21.18 1.67
C TRP D 566 16.05 -21.33 1.76
N VAL D 567 15.55 -22.52 1.55
CA VAL D 567 14.11 -22.84 1.72
C VAL D 567 13.94 -24.26 2.29
N SER D 568 13.06 -24.41 3.26
CA SER D 568 12.59 -25.72 3.79
C SER D 568 11.47 -26.20 2.87
N SER D 569 11.47 -27.44 2.49
CA SER D 569 10.34 -28.01 1.73
C SER D 569 9.38 -28.65 2.75
N SER D 570 9.63 -28.53 4.06
CA SER D 570 8.70 -29.06 5.09
C SER D 570 8.72 -28.21 6.37
N ASN D 571 7.57 -28.04 6.97
CA ASN D 571 7.40 -27.65 8.39
C ASN D 571 8.27 -28.61 9.22
N VAL D 572 8.96 -28.08 10.24
CA VAL D 572 9.84 -28.86 11.17
C VAL D 572 9.63 -28.31 12.60
N LYS D 573 9.16 -29.16 13.52
CA LYS D 573 8.89 -28.71 14.90
C LYS D 573 10.23 -28.53 15.63
N PHE D 574 11.11 -29.52 15.55
CA PHE D 574 12.44 -29.52 16.21
C PHE D 574 13.56 -29.74 15.21
N SER D 575 14.17 -28.69 14.70
CA SER D 575 15.35 -28.79 13.82
C SER D 575 16.56 -29.24 14.66
N THR D 576 17.32 -30.21 14.14
CA THR D 576 18.62 -30.63 14.72
C THR D 576 19.79 -30.15 13.85
N THR D 577 19.52 -29.35 12.82
CA THR D 577 20.49 -29.09 11.72
C THR D 577 20.85 -27.61 11.56
N ARG D 578 20.25 -26.69 12.30
CA ARG D 578 20.49 -25.24 12.12
C ARG D 578 21.96 -24.94 12.43
N ILE D 579 22.49 -25.44 13.55
CA ILE D 579 23.86 -25.07 13.97
C ILE D 579 24.84 -25.75 13.02
N ILE D 580 24.65 -27.04 12.73
CA ILE D 580 25.61 -27.75 11.84
C ILE D 580 25.57 -27.12 10.45
N GLN D 581 24.40 -26.80 9.92
CA GLN D 581 24.30 -26.33 8.52
C GLN D 581 24.96 -24.94 8.38
N TYR D 582 24.62 -23.99 9.25
CA TYR D 582 24.89 -22.55 9.00
C TYR D 582 26.13 -22.07 9.75
N TYR D 583 26.48 -22.64 10.89
CA TYR D 583 27.55 -22.07 11.74
C TYR D 583 28.77 -22.97 11.80
N SER D 584 28.62 -24.29 11.75
CA SER D 584 29.72 -25.25 11.93
C SER D 584 30.55 -25.32 10.67
N SER D 585 31.69 -26.01 10.77
CA SER D 585 32.65 -26.28 9.66
C SER D 585 32.29 -27.57 8.94
N TYR D 586 31.23 -28.28 9.31
CA TYR D 586 30.96 -29.61 8.73
C TYR D 586 30.34 -29.53 7.33
N TRP D 587 29.35 -28.67 7.14
CA TRP D 587 28.52 -28.70 5.92
C TRP D 587 28.91 -27.57 4.97
N TYR D 588 28.22 -26.43 4.98
CA TYR D 588 28.50 -25.30 4.07
C TYR D 588 29.42 -24.32 4.79
N ALA D 589 30.73 -24.43 4.62
CA ALA D 589 31.66 -23.70 5.50
C ALA D 589 32.88 -23.15 4.76
N PRO D 590 32.70 -22.26 3.77
CA PRO D 590 31.38 -21.77 3.34
C PRO D 590 30.63 -22.66 2.33
N GLY D 591 31.38 -23.46 1.55
CA GLY D 591 30.82 -24.42 0.58
C GLY D 591 30.99 -25.85 1.04
N LEU D 592 30.68 -26.79 0.18
CA LEU D 592 30.68 -28.24 0.48
C LEU D 592 32.04 -28.85 0.15
N VAL D 593 32.93 -28.13 -0.53
CA VAL D 593 34.12 -28.73 -1.19
C VAL D 593 35.40 -27.95 -0.88
N GLY D 594 36.47 -28.70 -0.59
CA GLY D 594 37.81 -28.11 -0.38
C GLY D 594 37.90 -27.49 1.00
N TRP D 595 38.51 -26.32 1.05
CA TRP D 595 38.78 -25.60 2.31
C TRP D 595 37.47 -25.25 3.01
N LYS D 596 37.42 -25.59 4.28
CA LYS D 596 36.34 -25.19 5.20
C LYS D 596 36.95 -24.54 6.44
N TRP D 597 36.14 -23.82 7.19
CA TRP D 597 36.59 -23.08 8.41
C TRP D 597 36.63 -24.05 9.61
N THR D 598 37.35 -25.16 9.46
CA THR D 598 37.67 -26.12 10.53
C THR D 598 38.63 -25.48 11.53
N PRO D 599 38.63 -25.93 12.80
CA PRO D 599 39.66 -25.53 13.77
C PRO D 599 41.09 -25.82 13.30
N GLU D 600 41.33 -26.83 12.46
CA GLU D 600 42.68 -27.13 11.88
C GLU D 600 43.11 -25.99 10.94
N ASN D 601 42.18 -25.39 10.20
CA ASN D 601 42.44 -24.41 9.12
C ASN D 601 42.39 -22.96 9.64
N THR D 602 41.74 -22.68 10.79
CA THR D 602 41.47 -21.29 11.17
C THR D 602 41.20 -21.21 12.68
N GLN D 603 41.40 -20.04 13.26
CA GLN D 603 41.00 -19.83 14.66
C GLN D 603 39.47 -19.76 14.79
N ARG D 604 38.90 -20.43 15.80
CA ARG D 604 37.44 -20.55 15.96
C ARG D 604 37.01 -19.96 17.30
N VAL D 605 35.87 -19.26 17.28
CA VAL D 605 35.30 -18.61 18.48
C VAL D 605 34.85 -19.68 19.47
N THR D 606 35.12 -19.46 20.76
CA THR D 606 34.70 -20.38 21.84
C THR D 606 33.57 -19.76 22.65
N MSE D 607 32.81 -20.59 23.36
CA MSE D 607 31.67 -20.17 24.22
C MSE D 607 32.16 -19.10 25.20
O MSE D 607 31.51 -18.08 25.34
CB MSE D 607 31.05 -21.38 24.95
CG MSE D 607 29.61 -21.18 25.51
SE MSE D 607 28.48 -20.61 24.02
CE MSE D 607 28.15 -18.74 24.39
N GLU D 608 33.30 -19.32 25.85
CA GLU D 608 33.84 -18.37 26.89
C GLU D 608 34.04 -16.98 26.26
N GLU D 609 34.60 -16.91 25.06
CA GLU D 609 34.87 -15.61 24.41
C GLU D 609 33.53 -14.88 24.18
N VAL D 610 32.48 -15.58 23.78
CA VAL D 610 31.17 -14.94 23.51
C VAL D 610 30.54 -14.55 24.84
N LEU D 611 30.66 -15.40 25.85
CA LEU D 611 30.05 -15.09 27.16
C LEU D 611 30.71 -13.85 27.74
N LYS D 612 32.04 -13.72 27.61
CA LYS D 612 32.78 -12.51 28.08
C LYS D 612 32.33 -11.29 27.28
N PHE D 613 32.12 -11.41 25.98
CA PHE D 613 31.65 -10.24 25.20
C PHE D 613 30.26 -9.81 25.71
N LEU D 614 29.36 -10.78 25.88
CA LEU D 614 27.93 -10.50 26.18
C LEU D 614 27.78 -10.04 27.62
N GLY D 615 28.75 -10.35 28.50
CA GLY D 615 28.71 -9.91 29.90
C GLY D 615 29.76 -8.86 30.21
N ASN D 616 30.35 -8.19 29.19
CA ASN D 616 31.38 -7.13 29.40
C ASN D 616 32.45 -7.65 30.38
N GLY D 617 32.95 -8.88 30.19
CA GLY D 617 33.98 -9.51 31.03
C GLY D 617 33.44 -10.44 32.12
N ASP D 618 32.18 -10.32 32.54
CA ASP D 618 31.60 -11.27 33.53
C ASP D 618 30.83 -12.41 32.82
N ILE D 619 31.24 -13.66 33.03
CA ILE D 619 30.66 -14.83 32.32
C ILE D 619 29.21 -15.04 32.77
N GLN D 620 28.93 -14.86 34.04
CA GLN D 620 27.55 -15.00 34.60
C GLN D 620 26.61 -13.98 33.91
N ALA D 621 27.02 -12.74 33.83
CA ALA D 621 26.23 -11.67 33.18
C ALA D 621 25.97 -12.08 31.70
N GLY D 622 26.95 -12.70 31.03
CA GLY D 622 26.80 -13.20 29.66
C GLY D 622 25.75 -14.29 29.58
N LEU D 623 25.83 -15.25 30.49
CA LEU D 623 24.84 -16.34 30.54
C LEU D 623 23.46 -15.75 30.76
N ASP D 624 23.35 -14.76 31.64
CA ASP D 624 22.04 -14.15 31.99
C ASP D 624 21.39 -13.58 30.73
N SER D 625 22.18 -13.03 29.81
CA SER D 625 21.68 -12.38 28.57
C SER D 625 21.02 -13.40 27.66
N LEU D 626 21.32 -14.71 27.80
CA LEU D 626 20.94 -15.70 26.77
C LEU D 626 19.68 -16.49 27.13
N GLY D 627 19.01 -16.21 28.25
CA GLY D 627 17.71 -16.86 28.57
C GLY D 627 17.81 -18.39 28.63
N LEU D 628 18.85 -18.93 29.25
CA LEU D 628 19.12 -20.38 29.29
C LEU D 628 18.27 -21.07 30.37
N SER D 629 17.86 -22.30 30.10
CA SER D 629 16.98 -23.14 30.95
C SER D 629 17.82 -24.04 31.86
N TYR D 630 18.94 -24.60 31.39
CA TYR D 630 19.79 -25.54 32.18
C TYR D 630 21.18 -24.93 32.44
N TYR D 631 21.89 -24.55 31.39
CA TYR D 631 23.28 -24.03 31.46
C TYR D 631 23.29 -22.54 31.87
N ASN D 632 22.70 -22.20 33.01
CA ASN D 632 22.47 -20.77 33.38
C ASN D 632 23.31 -20.34 34.57
N THR D 633 24.28 -21.14 34.99
CA THR D 633 25.30 -20.77 36.04
C THR D 633 26.70 -21.03 35.51
N VAL D 634 27.64 -20.22 36.02
CA VAL D 634 29.10 -20.43 35.85
C VAL D 634 29.44 -21.92 36.10
N ASP D 635 28.94 -22.53 37.17
CA ASP D 635 29.24 -23.95 37.50
C ASP D 635 28.71 -24.86 36.41
N LYS D 636 27.51 -24.63 35.87
CA LYS D 636 26.91 -25.57 34.86
C LYS D 636 27.59 -25.36 33.50
N ILE D 637 28.07 -24.16 33.16
CA ILE D 637 28.64 -23.89 31.80
C ILE D 637 30.08 -24.43 31.70
N GLN D 638 30.74 -24.73 32.82
CA GLN D 638 32.20 -25.05 32.86
C GLN D 638 32.59 -25.97 31.72
N PRO D 639 31.95 -27.15 31.52
CA PRO D 639 32.39 -28.08 30.50
C PRO D 639 32.24 -27.56 29.05
N LEU D 640 31.49 -26.49 28.85
CA LEU D 640 31.15 -25.98 27.50
C LEU D 640 32.06 -24.79 27.18
N LEU D 641 32.89 -24.30 28.11
CA LEU D 641 33.57 -22.99 27.94
C LEU D 641 34.46 -22.98 26.70
N ASN D 642 35.09 -24.11 26.35
CA ASN D 642 36.01 -24.21 25.18
C ASN D 642 35.30 -24.82 23.97
N TRP D 643 33.98 -25.03 24.00
CA TRP D 643 33.23 -25.48 22.81
C TRP D 643 33.23 -24.40 21.74
N THR D 644 33.32 -24.82 20.48
CA THR D 644 33.10 -23.98 19.29
C THR D 644 31.70 -24.28 18.78
N ALA D 645 31.27 -23.55 17.77
CA ALA D 645 30.00 -23.88 17.06
C ALA D 645 30.00 -25.35 16.61
N ASP D 646 31.16 -25.92 16.31
CA ASP D 646 31.22 -27.33 15.84
C ASP D 646 30.74 -28.26 16.95
N ASP D 647 31.16 -28.05 18.21
CA ASP D 647 30.72 -28.91 19.33
C ASP D 647 29.21 -28.81 19.50
N PHE D 648 28.64 -27.60 19.45
CA PHE D 648 27.17 -27.42 19.59
C PHE D 648 26.45 -28.11 18.43
N ALA D 649 26.98 -27.92 17.24
CA ALA D 649 26.45 -28.56 16.01
C ALA D 649 26.32 -30.07 16.27
N LEU D 650 27.41 -30.66 16.75
CA LEU D 650 27.53 -32.13 16.87
C LEU D 650 26.60 -32.63 18.01
N VAL D 651 26.54 -31.95 19.15
CA VAL D 651 25.70 -32.47 20.27
C VAL D 651 24.22 -32.42 19.83
N ILE D 652 23.83 -31.41 19.06
CA ILE D 652 22.42 -31.28 18.62
C ILE D 652 22.12 -32.35 17.58
N TYR D 653 23.01 -32.49 16.58
CA TYR D 653 22.77 -33.33 15.39
C TYR D 653 22.94 -34.82 15.75
N SER D 654 24.02 -35.18 16.46
CA SER D 654 24.33 -36.58 16.74
C SER D 654 23.74 -36.99 18.10
N GLY D 655 23.57 -36.07 19.05
CA GLY D 655 22.97 -36.34 20.37
C GLY D 655 24.00 -36.25 21.49
N GLU D 656 25.30 -36.19 21.15
CA GLU D 656 26.39 -36.17 22.15
C GLU D 656 27.66 -35.57 21.53
N ALA D 657 28.46 -34.87 22.34
CA ALA D 657 29.78 -34.35 21.95
C ALA D 657 30.64 -34.22 23.20
N ASN D 658 31.90 -34.66 23.12
CA ASN D 658 32.91 -34.54 24.22
C ASN D 658 32.33 -35.15 25.50
N GLY D 659 31.56 -36.23 25.43
CA GLY D 659 30.94 -36.89 26.59
C GLY D 659 29.71 -36.17 27.14
N VAL D 660 29.33 -35.01 26.59
CA VAL D 660 28.12 -34.23 27.01
C VAL D 660 26.91 -34.71 26.20
N LYS D 661 25.84 -35.08 26.90
CA LYS D 661 24.65 -35.68 26.27
C LYS D 661 23.53 -34.64 26.22
N MSE D 662 22.80 -34.68 25.12
CA MSE D 662 21.54 -33.93 25.00
C MSE D 662 20.42 -34.84 25.54
O MSE D 662 19.76 -35.54 24.77
CB MSE D 662 21.29 -33.53 23.55
CG MSE D 662 20.11 -32.58 23.42
SE MSE D 662 19.87 -32.14 21.54
CE MSE D 662 19.68 -33.80 20.58
N ASP D 663 20.21 -34.81 26.86
CA ASP D 663 19.27 -35.75 27.52
C ASP D 663 18.10 -34.99 28.12
N SER D 664 17.86 -33.72 27.77
CA SER D 664 16.62 -33.01 28.13
C SER D 664 16.26 -31.98 27.04
N GLU D 665 14.98 -31.62 26.98
CA GLU D 665 14.50 -30.58 26.07
C GLU D 665 15.15 -29.23 26.45
N ASP D 666 15.23 -28.94 27.73
CA ASP D 666 15.94 -27.72 28.20
C ASP D 666 17.34 -27.66 27.56
N LYS D 667 18.04 -28.79 27.51
CA LYS D 667 19.43 -28.78 26.98
C LYS D 667 19.42 -28.57 25.46
N TYR D 668 18.48 -29.19 24.75
CA TYR D 668 18.32 -28.99 23.30
C TYR D 668 18.20 -27.48 23.00
N TRP D 669 17.31 -26.80 23.70
CA TRP D 669 17.13 -25.34 23.41
C TRP D 669 18.39 -24.58 23.84
N ASP D 670 18.99 -24.93 24.96
CA ASP D 670 20.22 -24.23 25.40
C ASP D 670 21.31 -24.41 24.34
N PHE D 671 21.45 -25.60 23.79
CA PHE D 671 22.52 -25.89 22.80
C PHE D 671 22.29 -25.03 21.55
N ASN D 672 21.03 -24.84 21.15
CA ASN D 672 20.68 -23.97 20.00
C ASN D 672 20.97 -22.51 20.36
N ARG D 673 20.64 -22.09 21.56
CA ARG D 673 20.87 -20.69 21.97
C ARG D 673 22.39 -20.40 21.99
N LEU D 674 23.17 -21.28 22.59
CA LEU D 674 24.63 -21.09 22.80
C LEU D 674 25.31 -21.21 21.44
N GLY D 675 24.91 -22.18 20.65
CA GLY D 675 25.39 -22.34 19.26
C GLY D 675 25.13 -21.11 18.41
N THR D 676 23.94 -20.55 18.55
CA THR D 676 23.55 -19.33 17.78
C THR D 676 24.35 -18.11 18.28
N ALA D 677 24.60 -18.00 19.58
CA ALA D 677 25.37 -16.87 20.14
C ALA D 677 26.76 -16.91 19.50
N ILE D 678 27.38 -18.07 19.42
CA ILE D 678 28.72 -18.18 18.78
C ILE D 678 28.56 -17.79 17.30
N GLY D 679 27.55 -18.33 16.65
CA GLY D 679 27.37 -18.12 15.22
C GLY D 679 27.27 -16.63 14.87
N ILE D 680 26.51 -15.88 15.66
CA ILE D 680 26.36 -14.43 15.41
C ILE D 680 27.73 -13.75 15.62
N TYR D 681 28.43 -14.10 16.71
CA TYR D 681 29.70 -13.44 17.10
C TYR D 681 30.77 -13.72 16.04
N GLU D 682 30.76 -14.94 15.52
CA GLU D 682 31.79 -15.42 14.57
C GLU D 682 31.51 -14.81 13.17
N GLY D 683 30.23 -14.67 12.83
CA GLY D 683 29.78 -13.84 11.69
C GLY D 683 30.11 -14.38 10.33
N TYR D 684 30.32 -15.71 10.18
CA TYR D 684 30.57 -16.34 8.84
C TYR D 684 29.37 -16.12 7.94
N ARG D 685 28.16 -16.09 8.50
CA ARG D 685 26.93 -15.72 7.76
C ARG D 685 26.28 -14.51 8.46
N THR D 686 25.84 -13.53 7.67
CA THR D 686 25.04 -12.38 8.13
C THR D 686 23.60 -12.62 7.71
N PHE D 687 22.75 -13.08 8.61
CA PHE D 687 21.33 -13.31 8.28
C PHE D 687 20.69 -11.96 8.02
N LEU D 688 19.78 -11.91 7.04
CA LEU D 688 19.17 -10.62 6.62
C LEU D 688 17.65 -10.63 6.76
N TYR D 689 16.98 -11.61 6.16
CA TYR D 689 15.53 -11.51 5.96
C TYR D 689 14.92 -12.91 5.89
N GLU D 690 13.65 -12.99 6.22
CA GLU D 690 12.75 -14.14 5.89
C GLU D 690 11.77 -13.69 4.82
N ASN D 691 11.53 -14.51 3.81
CA ASN D 691 10.62 -14.15 2.70
C ASN D 691 9.17 -14.59 2.94
N TRP D 692 8.23 -13.68 2.65
CA TRP D 692 6.76 -13.92 2.71
C TRP D 692 6.25 -13.94 1.27
N GLU D 693 5.96 -15.13 0.78
CA GLU D 693 5.77 -15.39 -0.65
C GLU D 693 4.52 -16.22 -0.82
N PHE D 694 4.11 -16.39 -2.07
CA PHE D 694 2.83 -17.04 -2.45
C PHE D 694 3.03 -17.94 -3.65
N TYR D 695 2.51 -19.15 -3.53
CA TYR D 695 2.24 -20.10 -4.62
C TYR D 695 0.85 -19.78 -5.15
N ALA D 696 0.60 -20.07 -6.42
CA ALA D 696 -0.71 -19.89 -7.06
C ALA D 696 -1.05 -21.22 -7.74
N ALA D 697 -2.31 -21.63 -7.65
CA ALA D 697 -2.82 -22.79 -8.40
C ALA D 697 -4.24 -22.50 -8.87
N SER D 698 -4.61 -23.18 -9.94
CA SER D 698 -5.95 -23.04 -10.54
C SER D 698 -7.01 -23.21 -9.43
N LYS D 699 -8.05 -22.39 -9.51
CA LYS D 699 -9.24 -22.52 -8.62
C LYS D 699 -9.88 -23.91 -8.83
N ASP D 700 -9.59 -24.61 -9.93
CA ASP D 700 -10.22 -25.91 -10.28
C ASP D 700 -9.42 -27.08 -9.74
N ILE D 701 -8.43 -26.82 -8.89
CA ILE D 701 -7.61 -27.88 -8.24
C ILE D 701 -7.74 -27.74 -6.75
N GLU D 702 -8.09 -28.84 -6.07
CA GLU D 702 -8.18 -28.90 -4.59
C GLU D 702 -6.88 -29.57 -4.09
N ILE D 703 -6.24 -28.93 -3.12
CA ILE D 703 -4.98 -29.42 -2.54
C ILE D 703 -5.27 -29.63 -1.06
N LYS D 704 -5.46 -30.89 -0.66
CA LYS D 704 -5.90 -31.27 0.68
C LYS D 704 -4.79 -31.05 1.70
N LEU D 705 -3.54 -31.38 1.35
CA LEU D 705 -2.36 -31.32 2.26
C LEU D 705 -1.45 -30.17 1.84
N VAL D 706 -1.63 -29.04 2.52
CA VAL D 706 -0.83 -27.82 2.27
C VAL D 706 0.04 -27.61 3.50
N ASP D 707 1.34 -27.63 3.33
CA ASP D 707 2.28 -27.29 4.42
C ASP D 707 2.05 -25.84 4.80
N PRO D 708 1.77 -25.58 6.08
CA PRO D 708 1.45 -24.25 6.59
C PRO D 708 2.62 -23.26 6.37
N VAL D 709 3.87 -23.72 6.25
CA VAL D 709 5.01 -22.76 6.06
C VAL D 709 5.73 -23.01 4.73
N ALA D 710 5.81 -24.25 4.25
CA ALA D 710 6.54 -24.57 3.01
C ALA D 710 5.60 -24.50 1.80
N GLY D 711 4.30 -24.47 2.02
CA GLY D 711 3.36 -24.46 0.90
C GLY D 711 3.56 -25.63 -0.06
N LEU D 712 3.56 -25.33 -1.37
CA LEU D 712 3.50 -26.38 -2.40
C LEU D 712 4.90 -26.96 -2.63
N ALA D 713 5.94 -26.48 -1.95
CA ALA D 713 7.29 -27.11 -2.00
C ALA D 713 7.24 -28.52 -1.40
N SER D 714 6.33 -28.71 -0.43
CA SER D 714 6.07 -30.04 0.18
C SER D 714 5.39 -30.94 -0.84
N ASP D 715 6.00 -32.09 -1.16
CA ASP D 715 5.46 -33.08 -2.12
C ASP D 715 4.06 -33.56 -1.67
N TRP D 716 3.70 -33.47 -0.40
CA TRP D 716 2.31 -33.80 0.03
C TRP D 716 1.28 -32.95 -0.72
N ALA D 717 1.61 -31.71 -1.13
CA ALA D 717 0.63 -30.88 -1.87
C ALA D 717 0.25 -31.56 -3.20
N ILE D 718 1.21 -31.82 -4.07
CA ILE D 718 0.89 -32.43 -5.39
C ILE D 718 0.46 -33.89 -5.23
N ARG D 719 1.00 -34.63 -4.28
CA ARG D 719 0.44 -35.97 -3.98
C ARG D 719 -1.07 -35.88 -3.66
N SER D 720 -1.53 -34.80 -3.01
CA SER D 720 -2.92 -34.64 -2.54
C SER D 720 -3.77 -33.80 -3.49
N ALA D 721 -3.25 -33.35 -4.62
CA ALA D 721 -3.97 -32.44 -5.54
C ALA D 721 -4.95 -33.22 -6.39
N ARG D 722 -6.13 -32.67 -6.66
CA ARG D 722 -7.13 -33.32 -7.53
C ARG D 722 -8.13 -32.31 -8.06
N PRO D 723 -8.81 -32.59 -9.19
CA PRO D 723 -9.78 -31.67 -9.77
C PRO D 723 -10.91 -31.37 -8.75
N VAL D 724 -11.30 -30.10 -8.66
CA VAL D 724 -12.56 -29.70 -7.98
C VAL D 724 -13.69 -30.34 -8.77
N VAL D 725 -14.66 -30.87 -8.06
CA VAL D 725 -15.93 -31.37 -8.63
C VAL D 725 -17.00 -30.46 -8.04
N GLU D 726 -17.78 -29.84 -8.91
CA GLU D 726 -18.76 -28.79 -8.51
C GLU D 726 -19.87 -28.80 -9.57
N HIS D 727 -21.13 -28.57 -9.17
CA HIS D 727 -22.28 -28.47 -10.11
C HIS D 727 -23.06 -27.19 -9.79
N HIS D 728 -22.38 -26.05 -9.73
CA HIS D 728 -22.95 -24.70 -9.51
C HIS D 728 -23.30 -24.07 -10.86
N UNK E 1 -11.25 33.73 -1.05
CA UNK E 1 -11.46 33.22 0.36
C UNK E 1 -11.69 31.71 0.27
N UNK E 2 -10.96 30.91 1.04
CA UNK E 2 -11.30 29.49 1.25
C UNK E 2 -12.56 29.42 2.17
N UNK E 3 -13.49 28.55 1.84
CA UNK E 3 -14.79 28.33 2.52
C UNK E 3 -14.60 27.27 3.63
N UNK E 4 -15.44 27.27 4.66
CA UNK E 4 -15.44 26.29 5.80
C UNK E 4 -15.94 24.94 5.23
N UNK E 5 -15.35 23.86 5.73
CA UNK E 5 -15.72 22.43 5.72
C UNK E 5 -15.74 21.91 7.18
N UNK F 1 -14.55 -24.09 22.09
CA UNK F 1 -15.51 -22.91 21.84
C UNK F 1 -14.71 -21.61 21.58
N UNK F 2 -14.94 -20.89 20.46
CA UNK F 2 -14.35 -19.57 20.21
C UNK F 2 -15.20 -18.59 21.06
N UNK F 3 -14.60 -17.57 21.70
CA UNK F 3 -15.26 -16.63 22.63
C UNK F 3 -15.75 -15.39 21.83
N UNK F 4 -16.81 -14.68 22.27
CA UNK F 4 -17.38 -13.45 21.64
C UNK F 4 -16.36 -12.30 21.75
N UNK F 5 -16.26 -11.30 20.84
CA UNK F 5 -15.30 -10.14 20.81
C UNK F 5 -16.10 -8.80 20.85
N UNK G 1 8.21 20.52 -28.06
CA UNK G 1 8.50 19.06 -28.29
C UNK G 1 8.79 18.36 -26.93
N UNK G 2 8.11 17.26 -26.66
CA UNK G 2 8.56 16.35 -25.59
C UNK G 2 9.86 15.62 -26.08
N UNK G 3 10.85 15.49 -25.22
CA UNK G 3 12.19 14.94 -25.50
C UNK G 3 12.22 13.42 -25.12
N UNK G 4 13.07 12.60 -25.75
CA UNK G 4 13.16 11.10 -25.59
C UNK G 4 13.77 10.76 -24.22
N UNK G 5 13.23 9.79 -23.49
CA UNK G 5 13.78 9.15 -22.24
C UNK G 5 14.02 7.60 -22.54
N UNK H 1 17.36 -30.73 6.63
CA UNK H 1 18.32 -29.73 6.00
C UNK H 1 17.50 -28.76 5.13
N UNK H 2 17.83 -27.48 5.10
CA UNK H 2 17.17 -26.50 4.22
C UNK H 2 17.97 -26.52 2.89
N UNK H 3 17.30 -26.42 1.75
CA UNK H 3 17.85 -26.59 0.40
C UNK H 3 18.19 -25.19 -0.19
N UNK H 4 19.20 -25.04 -1.04
CA UNK H 4 19.70 -23.78 -1.69
C UNK H 4 18.63 -23.30 -2.72
N UNK H 5 18.35 -21.98 -2.99
CA UNK H 5 17.32 -21.39 -3.93
C UNK H 5 17.94 -20.50 -5.06
NA NA I . -24.65 52.16 9.02
NA NA J . -31.64 42.53 14.13
O1 P6G K . 4.88 15.62 -3.54
C2 P6G K . 3.86 15.15 -2.67
C3 P6G K . 2.95 14.11 -3.36
O4 P6G K . 1.62 14.63 -3.49
C5 P6G K . 0.55 13.69 -3.65
C6 P6G K . -0.68 14.48 -4.03
O7 P6G K . -0.33 15.40 -5.04
C8 P6G K . -1.46 15.82 -5.76
C9 P6G K . -0.99 16.39 -7.10
O10 P6G K . -0.60 15.34 -7.95
C11 P6G K . -0.98 15.56 -9.28
C12 P6G K . -0.67 14.29 -10.05
O13 P6G K . -1.42 13.19 -9.53
C14 P6G K . -0.75 11.95 -9.74
C15 P6G K . -1.57 10.83 -9.13
O16 P6G K . -2.92 11.13 -9.38
C17 P6G K . -3.84 10.02 -9.36
C18 P6G K . -4.80 10.07 -10.56
O19 P6G K . -5.96 10.84 -10.25
C1 GOL L . 9.84 36.20 -5.82
O1 GOL L . 10.66 36.38 -4.68
C2 GOL L . 10.32 36.98 -7.03
O2 GOL L . 11.09 36.07 -7.81
C3 GOL L . 9.20 37.49 -7.90
O3 GOL L . 8.51 38.59 -7.31
C1 GOL M . -36.99 12.92 -2.77
O1 GOL M . -36.24 13.64 -1.79
C2 GOL M . -37.02 13.59 -4.14
O2 GOL M . -36.50 12.69 -5.11
C3 GOL M . -38.39 14.04 -4.62
O3 GOL M . -39.25 14.51 -3.57
NA NA N . -32.21 -30.08 38.21
NA NA O . -32.84 -17.43 39.89
O1 P6G P . -3.94 -16.37 1.74
C2 P6G P . -2.67 -15.95 2.30
C3 P6G P . -2.66 -14.52 2.86
O4 P6G P . -2.60 -14.53 4.31
C5 P6G P . -2.21 -13.32 4.97
C6 P6G P . -2.42 -13.57 6.44
O7 P6G P . -1.42 -14.47 6.86
C8 P6G P . -1.50 -14.82 8.22
C9 P6G P . -0.47 -15.90 8.48
O10 P6G P . 0.78 -15.27 8.24
C11 P6G P . 1.89 -16.00 8.70
C12 P6G P . 3.12 -15.38 8.05
O13 P6G P . 3.05 -13.97 8.18
C14 P6G P . 3.98 -13.34 7.33
C15 P6G P . 3.77 -11.86 7.56
O16 P6G P . 3.60 -11.65 8.97
C17 P6G P . 4.58 -10.80 9.57
C18 P6G P . 4.00 -10.18 10.82
O19 P6G P . 4.69 -10.53 12.01
C1 GOL Q . -9.47 -36.82 5.07
O1 GOL Q . -9.93 -36.53 3.75
C2 GOL Q . -8.28 -37.76 5.09
O2 GOL Q . -7.23 -37.34 4.21
C3 GOL Q . -7.73 -37.94 6.48
O3 GOL Q . -8.74 -38.36 7.41
NA NA R . 20.13 23.21 -49.40
NA NA S . 27.85 14.63 -44.66
C1 GOL T . -13.43 23.79 -26.36
O1 GOL T . -14.39 22.80 -26.74
C2 GOL T . -14.09 25.13 -26.09
O2 GOL T . -14.80 25.00 -24.86
C3 GOL T . -13.11 26.29 -26.05
O3 GOL T . -12.43 26.52 -27.29
C1 GOL U . 35.23 14.09 -9.62
O1 GOL U . 35.82 15.38 -9.56
C2 GOL U . 35.88 13.27 -10.73
O2 GOL U . 36.24 14.17 -11.78
C3 GOL U . 35.02 12.14 -11.25
O3 GOL U . 35.18 12.00 -12.67
NA NA V . 36.50 -45.58 1.71
NA NA W . 36.37 -39.67 -9.73
C1 GOL X . 13.09 -23.96 27.01
O1 GOL X . 13.33 -22.68 27.59
C2 GOL X . 12.11 -24.78 27.83
O2 GOL X . 11.00 -23.96 28.18
C3 GOL X . 11.61 -26.01 27.10
O3 GOL X . 12.58 -27.06 27.08
C1 GOL Y . 6.85 -31.87 -25.62
O1 GOL Y . 7.89 -32.28 -26.51
C2 GOL Y . 6.78 -30.36 -25.46
O2 GOL Y . 6.32 -30.03 -24.15
C3 GOL Y . 8.09 -29.64 -25.68
O3 GOL Y . 8.68 -29.31 -24.43
#